data_2KSQ
#
_entry.id   2KSQ
#
loop_
_entity.id
_entity.type
_entity.pdbx_description
1 polymer 'ADP-ribosylation factor 1'
2 non-polymer 'S-[(1-oxyl-2,2,5,5-tetramethyl-2,5-dihydro-1H-pyrrol-3-yl)methyl] methanesulfonothioate'
3 non-polymer "GUANOSINE-5'-TRIPHOSPHATE"
#
_entity_poly.entity_id   1
_entity_poly.type   'polypeptide(L)'
_entity_poly.pdbx_seq_one_letter_code
;(MYR)GLFASKLFSNLFGNKEMRILMVGLDGAGKTTVLYKLKLGEVITTIPTIGFNVECVQYCNISFTVWDVGGQDRIRS
LWRHYYCNTEGVIFVVDSNDRSRIGEAREVMQRMLNEDELCNAAWLVFANKQDLPEAMSAAEITEKLGLHSIRNRPWFIQ
ATCATSGEGLYEGLEWLSNCLKNST
;
_entity_poly.pdbx_strand_id   A
#
# COMPACT_ATOMS: atom_id res chain seq x y z
N GLY A 2 -10.59 34.83 -13.33
CA GLY A 2 -11.34 33.80 -14.02
C GLY A 2 -10.57 32.50 -14.14
N LEU A 3 -9.26 32.62 -14.40
CA LEU A 3 -8.40 31.44 -14.52
C LEU A 3 -8.23 30.75 -13.17
N PHE A 4 -7.90 31.53 -12.15
CA PHE A 4 -7.69 31.01 -10.82
C PHE A 4 -9.00 30.54 -10.19
N ALA A 5 -10.04 31.36 -10.31
CA ALA A 5 -11.36 31.02 -9.75
C ALA A 5 -11.84 29.67 -10.25
N SER A 6 -11.96 29.54 -11.58
CA SER A 6 -12.44 28.30 -12.19
C SER A 6 -11.63 27.10 -11.72
N LYS A 7 -10.34 27.30 -11.47
CA LYS A 7 -9.49 26.21 -11.00
C LYS A 7 -9.95 25.75 -9.63
N LEU A 8 -10.13 26.70 -8.72
CA LEU A 8 -10.59 26.41 -7.36
C LEU A 8 -11.90 25.63 -7.38
N PHE A 9 -12.70 25.86 -8.42
CA PHE A 9 -13.98 25.17 -8.57
C PHE A 9 -13.76 23.74 -9.05
N SER A 10 -12.69 23.53 -9.81
CA SER A 10 -12.38 22.22 -10.37
C SER A 10 -11.91 21.24 -9.29
N ASN A 11 -11.20 21.75 -8.28
CA ASN A 11 -10.71 20.91 -7.20
C ASN A 11 -11.86 20.34 -6.37
N LEU A 12 -13.02 20.99 -6.42
CA LEU A 12 -14.19 20.56 -5.67
C LEU A 12 -14.48 19.07 -5.88
N PHE A 13 -14.26 18.59 -7.09
CA PHE A 13 -14.48 17.19 -7.42
C PHE A 13 -13.15 16.44 -7.55
N GLY A 14 -12.18 16.87 -6.77
CA GLY A 14 -10.86 16.24 -6.80
C GLY A 14 -10.18 16.22 -5.45
N ASN A 15 -10.27 17.33 -4.72
CA ASN A 15 -9.66 17.44 -3.40
C ASN A 15 -10.48 16.69 -2.35
N LYS A 16 -9.84 16.38 -1.23
CA LYS A 16 -10.49 15.66 -0.12
C LYS A 16 -10.65 14.17 -0.44
N GLU A 17 -10.10 13.71 -1.56
CA GLU A 17 -10.20 12.31 -1.93
C GLU A 17 -8.87 11.79 -2.47
N MET A 18 -8.35 10.74 -1.84
CA MET A 18 -7.08 10.14 -2.25
C MET A 18 -7.30 8.69 -2.70
N ARG A 19 -6.56 8.28 -3.73
CA ARG A 19 -6.69 6.91 -4.23
C ARG A 19 -5.50 6.06 -3.80
N ILE A 20 -5.80 4.90 -3.24
CA ILE A 20 -4.75 3.99 -2.75
C ILE A 20 -4.91 2.60 -3.33
N LEU A 21 -3.80 1.86 -3.38
CA LEU A 21 -3.79 0.50 -3.92
C LEU A 21 -3.03 -0.42 -2.98
N MET A 22 -3.51 -1.65 -2.82
CA MET A 22 -2.85 -2.62 -1.95
C MET A 22 -2.56 -3.92 -2.71
N VAL A 23 -1.27 -4.23 -2.90
CA VAL A 23 -0.88 -5.43 -3.62
C VAL A 23 0.49 -5.94 -3.20
N GLY A 24 0.91 -7.03 -3.82
CA GLY A 24 2.21 -7.62 -3.50
C GLY A 24 2.21 -9.13 -3.58
N LEU A 25 2.63 -9.78 -2.51
CA LEU A 25 2.69 -11.24 -2.46
C LEU A 25 1.35 -11.82 -2.02
N ASP A 26 1.12 -13.08 -2.38
CA ASP A 26 -0.14 -13.76 -2.02
C ASP A 26 -0.15 -14.20 -0.55
N GLY A 27 0.93 -13.94 0.18
CA GLY A 27 0.98 -14.34 1.58
C GLY A 27 1.39 -13.22 2.52
N ALA A 28 1.60 -12.01 1.98
CA ALA A 28 2.01 -10.89 2.81
C ALA A 28 0.92 -10.51 3.82
N GLY A 29 -0.30 -10.32 3.31
CA GLY A 29 -1.40 -9.97 4.18
C GLY A 29 -2.05 -8.65 3.80
N LYS A 30 -2.06 -8.35 2.51
CA LYS A 30 -2.66 -7.11 2.01
C LYS A 30 -4.12 -7.01 2.43
N THR A 31 -4.81 -8.15 2.42
CA THR A 31 -6.21 -8.20 2.79
C THR A 31 -6.40 -7.96 4.28
N THR A 32 -5.50 -8.48 5.09
CA THR A 32 -5.57 -8.34 6.55
C THR A 32 -5.47 -6.87 6.98
N VAL A 33 -4.49 -6.15 6.45
CA VAL A 33 -4.29 -4.75 6.80
C VAL A 33 -5.42 -3.86 6.31
N LEU A 34 -5.73 -3.98 5.01
CA LEU A 34 -6.78 -3.16 4.39
C LEU A 34 -8.09 -3.22 5.18
N TYR A 35 -8.42 -4.38 5.71
CA TYR A 35 -9.65 -4.57 6.46
C TYR A 35 -9.53 -3.98 7.86
N LYS A 36 -8.33 -4.02 8.43
CA LYS A 36 -8.10 -3.50 9.77
C LYS A 36 -8.22 -1.98 9.81
N LEU A 37 -7.59 -1.32 8.85
CA LEU A 37 -7.64 0.14 8.79
C LEU A 37 -8.99 0.62 8.28
N LYS A 38 -9.62 -0.17 7.41
CA LYS A 38 -10.91 0.18 6.84
C LYS A 38 -12.06 -0.18 7.78
N LEU A 39 -11.98 -1.35 8.40
CA LEU A 39 -13.05 -1.80 9.29
C LEU A 39 -12.70 -1.64 10.77
N GLY A 40 -11.42 -1.39 11.07
CA GLY A 40 -11.00 -1.21 12.45
C GLY A 40 -10.89 -2.51 13.23
N GLU A 41 -11.23 -3.64 12.61
CA GLU A 41 -11.15 -4.93 13.28
C GLU A 41 -10.61 -6.01 12.35
N VAL A 42 -9.85 -6.94 12.90
CA VAL A 42 -9.28 -8.03 12.12
C VAL A 42 -10.31 -9.15 11.92
N ILE A 43 -10.46 -9.58 10.68
CA ILE A 43 -11.40 -10.65 10.34
C ILE A 43 -10.69 -11.82 9.66
N THR A 44 -11.44 -12.88 9.40
CA THR A 44 -10.89 -14.06 8.75
C THR A 44 -10.48 -13.73 7.32
N THR A 45 -9.18 -13.79 7.05
CA THR A 45 -8.65 -13.48 5.73
C THR A 45 -8.42 -14.76 4.92
N ILE A 46 -8.53 -14.64 3.61
CA ILE A 46 -8.33 -15.76 2.70
C ILE A 46 -7.72 -15.30 1.39
N PRO A 47 -7.18 -16.23 0.56
CA PRO A 47 -6.58 -15.87 -0.72
C PRO A 47 -7.55 -15.14 -1.64
N THR A 48 -7.24 -13.87 -1.91
CA THR A 48 -8.10 -13.06 -2.78
C THR A 48 -7.83 -13.35 -4.25
N ILE A 49 -8.86 -13.81 -4.95
CA ILE A 49 -8.75 -14.12 -6.38
C ILE A 49 -9.40 -13.00 -7.21
N GLY A 50 -8.75 -11.84 -7.23
CA GLY A 50 -9.26 -10.71 -7.97
C GLY A 50 -8.90 -9.40 -7.30
N PHE A 51 -9.87 -8.50 -7.15
CA PHE A 51 -9.63 -7.22 -6.51
C PHE A 51 -10.75 -6.87 -5.55
N ASN A 52 -10.46 -6.04 -4.56
CA ASN A 52 -11.46 -5.63 -3.58
C ASN A 52 -11.24 -4.19 -3.14
N VAL A 53 -12.18 -3.31 -3.48
CA VAL A 53 -12.08 -1.91 -3.11
C VAL A 53 -12.63 -1.68 -1.71
N GLU A 54 -12.09 -0.69 -1.01
CA GLU A 54 -12.53 -0.38 0.33
C GLU A 54 -12.60 1.13 0.56
N CYS A 55 -13.80 1.61 0.86
CA CYS A 55 -14.01 3.03 1.09
C CYS A 55 -13.83 3.36 2.57
N VAL A 56 -12.75 4.09 2.87
CA VAL A 56 -12.45 4.48 4.25
C VAL A 56 -12.21 5.98 4.34
N GLN A 57 -12.70 6.60 5.39
CA GLN A 57 -12.54 8.04 5.59
C GLN A 57 -11.52 8.34 6.68
N TYR A 58 -10.58 9.24 6.38
CA TYR A 58 -9.55 9.60 7.34
C TYR A 58 -9.14 11.08 7.17
N CYS A 59 -9.25 11.84 8.26
CA CYS A 59 -8.89 13.25 8.27
C CYS A 59 -9.69 14.03 7.22
N ASN A 60 -10.99 13.71 7.11
CA ASN A 60 -11.87 14.37 6.15
C ASN A 60 -11.62 13.88 4.71
N ILE A 61 -10.68 12.96 4.54
CA ILE A 61 -10.38 12.46 3.20
C ILE A 61 -11.00 11.09 2.97
N SER A 62 -11.20 10.77 1.70
CA SER A 62 -11.78 9.49 1.31
C SER A 62 -10.73 8.61 0.63
N PHE A 63 -10.02 7.82 1.43
CA PHE A 63 -8.98 6.95 0.90
C PHE A 63 -9.61 5.67 0.35
N THR A 64 -9.34 5.40 -0.92
CA THR A 64 -9.84 4.19 -1.56
C THR A 64 -8.72 3.18 -1.70
N VAL A 65 -8.83 2.06 -1.00
CA VAL A 65 -7.81 1.03 -1.04
C VAL A 65 -8.31 -0.24 -1.73
N TRP A 66 -7.80 -0.49 -2.93
CA TRP A 66 -8.17 -1.68 -3.67
C TRP A 66 -7.14 -2.78 -3.43
N ASP A 67 -7.60 -3.97 -3.05
CA ASP A 67 -6.69 -5.07 -2.78
C ASP A 67 -6.75 -6.11 -3.90
N VAL A 68 -5.74 -6.12 -4.75
CA VAL A 68 -5.67 -7.08 -5.83
C VAL A 68 -4.78 -8.25 -5.44
N GLY A 69 -5.16 -9.45 -5.87
CA GLY A 69 -4.38 -10.64 -5.54
C GLY A 69 -2.91 -10.49 -5.88
N GLY A 70 -2.06 -10.87 -4.93
CA GLY A 70 -0.62 -10.76 -5.15
C GLY A 70 -0.02 -11.98 -5.83
N GLN A 71 -0.81 -13.04 -5.98
CA GLN A 71 -0.33 -14.27 -6.60
C GLN A 71 0.24 -14.00 -8.00
N ASP A 72 0.99 -14.97 -8.50
CA ASP A 72 1.57 -14.87 -9.83
C ASP A 72 0.48 -14.74 -10.89
N ARG A 73 -0.49 -15.63 -10.81
CA ARG A 73 -1.62 -15.62 -11.75
C ARG A 73 -2.34 -14.28 -11.71
N ILE A 74 -2.25 -13.59 -10.58
CA ILE A 74 -2.91 -12.29 -10.43
C ILE A 74 -2.01 -11.16 -10.94
N ARG A 75 -0.70 -11.40 -10.96
CA ARG A 75 0.28 -10.39 -11.40
C ARG A 75 -0.18 -9.65 -12.66
N SER A 76 -0.75 -10.38 -13.61
CA SER A 76 -1.22 -9.77 -14.86
C SER A 76 -2.42 -8.85 -14.61
N LEU A 77 -3.30 -9.26 -13.70
CA LEU A 77 -4.50 -8.48 -13.39
C LEU A 77 -4.15 -7.08 -12.88
N TRP A 78 -2.91 -6.90 -12.43
CA TRP A 78 -2.47 -5.60 -11.91
C TRP A 78 -2.61 -4.48 -12.94
N ARG A 79 -2.73 -4.84 -14.22
CA ARG A 79 -2.88 -3.85 -15.28
C ARG A 79 -4.35 -3.48 -15.50
N HIS A 80 -5.21 -3.82 -14.54
CA HIS A 80 -6.64 -3.51 -14.64
C HIS A 80 -7.07 -2.62 -13.48
N TYR A 81 -6.10 -1.99 -12.80
CA TYR A 81 -6.38 -1.11 -11.67
C TYR A 81 -7.41 -0.03 -12.04
N TYR A 82 -7.52 0.26 -13.33
CA TYR A 82 -8.47 1.28 -13.84
C TYR A 82 -7.89 2.69 -13.71
N CYS A 83 -6.55 2.80 -13.67
CA CYS A 83 -5.84 4.08 -13.57
C CYS A 83 -6.53 5.07 -12.63
N ASN A 84 -6.00 5.20 -11.41
CA ASN A 84 -6.58 6.13 -10.43
C ASN A 84 -5.81 6.14 -9.10
N THR A 85 -5.18 5.02 -8.76
CA THR A 85 -4.43 4.91 -7.50
C THR A 85 -3.34 5.97 -7.43
N GLU A 86 -3.40 6.81 -6.40
CA GLU A 86 -2.40 7.85 -6.23
C GLU A 86 -1.19 7.32 -5.46
N GLY A 87 -1.42 6.33 -4.61
CA GLY A 87 -0.34 5.73 -3.86
C GLY A 87 -0.56 4.25 -3.66
N VAL A 88 0.51 3.46 -3.72
CA VAL A 88 0.39 2.02 -3.57
C VAL A 88 0.92 1.55 -2.22
N ILE A 89 0.42 0.41 -1.76
CA ILE A 89 0.84 -0.16 -0.48
C ILE A 89 1.35 -1.58 -0.68
N PHE A 90 2.67 -1.74 -0.67
CA PHE A 90 3.28 -3.05 -0.86
C PHE A 90 3.42 -3.79 0.47
N VAL A 91 2.81 -4.96 0.55
CA VAL A 91 2.85 -5.77 1.75
C VAL A 91 3.92 -6.85 1.65
N VAL A 92 4.89 -6.81 2.56
CA VAL A 92 5.96 -7.78 2.57
C VAL A 92 6.02 -8.51 3.90
N ASP A 93 5.90 -9.84 3.85
CA ASP A 93 5.97 -10.64 5.08
C ASP A 93 7.32 -10.46 5.77
N SER A 94 7.29 -10.13 7.04
CA SER A 94 8.52 -9.91 7.80
C SER A 94 9.04 -11.23 8.38
N ASN A 95 8.13 -12.07 8.84
CA ASN A 95 8.51 -13.35 9.43
C ASN A 95 8.77 -14.42 8.38
N ASP A 96 8.61 -14.10 7.10
CA ASP A 96 8.84 -15.06 6.02
C ASP A 96 10.08 -14.69 5.21
N ARG A 97 11.25 -15.01 5.75
CA ARG A 97 12.52 -14.71 5.09
C ARG A 97 12.69 -15.56 3.83
N SER A 98 12.07 -16.74 3.82
CA SER A 98 12.18 -17.64 2.69
C SER A 98 11.77 -16.97 1.39
N ARG A 99 10.63 -16.27 1.41
CA ARG A 99 10.12 -15.59 0.22
C ARG A 99 10.51 -14.12 0.18
N ILE A 100 11.21 -13.64 1.21
CA ILE A 100 11.61 -12.23 1.30
C ILE A 100 12.19 -11.69 -0.03
N GLY A 101 12.74 -12.56 -0.88
CA GLY A 101 13.27 -12.13 -2.14
C GLY A 101 12.20 -12.01 -3.19
N GLU A 102 11.20 -12.88 -3.09
CA GLU A 102 10.08 -12.87 -4.02
C GLU A 102 9.37 -11.52 -3.95
N ALA A 103 9.02 -11.11 -2.73
CA ALA A 103 8.36 -9.84 -2.51
C ALA A 103 9.19 -8.69 -3.08
N ARG A 104 10.49 -8.73 -2.80
CA ARG A 104 11.40 -7.71 -3.29
C ARG A 104 11.42 -7.68 -4.83
N GLU A 105 11.55 -8.86 -5.42
CA GLU A 105 11.60 -8.95 -6.88
C GLU A 105 10.24 -8.60 -7.51
N VAL A 106 9.15 -8.93 -6.84
CA VAL A 106 7.82 -8.64 -7.35
C VAL A 106 7.58 -7.13 -7.43
N MET A 107 7.91 -6.42 -6.36
CA MET A 107 7.73 -4.97 -6.32
C MET A 107 8.51 -4.31 -7.45
N GLN A 108 9.71 -4.82 -7.72
CA GLN A 108 10.56 -4.28 -8.78
C GLN A 108 9.84 -4.29 -10.13
N ARG A 109 9.13 -5.38 -10.41
CA ARG A 109 8.38 -5.49 -11.66
C ARG A 109 7.32 -4.39 -11.74
N MET A 110 6.66 -4.16 -10.62
CA MET A 110 5.64 -3.13 -10.54
C MET A 110 6.27 -1.75 -10.63
N LEU A 111 7.42 -1.61 -9.98
CA LEU A 111 8.16 -0.36 -9.96
C LEU A 111 8.83 -0.06 -11.30
N ASN A 112 9.08 -1.09 -12.08
CA ASN A 112 9.72 -0.92 -13.39
C ASN A 112 8.68 -0.71 -14.50
N GLU A 113 7.39 -0.74 -14.15
CA GLU A 113 6.34 -0.57 -15.14
C GLU A 113 6.08 0.90 -15.45
N ASP A 114 6.05 1.22 -16.74
CA ASP A 114 5.81 2.58 -17.19
C ASP A 114 4.40 3.02 -16.83
N GLU A 115 3.49 2.05 -16.85
CA GLU A 115 2.09 2.31 -16.53
C GLU A 115 1.90 2.56 -15.03
N LEU A 116 2.93 2.28 -14.24
CA LEU A 116 2.85 2.48 -12.79
C LEU A 116 4.00 3.37 -12.28
N CYS A 117 4.64 4.11 -13.19
CA CYS A 117 5.75 4.98 -12.80
C CYS A 117 5.24 6.27 -12.13
N ASN A 118 3.92 6.43 -12.03
CA ASN A 118 3.35 7.62 -11.41
C ASN A 118 2.67 7.30 -10.09
N ALA A 119 2.58 6.01 -9.73
CA ALA A 119 1.95 5.62 -8.47
C ALA A 119 3.00 5.41 -7.39
N ALA A 120 2.58 5.63 -6.14
CA ALA A 120 3.49 5.50 -5.00
C ALA A 120 3.77 4.05 -4.66
N TRP A 121 4.66 3.84 -3.69
CA TRP A 121 5.03 2.49 -3.26
C TRP A 121 5.35 2.44 -1.76
N LEU A 122 4.31 2.45 -0.95
CA LEU A 122 4.48 2.38 0.50
C LEU A 122 4.60 0.93 0.95
N VAL A 123 5.74 0.56 1.50
CA VAL A 123 5.97 -0.80 1.96
C VAL A 123 5.64 -0.94 3.45
N PHE A 124 4.90 -1.99 3.79
CA PHE A 124 4.51 -2.25 5.17
C PHE A 124 4.85 -3.69 5.55
N ALA A 125 5.88 -3.85 6.38
CA ALA A 125 6.29 -5.19 6.80
C ALA A 125 5.20 -5.83 7.66
N ASN A 126 4.51 -6.81 7.09
CA ASN A 126 3.43 -7.51 7.79
C ASN A 126 3.98 -8.59 8.72
N LYS A 127 3.11 -9.13 9.56
CA LYS A 127 3.48 -10.18 10.51
C LYS A 127 4.48 -9.69 11.55
N GLN A 128 4.58 -8.37 11.72
CA GLN A 128 5.51 -7.82 12.71
C GLN A 128 5.17 -8.30 14.11
N ASP A 129 3.90 -8.63 14.33
CA ASP A 129 3.43 -9.09 15.63
C ASP A 129 4.03 -10.45 16.00
N LEU A 130 4.52 -11.18 15.01
CA LEU A 130 5.10 -12.50 15.25
C LEU A 130 6.38 -12.38 16.11
N PRO A 131 6.55 -13.27 17.12
CA PRO A 131 7.73 -13.23 17.99
C PRO A 131 9.04 -13.17 17.21
N GLU A 132 9.03 -13.76 16.01
CA GLU A 132 10.21 -13.78 15.16
C GLU A 132 10.08 -12.78 14.02
N ALA A 133 9.29 -11.73 14.24
CA ALA A 133 9.09 -10.71 13.22
C ALA A 133 10.39 -9.99 12.89
N MET A 134 10.68 -9.85 11.61
CA MET A 134 11.91 -9.20 11.16
C MET A 134 11.89 -7.71 11.48
N SER A 135 13.05 -7.17 11.82
CA SER A 135 13.18 -5.76 12.15
C SER A 135 13.20 -4.93 10.88
N ALA A 136 12.98 -3.63 11.02
CA ALA A 136 12.97 -2.73 9.87
C ALA A 136 14.35 -2.63 9.24
N ALA A 137 15.38 -2.79 10.05
CA ALA A 137 16.75 -2.71 9.58
C ALA A 137 17.07 -3.82 8.59
N GLU A 138 16.57 -5.03 8.84
CA GLU A 138 16.84 -6.16 7.97
C GLU A 138 15.99 -6.10 6.69
N ILE A 139 14.70 -5.87 6.84
CA ILE A 139 13.80 -5.80 5.70
C ILE A 139 14.20 -4.66 4.77
N THR A 140 14.62 -3.54 5.36
CA THR A 140 15.03 -2.38 4.59
C THR A 140 16.33 -2.66 3.84
N GLU A 141 17.34 -3.13 4.55
CA GLU A 141 18.63 -3.42 3.93
C GLU A 141 18.49 -4.42 2.78
N LYS A 142 17.90 -5.57 3.06
CA LYS A 142 17.71 -6.61 2.06
C LYS A 142 16.94 -6.10 0.85
N LEU A 143 16.06 -5.14 1.06
CA LEU A 143 15.26 -4.58 -0.02
C LEU A 143 16.01 -3.48 -0.77
N GLY A 144 17.23 -3.16 -0.33
CA GLY A 144 18.00 -2.11 -0.98
C GLY A 144 17.35 -0.74 -0.86
N LEU A 145 16.70 -0.50 0.27
CA LEU A 145 16.01 0.76 0.51
C LEU A 145 16.96 1.95 0.39
N HIS A 146 18.16 1.83 0.96
CA HIS A 146 19.14 2.91 0.91
C HIS A 146 19.73 3.07 -0.49
N SER A 147 19.77 1.97 -1.24
CA SER A 147 20.31 2.00 -2.59
C SER A 147 19.25 2.42 -3.62
N ILE A 148 17.98 2.49 -3.21
CA ILE A 148 16.92 2.88 -4.13
C ILE A 148 16.42 4.30 -3.84
N ARG A 149 16.75 5.20 -4.75
CA ARG A 149 16.36 6.61 -4.64
C ARG A 149 15.82 7.14 -5.96
N ASN A 150 15.21 6.25 -6.74
CA ASN A 150 14.64 6.63 -8.03
C ASN A 150 13.11 6.52 -8.04
N ARG A 151 12.54 5.97 -6.96
CA ARG A 151 11.09 5.83 -6.87
C ARG A 151 10.63 6.09 -5.43
N PRO A 152 9.52 6.84 -5.24
CA PRO A 152 9.02 7.14 -3.89
C PRO A 152 8.48 5.91 -3.17
N TRP A 153 9.30 5.31 -2.31
CA TRP A 153 8.88 4.14 -1.54
C TRP A 153 9.48 4.16 -0.14
N PHE A 154 8.73 3.61 0.81
CA PHE A 154 9.16 3.59 2.22
C PHE A 154 8.85 2.26 2.87
N ILE A 155 9.60 1.91 3.92
CA ILE A 155 9.38 0.66 4.65
C ILE A 155 8.90 0.93 6.07
N GLN A 156 7.77 0.33 6.43
CA GLN A 156 7.20 0.52 7.76
C GLN A 156 6.79 -0.80 8.40
N ALA A 157 7.12 -0.97 9.68
CA ALA A 157 6.76 -2.17 10.42
C ALA A 157 5.31 -2.09 10.86
N THR A 158 4.49 -3.05 10.42
CA THR A 158 3.07 -3.05 10.76
C THR A 158 2.58 -4.39 11.29
N CYS A 159 1.51 -4.32 12.09
CA CYS A 159 0.87 -5.50 12.66
C CYS A 159 -0.62 -5.42 12.36
N ALA A 160 -1.06 -6.18 11.37
CA ALA A 160 -2.47 -6.18 10.98
C ALA A 160 -3.34 -6.88 12.00
N THR A 161 -2.81 -7.93 12.64
CA THR A 161 -3.58 -8.67 13.64
C THR A 161 -4.17 -7.73 14.68
N SER A 162 -3.42 -6.69 15.03
CA SER A 162 -3.86 -5.72 16.02
C SER A 162 -4.26 -4.41 15.34
N GLY A 163 -3.48 -4.02 14.34
CA GLY A 163 -3.75 -2.79 13.61
C GLY A 163 -2.84 -1.64 14.01
N GLU A 164 -1.86 -1.92 14.87
CA GLU A 164 -0.93 -0.88 15.31
C GLU A 164 -0.04 -0.42 14.16
N GLY A 165 0.17 0.88 14.06
CA GLY A 165 1.02 1.43 13.00
C GLY A 165 0.28 1.65 11.69
N LEU A 166 -0.88 1.04 11.52
CA LEU A 166 -1.65 1.16 10.30
C LEU A 166 -2.15 2.59 10.10
N TYR A 167 -2.61 3.22 11.18
CA TYR A 167 -3.11 4.58 11.10
C TYR A 167 -2.01 5.53 10.66
N GLU A 168 -0.82 5.38 11.24
CA GLU A 168 0.31 6.23 10.90
C GLU A 168 0.63 6.17 9.41
N GLY A 169 0.49 4.99 8.82
CA GLY A 169 0.78 4.84 7.40
C GLY A 169 -0.12 5.70 6.53
N LEU A 170 -1.40 5.71 6.83
CA LEU A 170 -2.35 6.51 6.08
C LEU A 170 -2.10 8.00 6.26
N GLU A 171 -1.54 8.37 7.41
CA GLU A 171 -1.25 9.77 7.71
C GLU A 171 -0.01 10.25 6.96
N TRP A 172 0.98 9.37 6.84
CA TRP A 172 2.22 9.70 6.15
C TRP A 172 1.96 9.95 4.66
N LEU A 173 1.16 9.08 4.06
CA LEU A 173 0.83 9.20 2.64
C LEU A 173 0.07 10.49 2.36
N SER A 174 -1.01 10.73 3.12
CA SER A 174 -1.83 11.91 2.94
C SER A 174 -1.01 13.20 3.00
N ASN A 175 0.07 13.20 3.78
CA ASN A 175 0.93 14.37 3.92
C ASN A 175 1.81 14.56 2.69
N CYS A 176 2.18 13.45 2.06
CA CYS A 176 3.06 13.49 0.90
C CYS A 176 2.39 14.13 -0.32
N LEU A 177 1.06 14.02 -0.43
CA LEU A 177 0.37 14.59 -1.57
C LEU A 177 -0.10 16.00 -1.27
N LYS A 178 -0.91 16.16 -0.21
CA LYS A 178 -1.46 17.46 0.16
C LYS A 178 -1.99 18.18 -1.08
N ASN A 179 -2.49 17.36 -2.02
CA ASN A 179 -3.05 17.88 -3.26
C ASN A 179 -1.97 18.51 -4.14
N SER A 180 -1.39 19.61 -3.67
CA SER A 180 -0.36 20.32 -4.40
C SER A 180 0.77 19.38 -4.86
N THR A 181 0.96 18.30 -4.12
CA THR A 181 1.99 17.32 -4.44
C THR A 181 1.36 15.98 -4.83
N GLY A 2 -22.12 37.48 0.25
CA GLY A 2 -21.54 37.11 -1.03
C GLY A 2 -20.10 36.63 -0.89
N LEU A 3 -19.31 37.37 -0.13
CA LEU A 3 -17.91 37.02 0.09
C LEU A 3 -17.79 35.76 0.94
N PHE A 4 -18.53 35.74 2.05
CA PHE A 4 -18.51 34.59 2.95
C PHE A 4 -19.12 33.35 2.30
N ALA A 5 -20.26 33.54 1.64
CA ALA A 5 -20.94 32.43 0.98
C ALA A 5 -20.01 31.70 0.00
N SER A 6 -19.49 32.44 -0.98
CA SER A 6 -18.60 31.89 -1.99
C SER A 6 -17.43 31.16 -1.36
N LYS A 7 -17.03 31.58 -0.16
CA LYS A 7 -15.91 30.96 0.53
C LYS A 7 -16.34 29.61 1.11
N LEU A 8 -17.47 29.63 1.82
CA LEU A 8 -18.03 28.42 2.41
C LEU A 8 -18.25 27.34 1.35
N PHE A 9 -18.53 27.77 0.13
CA PHE A 9 -18.76 26.86 -0.98
C PHE A 9 -17.43 26.30 -1.49
N SER A 10 -16.38 27.11 -1.40
CA SER A 10 -15.05 26.73 -1.87
C SER A 10 -14.47 25.58 -1.04
N ASN A 11 -14.77 25.56 0.25
CA ASN A 11 -14.27 24.51 1.14
C ASN A 11 -14.86 23.15 0.80
N LEU A 12 -16.03 23.15 0.16
CA LEU A 12 -16.70 21.91 -0.20
C LEU A 12 -15.96 21.15 -1.29
N PHE A 13 -15.36 21.89 -2.22
CA PHE A 13 -14.62 21.27 -3.33
C PHE A 13 -13.14 21.07 -2.96
N GLY A 14 -12.66 21.81 -1.97
CA GLY A 14 -11.27 21.69 -1.56
C GLY A 14 -10.89 20.28 -1.16
N ASN A 15 -11.84 19.55 -0.58
CA ASN A 15 -11.60 18.18 -0.16
C ASN A 15 -11.27 17.29 -1.35
N LYS A 16 -10.25 16.46 -1.19
CA LYS A 16 -9.82 15.56 -2.26
C LYS A 16 -9.56 14.16 -1.72
N GLU A 17 -10.05 13.15 -2.43
CA GLU A 17 -9.87 11.76 -2.03
C GLU A 17 -8.51 11.24 -2.48
N MET A 18 -8.11 10.10 -1.93
CA MET A 18 -6.81 9.51 -2.29
C MET A 18 -7.01 8.10 -2.84
N ARG A 19 -6.29 7.78 -3.91
CA ARG A 19 -6.39 6.46 -4.53
C ARG A 19 -5.20 5.60 -4.12
N ILE A 20 -5.50 4.46 -3.50
CA ILE A 20 -4.45 3.55 -3.04
C ILE A 20 -4.71 2.11 -3.48
N LEU A 21 -3.62 1.37 -3.68
CA LEU A 21 -3.69 -0.03 -4.10
C LEU A 21 -2.73 -0.87 -3.25
N MET A 22 -3.14 -2.09 -2.93
CA MET A 22 -2.31 -3.00 -2.13
C MET A 22 -1.77 -4.12 -3.01
N VAL A 23 -0.47 -4.38 -2.91
CA VAL A 23 0.16 -5.43 -3.72
C VAL A 23 1.34 -6.08 -3.00
N GLY A 24 1.59 -7.34 -3.33
CA GLY A 24 2.70 -8.06 -2.72
C GLY A 24 2.85 -9.50 -3.21
N LEU A 25 2.50 -10.43 -2.34
CA LEU A 25 2.60 -11.86 -2.67
C LEU A 25 1.25 -12.56 -2.54
N ASP A 26 1.27 -13.89 -2.49
CA ASP A 26 0.05 -14.69 -2.38
C ASP A 26 -0.41 -14.87 -0.92
N GLY A 27 0.00 -13.97 -0.03
CA GLY A 27 -0.41 -14.09 1.36
C GLY A 27 0.17 -13.01 2.26
N ALA A 28 0.43 -11.83 1.70
CA ALA A 28 0.99 -10.73 2.48
C ALA A 28 0.04 -10.27 3.57
N GLY A 29 -1.19 -10.00 3.18
CA GLY A 29 -2.20 -9.56 4.14
C GLY A 29 -2.86 -8.26 3.75
N LYS A 30 -3.09 -8.07 2.46
CA LYS A 30 -3.73 -6.86 1.97
C LYS A 30 -5.16 -6.78 2.48
N THR A 31 -5.81 -7.93 2.55
CA THR A 31 -7.19 -8.01 3.02
C THR A 31 -7.27 -7.80 4.53
N THR A 32 -6.33 -8.39 5.25
CA THR A 32 -6.30 -8.30 6.71
C THR A 32 -5.98 -6.88 7.19
N VAL A 33 -5.00 -6.23 6.56
CA VAL A 33 -4.60 -4.88 6.95
C VAL A 33 -5.68 -3.86 6.61
N LEU A 34 -6.15 -3.87 5.37
CA LEU A 34 -7.18 -2.94 4.93
C LEU A 34 -8.45 -3.05 5.76
N TYR A 35 -8.72 -4.24 6.27
CA TYR A 35 -9.92 -4.48 7.07
C TYR A 35 -9.77 -3.90 8.47
N LYS A 36 -8.55 -3.93 9.01
CA LYS A 36 -8.30 -3.42 10.34
C LYS A 36 -8.36 -1.90 10.37
N LEU A 37 -7.75 -1.26 9.38
CA LEU A 37 -7.75 0.19 9.29
C LEU A 37 -9.12 0.73 8.90
N LYS A 38 -9.90 -0.09 8.18
CA LYS A 38 -11.22 0.33 7.74
C LYS A 38 -12.31 -0.04 8.74
N LEU A 39 -12.18 -1.21 9.37
CA LEU A 39 -13.18 -1.67 10.33
C LEU A 39 -12.72 -1.52 11.78
N GLY A 40 -11.42 -1.28 11.99
CA GLY A 40 -10.91 -1.11 13.34
C GLY A 40 -10.82 -2.42 14.13
N GLU A 41 -11.16 -3.55 13.50
CA GLU A 41 -11.10 -4.83 14.18
C GLU A 41 -10.57 -5.92 13.26
N VAL A 42 -9.85 -6.88 13.84
CA VAL A 42 -9.27 -7.97 13.09
C VAL A 42 -10.30 -9.08 12.86
N ILE A 43 -10.50 -9.44 11.60
CA ILE A 43 -11.47 -10.48 11.24
C ILE A 43 -10.79 -11.61 10.48
N THR A 44 -11.53 -12.68 10.24
CA THR A 44 -11.01 -13.83 9.51
C THR A 44 -10.96 -13.53 8.02
N THR A 45 -9.76 -13.53 7.45
CA THR A 45 -9.57 -13.24 6.04
C THR A 45 -9.32 -14.51 5.24
N ILE A 46 -9.41 -14.41 3.92
CA ILE A 46 -9.21 -15.54 3.03
C ILE A 46 -8.62 -15.08 1.70
N PRO A 47 -8.08 -16.01 0.87
CA PRO A 47 -7.49 -15.65 -0.42
C PRO A 47 -8.48 -14.93 -1.33
N THR A 48 -8.19 -13.67 -1.63
CA THR A 48 -9.07 -12.87 -2.48
C THR A 48 -8.77 -13.11 -3.95
N ILE A 49 -9.77 -13.59 -4.69
CA ILE A 49 -9.60 -13.84 -6.11
C ILE A 49 -9.99 -12.60 -6.92
N GLY A 50 -9.00 -11.99 -7.57
CA GLY A 50 -9.26 -10.79 -8.35
C GLY A 50 -8.84 -9.55 -7.61
N PHE A 51 -9.78 -8.63 -7.39
CA PHE A 51 -9.48 -7.38 -6.69
C PHE A 51 -10.60 -7.05 -5.70
N ASN A 52 -10.28 -6.23 -4.70
CA ASN A 52 -11.27 -5.84 -3.70
C ASN A 52 -11.07 -4.39 -3.26
N VAL A 53 -12.05 -3.55 -3.59
CA VAL A 53 -11.99 -2.13 -3.23
C VAL A 53 -12.56 -1.91 -1.83
N GLU A 54 -12.02 -0.91 -1.14
CA GLU A 54 -12.48 -0.59 0.20
C GLU A 54 -12.57 0.92 0.41
N CYS A 55 -13.77 1.38 0.74
CA CYS A 55 -14.00 2.80 0.97
C CYS A 55 -13.73 3.17 2.41
N VAL A 56 -12.65 3.91 2.65
CA VAL A 56 -12.27 4.33 3.99
C VAL A 56 -12.21 5.85 4.08
N GLN A 57 -12.80 6.41 5.13
CA GLN A 57 -12.80 7.85 5.35
C GLN A 57 -11.78 8.23 6.43
N TYR A 58 -10.90 9.18 6.12
CA TYR A 58 -9.89 9.61 7.08
C TYR A 58 -9.54 11.10 6.91
N CYS A 59 -9.65 11.84 8.01
CA CYS A 59 -9.35 13.27 8.03
C CYS A 59 -10.23 14.01 7.03
N ASN A 60 -11.51 13.68 7.00
CA ASN A 60 -12.47 14.29 6.08
C ASN A 60 -12.26 13.82 4.63
N ILE A 61 -11.30 12.90 4.43
CA ILE A 61 -11.00 12.41 3.10
C ILE A 61 -11.52 10.99 2.90
N SER A 62 -11.66 10.61 1.63
CA SER A 62 -12.13 9.29 1.27
C SER A 62 -11.02 8.49 0.60
N PHE A 63 -10.29 7.73 1.40
CA PHE A 63 -9.20 6.92 0.88
C PHE A 63 -9.76 5.62 0.30
N THR A 64 -9.50 5.39 -0.97
CA THR A 64 -9.96 4.16 -1.63
C THR A 64 -8.77 3.22 -1.77
N VAL A 65 -8.84 2.09 -1.07
CA VAL A 65 -7.76 1.12 -1.09
C VAL A 65 -8.21 -0.18 -1.74
N TRP A 66 -7.69 -0.45 -2.93
CA TRP A 66 -8.02 -1.67 -3.65
C TRP A 66 -6.96 -2.72 -3.38
N ASP A 67 -7.38 -3.91 -2.96
CA ASP A 67 -6.43 -4.98 -2.66
C ASP A 67 -6.47 -6.04 -3.75
N VAL A 68 -5.47 -6.03 -4.62
CA VAL A 68 -5.39 -7.01 -5.69
C VAL A 68 -4.52 -8.18 -5.28
N GLY A 69 -4.94 -9.39 -5.62
CA GLY A 69 -4.19 -10.58 -5.29
C GLY A 69 -2.75 -10.50 -5.77
N GLY A 70 -1.82 -10.86 -4.91
CA GLY A 70 -0.42 -10.83 -5.27
C GLY A 70 0.03 -12.08 -6.01
N GLN A 71 -0.81 -13.12 -6.00
CA GLN A 71 -0.50 -14.38 -6.66
C GLN A 71 -0.03 -14.17 -8.10
N ASP A 72 0.89 -15.03 -8.53
CA ASP A 72 1.45 -14.95 -9.88
C ASP A 72 0.36 -14.92 -10.95
N ARG A 73 -0.56 -15.88 -10.86
CA ARG A 73 -1.66 -15.99 -11.82
C ARG A 73 -2.49 -14.71 -11.86
N ILE A 74 -2.50 -13.95 -10.76
CA ILE A 74 -3.27 -12.72 -10.70
C ILE A 74 -2.40 -11.47 -10.87
N ARG A 75 -1.08 -11.64 -10.76
CA ARG A 75 -0.15 -10.51 -10.91
C ARG A 75 -0.38 -9.74 -12.20
N SER A 76 -0.73 -10.46 -13.26
CA SER A 76 -0.98 -9.85 -14.56
C SER A 76 -2.14 -8.83 -14.51
N LEU A 77 -3.07 -9.06 -13.59
CA LEU A 77 -4.22 -8.17 -13.43
C LEU A 77 -3.84 -6.82 -12.81
N TRP A 78 -2.58 -6.68 -12.37
CA TRP A 78 -2.13 -5.45 -11.75
C TRP A 78 -2.05 -4.29 -12.74
N ARG A 79 -1.66 -4.60 -13.97
CA ARG A 79 -1.54 -3.57 -15.01
C ARG A 79 -2.88 -3.31 -15.73
N HIS A 80 -3.98 -3.80 -15.17
CA HIS A 80 -5.29 -3.60 -15.78
C HIS A 80 -6.35 -3.17 -14.76
N TYR A 81 -5.94 -2.90 -13.52
CA TYR A 81 -6.88 -2.48 -12.48
C TYR A 81 -6.43 -1.21 -11.76
N TYR A 82 -5.24 -0.69 -12.07
CA TYR A 82 -4.74 0.52 -11.42
C TYR A 82 -5.72 1.67 -11.54
N CYS A 83 -6.14 1.97 -12.77
CA CYS A 83 -7.08 3.06 -13.03
C CYS A 83 -6.47 4.42 -12.71
N ASN A 84 -6.26 4.71 -11.43
CA ASN A 84 -5.69 5.99 -11.03
C ASN A 84 -5.30 5.97 -9.55
N THR A 85 -4.36 5.10 -9.20
CA THR A 85 -3.88 5.00 -7.82
C THR A 85 -2.79 6.05 -7.58
N GLU A 86 -2.91 6.80 -6.49
CA GLU A 86 -1.93 7.83 -6.17
C GLU A 86 -0.77 7.25 -5.38
N GLY A 87 -1.02 6.18 -4.63
CA GLY A 87 0.02 5.54 -3.84
C GLY A 87 -0.34 4.09 -3.55
N VAL A 88 0.53 3.16 -3.90
CA VAL A 88 0.25 1.75 -3.67
C VAL A 88 1.05 1.21 -2.50
N ILE A 89 0.32 0.73 -1.49
CA ILE A 89 0.94 0.17 -0.30
C ILE A 89 1.35 -1.28 -0.52
N PHE A 90 2.65 -1.49 -0.69
CA PHE A 90 3.18 -2.83 -0.91
C PHE A 90 3.34 -3.56 0.41
N VAL A 91 2.71 -4.71 0.53
CA VAL A 91 2.77 -5.51 1.75
C VAL A 91 3.67 -6.72 1.55
N VAL A 92 4.61 -6.90 2.47
CA VAL A 92 5.54 -8.03 2.39
C VAL A 92 5.68 -8.73 3.74
N ASP A 93 5.56 -10.05 3.73
CA ASP A 93 5.68 -10.82 4.96
C ASP A 93 7.08 -10.62 5.56
N SER A 94 7.13 -10.24 6.83
CA SER A 94 8.39 -10.00 7.51
C SER A 94 8.96 -11.30 8.09
N ASN A 95 8.08 -12.13 8.63
CA ASN A 95 8.50 -13.39 9.23
C ASN A 95 8.79 -14.49 8.18
N ASP A 96 8.66 -14.16 6.90
CA ASP A 96 8.90 -15.13 5.84
C ASP A 96 10.12 -14.75 5.01
N ARG A 97 11.31 -15.06 5.53
CA ARG A 97 12.56 -14.74 4.86
C ARG A 97 12.73 -15.59 3.60
N SER A 98 12.13 -16.78 3.61
CA SER A 98 12.23 -17.68 2.47
C SER A 98 11.79 -17.01 1.17
N ARG A 99 10.63 -16.35 1.21
CA ARG A 99 10.09 -15.67 0.04
C ARG A 99 10.47 -14.19 -0.02
N ILE A 100 11.19 -13.71 1.00
CA ILE A 100 11.60 -12.29 1.06
C ILE A 100 12.16 -11.76 -0.26
N GLY A 101 12.67 -12.65 -1.13
CA GLY A 101 13.20 -12.22 -2.40
C GLY A 101 12.13 -12.13 -3.44
N GLU A 102 11.14 -13.02 -3.33
CA GLU A 102 10.01 -13.04 -4.26
C GLU A 102 9.29 -11.69 -4.21
N ALA A 103 9.02 -11.23 -3.00
CA ALA A 103 8.36 -9.95 -2.81
C ALA A 103 9.21 -8.82 -3.37
N ARG A 104 10.50 -8.85 -3.06
CA ARG A 104 11.42 -7.83 -3.54
C ARG A 104 11.45 -7.80 -5.07
N GLU A 105 11.62 -8.97 -5.69
CA GLU A 105 11.66 -9.06 -7.15
C GLU A 105 10.37 -8.52 -7.77
N VAL A 106 9.26 -8.76 -7.10
CA VAL A 106 7.97 -8.29 -7.58
C VAL A 106 7.92 -6.77 -7.54
N MET A 107 8.56 -6.19 -6.52
CA MET A 107 8.60 -4.75 -6.38
C MET A 107 9.31 -4.11 -7.56
N GLN A 108 10.49 -4.63 -7.89
CA GLN A 108 11.29 -4.11 -9.01
C GLN A 108 10.47 -4.07 -10.31
N ARG A 109 9.67 -5.11 -10.55
CA ARG A 109 8.83 -5.18 -11.73
C ARG A 109 7.92 -3.96 -11.80
N MET A 110 7.31 -3.66 -10.67
CA MET A 110 6.42 -2.51 -10.57
C MET A 110 7.20 -1.20 -10.64
N LEU A 111 8.39 -1.20 -10.04
CA LEU A 111 9.23 -0.01 -10.01
C LEU A 111 9.82 0.33 -11.38
N ASN A 112 10.04 -0.69 -12.21
CA ASN A 112 10.59 -0.45 -13.55
C ASN A 112 9.49 -0.33 -14.60
N GLU A 113 8.23 -0.38 -14.18
CA GLU A 113 7.11 -0.29 -15.12
C GLU A 113 6.71 1.15 -15.37
N ASP A 114 6.60 1.51 -16.65
CA ASP A 114 6.21 2.85 -17.04
C ASP A 114 4.78 3.13 -16.60
N GLU A 115 3.97 2.09 -16.59
CA GLU A 115 2.57 2.21 -16.18
C GLU A 115 2.44 2.49 -14.68
N LEU A 116 3.51 2.23 -13.93
CA LEU A 116 3.49 2.45 -12.49
C LEU A 116 4.61 3.39 -12.05
N CYS A 117 5.19 4.14 -12.98
CA CYS A 117 6.26 5.07 -12.66
C CYS A 117 5.71 6.34 -12.00
N ASN A 118 4.39 6.45 -11.87
CA ASN A 118 3.78 7.62 -11.25
C ASN A 118 3.10 7.25 -9.93
N ALA A 119 3.04 5.96 -9.60
CA ALA A 119 2.40 5.52 -8.36
C ALA A 119 3.41 5.41 -7.23
N ALA A 120 2.95 5.66 -6.02
CA ALA A 120 3.81 5.62 -4.83
C ALA A 120 4.18 4.20 -4.45
N TRP A 121 5.06 4.07 -3.47
CA TRP A 121 5.50 2.75 -3.01
C TRP A 121 5.64 2.69 -1.48
N LEU A 122 4.51 2.65 -0.80
CA LEU A 122 4.51 2.57 0.67
C LEU A 122 4.67 1.10 1.08
N VAL A 123 5.70 0.82 1.86
CA VAL A 123 5.95 -0.56 2.30
C VAL A 123 5.36 -0.82 3.67
N PHE A 124 4.73 -1.99 3.81
CA PHE A 124 4.10 -2.38 5.07
C PHE A 124 4.48 -3.82 5.42
N ALA A 125 5.55 -3.98 6.21
CA ALA A 125 5.99 -5.31 6.61
C ALA A 125 4.90 -6.03 7.41
N ASN A 126 4.26 -7.00 6.79
CA ASN A 126 3.19 -7.76 7.43
C ASN A 126 3.76 -8.80 8.39
N LYS A 127 2.87 -9.41 9.17
CA LYS A 127 3.27 -10.43 10.13
C LYS A 127 4.28 -9.89 11.14
N GLN A 128 4.33 -8.57 11.28
CA GLN A 128 5.26 -7.96 12.21
C GLN A 128 4.98 -8.38 13.64
N ASP A 129 3.71 -8.68 13.92
CA ASP A 129 3.30 -9.10 15.26
C ASP A 129 3.89 -10.45 15.65
N LEU A 130 4.36 -11.21 14.66
CA LEU A 130 4.95 -12.52 14.94
C LEU A 130 6.28 -12.37 15.70
N PRO A 131 6.51 -13.20 16.75
CA PRO A 131 7.75 -13.13 17.53
C PRO A 131 9.00 -13.14 16.66
N GLU A 132 8.89 -13.76 15.49
CA GLU A 132 10.02 -13.85 14.57
C GLU A 132 9.88 -12.85 13.43
N ALA A 133 9.14 -11.76 13.67
CA ALA A 133 8.94 -10.74 12.65
C ALA A 133 10.25 -10.03 12.32
N MET A 134 10.52 -9.89 11.04
CA MET A 134 11.74 -9.23 10.58
C MET A 134 11.74 -7.75 10.91
N SER A 135 12.92 -7.23 11.25
CA SER A 135 13.07 -5.83 11.60
C SER A 135 13.10 -4.97 10.32
N ALA A 136 12.86 -3.68 10.47
CA ALA A 136 12.87 -2.77 9.33
C ALA A 136 14.26 -2.66 8.73
N ALA A 137 15.28 -2.80 9.57
CA ALA A 137 16.66 -2.69 9.12
C ALA A 137 17.03 -3.80 8.14
N GLU A 138 16.55 -5.02 8.38
CA GLU A 138 16.87 -6.14 7.51
C GLU A 138 16.07 -6.11 6.21
N ILE A 139 14.76 -5.91 6.32
CA ILE A 139 13.90 -5.86 5.15
C ILE A 139 14.30 -4.72 4.22
N THR A 140 14.71 -3.61 4.81
CA THR A 140 15.11 -2.43 4.03
C THR A 140 16.40 -2.69 3.26
N GLU A 141 17.45 -3.13 3.96
CA GLU A 141 18.73 -3.38 3.31
C GLU A 141 18.60 -4.40 2.18
N LYS A 142 18.05 -5.58 2.48
CA LYS A 142 17.89 -6.63 1.48
C LYS A 142 17.10 -6.16 0.27
N LEU A 143 16.18 -5.23 0.49
CA LEU A 143 15.36 -4.69 -0.58
C LEU A 143 16.12 -3.66 -1.42
N GLY A 144 17.38 -3.39 -1.07
CA GLY A 144 18.16 -2.41 -1.81
C GLY A 144 17.52 -1.04 -1.76
N LEU A 145 16.88 -0.75 -0.63
CA LEU A 145 16.20 0.52 -0.44
C LEU A 145 17.17 1.71 -0.44
N HIS A 146 18.32 1.55 0.18
CA HIS A 146 19.31 2.63 0.23
C HIS A 146 19.78 3.05 -1.16
N SER A 147 19.65 2.17 -2.13
CA SER A 147 20.07 2.47 -3.50
C SER A 147 18.93 2.95 -4.38
N ILE A 148 17.73 3.09 -3.81
CA ILE A 148 16.58 3.54 -4.60
C ILE A 148 16.20 4.99 -4.26
N ARG A 149 16.49 5.87 -5.21
CA ARG A 149 16.19 7.29 -5.05
C ARG A 149 15.49 7.85 -6.28
N ASN A 150 14.79 6.98 -7.01
CA ASN A 150 14.07 7.39 -8.21
C ASN A 150 12.55 7.28 -8.03
N ARG A 151 12.12 6.77 -6.87
CA ARG A 151 10.70 6.63 -6.59
C ARG A 151 10.44 6.73 -5.08
N PRO A 152 9.38 7.46 -4.65
CA PRO A 152 9.07 7.62 -3.23
C PRO A 152 8.64 6.32 -2.56
N TRP A 153 9.41 5.88 -1.57
CA TRP A 153 9.09 4.66 -0.85
C TRP A 153 9.36 4.82 0.64
N PHE A 154 8.59 4.10 1.46
CA PHE A 154 8.75 4.18 2.92
C PHE A 154 8.58 2.79 3.55
N ILE A 155 9.34 2.51 4.61
CA ILE A 155 9.26 1.22 5.30
C ILE A 155 8.69 1.41 6.71
N GLN A 156 7.58 0.75 6.98
CA GLN A 156 6.94 0.85 8.29
C GLN A 156 6.54 -0.52 8.83
N ALA A 157 6.75 -0.71 10.13
CA ALA A 157 6.38 -1.96 10.77
C ALA A 157 4.86 -2.07 10.83
N THR A 158 4.32 -3.24 10.50
CA THR A 158 2.87 -3.40 10.48
C THR A 158 2.39 -4.63 11.24
N CYS A 159 1.47 -4.39 12.18
CA CYS A 159 0.86 -5.44 12.96
C CYS A 159 -0.65 -5.33 12.78
N ALA A 160 -1.22 -6.17 11.94
CA ALA A 160 -2.64 -6.14 11.66
C ALA A 160 -3.43 -6.84 12.76
N THR A 161 -2.84 -7.86 13.37
CA THR A 161 -3.53 -8.60 14.44
C THR A 161 -4.05 -7.63 15.50
N SER A 162 -3.28 -6.58 15.77
CA SER A 162 -3.67 -5.58 16.76
C SER A 162 -4.11 -4.30 16.06
N GLY A 163 -3.40 -3.93 15.00
CA GLY A 163 -3.72 -2.73 14.25
C GLY A 163 -2.79 -1.56 14.56
N GLU A 164 -1.75 -1.81 15.35
CA GLU A 164 -0.81 -0.75 15.71
C GLU A 164 0.04 -0.33 14.50
N GLY A 165 0.25 0.97 14.36
CA GLY A 165 1.08 1.50 13.28
C GLY A 165 0.32 1.69 11.96
N LEU A 166 -0.83 1.04 11.82
CA LEU A 166 -1.62 1.15 10.60
C LEU A 166 -2.12 2.58 10.39
N TYR A 167 -2.57 3.21 11.47
CA TYR A 167 -3.07 4.57 11.39
C TYR A 167 -1.99 5.53 10.91
N GLU A 168 -0.78 5.38 11.46
CA GLU A 168 0.34 6.24 11.09
C GLU A 168 0.61 6.18 9.59
N GLY A 169 0.49 5.00 9.00
CA GLY A 169 0.74 4.84 7.58
C GLY A 169 -0.18 5.69 6.73
N LEU A 170 -1.46 5.70 7.08
CA LEU A 170 -2.44 6.50 6.34
C LEU A 170 -2.09 7.98 6.37
N GLU A 171 -1.66 8.46 7.53
CA GLU A 171 -1.30 9.87 7.70
C GLU A 171 -0.07 10.25 6.88
N TRP A 172 0.86 9.32 6.73
CA TRP A 172 2.08 9.58 5.97
C TRP A 172 1.78 9.88 4.51
N LEU A 173 0.98 9.01 3.89
CA LEU A 173 0.62 9.18 2.49
C LEU A 173 -0.14 10.49 2.26
N SER A 174 -1.19 10.72 3.04
CA SER A 174 -2.01 11.93 2.91
C SER A 174 -1.17 13.21 2.94
N ASN A 175 -0.07 13.20 3.68
CA ASN A 175 0.80 14.37 3.79
C ASN A 175 1.62 14.57 2.53
N CYS A 176 2.00 13.47 1.90
CA CYS A 176 2.84 13.54 0.71
C CYS A 176 2.13 14.12 -0.51
N LEU A 177 0.80 13.98 -0.59
CA LEU A 177 0.07 14.49 -1.71
C LEU A 177 -0.40 15.91 -1.44
N LYS A 178 -1.20 16.09 -0.38
CA LYS A 178 -1.75 17.41 -0.01
C LYS A 178 -2.24 18.12 -1.27
N ASN A 179 -2.73 17.31 -2.21
CA ASN A 179 -3.23 17.84 -3.49
C ASN A 179 -4.72 18.17 -3.44
N SER A 180 -5.21 18.55 -2.26
CA SER A 180 -6.62 18.89 -2.10
C SER A 180 -6.80 20.39 -1.91
N THR A 181 -6.00 20.97 -1.02
CA THR A 181 -6.07 22.40 -0.73
C THR A 181 -4.96 23.15 -1.46
N GLY A 2 -20.78 36.04 7.64
CA GLY A 2 -21.43 35.39 6.52
C GLY A 2 -20.49 35.20 5.34
N LEU A 3 -19.91 36.30 4.87
CA LEU A 3 -18.98 36.25 3.74
C LEU A 3 -17.68 35.56 4.14
N PHE A 4 -17.14 35.95 5.29
CA PHE A 4 -15.90 35.37 5.77
C PHE A 4 -16.07 33.91 6.16
N ALA A 5 -17.15 33.61 6.89
CA ALA A 5 -17.42 32.24 7.33
C ALA A 5 -17.39 31.26 6.15
N SER A 6 -18.25 31.50 5.16
CA SER A 6 -18.34 30.63 3.99
C SER A 6 -16.97 30.44 3.33
N LYS A 7 -16.16 31.49 3.32
CA LYS A 7 -14.84 31.41 2.73
C LYS A 7 -13.98 30.41 3.48
N LEU A 8 -13.93 30.55 4.81
CA LEU A 8 -13.17 29.65 5.67
C LEU A 8 -13.56 28.19 5.44
N PHE A 9 -14.80 27.98 5.02
CA PHE A 9 -15.29 26.63 4.76
C PHE A 9 -14.77 26.13 3.41
N SER A 10 -14.57 27.06 2.48
CA SER A 10 -14.10 26.72 1.14
C SER A 10 -12.74 26.01 1.15
N ASN A 11 -11.85 26.40 2.05
CA ASN A 11 -10.53 25.77 2.13
C ASN A 11 -10.63 24.26 2.35
N LEU A 12 -11.76 23.83 2.92
CA LEU A 12 -11.98 22.41 3.19
C LEU A 12 -11.88 21.58 1.91
N PHE A 13 -12.02 22.22 0.75
CA PHE A 13 -11.95 21.52 -0.53
C PHE A 13 -10.53 21.09 -0.87
N GLY A 14 -9.54 21.54 -0.09
CA GLY A 14 -8.16 21.18 -0.34
C GLY A 14 -7.95 19.67 -0.29
N ASN A 15 -8.79 19.00 0.50
CA ASN A 15 -8.71 17.55 0.65
C ASN A 15 -10.05 16.90 0.33
N LYS A 16 -10.07 16.06 -0.70
CA LYS A 16 -11.30 15.39 -1.11
C LYS A 16 -11.16 13.87 -1.01
N GLU A 17 -10.56 13.25 -2.03
CA GLU A 17 -10.39 11.81 -2.04
C GLU A 17 -9.10 11.39 -2.74
N MET A 18 -8.38 10.46 -2.13
CA MET A 18 -7.14 9.96 -2.70
C MET A 18 -7.32 8.51 -3.13
N ARG A 19 -6.59 8.10 -4.17
CA ARG A 19 -6.69 6.73 -4.68
C ARG A 19 -5.52 5.90 -4.19
N ILE A 20 -5.84 4.76 -3.58
CA ILE A 20 -4.80 3.87 -3.05
C ILE A 20 -5.01 2.44 -3.50
N LEU A 21 -3.92 1.71 -3.65
CA LEU A 21 -3.97 0.31 -4.06
C LEU A 21 -3.08 -0.54 -3.16
N MET A 22 -3.53 -1.75 -2.85
CA MET A 22 -2.77 -2.67 -2.01
C MET A 22 -2.35 -3.91 -2.80
N VAL A 23 -1.04 -4.10 -2.94
CA VAL A 23 -0.52 -5.24 -3.69
C VAL A 23 0.50 -6.03 -2.88
N GLY A 24 0.53 -7.35 -3.08
CA GLY A 24 1.47 -8.18 -2.36
C GLY A 24 1.53 -9.61 -2.87
N LEU A 25 2.45 -10.38 -2.30
CA LEU A 25 2.66 -11.78 -2.67
C LEU A 25 1.36 -12.58 -2.50
N ASP A 26 1.47 -13.92 -2.49
CA ASP A 26 0.31 -14.79 -2.35
C ASP A 26 -0.12 -15.00 -0.90
N GLY A 27 0.23 -14.06 0.00
CA GLY A 27 -0.14 -14.22 1.40
C GLY A 27 0.47 -13.15 2.32
N ALA A 28 0.73 -11.97 1.76
CA ALA A 28 1.31 -10.88 2.54
C ALA A 28 0.40 -10.49 3.70
N GLY A 29 -0.88 -10.31 3.38
CA GLY A 29 -1.85 -9.94 4.39
C GLY A 29 -2.49 -8.60 4.12
N LYS A 30 -2.50 -8.20 2.86
CA LYS A 30 -3.11 -6.92 2.46
C LYS A 30 -4.60 -6.93 2.79
N THR A 31 -5.23 -8.10 2.67
CA THR A 31 -6.64 -8.23 2.95
C THR A 31 -6.93 -8.03 4.43
N THR A 32 -6.07 -8.56 5.29
CA THR A 32 -6.24 -8.43 6.73
C THR A 32 -6.09 -6.98 7.19
N VAL A 33 -5.08 -6.29 6.66
CA VAL A 33 -4.82 -4.90 7.03
C VAL A 33 -5.92 -3.96 6.53
N LEU A 34 -6.23 -4.06 5.24
CA LEU A 34 -7.25 -3.21 4.61
C LEU A 34 -8.58 -3.25 5.38
N TYR A 35 -8.93 -4.43 5.88
CA TYR A 35 -10.18 -4.59 6.61
C TYR A 35 -10.04 -4.05 8.04
N LYS A 36 -8.84 -4.11 8.58
CA LYS A 36 -8.58 -3.64 9.93
C LYS A 36 -8.63 -2.12 10.00
N LEU A 37 -7.97 -1.46 9.05
CA LEU A 37 -7.96 0.00 9.03
C LEU A 37 -9.31 0.54 8.60
N LYS A 38 -10.06 -0.25 7.83
CA LYS A 38 -11.37 0.18 7.35
C LYS A 38 -12.48 -0.19 8.33
N LEU A 39 -12.37 -1.36 8.95
CA LEU A 39 -13.41 -1.82 9.88
C LEU A 39 -13.00 -1.64 11.35
N GLY A 40 -11.71 -1.39 11.59
CA GLY A 40 -11.26 -1.20 12.96
C GLY A 40 -11.03 -2.50 13.73
N GLU A 41 -11.39 -3.64 13.14
CA GLU A 41 -11.22 -4.91 13.81
C GLU A 41 -10.66 -5.97 12.87
N VAL A 42 -9.85 -6.87 13.42
CA VAL A 42 -9.26 -7.95 12.62
C VAL A 42 -10.29 -9.05 12.40
N ILE A 43 -10.46 -9.45 11.14
CA ILE A 43 -11.42 -10.49 10.79
C ILE A 43 -10.73 -11.67 10.10
N THR A 44 -11.48 -12.76 9.95
CA THR A 44 -10.96 -13.96 9.30
C THR A 44 -10.79 -13.69 7.81
N THR A 45 -9.56 -13.80 7.32
CA THR A 45 -9.27 -13.56 5.92
C THR A 45 -9.14 -14.87 5.15
N ILE A 46 -9.32 -14.79 3.85
CA ILE A 46 -9.23 -15.96 2.97
C ILE A 46 -8.72 -15.57 1.59
N PRO A 47 -8.28 -16.57 0.77
CA PRO A 47 -7.76 -16.29 -0.57
C PRO A 47 -8.79 -15.56 -1.44
N THR A 48 -8.47 -14.31 -1.79
CA THR A 48 -9.38 -13.51 -2.60
C THR A 48 -8.75 -13.11 -3.93
N ILE A 49 -9.06 -13.87 -4.98
CA ILE A 49 -8.55 -13.58 -6.30
C ILE A 49 -9.24 -12.36 -6.88
N GLY A 50 -8.50 -11.56 -7.63
CA GLY A 50 -9.05 -10.36 -8.22
C GLY A 50 -8.70 -9.14 -7.39
N PHE A 51 -9.67 -8.25 -7.20
CA PHE A 51 -9.43 -7.04 -6.42
C PHE A 51 -10.64 -6.72 -5.53
N ASN A 52 -10.41 -5.92 -4.49
CA ASN A 52 -11.48 -5.53 -3.58
C ASN A 52 -11.31 -4.07 -3.16
N VAL A 53 -12.25 -3.22 -3.59
CA VAL A 53 -12.20 -1.80 -3.26
C VAL A 53 -12.82 -1.54 -1.90
N GLU A 54 -12.37 -0.47 -1.25
CA GLU A 54 -12.88 -0.11 0.06
C GLU A 54 -12.87 1.41 0.27
N CYS A 55 -14.03 1.93 0.65
CA CYS A 55 -14.17 3.36 0.90
C CYS A 55 -13.86 3.70 2.35
N VAL A 56 -12.74 4.38 2.58
CA VAL A 56 -12.34 4.77 3.93
C VAL A 56 -12.15 6.28 4.02
N GLN A 57 -12.66 6.88 5.08
CA GLN A 57 -12.54 8.31 5.29
C GLN A 57 -11.52 8.61 6.40
N TYR A 58 -10.59 9.51 6.13
CA TYR A 58 -9.57 9.87 7.10
C TYR A 58 -9.07 11.31 6.89
N CYS A 59 -9.06 12.09 7.97
CA CYS A 59 -8.60 13.48 7.94
C CYS A 59 -9.39 14.29 6.92
N ASN A 60 -10.70 14.04 6.85
CA ASN A 60 -11.59 14.73 5.91
C ASN A 60 -11.44 14.19 4.48
N ILE A 61 -10.53 13.24 4.28
CA ILE A 61 -10.31 12.69 2.95
C ILE A 61 -10.94 11.32 2.80
N SER A 62 -11.19 10.94 1.56
CA SER A 62 -11.78 9.64 1.24
C SER A 62 -10.76 8.75 0.55
N PHE A 63 -10.03 7.97 1.34
CA PHE A 63 -9.03 7.07 0.80
C PHE A 63 -9.68 5.80 0.26
N THR A 64 -9.44 5.52 -1.01
CA THR A 64 -9.98 4.32 -1.64
C THR A 64 -8.86 3.30 -1.79
N VAL A 65 -9.00 2.15 -1.13
CA VAL A 65 -7.98 1.12 -1.19
C VAL A 65 -8.50 -0.17 -1.84
N TRP A 66 -7.89 -0.53 -2.96
CA TRP A 66 -8.24 -1.74 -3.68
C TRP A 66 -7.27 -2.84 -3.26
N ASP A 67 -7.78 -4.00 -2.85
CA ASP A 67 -6.90 -5.08 -2.42
C ASP A 67 -6.83 -6.20 -3.45
N VAL A 68 -5.75 -6.23 -4.22
CA VAL A 68 -5.56 -7.27 -5.22
C VAL A 68 -4.93 -8.48 -4.57
N GLY A 69 -5.57 -9.64 -4.70
CA GLY A 69 -5.05 -10.85 -4.10
C GLY A 69 -4.00 -11.53 -4.94
N GLY A 70 -3.85 -12.85 -4.75
CA GLY A 70 -2.87 -13.63 -5.49
C GLY A 70 -1.53 -12.94 -5.66
N GLN A 71 -0.73 -13.47 -6.57
CA GLN A 71 0.59 -12.92 -6.86
C GLN A 71 0.91 -13.01 -8.35
N ASP A 72 1.49 -14.13 -8.78
CA ASP A 72 1.84 -14.32 -10.19
C ASP A 72 0.60 -14.24 -11.08
N ARG A 73 -0.38 -15.09 -10.80
CA ARG A 73 -1.62 -15.12 -11.59
C ARG A 73 -2.29 -13.75 -11.62
N ILE A 74 -2.00 -12.92 -10.63
CA ILE A 74 -2.58 -11.59 -10.55
C ILE A 74 -1.61 -10.52 -11.05
N ARG A 75 -0.33 -10.89 -11.25
CA ARG A 75 0.68 -9.95 -11.72
C ARG A 75 0.22 -9.19 -12.95
N SER A 76 -0.37 -9.89 -13.91
CA SER A 76 -0.85 -9.26 -15.14
C SER A 76 -2.11 -8.45 -14.86
N LEU A 77 -2.94 -8.94 -13.95
CA LEU A 77 -4.18 -8.25 -13.59
C LEU A 77 -3.91 -7.00 -12.73
N TRP A 78 -2.66 -6.79 -12.32
CA TRP A 78 -2.32 -5.64 -11.50
C TRP A 78 -2.27 -4.35 -12.32
N ARG A 79 -1.81 -4.45 -13.56
CA ARG A 79 -1.71 -3.29 -14.44
C ARG A 79 -2.93 -3.19 -15.35
N HIS A 80 -4.07 -3.71 -14.90
CA HIS A 80 -5.30 -3.66 -15.69
C HIS A 80 -6.46 -3.04 -14.91
N TYR A 81 -6.23 -2.69 -13.64
CA TYR A 81 -7.30 -2.09 -12.82
C TYR A 81 -6.81 -0.89 -12.01
N TYR A 82 -5.57 -0.46 -12.23
CA TYR A 82 -5.01 0.68 -11.51
C TYR A 82 -5.88 1.93 -11.67
N CYS A 83 -6.28 2.20 -12.91
CA CYS A 83 -7.11 3.36 -13.21
C CYS A 83 -6.39 4.66 -12.87
N ASN A 84 -6.41 5.03 -11.59
CA ASN A 84 -5.75 6.27 -11.16
C ASN A 84 -5.37 6.20 -9.67
N THR A 85 -4.49 5.27 -9.34
CA THR A 85 -4.03 5.12 -7.96
C THR A 85 -2.97 6.17 -7.66
N GLU A 86 -3.13 6.90 -6.55
CA GLU A 86 -2.17 7.93 -6.19
C GLU A 86 -1.01 7.32 -5.39
N GLY A 87 -1.30 6.27 -4.64
CA GLY A 87 -0.26 5.62 -3.86
C GLY A 87 -0.59 4.15 -3.63
N VAL A 88 0.37 3.28 -3.90
CA VAL A 88 0.16 1.85 -3.74
C VAL A 88 0.89 1.32 -2.51
N ILE A 89 0.13 0.75 -1.59
CA ILE A 89 0.70 0.19 -0.38
C ILE A 89 1.04 -1.29 -0.57
N PHE A 90 2.33 -1.58 -0.72
CA PHE A 90 2.78 -2.94 -0.93
C PHE A 90 3.02 -3.68 0.38
N VAL A 91 2.45 -4.87 0.49
CA VAL A 91 2.58 -5.68 1.69
C VAL A 91 3.72 -6.69 1.55
N VAL A 92 4.64 -6.67 2.51
CA VAL A 92 5.78 -7.59 2.49
C VAL A 92 5.92 -8.31 3.83
N ASP A 93 5.82 -9.63 3.80
CA ASP A 93 5.96 -10.42 5.02
C ASP A 93 7.38 -10.26 5.58
N SER A 94 7.46 -9.93 6.87
CA SER A 94 8.76 -9.74 7.51
C SER A 94 9.30 -11.05 8.07
N ASN A 95 8.41 -11.89 8.59
CA ASN A 95 8.83 -13.17 9.18
C ASN A 95 9.07 -14.25 8.12
N ASP A 96 8.95 -13.91 6.84
CA ASP A 96 9.15 -14.89 5.77
C ASP A 96 10.36 -14.53 4.92
N ARG A 97 11.55 -14.86 5.42
CA ARG A 97 12.80 -14.57 4.73
C ARG A 97 12.93 -15.42 3.47
N SER A 98 12.30 -16.59 3.47
CA SER A 98 12.36 -17.49 2.33
C SER A 98 11.90 -16.81 1.04
N ARG A 99 10.77 -16.12 1.11
CA ARG A 99 10.21 -15.45 -0.06
C ARG A 99 10.70 -14.01 -0.22
N ILE A 100 11.53 -13.52 0.72
CA ILE A 100 12.02 -12.15 0.68
C ILE A 100 12.52 -11.73 -0.71
N GLY A 101 12.88 -12.68 -1.57
CA GLY A 101 13.34 -12.33 -2.90
C GLY A 101 12.17 -12.09 -3.84
N GLU A 102 11.09 -12.81 -3.60
CA GLU A 102 9.89 -12.68 -4.42
C GLU A 102 9.27 -11.31 -4.19
N ALA A 103 8.99 -10.99 -2.93
CA ALA A 103 8.39 -9.71 -2.57
C ALA A 103 9.20 -8.55 -3.14
N ARG A 104 10.50 -8.55 -2.86
CA ARG A 104 11.37 -7.49 -3.35
C ARG A 104 11.40 -7.49 -4.87
N GLU A 105 11.53 -8.67 -5.47
CA GLU A 105 11.56 -8.79 -6.93
C GLU A 105 10.28 -8.25 -7.55
N VAL A 106 9.15 -8.46 -6.86
CA VAL A 106 7.86 -7.97 -7.34
C VAL A 106 7.88 -6.44 -7.43
N MET A 107 8.60 -5.82 -6.49
CA MET A 107 8.71 -4.37 -6.45
C MET A 107 9.39 -3.87 -7.72
N GLN A 108 10.48 -4.53 -8.12
CA GLN A 108 11.23 -4.16 -9.31
C GLN A 108 10.34 -4.10 -10.54
N ARG A 109 9.49 -5.10 -10.71
CA ARG A 109 8.57 -5.16 -11.85
C ARG A 109 7.67 -3.93 -11.85
N MET A 110 7.20 -3.57 -10.66
CA MET A 110 6.35 -2.41 -10.49
C MET A 110 7.15 -1.13 -10.74
N LEU A 111 8.40 -1.14 -10.28
CA LEU A 111 9.30 -0.01 -10.43
C LEU A 111 9.75 0.16 -11.88
N ASN A 112 9.74 -0.93 -12.65
CA ASN A 112 10.16 -0.87 -14.04
C ASN A 112 8.96 -0.71 -14.98
N GLU A 113 7.74 -0.69 -14.43
CA GLU A 113 6.55 -0.56 -15.27
C GLU A 113 6.23 0.89 -15.54
N ASP A 114 6.12 1.23 -16.83
CA ASP A 114 5.79 2.59 -17.25
C ASP A 114 4.39 2.95 -16.80
N GLU A 115 3.51 1.96 -16.77
CA GLU A 115 2.13 2.16 -16.36
C GLU A 115 2.01 2.42 -14.86
N LEU A 116 3.08 2.13 -14.12
CA LEU A 116 3.07 2.32 -12.67
C LEU A 116 4.13 3.33 -12.22
N CYS A 117 4.71 4.07 -13.16
CA CYS A 117 5.74 5.05 -12.83
C CYS A 117 5.13 6.29 -12.18
N ASN A 118 3.80 6.36 -12.07
CA ASN A 118 3.14 7.51 -11.45
C ASN A 118 2.49 7.13 -10.12
N ALA A 119 2.45 5.83 -9.81
CA ALA A 119 1.85 5.36 -8.57
C ALA A 119 2.91 5.20 -7.49
N ALA A 120 2.52 5.45 -6.25
CA ALA A 120 3.46 5.37 -5.12
C ALA A 120 3.66 3.93 -4.66
N TRP A 121 4.60 3.74 -3.74
CA TRP A 121 4.91 2.41 -3.22
C TRP A 121 5.18 2.42 -1.72
N LEU A 122 4.12 2.31 -0.92
CA LEU A 122 4.25 2.30 0.53
C LEU A 122 4.39 0.86 1.03
N VAL A 123 5.55 0.53 1.59
CA VAL A 123 5.79 -0.82 2.08
C VAL A 123 5.51 -0.94 3.58
N PHE A 124 4.88 -2.05 3.96
CA PHE A 124 4.55 -2.31 5.36
C PHE A 124 4.89 -3.75 5.73
N ALA A 125 5.94 -3.93 6.53
CA ALA A 125 6.35 -5.27 6.95
C ALA A 125 5.22 -5.94 7.72
N ASN A 126 4.58 -6.92 7.08
CA ASN A 126 3.47 -7.64 7.69
C ASN A 126 3.96 -8.72 8.65
N LYS A 127 3.08 -9.12 9.56
CA LYS A 127 3.40 -10.16 10.55
C LYS A 127 4.44 -9.70 11.57
N GLN A 128 4.58 -8.39 11.74
CA GLN A 128 5.55 -7.89 12.70
C GLN A 128 5.18 -8.32 14.12
N ASP A 129 3.90 -8.58 14.35
CA ASP A 129 3.42 -8.98 15.66
C ASP A 129 3.99 -10.35 16.06
N LEU A 130 4.45 -11.13 15.09
CA LEU A 130 5.01 -12.44 15.37
C LEU A 130 6.35 -12.29 16.11
N PRO A 131 6.60 -13.10 17.17
CA PRO A 131 7.84 -13.05 17.94
C PRO A 131 9.09 -13.06 17.05
N GLU A 132 8.96 -13.69 15.89
CA GLU A 132 10.08 -13.78 14.96
C GLU A 132 10.04 -12.68 13.90
N ALA A 133 9.34 -11.58 14.21
CA ALA A 133 9.25 -10.46 13.28
C ALA A 133 10.61 -9.86 12.99
N MET A 134 10.94 -9.74 11.71
CA MET A 134 12.22 -9.18 11.29
C MET A 134 12.30 -7.69 11.60
N SER A 135 13.51 -7.21 11.81
CA SER A 135 13.74 -5.80 12.11
C SER A 135 13.68 -4.98 10.83
N ALA A 136 13.51 -3.66 10.97
CA ALA A 136 13.44 -2.77 9.82
C ALA A 136 14.78 -2.70 9.10
N ALA A 137 15.85 -2.87 9.86
CA ALA A 137 17.19 -2.81 9.29
C ALA A 137 17.44 -3.94 8.29
N GLU A 138 16.92 -5.13 8.58
CA GLU A 138 17.12 -6.27 7.70
C GLU A 138 16.20 -6.19 6.48
N ILE A 139 14.91 -5.95 6.71
CA ILE A 139 13.96 -5.86 5.62
C ILE A 139 14.32 -4.70 4.68
N THR A 140 14.68 -3.57 5.27
CA THR A 140 15.05 -2.39 4.49
C THR A 140 16.33 -2.63 3.70
N GLU A 141 17.37 -3.10 4.40
CA GLU A 141 18.66 -3.36 3.76
C GLU A 141 18.51 -4.34 2.60
N LYS A 142 17.90 -5.50 2.87
CA LYS A 142 17.71 -6.53 1.85
C LYS A 142 16.97 -6.00 0.64
N LEU A 143 16.11 -5.01 0.86
CA LEU A 143 15.34 -4.42 -0.22
C LEU A 143 16.12 -3.31 -0.94
N GLY A 144 17.35 -3.04 -0.49
CA GLY A 144 18.15 -2.00 -1.11
C GLY A 144 17.47 -0.64 -1.05
N LEU A 145 16.69 -0.44 0.01
CA LEU A 145 15.96 0.82 0.18
C LEU A 145 16.89 2.02 0.19
N HIS A 146 18.04 1.88 0.84
CA HIS A 146 19.01 2.97 0.92
C HIS A 146 19.65 3.25 -0.43
N SER A 147 19.81 2.20 -1.23
CA SER A 147 20.42 2.33 -2.55
C SER A 147 19.42 2.78 -3.62
N ILE A 148 18.13 2.80 -3.28
CA ILE A 148 17.11 3.20 -4.25
C ILE A 148 16.60 4.62 -3.98
N ARG A 149 16.93 5.51 -4.91
CA ARG A 149 16.51 6.90 -4.83
C ARG A 149 15.85 7.33 -6.13
N ASN A 150 15.21 6.37 -6.80
CA ASN A 150 14.53 6.64 -8.07
C ASN A 150 13.03 6.39 -7.99
N ARG A 151 12.57 5.75 -6.92
CA ARG A 151 11.15 5.46 -6.74
C ARG A 151 10.72 5.75 -5.30
N PRO A 152 9.70 6.62 -5.09
CA PRO A 152 9.24 6.98 -3.74
C PRO A 152 8.57 5.82 -3.00
N TRP A 153 9.35 5.12 -2.18
CA TRP A 153 8.81 4.02 -1.38
C TRP A 153 9.42 3.99 0.01
N PHE A 154 8.64 3.51 0.97
CA PHE A 154 9.09 3.45 2.36
C PHE A 154 8.68 2.13 3.01
N ILE A 155 9.42 1.74 4.05
CA ILE A 155 9.12 0.49 4.76
C ILE A 155 8.75 0.78 6.21
N GLN A 156 7.65 0.19 6.65
CA GLN A 156 7.18 0.38 8.03
C GLN A 156 6.77 -0.94 8.67
N ALA A 157 7.15 -1.12 9.93
CA ALA A 157 6.79 -2.33 10.67
C ALA A 157 5.37 -2.21 11.19
N THR A 158 4.48 -3.06 10.70
CA THR A 158 3.07 -3.02 11.11
C THR A 158 2.55 -4.36 11.60
N CYS A 159 1.54 -4.29 12.46
CA CYS A 159 0.89 -5.47 13.01
C CYS A 159 -0.60 -5.38 12.74
N ALA A 160 -1.06 -6.13 11.74
CA ALA A 160 -2.46 -6.13 11.36
C ALA A 160 -3.32 -6.85 12.39
N THR A 161 -2.77 -7.91 12.98
CA THR A 161 -3.51 -8.67 13.98
C THR A 161 -4.07 -7.76 15.08
N SER A 162 -3.30 -6.74 15.43
CA SER A 162 -3.72 -5.79 16.46
C SER A 162 -4.14 -4.47 15.84
N GLY A 163 -3.36 -4.03 14.85
CA GLY A 163 -3.65 -2.78 14.17
C GLY A 163 -2.65 -1.67 14.47
N GLU A 164 -1.62 -1.98 15.25
CA GLU A 164 -0.62 -0.97 15.58
C GLU A 164 0.21 -0.59 14.36
N GLY A 165 0.47 0.70 14.20
CA GLY A 165 1.26 1.18 13.07
C GLY A 165 0.45 1.41 11.81
N LEU A 166 -0.74 0.83 11.73
CA LEU A 166 -1.59 0.97 10.55
C LEU A 166 -2.04 2.42 10.36
N TYR A 167 -2.45 3.06 11.45
CA TYR A 167 -2.91 4.43 11.38
C TYR A 167 -1.80 5.35 10.89
N GLU A 168 -0.60 5.17 11.42
CA GLU A 168 0.54 5.98 11.02
C GLU A 168 0.79 5.91 9.52
N GLY A 169 0.60 4.74 8.94
CA GLY A 169 0.82 4.56 7.52
C GLY A 169 -0.08 5.43 6.67
N LEU A 170 -1.36 5.47 7.03
CA LEU A 170 -2.32 6.28 6.29
C LEU A 170 -2.02 7.77 6.43
N GLU A 171 -1.39 8.14 7.54
CA GLU A 171 -1.05 9.54 7.78
C GLU A 171 0.08 10.01 6.87
N TRP A 172 1.09 9.17 6.71
CA TRP A 172 2.23 9.51 5.85
C TRP A 172 1.81 9.64 4.40
N LEU A 173 0.83 8.82 4.00
CA LEU A 173 0.34 8.84 2.63
C LEU A 173 -0.40 10.14 2.33
N SER A 174 -1.36 10.49 3.18
CA SER A 174 -2.14 11.70 3.00
C SER A 174 -1.27 12.95 2.96
N ASN A 175 -0.15 12.92 3.68
CA ASN A 175 0.76 14.05 3.72
C ASN A 175 1.56 14.19 2.43
N CYS A 176 1.86 13.07 1.80
CA CYS A 176 2.64 13.07 0.57
C CYS A 176 1.91 13.72 -0.59
N LEU A 177 0.58 13.64 -0.62
CA LEU A 177 -0.20 14.21 -1.71
C LEU A 177 -0.66 15.63 -1.37
N LYS A 178 -1.43 15.76 -0.28
CA LYS A 178 -1.92 17.08 0.13
C LYS A 178 -0.76 18.02 0.40
N ASN A 179 0.30 17.47 1.02
CA ASN A 179 1.53 18.21 1.35
C ASN A 179 1.24 19.67 1.76
N SER A 180 0.48 19.83 2.83
CA SER A 180 0.12 21.17 3.32
C SER A 180 -0.67 21.94 2.27
N THR A 181 -1.97 22.05 2.49
CA THR A 181 -2.84 22.78 1.56
C THR A 181 -2.81 22.13 0.17
N GLY A 2 -13.06 38.85 -6.72
CA GLY A 2 -14.14 38.15 -6.06
C GLY A 2 -14.72 37.03 -6.90
N LEU A 3 -14.74 37.23 -8.22
CA LEU A 3 -15.26 36.22 -9.14
C LEU A 3 -14.33 35.01 -9.20
N PHE A 4 -13.04 35.28 -9.38
CA PHE A 4 -12.05 34.21 -9.47
C PHE A 4 -11.89 33.50 -8.13
N ALA A 5 -11.82 34.26 -7.05
CA ALA A 5 -11.66 33.69 -5.72
C ALA A 5 -12.76 32.67 -5.42
N SER A 6 -14.02 33.12 -5.49
CA SER A 6 -15.16 32.26 -5.21
C SER A 6 -15.14 30.99 -6.05
N LYS A 7 -14.52 31.07 -7.22
CA LYS A 7 -14.42 29.91 -8.11
C LYS A 7 -13.43 28.91 -7.53
N LEU A 8 -12.24 29.40 -7.20
CA LEU A 8 -11.19 28.54 -6.63
C LEU A 8 -11.68 27.83 -5.38
N PHE A 9 -12.62 28.45 -4.67
CA PHE A 9 -13.19 27.86 -3.46
C PHE A 9 -14.18 26.76 -3.81
N SER A 10 -14.85 26.92 -4.94
CA SER A 10 -15.85 25.95 -5.40
C SER A 10 -15.19 24.67 -5.91
N ASN A 11 -14.03 24.82 -6.55
CA ASN A 11 -13.30 23.67 -7.08
C ASN A 11 -12.79 22.76 -5.95
N LEU A 12 -12.62 23.33 -4.76
CA LEU A 12 -12.14 22.56 -3.62
C LEU A 12 -13.10 21.42 -3.28
N PHE A 13 -14.39 21.68 -3.45
CA PHE A 13 -15.42 20.68 -3.16
C PHE A 13 -15.51 19.64 -4.27
N GLY A 14 -15.01 19.98 -5.45
CA GLY A 14 -15.05 19.06 -6.58
C GLY A 14 -14.34 17.75 -6.28
N ASN A 15 -13.34 17.81 -5.41
CA ASN A 15 -12.58 16.63 -5.03
C ASN A 15 -12.14 16.71 -3.57
N LYS A 16 -11.80 15.55 -3.00
CA LYS A 16 -11.36 15.47 -1.61
C LYS A 16 -11.11 14.02 -1.23
N GLU A 17 -10.49 13.28 -2.14
CA GLU A 17 -10.20 11.87 -1.93
C GLU A 17 -8.90 11.44 -2.61
N MET A 18 -8.27 10.42 -2.06
CA MET A 18 -7.03 9.89 -2.60
C MET A 18 -7.21 8.45 -3.06
N ARG A 19 -6.53 8.08 -4.14
CA ARG A 19 -6.63 6.72 -4.67
C ARG A 19 -5.48 5.86 -4.15
N ILE A 20 -5.83 4.72 -3.57
CA ILE A 20 -4.84 3.82 -3.01
C ILE A 20 -5.01 2.40 -3.54
N LEU A 21 -3.89 1.68 -3.63
CA LEU A 21 -3.90 0.30 -4.11
C LEU A 21 -3.06 -0.59 -3.19
N MET A 22 -3.52 -1.81 -2.96
CA MET A 22 -2.82 -2.76 -2.11
C MET A 22 -2.54 -4.06 -2.88
N VAL A 23 -1.26 -4.36 -3.09
CA VAL A 23 -0.89 -5.57 -3.82
C VAL A 23 0.44 -6.14 -3.34
N GLY A 24 0.82 -7.28 -3.93
CA GLY A 24 2.06 -7.94 -3.58
C GLY A 24 1.94 -9.45 -3.60
N LEU A 25 2.45 -10.10 -2.57
CA LEU A 25 2.40 -11.55 -2.49
C LEU A 25 1.03 -11.99 -1.97
N ASP A 26 0.67 -13.25 -2.22
CA ASP A 26 -0.62 -13.78 -1.77
C ASP A 26 -0.61 -14.21 -0.30
N GLY A 27 0.49 -13.93 0.41
CA GLY A 27 0.57 -14.31 1.81
C GLY A 27 1.04 -13.20 2.73
N ALA A 28 1.28 -12.02 2.18
CA ALA A 28 1.76 -10.89 2.97
C ALA A 28 0.72 -10.45 4.02
N GLY A 29 -0.49 -10.20 3.55
CA GLY A 29 -1.56 -9.79 4.46
C GLY A 29 -2.24 -8.51 4.01
N LYS A 30 -2.64 -8.45 2.75
CA LYS A 30 -3.32 -7.28 2.20
C LYS A 30 -4.73 -7.18 2.77
N THR A 31 -5.41 -8.33 2.84
CA THR A 31 -6.78 -8.38 3.35
C THR A 31 -6.81 -8.05 4.84
N THR A 32 -5.81 -8.49 5.58
CA THR A 32 -5.74 -8.26 7.01
C THR A 32 -5.68 -6.77 7.35
N VAL A 33 -4.75 -6.05 6.72
CA VAL A 33 -4.59 -4.61 6.97
C VAL A 33 -5.78 -3.79 6.47
N LEU A 34 -6.15 -4.01 5.22
CA LEU A 34 -7.26 -3.28 4.60
C LEU A 34 -8.52 -3.29 5.47
N TYR A 35 -8.84 -4.44 6.02
CA TYR A 35 -10.03 -4.59 6.85
C TYR A 35 -9.82 -4.00 8.24
N LYS A 36 -8.59 -4.05 8.74
CA LYS A 36 -8.28 -3.53 10.07
C LYS A 36 -8.35 -2.01 10.10
N LEU A 37 -7.74 -1.37 9.11
CA LEU A 37 -7.74 0.08 9.04
C LEU A 37 -9.11 0.60 8.59
N LYS A 38 -9.84 -0.21 7.84
CA LYS A 38 -11.15 0.19 7.33
C LYS A 38 -12.26 -0.18 8.31
N LEU A 39 -12.15 -1.34 8.94
CA LEU A 39 -13.17 -1.80 9.88
C LEU A 39 -12.75 -1.66 11.34
N GLY A 40 -11.46 -1.44 11.58
CA GLY A 40 -10.97 -1.28 12.94
C GLY A 40 -10.85 -2.59 13.71
N GLU A 41 -11.19 -3.71 13.08
CA GLU A 41 -11.11 -5.00 13.74
C GLU A 41 -10.49 -6.06 12.83
N VAL A 42 -9.74 -6.98 13.44
CA VAL A 42 -9.10 -8.05 12.68
C VAL A 42 -10.10 -9.19 12.43
N ILE A 43 -10.21 -9.58 11.17
CA ILE A 43 -11.13 -10.65 10.78
C ILE A 43 -10.40 -11.76 10.03
N THR A 44 -11.13 -12.85 9.76
CA THR A 44 -10.58 -13.98 9.03
C THR A 44 -10.33 -13.60 7.58
N THR A 45 -9.05 -13.61 7.19
CA THR A 45 -8.67 -13.25 5.83
C THR A 45 -8.41 -14.49 4.98
N ILE A 46 -9.13 -14.60 3.87
CA ILE A 46 -8.98 -15.73 2.96
C ILE A 46 -8.42 -15.27 1.62
N PRO A 47 -7.93 -16.20 0.77
CA PRO A 47 -7.37 -15.85 -0.53
C PRO A 47 -8.36 -15.09 -1.41
N THR A 48 -8.07 -13.82 -1.67
CA THR A 48 -8.94 -12.99 -2.49
C THR A 48 -8.68 -13.19 -3.97
N ILE A 49 -9.70 -13.63 -4.70
CA ILE A 49 -9.58 -13.84 -6.14
C ILE A 49 -10.03 -12.60 -6.90
N GLY A 50 -9.09 -11.97 -7.60
CA GLY A 50 -9.41 -10.77 -8.35
C GLY A 50 -8.99 -9.52 -7.60
N PHE A 51 -9.93 -8.59 -7.39
CA PHE A 51 -9.63 -7.35 -6.69
C PHE A 51 -10.76 -7.01 -5.71
N ASN A 52 -10.45 -6.17 -4.73
CA ASN A 52 -11.45 -5.75 -3.75
C ASN A 52 -11.26 -4.30 -3.34
N VAL A 53 -12.22 -3.45 -3.68
CA VAL A 53 -12.16 -2.04 -3.36
C VAL A 53 -12.67 -1.78 -1.94
N GLU A 54 -12.04 -0.83 -1.24
CA GLU A 54 -12.44 -0.51 0.12
C GLU A 54 -12.53 1.01 0.31
N CYS A 55 -13.74 1.48 0.63
CA CYS A 55 -13.96 2.90 0.85
C CYS A 55 -13.71 3.28 2.30
N VAL A 56 -12.62 4.02 2.55
CA VAL A 56 -12.26 4.42 3.90
C VAL A 56 -12.19 5.95 4.02
N GLN A 57 -12.79 6.48 5.07
CA GLN A 57 -12.79 7.92 5.31
C GLN A 57 -11.77 8.26 6.41
N TYR A 58 -10.86 9.18 6.11
CA TYR A 58 -9.84 9.58 7.08
C TYR A 58 -9.42 11.04 6.88
N CYS A 59 -9.48 11.80 7.97
CA CYS A 59 -9.10 13.21 7.96
C CYS A 59 -9.91 13.99 6.91
N ASN A 60 -11.20 13.66 6.83
CA ASN A 60 -12.10 14.30 5.87
C ASN A 60 -11.87 13.81 4.43
N ILE A 61 -10.93 12.88 4.26
CA ILE A 61 -10.62 12.37 2.93
C ILE A 61 -11.15 10.95 2.74
N SER A 62 -11.31 10.57 1.49
CA SER A 62 -11.81 9.24 1.14
C SER A 62 -10.72 8.39 0.53
N PHE A 63 -10.05 7.60 1.35
CA PHE A 63 -8.99 6.73 0.87
C PHE A 63 -9.58 5.46 0.29
N THR A 64 -9.30 5.21 -0.98
CA THR A 64 -9.80 4.01 -1.65
C THR A 64 -8.65 3.02 -1.80
N VAL A 65 -8.79 1.85 -1.18
CA VAL A 65 -7.76 0.83 -1.24
C VAL A 65 -8.27 -0.43 -1.92
N TRP A 66 -7.80 -0.65 -3.15
CA TRP A 66 -8.19 -1.83 -3.91
C TRP A 66 -7.16 -2.92 -3.68
N ASP A 67 -7.61 -4.11 -3.28
CA ASP A 67 -6.69 -5.21 -3.03
C ASP A 67 -6.79 -6.27 -4.12
N VAL A 68 -5.78 -6.31 -4.98
CA VAL A 68 -5.73 -7.29 -6.05
C VAL A 68 -4.94 -8.51 -5.60
N GLY A 69 -5.39 -9.70 -5.95
CA GLY A 69 -4.71 -10.92 -5.57
C GLY A 69 -3.22 -10.87 -5.84
N GLY A 70 -2.43 -11.31 -4.88
CA GLY A 70 -0.98 -11.31 -5.06
C GLY A 70 -0.51 -12.45 -5.93
N GLN A 71 -1.31 -13.51 -6.01
CA GLN A 71 -0.98 -14.69 -6.81
C GLN A 71 -0.44 -14.31 -8.19
N ASP A 72 0.65 -14.99 -8.57
CA ASP A 72 1.30 -14.74 -9.85
C ASP A 72 0.31 -14.77 -11.01
N ARG A 73 -0.56 -15.79 -11.00
CA ARG A 73 -1.56 -15.94 -12.06
C ARG A 73 -2.44 -14.70 -12.16
N ILE A 74 -2.59 -13.97 -11.05
CA ILE A 74 -3.42 -12.77 -11.03
C ILE A 74 -2.57 -11.49 -11.09
N ARG A 75 -1.27 -11.61 -10.83
CA ARG A 75 -0.38 -10.45 -10.85
C ARG A 75 -0.55 -9.62 -12.13
N SER A 76 -0.87 -10.30 -13.23
CA SER A 76 -1.06 -9.62 -14.51
C SER A 76 -2.20 -8.62 -14.43
N LEU A 77 -3.24 -8.96 -13.69
CA LEU A 77 -4.41 -8.10 -13.53
C LEU A 77 -4.04 -6.74 -12.92
N TRP A 78 -2.88 -6.67 -12.28
CA TRP A 78 -2.43 -5.44 -11.64
C TRP A 78 -2.43 -4.26 -12.61
N ARG A 79 -2.32 -4.55 -13.90
CA ARG A 79 -2.30 -3.49 -14.91
C ARG A 79 -3.69 -3.29 -15.51
N HIS A 80 -4.73 -3.58 -14.73
CA HIS A 80 -6.10 -3.43 -15.21
C HIS A 80 -6.95 -2.64 -14.21
N TYR A 81 -6.77 -2.91 -12.92
CA TYR A 81 -7.55 -2.22 -11.89
C TYR A 81 -6.72 -1.16 -11.14
N TYR A 82 -5.43 -1.04 -11.45
CA TYR A 82 -4.57 -0.06 -10.79
C TYR A 82 -4.69 1.35 -11.39
N CYS A 83 -5.67 1.57 -12.27
CA CYS A 83 -5.86 2.87 -12.89
C CYS A 83 -6.31 3.93 -11.88
N ASN A 84 -5.77 5.14 -12.03
CA ASN A 84 -6.11 6.28 -11.16
C ASN A 84 -5.50 6.18 -9.76
N THR A 85 -4.74 5.12 -9.48
CA THR A 85 -4.11 4.97 -8.17
C THR A 85 -3.04 6.04 -7.97
N GLU A 86 -3.16 6.82 -6.90
CA GLU A 86 -2.20 7.87 -6.62
C GLU A 86 -1.06 7.35 -5.77
N GLY A 87 -1.32 6.32 -4.97
CA GLY A 87 -0.31 5.72 -4.12
C GLY A 87 -0.64 4.29 -3.80
N VAL A 88 0.20 3.35 -4.24
CA VAL A 88 -0.06 1.94 -4.01
C VAL A 88 0.85 1.38 -2.92
N ILE A 89 0.23 0.83 -1.89
CA ILE A 89 0.95 0.26 -0.77
C ILE A 89 1.23 -1.22 -1.01
N PHE A 90 2.43 -1.67 -0.64
CA PHE A 90 2.82 -3.07 -0.86
C PHE A 90 3.00 -3.80 0.48
N VAL A 91 2.43 -5.00 0.55
CA VAL A 91 2.54 -5.81 1.75
C VAL A 91 3.61 -6.89 1.60
N VAL A 92 4.64 -6.81 2.42
CA VAL A 92 5.74 -7.77 2.38
C VAL A 92 5.89 -8.48 3.71
N ASP A 93 5.78 -9.81 3.68
CA ASP A 93 5.92 -10.60 4.90
C ASP A 93 7.32 -10.40 5.49
N SER A 94 7.37 -10.00 6.76
CA SER A 94 8.64 -9.78 7.44
C SER A 94 9.20 -11.07 8.01
N ASN A 95 8.30 -11.94 8.48
CA ASN A 95 8.71 -13.22 9.06
C ASN A 95 8.93 -14.31 8.00
N ASP A 96 8.69 -13.99 6.73
CA ASP A 96 8.88 -14.96 5.67
C ASP A 96 10.10 -14.61 4.82
N ARG A 97 11.27 -14.94 5.33
CA ARG A 97 12.53 -14.66 4.64
C ARG A 97 12.66 -15.50 3.38
N SER A 98 12.02 -16.67 3.38
CA SER A 98 12.09 -17.56 2.23
C SER A 98 11.63 -16.86 0.96
N ARG A 99 10.50 -16.16 1.02
CA ARG A 99 9.96 -15.47 -0.14
C ARG A 99 10.37 -13.99 -0.18
N ILE A 100 11.10 -13.52 0.84
CA ILE A 100 11.53 -12.13 0.92
C ILE A 100 12.05 -11.57 -0.42
N GLY A 101 12.54 -12.44 -1.30
CA GLY A 101 13.03 -11.97 -2.59
C GLY A 101 11.92 -11.84 -3.60
N GLU A 102 10.90 -12.68 -3.46
CA GLU A 102 9.76 -12.65 -4.35
C GLU A 102 9.02 -11.32 -4.20
N ALA A 103 8.91 -10.85 -2.96
CA ALA A 103 8.25 -9.59 -2.68
C ALA A 103 9.06 -8.42 -3.23
N ARG A 104 10.37 -8.47 -3.01
CA ARG A 104 11.26 -7.42 -3.50
C ARG A 104 11.32 -7.39 -5.02
N GLU A 105 11.48 -8.55 -5.63
CA GLU A 105 11.56 -8.65 -7.08
C GLU A 105 10.27 -8.20 -7.77
N VAL A 106 9.13 -8.55 -7.19
CA VAL A 106 7.85 -8.16 -7.78
C VAL A 106 7.69 -6.65 -7.76
N MET A 107 8.23 -6.01 -6.72
CA MET A 107 8.16 -4.56 -6.60
C MET A 107 8.92 -3.87 -7.73
N GLN A 108 10.14 -4.34 -7.99
CA GLN A 108 10.99 -3.77 -9.02
C GLN A 108 10.30 -3.78 -10.38
N ARG A 109 9.64 -4.89 -10.70
CA ARG A 109 8.93 -5.02 -11.97
C ARG A 109 7.76 -4.03 -12.01
N MET A 110 7.15 -3.85 -10.85
CA MET A 110 6.02 -2.94 -10.71
C MET A 110 6.48 -1.49 -10.87
N LEU A 111 7.52 -1.13 -10.13
CA LEU A 111 8.06 0.23 -10.17
C LEU A 111 8.87 0.49 -11.45
N ASN A 112 9.23 -0.57 -12.17
CA ASN A 112 10.00 -0.42 -13.39
C ASN A 112 9.10 -0.17 -14.60
N GLU A 113 7.78 -0.28 -14.41
CA GLU A 113 6.83 -0.07 -15.51
C GLU A 113 6.58 1.41 -15.77
N ASP A 114 6.60 1.79 -17.03
CA ASP A 114 6.36 3.17 -17.43
C ASP A 114 4.94 3.59 -17.09
N GLU A 115 4.04 2.61 -17.15
CA GLU A 115 2.62 2.87 -16.85
C GLU A 115 2.39 3.11 -15.36
N LEU A 116 3.41 2.86 -14.54
CA LEU A 116 3.28 3.06 -13.10
C LEU A 116 4.40 3.93 -12.54
N CYS A 117 5.02 4.74 -13.38
CA CYS A 117 6.10 5.61 -12.94
C CYS A 117 5.57 6.82 -12.16
N ASN A 118 4.24 6.94 -12.04
CA ASN A 118 3.64 8.05 -11.30
C ASN A 118 2.92 7.57 -10.04
N ALA A 119 2.91 6.26 -9.79
CA ALA A 119 2.24 5.72 -8.61
C ALA A 119 3.22 5.53 -7.46
N ALA A 120 2.72 5.72 -6.25
CA ALA A 120 3.56 5.60 -5.05
C ALA A 120 3.84 4.15 -4.69
N TRP A 121 4.72 3.95 -3.71
CA TRP A 121 5.09 2.61 -3.28
C TRP A 121 5.41 2.56 -1.79
N LEU A 122 4.37 2.50 -0.96
CA LEU A 122 4.56 2.42 0.49
C LEU A 122 4.51 0.96 0.94
N VAL A 123 5.61 0.43 1.42
CA VAL A 123 5.65 -0.96 1.87
C VAL A 123 5.55 -1.08 3.38
N PHE A 124 4.94 -2.17 3.85
CA PHE A 124 4.77 -2.42 5.27
C PHE A 124 5.12 -3.85 5.62
N ALA A 125 6.15 -4.04 6.44
CA ALA A 125 6.56 -5.38 6.86
C ALA A 125 5.43 -6.03 7.66
N ASN A 126 4.74 -6.98 7.03
CA ASN A 126 3.62 -7.66 7.68
C ASN A 126 4.11 -8.72 8.65
N LYS A 127 3.20 -9.19 9.51
CA LYS A 127 3.50 -10.23 10.49
C LYS A 127 4.49 -9.72 11.55
N GLN A 128 4.57 -8.41 11.73
CA GLN A 128 5.49 -7.86 12.73
C GLN A 128 5.12 -8.33 14.13
N ASP A 129 3.85 -8.63 14.34
CA ASP A 129 3.35 -9.06 15.64
C ASP A 129 3.93 -10.43 16.04
N LEU A 130 4.28 -11.23 15.05
CA LEU A 130 4.84 -12.55 15.32
C LEU A 130 6.13 -12.45 16.15
N PRO A 131 6.29 -13.27 17.21
CA PRO A 131 7.47 -13.25 18.06
C PRO A 131 8.77 -13.29 17.25
N GLU A 132 8.72 -13.91 16.08
CA GLU A 132 9.89 -14.03 15.23
C GLU A 132 9.90 -12.96 14.14
N ALA A 133 9.25 -11.83 14.42
CA ALA A 133 9.19 -10.73 13.46
C ALA A 133 10.57 -10.10 13.26
N MET A 134 10.99 -10.03 12.00
CA MET A 134 12.29 -9.46 11.67
C MET A 134 12.36 -7.98 12.06
N SER A 135 13.58 -7.45 12.09
CA SER A 135 13.78 -6.05 12.45
C SER A 135 13.57 -5.18 11.22
N ALA A 136 13.31 -3.89 11.45
CA ALA A 136 13.10 -2.96 10.35
C ALA A 136 14.35 -2.76 9.54
N ALA A 137 15.48 -2.66 10.23
CA ALA A 137 16.77 -2.47 9.56
C ALA A 137 17.07 -3.61 8.60
N GLU A 138 16.60 -4.80 8.92
CA GLU A 138 16.84 -5.97 8.07
C GLU A 138 15.96 -5.93 6.81
N ILE A 139 14.67 -5.72 6.99
CA ILE A 139 13.75 -5.67 5.84
C ILE A 139 14.17 -4.58 4.85
N THR A 140 14.60 -3.44 5.39
CA THR A 140 15.02 -2.32 4.57
C THR A 140 16.30 -2.64 3.80
N GLU A 141 17.31 -3.13 4.52
CA GLU A 141 18.59 -3.45 3.89
C GLU A 141 18.42 -4.46 2.74
N LYS A 142 17.82 -5.61 3.03
CA LYS A 142 17.61 -6.65 2.03
C LYS A 142 16.85 -6.11 0.81
N LEU A 143 15.98 -5.13 1.04
CA LEU A 143 15.21 -4.55 -0.05
C LEU A 143 15.97 -3.44 -0.77
N GLY A 144 17.20 -3.16 -0.33
CA GLY A 144 17.99 -2.12 -0.96
C GLY A 144 17.36 -0.75 -0.83
N LEU A 145 16.73 -0.50 0.31
CA LEU A 145 16.08 0.77 0.57
C LEU A 145 17.04 1.96 0.45
N HIS A 146 18.24 1.82 0.99
CA HIS A 146 19.23 2.88 0.93
C HIS A 146 19.80 3.05 -0.47
N SER A 147 19.80 1.96 -1.24
CA SER A 147 20.32 1.98 -2.60
C SER A 147 19.26 2.42 -3.61
N ILE A 148 18.00 2.48 -3.18
CA ILE A 148 16.92 2.88 -4.07
C ILE A 148 16.43 4.30 -3.78
N ARG A 149 16.75 5.20 -4.69
CA ARG A 149 16.37 6.61 -4.57
C ARG A 149 15.83 7.15 -5.89
N ASN A 150 15.28 6.26 -6.72
CA ASN A 150 14.72 6.65 -8.01
C ASN A 150 13.19 6.54 -8.03
N ARG A 151 12.62 5.96 -6.98
CA ARG A 151 11.17 5.82 -6.88
C ARG A 151 10.70 6.12 -5.45
N PRO A 152 9.62 6.90 -5.29
CA PRO A 152 9.11 7.25 -3.95
C PRO A 152 8.54 6.05 -3.21
N TRP A 153 9.36 5.43 -2.36
CA TRP A 153 8.91 4.27 -1.59
C TRP A 153 9.47 4.30 -0.16
N PHE A 154 8.66 3.84 0.79
CA PHE A 154 9.05 3.82 2.19
C PHE A 154 8.61 2.52 2.87
N ILE A 155 9.32 2.14 3.93
CA ILE A 155 9.00 0.91 4.67
C ILE A 155 8.65 1.21 6.13
N GLN A 156 7.55 0.63 6.58
CA GLN A 156 7.10 0.83 7.96
C GLN A 156 6.69 -0.51 8.61
N ALA A 157 7.05 -0.68 9.87
CA ALA A 157 6.69 -1.89 10.59
C ALA A 157 5.19 -1.90 10.85
N THR A 158 4.51 -2.98 10.43
CA THR A 158 3.06 -3.06 10.60
C THR A 158 2.60 -4.38 11.21
N CYS A 159 1.61 -4.26 12.10
CA CYS A 159 1.01 -5.41 12.77
C CYS A 159 -0.50 -5.33 12.58
N ALA A 160 -1.02 -6.13 11.66
CA ALA A 160 -2.43 -6.14 11.36
C ALA A 160 -3.24 -6.83 12.45
N THR A 161 -2.65 -7.85 13.08
CA THR A 161 -3.36 -8.58 14.14
C THR A 161 -3.92 -7.63 15.19
N SER A 162 -3.17 -6.57 15.48
CA SER A 162 -3.59 -5.58 16.48
C SER A 162 -3.99 -4.28 15.79
N GLY A 163 -3.26 -3.92 14.73
CA GLY A 163 -3.54 -2.70 14.01
C GLY A 163 -2.61 -1.56 14.36
N GLU A 164 -1.59 -1.83 15.18
CA GLU A 164 -0.64 -0.80 15.57
C GLU A 164 0.23 -0.37 14.39
N GLY A 165 0.46 0.94 14.27
CA GLY A 165 1.28 1.46 13.19
C GLY A 165 0.53 1.66 11.87
N LEU A 166 -0.63 1.02 11.74
CA LEU A 166 -1.41 1.13 10.51
C LEU A 166 -1.91 2.55 10.29
N TYR A 167 -2.34 3.19 11.37
CA TYR A 167 -2.84 4.55 11.28
C TYR A 167 -1.73 5.50 10.82
N GLU A 168 -0.54 5.33 11.37
CA GLU A 168 0.60 6.17 11.02
C GLU A 168 0.89 6.11 9.52
N GLY A 169 0.76 4.93 8.93
CA GLY A 169 1.02 4.78 7.51
C GLY A 169 0.12 5.63 6.65
N LEU A 170 -1.17 5.63 6.97
CA LEU A 170 -2.13 6.42 6.22
C LEU A 170 -1.88 7.91 6.37
N GLU A 171 -1.29 8.30 7.51
CA GLU A 171 -1.01 9.70 7.78
C GLU A 171 0.16 10.21 6.93
N TRP A 172 1.19 9.37 6.79
CA TRP A 172 2.36 9.74 5.99
C TRP A 172 2.00 9.86 4.52
N LEU A 173 1.15 8.95 4.04
CA LEU A 173 0.73 8.93 2.65
C LEU A 173 -0.14 10.15 2.33
N SER A 174 -0.92 10.59 3.30
CA SER A 174 -1.80 11.75 3.11
C SER A 174 -1.01 13.05 3.13
N ASN A 175 0.08 13.07 3.88
CA ASN A 175 0.93 14.25 4.00
C ASN A 175 1.78 14.47 2.74
N CYS A 176 2.15 13.37 2.10
CA CYS A 176 3.00 13.44 0.91
C CYS A 176 2.30 14.02 -0.30
N LEU A 177 0.97 13.90 -0.40
CA LEU A 177 0.24 14.42 -1.54
C LEU A 177 -0.19 15.84 -1.28
N LYS A 178 -1.01 16.04 -0.22
CA LYS A 178 -1.53 17.37 0.12
C LYS A 178 -1.99 18.09 -1.15
N ASN A 179 -2.47 17.28 -2.11
CA ASN A 179 -2.94 17.78 -3.41
C ASN A 179 -3.63 19.14 -3.33
N SER A 180 -4.45 19.35 -2.31
CA SER A 180 -5.15 20.61 -2.14
C SER A 180 -5.50 20.84 -0.67
N THR A 181 -6.06 19.82 -0.03
CA THR A 181 -6.44 19.91 1.38
C THR A 181 -6.09 18.63 2.12
N GLY A 2 -19.05 30.35 -17.37
CA GLY A 2 -18.67 30.93 -16.10
C GLY A 2 -19.35 30.23 -14.92
N LEU A 3 -20.61 29.89 -15.10
CA LEU A 3 -21.37 29.20 -14.06
C LEU A 3 -20.85 27.78 -13.88
N PHE A 4 -20.71 27.07 -14.99
CA PHE A 4 -20.22 25.69 -14.96
C PHE A 4 -18.76 25.64 -14.53
N ALA A 5 -17.94 26.53 -15.08
CA ALA A 5 -16.52 26.56 -14.75
C ALA A 5 -16.30 26.73 -13.24
N SER A 6 -16.83 27.80 -12.68
CA SER A 6 -16.70 28.10 -11.26
C SER A 6 -17.14 26.91 -10.40
N LYS A 7 -18.16 26.19 -10.87
CA LYS A 7 -18.66 25.04 -10.13
C LYS A 7 -17.62 23.93 -10.11
N LEU A 8 -17.11 23.58 -11.29
CA LEU A 8 -16.11 22.54 -11.43
C LEU A 8 -14.89 22.81 -10.53
N PHE A 9 -14.64 24.09 -10.24
CA PHE A 9 -13.54 24.48 -9.39
C PHE A 9 -13.88 24.24 -7.92
N SER A 10 -15.17 24.42 -7.59
CA SER A 10 -15.65 24.23 -6.24
C SER A 10 -15.43 22.79 -5.76
N ASN A 11 -15.56 21.84 -6.68
CA ASN A 11 -15.36 20.43 -6.34
C ASN A 11 -13.93 20.17 -5.87
N LEU A 12 -13.00 21.02 -6.31
CA LEU A 12 -11.60 20.87 -5.93
C LEU A 12 -11.37 21.34 -4.50
N PHE A 13 -12.17 22.31 -4.05
CA PHE A 13 -12.05 22.85 -2.70
C PHE A 13 -13.24 22.42 -1.85
N GLY A 14 -13.78 21.24 -2.15
CA GLY A 14 -14.93 20.74 -1.40
C GLY A 14 -14.76 19.28 -1.00
N ASN A 15 -14.40 18.45 -1.96
CA ASN A 15 -14.21 17.03 -1.72
C ASN A 15 -12.73 16.67 -1.73
N LYS A 16 -12.37 15.60 -1.02
CA LYS A 16 -10.98 15.16 -0.95
C LYS A 16 -10.91 13.63 -0.85
N GLU A 17 -10.38 13.00 -1.88
CA GLU A 17 -10.26 11.54 -1.90
C GLU A 17 -8.96 11.11 -2.59
N MET A 18 -8.24 10.20 -1.95
CA MET A 18 -6.98 9.70 -2.50
C MET A 18 -7.16 8.30 -3.08
N ARG A 19 -6.42 8.01 -4.14
CA ARG A 19 -6.49 6.71 -4.78
C ARG A 19 -5.33 5.83 -4.35
N ILE A 20 -5.64 4.67 -3.76
CA ILE A 20 -4.63 3.76 -3.28
C ILE A 20 -4.88 2.32 -3.76
N LEU A 21 -3.79 1.55 -3.86
CA LEU A 21 -3.86 0.17 -4.30
C LEU A 21 -3.03 -0.72 -3.38
N MET A 22 -3.52 -1.94 -3.13
CA MET A 22 -2.82 -2.90 -2.28
C MET A 22 -2.24 -4.02 -3.14
N VAL A 23 -0.92 -4.06 -3.26
CA VAL A 23 -0.26 -5.09 -4.06
C VAL A 23 0.77 -5.87 -3.26
N GLY A 24 0.84 -7.18 -3.50
CA GLY A 24 1.80 -8.01 -2.81
C GLY A 24 1.61 -9.50 -3.06
N LEU A 25 2.31 -10.32 -2.29
CA LEU A 25 2.24 -11.77 -2.42
C LEU A 25 0.89 -12.28 -1.90
N ASP A 26 0.55 -13.52 -2.25
CA ASP A 26 -0.71 -14.12 -1.82
C ASP A 26 -0.69 -14.52 -0.34
N GLY A 27 0.43 -14.31 0.35
CA GLY A 27 0.51 -14.68 1.75
C GLY A 27 0.98 -13.56 2.66
N ALA A 28 1.19 -12.36 2.11
CA ALA A 28 1.66 -11.23 2.90
C ALA A 28 0.63 -10.79 3.92
N GLY A 29 -0.60 -10.53 3.46
CA GLY A 29 -1.66 -10.12 4.37
C GLY A 29 -2.31 -8.81 3.96
N LYS A 30 -2.58 -8.65 2.66
CA LYS A 30 -3.21 -7.44 2.16
C LYS A 30 -4.64 -7.33 2.69
N THR A 31 -5.32 -8.46 2.77
CA THR A 31 -6.70 -8.50 3.25
C THR A 31 -6.77 -8.12 4.73
N THR A 32 -5.77 -8.55 5.49
CA THR A 32 -5.72 -8.27 6.92
C THR A 32 -5.68 -6.76 7.21
N VAL A 33 -4.72 -6.07 6.59
CA VAL A 33 -4.56 -4.64 6.78
C VAL A 33 -5.72 -3.83 6.22
N LEU A 34 -6.06 -4.07 4.95
CA LEU A 34 -7.14 -3.36 4.28
C LEU A 34 -8.44 -3.39 5.09
N TYR A 35 -8.78 -4.56 5.60
CA TYR A 35 -10.00 -4.71 6.38
C TYR A 35 -9.85 -4.17 7.80
N LYS A 36 -8.63 -4.21 8.33
CA LYS A 36 -8.38 -3.72 9.68
C LYS A 36 -8.51 -2.19 9.75
N LEU A 37 -7.87 -1.51 8.80
CA LEU A 37 -7.94 -0.06 8.77
C LEU A 37 -9.30 0.42 8.27
N LYS A 38 -9.97 -0.39 7.48
CA LYS A 38 -11.28 -0.02 6.94
C LYS A 38 -12.41 -0.44 7.88
N LEU A 39 -12.29 -1.60 8.49
CA LEU A 39 -13.33 -2.11 9.38
C LEU A 39 -12.95 -1.98 10.86
N GLY A 40 -11.67 -1.73 11.15
CA GLY A 40 -11.23 -1.57 12.53
C GLY A 40 -11.02 -2.89 13.26
N GLU A 41 -11.32 -4.02 12.60
CA GLU A 41 -11.15 -5.31 13.24
C GLU A 41 -10.52 -6.32 12.29
N VAL A 42 -9.70 -7.22 12.84
CA VAL A 42 -9.05 -8.24 12.04
C VAL A 42 -10.00 -9.41 11.79
N ILE A 43 -10.09 -9.83 10.55
CA ILE A 43 -10.97 -10.94 10.16
C ILE A 43 -10.18 -12.08 9.54
N THR A 44 -10.87 -13.19 9.33
CA THR A 44 -10.25 -14.38 8.72
C THR A 44 -9.87 -14.08 7.28
N THR A 45 -8.57 -14.19 6.99
CA THR A 45 -8.08 -13.93 5.64
C THR A 45 -8.00 -15.22 4.84
N ILE A 46 -8.20 -15.11 3.53
CA ILE A 46 -8.14 -16.27 2.64
C ILE A 46 -7.64 -15.86 1.26
N PRO A 47 -7.25 -16.83 0.42
CA PRO A 47 -6.75 -16.52 -0.94
C PRO A 47 -7.77 -15.74 -1.76
N THR A 48 -7.47 -14.46 -1.98
CA THR A 48 -8.38 -13.60 -2.74
C THR A 48 -8.00 -13.57 -4.22
N ILE A 49 -8.96 -13.93 -5.07
CA ILE A 49 -8.75 -13.92 -6.51
C ILE A 49 -9.62 -12.84 -7.16
N GLY A 50 -9.01 -11.69 -7.44
CA GLY A 50 -9.72 -10.58 -8.04
C GLY A 50 -9.32 -9.26 -7.40
N PHE A 51 -10.29 -8.37 -7.19
CA PHE A 51 -10.00 -7.08 -6.57
C PHE A 51 -11.08 -6.72 -5.54
N ASN A 52 -10.73 -5.87 -4.58
CA ASN A 52 -11.68 -5.46 -3.56
C ASN A 52 -11.40 -4.02 -3.13
N VAL A 53 -12.35 -3.12 -3.42
CA VAL A 53 -12.21 -1.72 -3.06
C VAL A 53 -12.68 -1.49 -1.63
N GLU A 54 -12.06 -0.52 -0.96
CA GLU A 54 -12.41 -0.19 0.42
C GLU A 54 -12.51 1.33 0.60
N CYS A 55 -13.71 1.78 0.95
CA CYS A 55 -13.95 3.20 1.17
C CYS A 55 -13.80 3.56 2.65
N VAL A 56 -12.76 4.32 2.97
CA VAL A 56 -12.51 4.73 4.34
C VAL A 56 -12.31 6.25 4.44
N GLN A 57 -12.85 6.84 5.49
CA GLN A 57 -12.71 8.28 5.71
C GLN A 57 -11.58 8.56 6.67
N TYR A 58 -10.61 9.38 6.26
CA TYR A 58 -9.47 9.69 7.11
C TYR A 58 -9.05 11.16 6.95
N CYS A 59 -9.17 11.90 8.04
CA CYS A 59 -8.80 13.31 8.09
C CYS A 59 -9.61 14.12 7.07
N ASN A 60 -10.91 13.83 6.98
CA ASN A 60 -11.81 14.51 6.04
C ASN A 60 -11.61 14.01 4.60
N ILE A 61 -10.67 13.08 4.40
CA ILE A 61 -10.41 12.58 3.06
C ILE A 61 -11.04 11.20 2.85
N SER A 62 -11.30 10.88 1.59
CA SER A 62 -11.88 9.61 1.22
C SER A 62 -10.83 8.71 0.59
N PHE A 63 -10.12 7.97 1.42
CA PHE A 63 -9.07 7.07 0.95
C PHE A 63 -9.67 5.81 0.36
N THR A 64 -9.39 5.57 -0.90
CA THR A 64 -9.87 4.38 -1.58
C THR A 64 -8.74 3.39 -1.73
N VAL A 65 -8.84 2.25 -1.05
CA VAL A 65 -7.80 1.24 -1.09
C VAL A 65 -8.33 -0.06 -1.69
N TRP A 66 -7.91 -0.34 -2.92
CA TRP A 66 -8.32 -1.56 -3.60
C TRP A 66 -7.28 -2.63 -3.36
N ASP A 67 -7.71 -3.83 -2.96
CA ASP A 67 -6.78 -4.91 -2.69
C ASP A 67 -6.92 -6.03 -3.71
N VAL A 68 -5.94 -6.17 -4.58
CA VAL A 68 -5.96 -7.22 -5.58
C VAL A 68 -5.19 -8.43 -5.06
N GLY A 69 -5.68 -9.62 -5.38
CA GLY A 69 -5.03 -10.84 -4.92
C GLY A 69 -3.55 -10.89 -5.22
N GLY A 70 -2.78 -11.54 -4.34
CA GLY A 70 -1.35 -11.66 -4.55
C GLY A 70 -0.99 -12.89 -5.36
N GLN A 71 -1.66 -13.05 -6.50
CA GLN A 71 -1.42 -14.19 -7.36
C GLN A 71 -0.83 -13.76 -8.70
N ASP A 72 0.33 -14.30 -9.01
CA ASP A 72 1.04 -13.98 -10.25
C ASP A 72 0.11 -14.12 -11.47
N ARG A 73 -0.68 -15.18 -11.49
CA ARG A 73 -1.61 -15.42 -12.60
C ARG A 73 -2.56 -14.24 -12.78
N ILE A 74 -3.15 -13.80 -11.68
CA ILE A 74 -4.08 -12.66 -11.73
C ILE A 74 -3.35 -11.32 -11.61
N ARG A 75 -2.04 -11.35 -11.36
CA ARG A 75 -1.25 -10.13 -11.24
C ARG A 75 -1.48 -9.20 -12.44
N SER A 76 -1.82 -9.78 -13.58
CA SER A 76 -2.06 -9.01 -14.80
C SER A 76 -3.17 -7.97 -14.59
N LEU A 77 -4.04 -8.21 -13.60
CA LEU A 77 -5.15 -7.30 -13.31
C LEU A 77 -4.69 -6.03 -12.60
N TRP A 78 -3.41 -5.95 -12.22
CA TRP A 78 -2.89 -4.79 -11.51
C TRP A 78 -2.76 -3.58 -12.43
N ARG A 79 -2.51 -3.82 -13.72
CA ARG A 79 -2.35 -2.74 -14.68
C ARG A 79 -3.56 -2.64 -15.61
N HIS A 80 -4.72 -3.07 -15.14
CA HIS A 80 -5.93 -3.01 -15.96
C HIS A 80 -7.19 -2.84 -15.11
N TYR A 81 -7.04 -2.40 -13.86
CA TYR A 81 -8.20 -2.21 -12.99
C TYR A 81 -8.16 -0.87 -12.23
N TYR A 82 -7.08 -0.10 -12.37
CA TYR A 82 -6.98 1.19 -11.69
C TYR A 82 -6.64 2.31 -12.67
N CYS A 83 -5.39 2.33 -13.13
CA CYS A 83 -4.94 3.35 -14.07
C CYS A 83 -5.13 4.76 -13.49
N ASN A 84 -5.23 4.86 -12.16
CA ASN A 84 -5.41 6.16 -11.51
C ASN A 84 -5.08 6.09 -10.02
N THR A 85 -4.17 5.18 -9.65
CA THR A 85 -3.76 5.03 -8.26
C THR A 85 -2.77 6.12 -7.90
N GLU A 86 -3.01 6.82 -6.81
CA GLU A 86 -2.12 7.89 -6.38
C GLU A 86 -0.95 7.34 -5.55
N GLY A 87 -1.21 6.29 -4.78
CA GLY A 87 -0.17 5.68 -3.98
C GLY A 87 -0.54 4.28 -3.57
N VAL A 88 0.32 3.32 -3.86
CA VAL A 88 0.05 1.92 -3.52
C VAL A 88 0.90 1.48 -2.33
N ILE A 89 0.48 0.42 -1.66
CA ILE A 89 1.20 -0.09 -0.50
C ILE A 89 1.59 -1.56 -0.72
N PHE A 90 2.88 -1.84 -0.62
CA PHE A 90 3.39 -3.19 -0.82
C PHE A 90 3.56 -3.93 0.50
N VAL A 91 2.99 -5.14 0.56
CA VAL A 91 3.07 -5.97 1.76
C VAL A 91 4.30 -6.85 1.75
N VAL A 92 5.18 -6.66 2.73
CA VAL A 92 6.39 -7.46 2.83
C VAL A 92 6.40 -8.25 4.13
N ASP A 93 6.36 -9.57 4.04
CA ASP A 93 6.38 -10.40 5.23
C ASP A 93 7.65 -10.17 6.03
N SER A 94 7.49 -9.92 7.33
CA SER A 94 8.63 -9.66 8.20
C SER A 94 9.20 -10.97 8.74
N ASN A 95 8.32 -11.86 9.17
CA ASN A 95 8.75 -13.14 9.73
C ASN A 95 8.90 -14.23 8.66
N ASP A 96 8.66 -13.90 7.39
CA ASP A 96 8.79 -14.87 6.31
C ASP A 96 9.99 -14.54 5.43
N ARG A 97 11.17 -14.86 5.94
CA ARG A 97 12.43 -14.60 5.24
C ARG A 97 12.54 -15.46 3.99
N SER A 98 11.91 -16.62 4.00
CA SER A 98 11.97 -17.53 2.86
C SER A 98 11.51 -16.86 1.58
N ARG A 99 10.36 -16.18 1.64
CA ARG A 99 9.82 -15.50 0.47
C ARG A 99 10.24 -14.04 0.39
N ILE A 100 10.99 -13.56 1.38
CA ILE A 100 11.44 -12.16 1.43
C ILE A 100 11.97 -11.66 0.08
N GLY A 101 12.45 -12.56 -0.78
CA GLY A 101 12.96 -12.16 -2.07
C GLY A 101 11.84 -12.03 -3.09
N GLU A 102 10.81 -12.87 -2.92
CA GLU A 102 9.66 -12.84 -3.82
C GLU A 102 9.02 -11.45 -3.79
N ALA A 103 8.72 -10.97 -2.60
CA ALA A 103 8.13 -9.64 -2.43
C ALA A 103 9.05 -8.58 -3.03
N ARG A 104 10.35 -8.71 -2.74
CA ARG A 104 11.33 -7.76 -3.25
C ARG A 104 11.34 -7.74 -4.78
N GLU A 105 11.49 -8.92 -5.39
CA GLU A 105 11.54 -9.02 -6.85
C GLU A 105 10.23 -8.55 -7.50
N VAL A 106 9.10 -8.87 -6.87
CA VAL A 106 7.81 -8.46 -7.41
C VAL A 106 7.71 -6.94 -7.45
N MET A 107 8.33 -6.29 -6.46
CA MET A 107 8.32 -4.84 -6.37
C MET A 107 9.02 -4.24 -7.58
N GLN A 108 10.20 -4.78 -7.92
CA GLN A 108 10.99 -4.29 -9.06
C GLN A 108 10.16 -4.28 -10.34
N ARG A 109 9.40 -5.34 -10.57
CA ARG A 109 8.57 -5.43 -11.77
C ARG A 109 7.57 -4.27 -11.81
N MET A 110 7.02 -3.96 -10.65
CA MET A 110 6.07 -2.87 -10.53
C MET A 110 6.77 -1.54 -10.72
N LEU A 111 7.99 -1.44 -10.18
CA LEU A 111 8.78 -0.22 -10.27
C LEU A 111 9.34 -0.01 -11.69
N ASN A 112 9.43 -1.07 -12.47
CA ASN A 112 9.94 -0.96 -13.83
C ASN A 112 8.83 -0.78 -14.85
N GLU A 113 7.57 -0.81 -14.41
CA GLU A 113 6.45 -0.65 -15.33
C GLU A 113 6.16 0.82 -15.62
N ASP A 114 6.11 1.15 -16.90
CA ASP A 114 5.85 2.52 -17.33
C ASP A 114 4.44 2.93 -16.91
N GLU A 115 3.54 1.96 -16.90
CA GLU A 115 2.15 2.21 -16.52
C GLU A 115 2.01 2.49 -15.03
N LEU A 116 3.07 2.24 -14.26
CA LEU A 116 3.04 2.47 -12.82
C LEU A 116 4.18 3.36 -12.37
N CYS A 117 4.80 4.10 -13.29
CA CYS A 117 5.89 5.01 -12.94
C CYS A 117 5.37 6.28 -12.27
N ASN A 118 4.05 6.43 -12.15
CA ASN A 118 3.47 7.59 -11.51
C ASN A 118 2.78 7.22 -10.20
N ALA A 119 2.72 5.93 -9.88
CA ALA A 119 2.07 5.47 -8.65
C ALA A 119 3.10 5.33 -7.53
N ALA A 120 2.65 5.56 -6.31
CA ALA A 120 3.52 5.47 -5.15
C ALA A 120 3.62 4.05 -4.62
N TRP A 121 4.55 3.82 -3.69
CA TRP A 121 4.73 2.48 -3.13
C TRP A 121 5.13 2.53 -1.65
N LEU A 122 4.19 2.21 -0.78
CA LEU A 122 4.44 2.20 0.65
C LEU A 122 4.61 0.77 1.13
N VAL A 123 5.81 0.45 1.59
CA VAL A 123 6.12 -0.89 2.07
C VAL A 123 5.97 -0.97 3.58
N PHE A 124 5.32 -2.03 4.05
CA PHE A 124 5.14 -2.22 5.48
C PHE A 124 5.42 -3.66 5.88
N ALA A 125 6.44 -3.85 6.70
CA ALA A 125 6.81 -5.18 7.16
C ALA A 125 5.66 -5.83 7.93
N ASN A 126 5.00 -6.78 7.30
CA ASN A 126 3.87 -7.47 7.91
C ASN A 126 4.34 -8.54 8.89
N LYS A 127 3.41 -9.04 9.69
CA LYS A 127 3.70 -10.07 10.68
C LYS A 127 4.71 -9.59 11.73
N GLN A 128 4.81 -8.28 11.91
CA GLN A 128 5.76 -7.75 12.91
C GLN A 128 5.39 -8.24 14.31
N ASP A 129 4.11 -8.54 14.52
CA ASP A 129 3.64 -9.00 15.83
C ASP A 129 4.22 -10.37 16.18
N LEU A 130 4.69 -11.11 15.18
CA LEU A 130 5.26 -12.43 15.42
C LEU A 130 6.56 -12.32 16.22
N PRO A 131 6.75 -13.17 17.26
CA PRO A 131 7.96 -13.14 18.10
C PRO A 131 9.24 -13.14 17.26
N GLU A 132 9.18 -13.76 16.09
CA GLU A 132 10.33 -13.83 15.20
C GLU A 132 10.25 -12.79 14.09
N ALA A 133 9.52 -11.71 14.35
CA ALA A 133 9.38 -10.63 13.37
C ALA A 133 10.72 -9.96 13.09
N MET A 134 11.05 -9.80 11.81
CA MET A 134 12.31 -9.18 11.42
C MET A 134 12.33 -7.70 11.75
N SER A 135 13.53 -7.16 11.94
CA SER A 135 13.70 -5.75 12.25
C SER A 135 13.57 -4.89 11.00
N ALA A 136 13.31 -3.60 11.18
CA ALA A 136 13.16 -2.69 10.06
C ALA A 136 14.46 -2.51 9.30
N ALA A 137 15.57 -2.64 10.01
CA ALA A 137 16.89 -2.48 9.39
C ALA A 137 17.22 -3.61 8.43
N GLU A 138 16.78 -4.83 8.74
CA GLU A 138 17.07 -5.98 7.89
C GLU A 138 16.18 -5.98 6.65
N ILE A 139 14.87 -5.80 6.84
CA ILE A 139 13.93 -5.79 5.74
C ILE A 139 14.26 -4.67 4.75
N THR A 140 14.58 -3.50 5.27
CA THR A 140 14.92 -2.35 4.43
C THR A 140 16.24 -2.58 3.70
N GLU A 141 17.25 -3.05 4.43
CA GLU A 141 18.56 -3.30 3.83
C GLU A 141 18.46 -4.28 2.67
N LYS A 142 17.87 -5.45 2.92
CA LYS A 142 17.73 -6.48 1.89
C LYS A 142 17.00 -5.95 0.66
N LEU A 143 16.09 -5.00 0.88
CA LEU A 143 15.34 -4.42 -0.23
C LEU A 143 16.12 -3.29 -0.91
N GLY A 144 17.34 -3.00 -0.41
CA GLY A 144 18.13 -1.93 -0.99
C GLY A 144 17.43 -0.58 -0.90
N LEU A 145 16.61 -0.41 0.13
CA LEU A 145 15.86 0.82 0.32
C LEU A 145 16.77 2.04 0.41
N HIS A 146 17.89 1.90 1.10
CA HIS A 146 18.84 3.02 1.25
C HIS A 146 19.55 3.32 -0.06
N SER A 147 19.75 2.30 -0.88
CA SER A 147 20.43 2.47 -2.16
C SER A 147 19.46 2.92 -3.27
N ILE A 148 18.15 2.90 -2.98
CA ILE A 148 17.16 3.31 -3.97
C ILE A 148 16.64 4.71 -3.71
N ARG A 149 16.99 5.63 -4.62
CA ARG A 149 16.57 7.01 -4.52
C ARG A 149 15.93 7.45 -5.84
N ASN A 150 15.32 6.51 -6.54
CA ASN A 150 14.68 6.79 -7.82
C ASN A 150 13.18 6.51 -7.79
N ARG A 151 12.70 5.85 -6.73
CA ARG A 151 11.29 5.53 -6.61
C ARG A 151 10.79 5.88 -5.20
N PRO A 152 9.75 6.73 -5.07
CA PRO A 152 9.23 7.13 -3.76
C PRO A 152 8.56 5.99 -3.00
N TRP A 153 9.33 5.34 -2.12
CA TRP A 153 8.78 4.26 -1.31
C TRP A 153 9.41 4.23 0.08
N PHE A 154 8.68 3.65 1.02
CA PHE A 154 9.14 3.58 2.42
C PHE A 154 8.83 2.22 3.07
N ILE A 155 9.61 1.87 4.09
CA ILE A 155 9.41 0.61 4.82
C ILE A 155 8.96 0.89 6.25
N GLN A 156 7.84 0.27 6.64
CA GLN A 156 7.31 0.48 8.00
C GLN A 156 6.93 -0.83 8.68
N ALA A 157 7.36 -0.98 9.94
CA ALA A 157 7.03 -2.19 10.69
C ALA A 157 5.63 -2.07 11.28
N THR A 158 4.71 -2.91 10.81
CA THR A 158 3.33 -2.87 11.29
C THR A 158 2.80 -4.26 11.69
N CYS A 159 1.69 -4.24 12.43
CA CYS A 159 1.03 -5.46 12.87
C CYS A 159 -0.45 -5.39 12.52
N ALA A 160 -0.85 -6.09 11.48
CA ALA A 160 -2.23 -6.10 11.04
C ALA A 160 -3.13 -6.83 12.03
N THR A 161 -2.59 -7.89 12.64
CA THR A 161 -3.37 -8.67 13.62
C THR A 161 -4.00 -7.75 14.67
N SER A 162 -3.27 -6.70 15.03
CA SER A 162 -3.75 -5.75 16.04
C SER A 162 -4.18 -4.45 15.37
N GLY A 163 -3.41 -4.02 14.37
CA GLY A 163 -3.72 -2.78 13.67
C GLY A 163 -2.78 -1.64 14.04
N GLU A 164 -1.79 -1.91 14.88
CA GLU A 164 -0.85 -0.87 15.29
C GLU A 164 0.04 -0.44 14.12
N GLY A 165 0.26 0.86 14.01
CA GLY A 165 1.11 1.40 12.94
C GLY A 165 0.37 1.62 11.63
N LEU A 166 -0.80 1.00 11.48
CA LEU A 166 -1.57 1.13 10.25
C LEU A 166 -2.07 2.56 10.06
N TYR A 167 -2.54 3.18 11.13
CA TYR A 167 -3.04 4.54 11.07
C TYR A 167 -1.94 5.49 10.65
N GLU A 168 -0.76 5.34 11.24
CA GLU A 168 0.37 6.20 10.92
C GLU A 168 0.70 6.16 9.43
N GLY A 169 0.59 4.99 8.82
CA GLY A 169 0.88 4.85 7.41
C GLY A 169 0.00 5.72 6.54
N LEU A 170 -1.30 5.73 6.84
CA LEU A 170 -2.23 6.54 6.08
C LEU A 170 -1.95 8.03 6.28
N GLU A 171 -1.36 8.37 7.42
CA GLU A 171 -1.04 9.77 7.72
C GLU A 171 0.11 10.27 6.85
N TRP A 172 1.15 9.46 6.71
CA TRP A 172 2.31 9.82 5.91
C TRP A 172 1.92 9.93 4.43
N LEU A 173 1.01 9.06 4.01
CA LEU A 173 0.54 9.05 2.63
C LEU A 173 -0.24 10.33 2.30
N SER A 174 -1.13 10.71 3.21
CA SER A 174 -1.95 11.90 3.03
C SER A 174 -1.11 13.17 3.00
N ASN A 175 0.00 13.17 3.73
CA ASN A 175 0.89 14.33 3.79
C ASN A 175 1.67 14.52 2.50
N CYS A 176 2.01 13.41 1.85
CA CYS A 176 2.80 13.46 0.62
C CYS A 176 2.04 14.05 -0.55
N LEU A 177 0.72 13.91 -0.58
CA LEU A 177 -0.07 14.45 -1.68
C LEU A 177 -0.63 15.83 -1.33
N LYS A 178 -1.46 15.90 -0.29
CA LYS A 178 -2.05 17.18 0.12
C LYS A 178 -0.94 18.14 0.54
N ASN A 179 0.08 17.60 1.23
CA ASN A 179 1.24 18.37 1.72
C ASN A 179 0.85 19.79 2.15
N SER A 180 -0.01 19.88 3.17
CA SER A 180 -0.46 21.17 3.68
C SER A 180 -1.15 21.98 2.59
N THR A 181 -1.81 23.06 2.99
CA THR A 181 -2.52 23.91 2.05
C THR A 181 -2.41 25.38 2.46
N GLY A 2 -26.36 34.92 -1.33
CA GLY A 2 -26.82 33.60 -1.72
C GLY A 2 -26.14 33.09 -2.98
N LEU A 3 -25.90 34.00 -3.91
CA LEU A 3 -25.24 33.64 -5.17
C LEU A 3 -23.78 33.28 -4.93
N PHE A 4 -23.08 34.12 -4.19
CA PHE A 4 -21.67 33.88 -3.90
C PHE A 4 -21.48 32.65 -3.02
N ALA A 5 -22.31 32.52 -1.99
CA ALA A 5 -22.22 31.39 -1.07
C ALA A 5 -22.31 30.06 -1.83
N SER A 6 -23.41 29.87 -2.55
CA SER A 6 -23.65 28.65 -3.31
C SER A 6 -22.48 28.34 -4.26
N LYS A 7 -21.78 29.39 -4.68
CA LYS A 7 -20.64 29.22 -5.58
C LYS A 7 -19.46 28.65 -4.81
N LEU A 8 -19.12 29.30 -3.70
CA LEU A 8 -18.01 28.88 -2.85
C LEU A 8 -18.15 27.42 -2.44
N PHE A 9 -19.39 26.95 -2.35
CA PHE A 9 -19.66 25.56 -1.99
C PHE A 9 -19.39 24.63 -3.17
N SER A 10 -19.58 25.14 -4.38
CA SER A 10 -19.38 24.37 -5.60
C SER A 10 -17.98 23.75 -5.63
N ASN A 11 -16.99 24.46 -5.13
CA ASN A 11 -15.61 23.97 -5.10
C ASN A 11 -15.52 22.64 -4.37
N LEU A 12 -16.45 22.39 -3.45
CA LEU A 12 -16.47 21.16 -2.67
C LEU A 12 -16.96 19.94 -3.48
N PHE A 13 -17.17 20.11 -4.78
CA PHE A 13 -17.64 19.00 -5.61
C PHE A 13 -16.53 17.96 -5.82
N GLY A 14 -15.28 18.35 -5.60
CA GLY A 14 -14.17 17.44 -5.76
C GLY A 14 -14.11 16.41 -4.64
N ASN A 15 -14.35 16.86 -3.41
CA ASN A 15 -14.32 16.00 -2.24
C ASN A 15 -12.95 15.36 -2.06
N LYS A 16 -12.28 15.72 -0.97
CA LYS A 16 -10.95 15.18 -0.65
C LYS A 16 -10.95 13.66 -0.70
N GLU A 17 -10.37 13.10 -1.77
CA GLU A 17 -10.31 11.66 -1.94
C GLU A 17 -9.00 11.23 -2.57
N MET A 18 -8.30 10.31 -1.91
CA MET A 18 -7.03 9.82 -2.41
C MET A 18 -7.19 8.40 -2.95
N ARG A 19 -6.45 8.08 -4.02
CA ARG A 19 -6.52 6.76 -4.61
C ARG A 19 -5.35 5.90 -4.15
N ILE A 20 -5.66 4.74 -3.58
CA ILE A 20 -4.62 3.84 -3.09
C ILE A 20 -4.75 2.45 -3.69
N LEU A 21 -3.62 1.75 -3.77
CA LEU A 21 -3.58 0.40 -4.32
C LEU A 21 -2.78 -0.51 -3.41
N MET A 22 -3.22 -1.75 -3.24
CA MET A 22 -2.52 -2.71 -2.39
C MET A 22 -2.26 -4.00 -3.17
N VAL A 23 -0.99 -4.43 -3.19
CA VAL A 23 -0.62 -5.64 -3.91
C VAL A 23 0.66 -6.27 -3.36
N GLY A 24 0.98 -7.45 -3.86
CA GLY A 24 2.17 -8.16 -3.43
C GLY A 24 2.03 -9.66 -3.50
N LEU A 25 2.62 -10.36 -2.53
CA LEU A 25 2.56 -11.81 -2.48
C LEU A 25 1.19 -12.28 -2.03
N ASP A 26 0.87 -13.55 -2.29
CA ASP A 26 -0.43 -14.12 -1.91
C ASP A 26 -0.47 -14.55 -0.43
N GLY A 27 0.59 -14.24 0.32
CA GLY A 27 0.63 -14.61 1.72
C GLY A 27 1.08 -13.48 2.63
N ALA A 28 1.28 -12.28 2.07
CA ALA A 28 1.73 -11.15 2.86
C ALA A 28 0.64 -10.64 3.80
N GLY A 29 -0.54 -10.36 3.25
CA GLY A 29 -1.64 -9.89 4.06
C GLY A 29 -2.22 -8.56 3.57
N LYS A 30 -2.33 -8.40 2.26
CA LYS A 30 -2.88 -7.17 1.69
C LYS A 30 -4.37 -7.08 1.98
N THR A 31 -5.04 -8.22 1.90
CA THR A 31 -6.49 -8.28 2.14
C THR A 31 -6.81 -7.96 3.60
N THR A 32 -5.95 -8.44 4.50
CA THR A 32 -6.15 -8.22 5.93
C THR A 32 -5.96 -6.75 6.30
N VAL A 33 -5.08 -6.05 5.59
CA VAL A 33 -4.81 -4.64 5.87
C VAL A 33 -6.01 -3.75 5.57
N LEU A 34 -6.55 -3.89 4.38
CA LEU A 34 -7.68 -3.08 3.96
C LEU A 34 -8.92 -3.35 4.79
N TYR A 35 -9.07 -4.60 5.22
CA TYR A 35 -10.23 -4.99 6.02
C TYR A 35 -10.11 -4.53 7.47
N LYS A 36 -8.92 -4.62 8.04
CA LYS A 36 -8.70 -4.22 9.44
C LYS A 36 -8.65 -2.69 9.58
N LEU A 37 -7.89 -2.03 8.73
CA LEU A 37 -7.77 -0.58 8.81
C LEU A 37 -9.09 0.10 8.44
N LYS A 38 -9.88 -0.56 7.60
CA LYS A 38 -11.16 -0.01 7.17
C LYS A 38 -12.29 -0.35 8.15
N LEU A 39 -12.17 -1.49 8.81
CA LEU A 39 -13.21 -1.93 9.76
C LEU A 39 -12.80 -1.70 11.22
N GLY A 40 -11.53 -1.38 11.47
CA GLY A 40 -11.08 -1.14 12.83
C GLY A 40 -10.86 -2.41 13.64
N GLU A 41 -11.16 -3.58 13.07
CA GLU A 41 -11.00 -4.84 13.78
C GLU A 41 -10.26 -5.87 12.93
N VAL A 42 -9.49 -6.72 13.60
CA VAL A 42 -8.76 -7.77 12.91
C VAL A 42 -9.69 -8.94 12.59
N ILE A 43 -9.76 -9.30 11.32
CA ILE A 43 -10.63 -10.39 10.88
C ILE A 43 -9.85 -11.48 10.15
N THR A 44 -10.54 -12.59 9.90
CA THR A 44 -9.95 -13.72 9.19
C THR A 44 -9.98 -13.46 7.68
N THR A 45 -8.82 -13.48 7.05
CA THR A 45 -8.72 -13.22 5.62
C THR A 45 -8.56 -14.52 4.84
N ILE A 46 -8.72 -14.43 3.52
CA ILE A 46 -8.60 -15.60 2.65
C ILE A 46 -8.11 -15.16 1.26
N PRO A 47 -7.68 -16.11 0.41
CA PRO A 47 -7.20 -15.78 -0.94
C PRO A 47 -8.25 -15.05 -1.76
N THR A 48 -8.00 -13.76 -2.02
CA THR A 48 -8.93 -12.94 -2.79
C THR A 48 -8.68 -13.05 -4.29
N ILE A 49 -9.70 -13.47 -5.02
CA ILE A 49 -9.61 -13.60 -6.47
C ILE A 49 -10.11 -12.32 -7.14
N GLY A 50 -9.31 -11.74 -8.03
CA GLY A 50 -9.70 -10.51 -8.69
C GLY A 50 -9.23 -9.29 -7.92
N PHE A 51 -10.13 -8.36 -7.67
CA PHE A 51 -9.80 -7.13 -6.94
C PHE A 51 -10.81 -6.85 -5.83
N ASN A 52 -10.41 -6.00 -4.88
CA ASN A 52 -11.28 -5.63 -3.77
C ASN A 52 -11.02 -4.20 -3.34
N VAL A 53 -12.00 -3.32 -3.55
CA VAL A 53 -11.86 -1.91 -3.19
C VAL A 53 -12.52 -1.63 -1.83
N GLU A 54 -12.10 -0.53 -1.21
CA GLU A 54 -12.66 -0.14 0.08
C GLU A 54 -12.52 1.36 0.31
N CYS A 55 -13.60 1.96 0.80
CA CYS A 55 -13.63 3.39 1.07
C CYS A 55 -13.23 3.67 2.52
N VAL A 56 -12.05 4.27 2.70
CA VAL A 56 -11.55 4.61 4.03
C VAL A 56 -11.51 6.13 4.21
N GLN A 57 -12.15 6.63 5.26
CA GLN A 57 -12.15 8.07 5.52
C GLN A 57 -11.14 8.41 6.60
N TYR A 58 -10.23 9.35 6.30
CA TYR A 58 -9.21 9.75 7.26
C TYR A 58 -8.78 11.20 7.05
N CYS A 59 -8.85 11.97 8.14
CA CYS A 59 -8.47 13.38 8.12
C CYS A 59 -9.23 14.15 7.05
N ASN A 60 -10.54 13.89 6.95
CA ASN A 60 -11.40 14.55 5.97
C ASN A 60 -11.20 13.98 4.55
N ILE A 61 -10.26 13.04 4.40
CA ILE A 61 -10.00 12.48 3.08
C ILE A 61 -10.64 11.11 2.93
N SER A 62 -10.93 10.74 1.70
CA SER A 62 -11.54 9.47 1.39
C SER A 62 -10.57 8.57 0.65
N PHE A 63 -9.71 7.88 1.39
CA PHE A 63 -8.74 6.99 0.81
C PHE A 63 -9.42 5.73 0.29
N THR A 64 -9.24 5.45 -1.00
CA THR A 64 -9.82 4.27 -1.61
C THR A 64 -8.71 3.29 -1.95
N VAL A 65 -8.68 2.16 -1.27
CA VAL A 65 -7.63 1.17 -1.50
C VAL A 65 -8.18 -0.07 -2.17
N TRP A 66 -7.57 -0.44 -3.29
CA TRP A 66 -7.96 -1.61 -4.03
C TRP A 66 -6.90 -2.69 -3.82
N ASP A 67 -7.31 -3.89 -3.40
CA ASP A 67 -6.35 -4.96 -3.16
C ASP A 67 -6.61 -6.14 -4.08
N VAL A 68 -5.67 -6.39 -4.99
CA VAL A 68 -5.77 -7.50 -5.91
C VAL A 68 -5.06 -8.71 -5.31
N GLY A 69 -5.61 -9.90 -5.51
CA GLY A 69 -5.02 -11.11 -4.98
C GLY A 69 -4.61 -12.07 -6.06
N GLY A 70 -4.20 -13.27 -5.68
CA GLY A 70 -3.80 -14.27 -6.64
C GLY A 70 -2.30 -14.26 -6.92
N GLN A 71 -1.68 -13.08 -6.77
CA GLN A 71 -0.24 -12.94 -7.00
C GLN A 71 0.08 -13.01 -8.51
N ASP A 72 1.00 -13.89 -8.94
CA ASP A 72 1.37 -14.00 -10.34
C ASP A 72 0.16 -14.19 -11.26
N ARG A 73 -0.68 -15.18 -10.93
CA ARG A 73 -1.87 -15.49 -11.74
C ARG A 73 -2.69 -14.27 -12.10
N ILE A 74 -2.80 -13.30 -11.18
CA ILE A 74 -3.60 -12.11 -11.44
C ILE A 74 -2.77 -10.81 -11.35
N ARG A 75 -1.44 -10.94 -11.24
CA ARG A 75 -0.59 -9.76 -11.17
C ARG A 75 -0.76 -8.89 -12.41
N SER A 76 -1.03 -9.54 -13.54
CA SER A 76 -1.22 -8.84 -14.81
C SER A 76 -2.40 -7.88 -14.74
N LEU A 77 -3.50 -8.33 -14.13
CA LEU A 77 -4.70 -7.50 -14.00
C LEU A 77 -4.40 -6.17 -13.31
N TRP A 78 -3.32 -6.11 -12.56
CA TRP A 78 -2.94 -4.90 -11.82
C TRP A 78 -2.85 -3.68 -12.75
N ARG A 79 -2.56 -3.93 -14.02
CA ARG A 79 -2.46 -2.85 -15.00
C ARG A 79 -3.75 -2.68 -15.79
N HIS A 80 -4.88 -3.12 -15.21
CA HIS A 80 -6.17 -3.00 -15.88
C HIS A 80 -7.31 -3.04 -14.86
N TYR A 81 -7.04 -2.63 -13.63
CA TYR A 81 -8.06 -2.63 -12.58
C TYR A 81 -8.41 -1.21 -12.13
N TYR A 82 -7.55 -0.24 -12.44
CA TYR A 82 -7.80 1.14 -12.04
C TYR A 82 -7.08 2.13 -12.94
N CYS A 83 -5.74 2.13 -12.86
CA CYS A 83 -4.93 3.06 -13.66
C CYS A 83 -5.10 4.49 -13.17
N ASN A 84 -5.44 4.64 -11.89
CA ASN A 84 -5.63 5.96 -11.30
C ASN A 84 -5.27 5.95 -9.80
N THR A 85 -4.39 5.03 -9.42
CA THR A 85 -3.96 4.93 -8.02
C THR A 85 -2.94 6.02 -7.73
N GLU A 86 -3.14 6.76 -6.64
CA GLU A 86 -2.22 7.83 -6.28
C GLU A 86 -1.04 7.29 -5.48
N GLY A 87 -1.27 6.24 -4.69
CA GLY A 87 -0.22 5.64 -3.92
C GLY A 87 -0.46 4.16 -3.68
N VAL A 88 0.55 3.34 -3.94
CA VAL A 88 0.41 1.90 -3.75
C VAL A 88 1.13 1.43 -2.50
N ILE A 89 0.60 0.39 -1.88
CA ILE A 89 1.18 -0.15 -0.66
C ILE A 89 1.49 -1.64 -0.84
N PHE A 90 2.77 -1.97 -0.88
CA PHE A 90 3.18 -3.36 -1.04
C PHE A 90 3.32 -4.05 0.31
N VAL A 91 2.69 -5.19 0.45
CA VAL A 91 2.73 -5.94 1.70
C VAL A 91 3.75 -7.07 1.61
N VAL A 92 4.73 -7.05 2.51
CA VAL A 92 5.78 -8.06 2.53
C VAL A 92 5.90 -8.71 3.90
N ASP A 93 5.79 -10.03 3.93
CA ASP A 93 5.92 -10.76 5.19
C ASP A 93 7.31 -10.54 5.79
N SER A 94 7.35 -10.13 7.05
CA SER A 94 8.61 -9.87 7.73
C SER A 94 9.18 -11.14 8.35
N ASN A 95 8.30 -11.99 8.88
CA ASN A 95 8.72 -13.23 9.51
C ASN A 95 8.99 -14.33 8.49
N ASP A 96 8.78 -14.06 7.20
CA ASP A 96 9.01 -15.05 6.15
C ASP A 96 10.22 -14.67 5.30
N ARG A 97 11.40 -14.94 5.83
CA ARG A 97 12.65 -14.63 5.15
C ARG A 97 12.82 -15.47 3.88
N SER A 98 12.22 -16.65 3.88
CA SER A 98 12.33 -17.54 2.73
C SER A 98 11.87 -16.87 1.45
N ARG A 99 10.73 -16.18 1.51
CA ARG A 99 10.18 -15.52 0.33
C ARG A 99 10.57 -14.04 0.25
N ILE A 100 11.32 -13.53 1.23
CA ILE A 100 11.73 -12.13 1.26
C ILE A 100 12.21 -11.60 -0.10
N GLY A 101 12.70 -12.48 -0.97
CA GLY A 101 13.15 -12.06 -2.28
C GLY A 101 12.01 -11.98 -3.28
N GLU A 102 11.01 -12.84 -3.09
CA GLU A 102 9.84 -12.85 -3.96
C GLU A 102 9.09 -11.54 -3.83
N ALA A 103 9.10 -10.97 -2.63
CA ALA A 103 8.42 -9.71 -2.38
C ALA A 103 9.21 -8.56 -2.99
N ARG A 104 10.52 -8.57 -2.78
CA ARG A 104 11.38 -7.52 -3.32
C ARG A 104 11.38 -7.54 -4.84
N GLU A 105 11.56 -8.73 -5.43
CA GLU A 105 11.60 -8.87 -6.88
C GLU A 105 10.29 -8.43 -7.54
N VAL A 106 9.17 -8.78 -6.92
CA VAL A 106 7.87 -8.39 -7.48
C VAL A 106 7.71 -6.88 -7.49
N MET A 107 8.28 -6.23 -6.48
CA MET A 107 8.21 -4.78 -6.38
C MET A 107 8.91 -4.13 -7.58
N GLN A 108 10.12 -4.61 -7.88
CA GLN A 108 10.90 -4.10 -8.99
C GLN A 108 10.10 -4.11 -10.29
N ARG A 109 9.34 -5.19 -10.51
CA ARG A 109 8.52 -5.31 -11.71
C ARG A 109 7.52 -4.16 -11.77
N MET A 110 6.94 -3.85 -10.62
CA MET A 110 5.98 -2.76 -10.52
C MET A 110 6.67 -1.42 -10.70
N LEU A 111 7.83 -1.28 -10.06
CA LEU A 111 8.61 -0.05 -10.13
C LEU A 111 9.22 0.17 -11.51
N ASN A 112 9.40 -0.91 -12.26
CA ASN A 112 9.98 -0.81 -13.60
C ASN A 112 8.91 -0.70 -14.68
N GLU A 113 7.64 -0.79 -14.30
CA GLU A 113 6.54 -0.71 -15.26
C GLU A 113 6.15 0.73 -15.57
N ASP A 114 6.05 1.04 -16.85
CA ASP A 114 5.67 2.38 -17.29
C ASP A 114 4.24 2.68 -16.87
N GLU A 115 3.41 1.65 -16.85
CA GLU A 115 2.01 1.80 -16.48
C GLU A 115 1.86 2.10 -14.98
N LEU A 116 2.91 1.86 -14.21
CA LEU A 116 2.85 2.10 -12.77
C LEU A 116 3.97 3.05 -12.30
N CYS A 117 4.58 3.77 -13.23
CA CYS A 117 5.65 4.71 -12.89
C CYS A 117 5.09 5.99 -12.27
N ASN A 118 3.76 6.11 -12.18
CA ASN A 118 3.13 7.29 -11.59
C ASN A 118 2.51 6.96 -10.23
N ALA A 119 2.47 5.67 -9.87
CA ALA A 119 1.90 5.27 -8.59
C ALA A 119 2.97 5.19 -7.52
N ALA A 120 2.59 5.49 -6.28
CA ALA A 120 3.54 5.47 -5.16
C ALA A 120 3.80 4.05 -4.67
N TRP A 121 4.70 3.91 -3.70
CA TRP A 121 5.04 2.60 -3.16
C TRP A 121 5.27 2.65 -1.64
N LEU A 122 4.42 1.95 -0.91
CA LEU A 122 4.54 1.89 0.54
C LEU A 122 4.70 0.45 0.99
N VAL A 123 5.86 0.11 1.52
CA VAL A 123 6.11 -1.26 1.97
C VAL A 123 5.86 -1.37 3.47
N PHE A 124 5.09 -2.38 3.85
CA PHE A 124 4.74 -2.60 5.25
C PHE A 124 5.13 -4.03 5.66
N ALA A 125 6.16 -4.15 6.49
CA ALA A 125 6.60 -5.46 6.96
C ALA A 125 5.48 -6.15 7.73
N ASN A 126 4.85 -7.14 7.10
CA ASN A 126 3.76 -7.88 7.73
C ASN A 126 4.30 -8.92 8.71
N LYS A 127 3.40 -9.52 9.47
CA LYS A 127 3.76 -10.53 10.46
C LYS A 127 4.77 -9.99 11.47
N GLN A 128 4.85 -8.66 11.59
CA GLN A 128 5.78 -8.05 12.54
C GLN A 128 5.40 -8.39 13.99
N ASP A 129 4.11 -8.59 14.22
CA ASP A 129 3.63 -8.91 15.56
C ASP A 129 4.10 -10.28 16.03
N LEU A 130 4.49 -11.15 15.08
CA LEU A 130 4.97 -12.49 15.42
C LEU A 130 6.29 -12.41 16.22
N PRO A 131 6.44 -13.24 17.27
CA PRO A 131 7.65 -13.26 18.10
C PRO A 131 8.92 -13.34 17.25
N GLU A 132 8.83 -14.03 16.12
CA GLU A 132 9.99 -14.20 15.24
C GLU A 132 10.03 -13.14 14.14
N ALA A 133 9.36 -12.02 14.38
CA ALA A 133 9.34 -10.94 13.39
C ALA A 133 10.68 -10.22 13.32
N MET A 134 11.20 -10.07 12.10
CA MET A 134 12.48 -9.39 11.90
C MET A 134 12.39 -7.93 12.27
N SER A 135 13.54 -7.25 12.27
CA SER A 135 13.59 -5.83 12.60
C SER A 135 13.40 -5.00 11.34
N ALA A 136 13.11 -3.71 11.52
CA ALA A 136 12.90 -2.81 10.39
C ALA A 136 14.18 -2.60 9.60
N ALA A 137 15.30 -2.55 10.32
CA ALA A 137 16.59 -2.35 9.68
C ALA A 137 16.91 -3.46 8.70
N GLU A 138 16.47 -4.67 9.00
CA GLU A 138 16.73 -5.81 8.13
C GLU A 138 15.84 -5.79 6.89
N ILE A 139 14.54 -5.61 7.08
CA ILE A 139 13.61 -5.55 5.93
C ILE A 139 14.00 -4.42 4.98
N THR A 140 14.39 -3.30 5.56
CA THR A 140 14.79 -2.13 4.78
C THR A 140 16.11 -2.38 4.04
N GLU A 141 17.13 -2.82 4.77
CA GLU A 141 18.43 -3.07 4.17
C GLU A 141 18.33 -4.08 3.03
N LYS A 142 17.76 -5.24 3.30
CA LYS A 142 17.62 -6.29 2.30
C LYS A 142 16.88 -5.80 1.08
N LEU A 143 15.96 -4.85 1.28
CA LEU A 143 15.19 -4.31 0.17
C LEU A 143 15.95 -3.19 -0.57
N GLY A 144 17.18 -2.89 -0.11
CA GLY A 144 17.96 -1.84 -0.75
C GLY A 144 17.25 -0.50 -0.71
N LEU A 145 16.51 -0.26 0.36
CA LEU A 145 15.76 0.99 0.52
C LEU A 145 16.68 2.21 0.49
N HIS A 146 17.84 2.11 1.10
CA HIS A 146 18.79 3.22 1.15
C HIS A 146 19.42 3.47 -0.22
N SER A 147 19.55 2.41 -1.02
CA SER A 147 20.14 2.51 -2.34
C SER A 147 19.11 2.95 -3.39
N ILE A 148 17.82 2.94 -3.02
CA ILE A 148 16.79 3.34 -3.97
C ILE A 148 16.29 4.76 -3.69
N ARG A 149 16.63 5.67 -4.59
CA ARG A 149 16.22 7.07 -4.48
C ARG A 149 15.61 7.57 -5.79
N ASN A 150 15.10 6.65 -6.60
CA ASN A 150 14.49 7.00 -7.87
C ASN A 150 12.97 6.80 -7.85
N ARG A 151 12.46 6.23 -6.76
CA ARG A 151 11.02 5.99 -6.63
C ARG A 151 10.58 6.33 -5.20
N PRO A 152 9.54 7.18 -5.02
CA PRO A 152 9.07 7.57 -3.68
C PRO A 152 8.44 6.40 -2.92
N TRP A 153 9.20 5.80 -2.01
CA TRP A 153 8.68 4.70 -1.20
C TRP A 153 9.27 4.70 0.20
N PHE A 154 8.49 4.17 1.15
CA PHE A 154 8.89 4.13 2.56
C PHE A 154 8.53 2.80 3.21
N ILE A 155 9.25 2.44 4.28
CA ILE A 155 9.00 1.19 4.99
C ILE A 155 8.57 1.44 6.43
N GLN A 156 7.51 0.75 6.85
CA GLN A 156 6.98 0.89 8.20
C GLN A 156 6.67 -0.48 8.83
N ALA A 157 6.98 -0.62 10.12
CA ALA A 157 6.71 -1.88 10.81
C ALA A 157 5.20 -2.06 10.94
N THR A 158 4.71 -3.28 10.72
CA THR A 158 3.27 -3.52 10.78
C THR A 158 2.88 -4.74 11.61
N CYS A 159 2.01 -4.49 12.60
CA CYS A 159 1.47 -5.53 13.45
C CYS A 159 -0.04 -5.51 13.32
N ALA A 160 -0.57 -6.43 12.53
CA ALA A 160 -1.99 -6.52 12.28
C ALA A 160 -2.75 -7.12 13.46
N THR A 161 -2.10 -8.02 14.18
CA THR A 161 -2.76 -8.65 15.32
C THR A 161 -3.36 -7.61 16.26
N SER A 162 -2.66 -6.50 16.43
CA SER A 162 -3.12 -5.41 17.29
C SER A 162 -3.59 -4.21 16.48
N GLY A 163 -2.91 -3.92 15.38
CA GLY A 163 -3.28 -2.78 14.54
C GLY A 163 -2.41 -1.56 14.78
N GLU A 164 -1.35 -1.74 15.57
CA GLU A 164 -0.46 -0.61 15.88
C GLU A 164 0.37 -0.20 14.67
N GLY A 165 0.56 1.10 14.50
CA GLY A 165 1.36 1.62 13.39
C GLY A 165 0.60 1.75 12.06
N LEU A 166 -0.53 1.06 11.94
CA LEU A 166 -1.30 1.11 10.69
C LEU A 166 -1.85 2.51 10.42
N TYR A 167 -2.31 3.17 11.48
CA TYR A 167 -2.85 4.52 11.34
C TYR A 167 -1.79 5.47 10.84
N GLU A 168 -0.57 5.34 11.37
CA GLU A 168 0.54 6.20 10.99
C GLU A 168 0.81 6.12 9.48
N GLY A 169 0.69 4.92 8.93
CA GLY A 169 0.95 4.74 7.51
C GLY A 169 0.01 5.52 6.62
N LEU A 170 -1.28 5.48 6.94
CA LEU A 170 -2.28 6.19 6.15
C LEU A 170 -2.06 7.70 6.22
N GLU A 171 -1.50 8.17 7.34
CA GLU A 171 -1.25 9.59 7.54
C GLU A 171 -0.07 10.07 6.70
N TRP A 172 0.95 9.23 6.56
CA TRP A 172 2.13 9.58 5.79
C TRP A 172 1.79 9.79 4.32
N LEU A 173 0.98 8.89 3.77
CA LEU A 173 0.59 8.98 2.37
C LEU A 173 -0.20 10.25 2.08
N SER A 174 -1.25 10.49 2.88
CA SER A 174 -2.10 11.66 2.70
C SER A 174 -1.30 12.96 2.71
N ASN A 175 -0.20 12.98 3.47
CA ASN A 175 0.64 14.17 3.56
C ASN A 175 1.46 14.39 2.29
N CYS A 176 1.84 13.28 1.65
CA CYS A 176 2.66 13.35 0.44
C CYS A 176 1.91 13.96 -0.74
N LEU A 177 0.58 13.81 -0.79
CA LEU A 177 -0.20 14.35 -1.89
C LEU A 177 -0.69 15.77 -1.57
N LYS A 178 -1.46 15.89 -0.50
CA LYS A 178 -2.00 17.19 -0.10
C LYS A 178 -0.88 18.17 0.23
N ASN A 179 0.18 17.67 0.86
CA ASN A 179 1.35 18.46 1.26
C ASN A 179 0.94 19.83 1.81
N SER A 180 0.01 19.82 2.77
CA SER A 180 -0.47 21.05 3.39
C SER A 180 -0.32 20.99 4.91
N THR A 181 0.88 21.33 5.39
CA THR A 181 1.16 21.31 6.83
C THR A 181 0.99 19.91 7.39
N GLY A 2 -10.59 18.75 -24.30
CA GLY A 2 -10.87 17.37 -23.92
C GLY A 2 -9.99 16.90 -22.78
N LEU A 3 -8.69 17.14 -22.88
CA LEU A 3 -7.74 16.74 -21.86
C LEU A 3 -7.94 17.57 -20.59
N PHE A 4 -7.97 18.89 -20.75
CA PHE A 4 -8.15 19.79 -19.62
C PHE A 4 -9.55 19.69 -19.04
N ALA A 5 -10.55 19.70 -19.92
CA ALA A 5 -11.94 19.61 -19.47
C ALA A 5 -12.18 18.36 -18.62
N SER A 6 -11.89 17.20 -19.19
CA SER A 6 -12.08 15.92 -18.50
C SER A 6 -11.36 15.92 -17.15
N LYS A 7 -10.27 16.68 -17.06
CA LYS A 7 -9.52 16.75 -15.81
C LYS A 7 -10.29 17.55 -14.76
N LEU A 8 -10.75 18.74 -15.16
CA LEU A 8 -11.52 19.60 -14.27
C LEU A 8 -12.72 18.88 -13.68
N PHE A 9 -13.23 17.89 -14.42
CA PHE A 9 -14.36 17.10 -13.95
C PHE A 9 -13.91 16.08 -12.91
N SER A 10 -12.67 15.62 -13.05
CA SER A 10 -12.09 14.65 -12.13
C SER A 10 -11.74 15.30 -10.79
N ASN A 11 -11.31 16.55 -10.84
CA ASN A 11 -10.95 17.29 -9.64
C ASN A 11 -12.19 17.66 -8.82
N LEU A 12 -13.35 17.69 -9.48
CA LEU A 12 -14.60 18.02 -8.79
C LEU A 12 -15.19 16.81 -8.11
N PHE A 13 -15.04 15.64 -8.74
CA PHE A 13 -15.56 14.40 -8.18
C PHE A 13 -14.66 13.87 -7.06
N GLY A 14 -13.42 14.33 -7.02
CA GLY A 14 -12.49 13.90 -5.99
C GLY A 14 -12.31 14.93 -4.90
N ASN A 15 -11.91 16.13 -5.29
CA ASN A 15 -11.69 17.22 -4.34
C ASN A 15 -10.69 16.82 -3.25
N LYS A 16 -11.18 16.20 -2.17
CA LYS A 16 -10.31 15.78 -1.08
C LYS A 16 -10.32 14.26 -0.94
N GLU A 17 -9.85 13.58 -1.98
CA GLU A 17 -9.79 12.12 -1.98
C GLU A 17 -8.44 11.62 -2.47
N MET A 18 -7.97 10.52 -1.88
CA MET A 18 -6.69 9.94 -2.25
C MET A 18 -6.88 8.50 -2.74
N ARG A 19 -6.11 8.11 -3.75
CA ARG A 19 -6.20 6.75 -4.30
C ARG A 19 -5.00 5.92 -3.87
N ILE A 20 -5.30 4.75 -3.29
CA ILE A 20 -4.24 3.85 -2.81
C ILE A 20 -4.33 2.48 -3.46
N LEU A 21 -3.20 1.79 -3.54
CA LEU A 21 -3.13 0.46 -4.12
C LEU A 21 -2.33 -0.48 -3.21
N MET A 22 -2.77 -1.72 -3.08
CA MET A 22 -2.08 -2.71 -2.26
C MET A 22 -1.79 -3.97 -3.06
N VAL A 23 -0.51 -4.29 -3.22
CA VAL A 23 -0.12 -5.47 -3.98
C VAL A 23 1.17 -6.09 -3.45
N GLY A 24 1.52 -7.26 -3.99
CA GLY A 24 2.72 -7.95 -3.58
C GLY A 24 2.66 -9.45 -3.81
N LEU A 25 2.43 -10.20 -2.75
CA LEU A 25 2.37 -11.66 -2.82
C LEU A 25 0.99 -12.16 -2.38
N ASP A 26 0.68 -13.42 -2.74
CA ASP A 26 -0.60 -14.01 -2.37
C ASP A 26 -0.61 -14.49 -0.90
N GLY A 27 0.47 -14.25 -0.16
CA GLY A 27 0.53 -14.67 1.22
C GLY A 27 0.96 -13.56 2.18
N ALA A 28 1.24 -12.37 1.64
CA ALA A 28 1.68 -11.25 2.47
C ALA A 28 0.61 -10.86 3.48
N GLY A 29 -0.61 -10.64 3.00
CA GLY A 29 -1.70 -10.26 3.88
C GLY A 29 -2.28 -8.90 3.56
N LYS A 30 -2.59 -8.67 2.30
CA LYS A 30 -3.17 -7.39 1.88
C LYS A 30 -4.63 -7.31 2.29
N THR A 31 -5.30 -8.45 2.30
CA THR A 31 -6.71 -8.51 2.67
C THR A 31 -6.89 -8.24 4.16
N THR A 32 -5.98 -8.74 4.97
CA THR A 32 -6.06 -8.55 6.43
C THR A 32 -5.78 -7.11 6.84
N VAL A 33 -4.76 -6.51 6.24
CA VAL A 33 -4.38 -5.13 6.56
C VAL A 33 -5.44 -4.12 6.12
N LEU A 34 -5.91 -4.26 4.88
CA LEU A 34 -6.91 -3.35 4.34
C LEU A 34 -8.22 -3.42 5.13
N TYR A 35 -8.53 -4.59 5.65
CA TYR A 35 -9.77 -4.78 6.41
C TYR A 35 -9.63 -4.19 7.81
N LYS A 36 -8.43 -4.22 8.35
CA LYS A 36 -8.19 -3.69 9.70
C LYS A 36 -8.30 -2.16 9.72
N LEU A 37 -7.67 -1.52 8.75
CA LEU A 37 -7.73 -0.06 8.66
C LEU A 37 -9.08 0.42 8.16
N LYS A 38 -9.80 -0.45 7.43
CA LYS A 38 -11.10 -0.10 6.89
C LYS A 38 -12.24 -0.47 7.86
N LEU A 39 -12.11 -1.61 8.52
CA LEU A 39 -13.15 -2.07 9.44
C LEU A 39 -12.75 -1.90 10.91
N GLY A 40 -11.46 -1.68 11.18
CA GLY A 40 -11.01 -1.50 12.54
C GLY A 40 -10.95 -2.79 13.34
N GLU A 41 -11.26 -3.92 12.71
CA GLU A 41 -11.24 -5.21 13.40
C GLU A 41 -10.60 -6.29 12.53
N VAL A 42 -9.89 -7.21 13.17
CA VAL A 42 -9.24 -8.30 12.45
C VAL A 42 -10.23 -9.43 12.19
N ILE A 43 -10.34 -9.82 10.92
CA ILE A 43 -11.26 -10.89 10.53
C ILE A 43 -10.51 -12.02 9.83
N THR A 44 -11.24 -13.11 9.56
CA THR A 44 -10.68 -14.26 8.88
C THR A 44 -10.48 -13.95 7.39
N THR A 45 -9.23 -13.97 6.95
CA THR A 45 -8.93 -13.69 5.54
C THR A 45 -8.59 -14.94 4.77
N ILE A 46 -9.24 -15.11 3.62
CA ILE A 46 -9.02 -16.27 2.76
C ILE A 46 -8.38 -15.85 1.44
N PRO A 47 -7.83 -16.80 0.66
CA PRO A 47 -7.21 -16.48 -0.63
C PRO A 47 -8.17 -15.77 -1.57
N THR A 48 -7.88 -14.50 -1.87
CA THR A 48 -8.73 -13.72 -2.75
C THR A 48 -8.36 -13.92 -4.22
N ILE A 49 -9.33 -14.35 -5.01
CA ILE A 49 -9.13 -14.56 -6.44
C ILE A 49 -9.76 -13.41 -7.21
N GLY A 50 -9.03 -12.31 -7.31
CA GLY A 50 -9.51 -11.13 -8.00
C GLY A 50 -9.05 -9.86 -7.33
N PHE A 51 -9.96 -8.88 -7.20
CA PHE A 51 -9.61 -7.61 -6.58
C PHE A 51 -10.56 -7.31 -5.42
N ASN A 52 -10.08 -6.54 -4.45
CA ASN A 52 -10.88 -6.15 -3.29
C ASN A 52 -10.61 -4.68 -2.93
N VAL A 53 -11.63 -3.85 -3.10
CA VAL A 53 -11.50 -2.43 -2.80
C VAL A 53 -12.00 -2.12 -1.39
N GLU A 54 -11.47 -1.05 -0.80
CA GLU A 54 -11.87 -0.65 0.54
C GLU A 54 -11.97 0.86 0.66
N CYS A 55 -13.17 1.34 0.95
CA CYS A 55 -13.42 2.78 1.10
C CYS A 55 -13.32 3.18 2.56
N VAL A 56 -12.31 4.00 2.89
CA VAL A 56 -12.13 4.46 4.27
C VAL A 56 -11.98 5.98 4.32
N GLN A 57 -12.57 6.58 5.35
CA GLN A 57 -12.48 8.03 5.53
C GLN A 57 -11.39 8.35 6.55
N TYR A 58 -10.44 9.17 6.15
CA TYR A 58 -9.33 9.54 7.04
C TYR A 58 -8.95 11.00 6.89
N CYS A 59 -9.10 11.74 7.98
CA CYS A 59 -8.77 13.17 8.01
C CYS A 59 -9.55 13.95 6.95
N ASN A 60 -10.84 13.63 6.82
CA ASN A 60 -11.71 14.28 5.84
C ASN A 60 -11.47 13.77 4.41
N ILE A 61 -10.52 12.85 4.26
CA ILE A 61 -10.19 12.33 2.95
C ILE A 61 -10.79 10.94 2.73
N SER A 62 -10.98 10.58 1.47
CA SER A 62 -11.52 9.29 1.10
C SER A 62 -10.45 8.44 0.44
N PHE A 63 -9.69 7.72 1.26
CA PHE A 63 -8.63 6.85 0.75
C PHE A 63 -9.20 5.56 0.21
N THR A 64 -8.91 5.28 -1.05
CA THR A 64 -9.37 4.05 -1.68
C THR A 64 -8.23 3.06 -1.75
N VAL A 65 -8.33 1.97 -1.00
CA VAL A 65 -7.28 0.97 -0.97
C VAL A 65 -7.74 -0.30 -1.67
N TRP A 66 -7.12 -0.60 -2.80
CA TRP A 66 -7.45 -1.80 -3.56
C TRP A 66 -6.37 -2.85 -3.31
N ASP A 67 -6.80 -4.06 -2.90
CA ASP A 67 -5.84 -5.12 -2.62
C ASP A 67 -6.14 -6.36 -3.44
N VAL A 68 -5.21 -6.71 -4.33
CA VAL A 68 -5.36 -7.91 -5.15
C VAL A 68 -4.88 -9.10 -4.33
N GLY A 69 -5.52 -10.25 -4.48
CA GLY A 69 -5.16 -11.41 -3.69
C GLY A 69 -3.97 -12.18 -4.25
N GLY A 70 -4.24 -13.08 -5.18
CA GLY A 70 -3.18 -13.89 -5.77
C GLY A 70 -2.03 -13.07 -6.31
N GLN A 71 -1.13 -13.73 -7.05
CA GLN A 71 0.03 -13.05 -7.61
C GLN A 71 0.16 -13.33 -9.11
N ASP A 72 0.76 -14.46 -9.46
CA ASP A 72 0.96 -14.84 -10.86
C ASP A 72 -0.35 -14.96 -11.62
N ARG A 73 -1.25 -15.83 -11.13
CA ARG A 73 -2.53 -16.05 -11.78
C ARG A 73 -3.33 -14.77 -11.95
N ILE A 74 -3.01 -13.75 -11.16
CA ILE A 74 -3.72 -12.48 -11.23
C ILE A 74 -2.80 -11.33 -11.65
N ARG A 75 -1.54 -11.62 -11.94
CA ARG A 75 -0.58 -10.60 -12.36
C ARG A 75 -1.11 -9.80 -13.55
N SER A 76 -1.75 -10.50 -14.49
CA SER A 76 -2.31 -9.84 -15.67
C SER A 76 -3.48 -8.93 -15.29
N LEU A 77 -4.23 -9.35 -14.28
CA LEU A 77 -5.38 -8.58 -13.81
C LEU A 77 -4.96 -7.26 -13.17
N TRP A 78 -3.70 -7.18 -12.73
CA TRP A 78 -3.18 -5.98 -12.08
C TRP A 78 -3.27 -4.75 -12.98
N ARG A 79 -3.43 -4.96 -14.29
CA ARG A 79 -3.55 -3.86 -15.24
C ARG A 79 -4.99 -3.37 -15.37
N HIS A 80 -5.85 -3.73 -14.42
CA HIS A 80 -7.24 -3.30 -14.43
C HIS A 80 -7.50 -2.27 -13.32
N TYR A 81 -6.42 -1.74 -12.73
CA TYR A 81 -6.51 -0.75 -11.66
C TYR A 81 -7.44 0.40 -12.05
N TYR A 82 -7.60 0.62 -13.36
CA TYR A 82 -8.45 1.69 -13.89
C TYR A 82 -7.73 3.05 -13.88
N CYS A 83 -6.41 3.04 -13.62
CA CYS A 83 -5.62 4.27 -13.60
C CYS A 83 -6.20 5.29 -12.63
N ASN A 84 -5.55 5.46 -11.48
CA ASN A 84 -6.01 6.43 -10.47
C ASN A 84 -5.16 6.38 -9.20
N THR A 85 -4.59 5.22 -8.88
CA THR A 85 -3.78 5.07 -7.67
C THR A 85 -2.64 6.09 -7.63
N GLU A 86 -2.66 6.96 -6.62
CA GLU A 86 -1.64 7.97 -6.47
C GLU A 86 -0.51 7.48 -5.58
N GLY A 87 -0.79 6.49 -4.74
CA GLY A 87 0.21 5.92 -3.86
C GLY A 87 -0.02 4.42 -3.70
N VAL A 88 0.99 3.62 -4.04
CA VAL A 88 0.86 2.18 -3.94
C VAL A 88 1.62 1.62 -2.75
N ILE A 89 0.90 0.97 -1.85
CA ILE A 89 1.50 0.37 -0.67
C ILE A 89 1.82 -1.10 -0.92
N PHE A 90 3.06 -1.49 -0.66
CA PHE A 90 3.48 -2.86 -0.87
C PHE A 90 3.59 -3.61 0.46
N VAL A 91 3.00 -4.79 0.52
CA VAL A 91 3.03 -5.60 1.73
C VAL A 91 4.17 -6.62 1.68
N VAL A 92 4.98 -6.65 2.73
CA VAL A 92 6.11 -7.56 2.80
C VAL A 92 6.16 -8.27 4.15
N ASP A 93 6.01 -9.58 4.14
CA ASP A 93 6.06 -10.36 5.37
C ASP A 93 7.44 -10.21 6.03
N SER A 94 7.45 -9.86 7.30
CA SER A 94 8.70 -9.68 8.03
C SER A 94 9.22 -11.00 8.60
N ASN A 95 8.30 -11.83 9.06
CA ASN A 95 8.67 -13.12 9.64
C ASN A 95 8.82 -14.22 8.59
N ASP A 96 8.54 -13.92 7.32
CA ASP A 96 8.66 -14.92 6.26
C ASP A 96 9.86 -14.60 5.38
N ARG A 97 11.05 -14.91 5.89
CA ARG A 97 12.29 -14.67 5.18
C ARG A 97 12.41 -15.54 3.94
N SER A 98 11.77 -16.71 3.98
CA SER A 98 11.82 -17.64 2.86
C SER A 98 11.37 -16.98 1.56
N ARG A 99 10.24 -16.27 1.60
CA ARG A 99 9.72 -15.61 0.41
C ARG A 99 10.13 -14.15 0.32
N ILE A 100 10.87 -13.64 1.32
CA ILE A 100 11.32 -12.25 1.36
C ILE A 100 11.85 -11.75 0.01
N GLY A 101 12.34 -12.65 -0.84
CA GLY A 101 12.84 -12.25 -2.14
C GLY A 101 11.74 -12.11 -3.16
N GLU A 102 10.70 -12.92 -2.99
CA GLU A 102 9.56 -12.88 -3.89
C GLU A 102 8.89 -11.51 -3.83
N ALA A 103 8.84 -10.94 -2.62
CA ALA A 103 8.25 -9.61 -2.43
C ALA A 103 9.17 -8.53 -2.97
N ARG A 104 10.48 -8.73 -2.80
CA ARG A 104 11.46 -7.78 -3.27
C ARG A 104 11.52 -7.74 -4.80
N GLU A 105 11.67 -8.92 -5.40
CA GLU A 105 11.76 -9.02 -6.86
C GLU A 105 10.45 -8.64 -7.54
N VAL A 106 9.32 -9.01 -6.94
CA VAL A 106 8.02 -8.69 -7.54
C VAL A 106 7.77 -7.20 -7.53
N MET A 107 8.24 -6.54 -6.47
CA MET A 107 8.09 -5.09 -6.34
C MET A 107 8.81 -4.38 -7.47
N GLN A 108 10.07 -4.77 -7.70
CA GLN A 108 10.89 -4.18 -8.75
C GLN A 108 10.19 -4.22 -10.10
N ARG A 109 9.49 -5.32 -10.38
CA ARG A 109 8.76 -5.47 -11.63
C ARG A 109 7.65 -4.43 -11.71
N MET A 110 7.00 -4.19 -10.58
CA MET A 110 5.94 -3.20 -10.51
C MET A 110 6.51 -1.80 -10.63
N LEU A 111 7.59 -1.55 -9.90
CA LEU A 111 8.26 -0.25 -9.90
C LEU A 111 8.99 0.01 -11.22
N ASN A 112 9.27 -1.05 -11.98
CA ASN A 112 9.97 -0.91 -13.25
C ASN A 112 8.99 -0.70 -14.41
N GLU A 113 7.68 -0.76 -14.12
CA GLU A 113 6.68 -0.58 -15.16
C GLU A 113 6.41 0.89 -15.45
N ASP A 114 6.43 1.25 -16.72
CA ASP A 114 6.17 2.62 -17.15
C ASP A 114 4.76 3.04 -16.77
N GLU A 115 3.85 2.07 -16.75
CA GLU A 115 2.46 2.33 -16.41
C GLU A 115 2.28 2.70 -14.93
N LEU A 116 3.33 2.49 -14.13
CA LEU A 116 3.25 2.79 -12.71
C LEU A 116 4.48 3.58 -12.23
N CYS A 117 5.13 4.31 -13.14
CA CYS A 117 6.29 5.09 -12.77
C CYS A 117 5.90 6.36 -12.00
N ASN A 118 4.59 6.61 -11.86
CA ASN A 118 4.13 7.79 -11.13
C ASN A 118 3.40 7.41 -9.84
N ALA A 119 3.36 6.11 -9.50
CA ALA A 119 2.70 5.67 -8.29
C ALA A 119 3.71 5.49 -7.16
N ALA A 120 3.26 5.72 -5.93
CA ALA A 120 4.13 5.63 -4.76
C ALA A 120 4.44 4.18 -4.40
N TRP A 121 5.33 4.02 -3.41
CA TRP A 121 5.73 2.69 -2.97
C TRP A 121 5.92 2.64 -1.44
N LEU A 122 4.81 2.58 -0.72
CA LEU A 122 4.85 2.51 0.74
C LEU A 122 4.91 1.06 1.19
N VAL A 123 6.02 0.65 1.77
CA VAL A 123 6.16 -0.74 2.23
C VAL A 123 5.82 -0.86 3.71
N PHE A 124 5.14 -1.94 4.07
CA PHE A 124 4.74 -2.19 5.44
C PHE A 124 5.06 -3.62 5.85
N ALA A 125 6.07 -3.79 6.69
CA ALA A 125 6.45 -5.12 7.15
C ALA A 125 5.29 -5.79 7.86
N ASN A 126 4.65 -6.75 7.18
CA ASN A 126 3.53 -7.46 7.74
C ASN A 126 4.00 -8.52 8.73
N LYS A 127 3.08 -9.01 9.56
CA LYS A 127 3.39 -10.03 10.55
C LYS A 127 4.41 -9.50 11.57
N GLN A 128 4.50 -8.18 11.70
CA GLN A 128 5.45 -7.60 12.65
C GLN A 128 5.12 -8.04 14.08
N ASP A 129 3.86 -8.35 14.33
CA ASP A 129 3.41 -8.79 15.65
C ASP A 129 4.01 -10.14 16.04
N LEU A 130 4.55 -10.87 15.06
CA LEU A 130 5.15 -12.18 15.33
C LEU A 130 6.45 -12.02 16.12
N PRO A 131 6.68 -12.85 17.17
CA PRO A 131 7.90 -12.77 17.98
C PRO A 131 9.18 -12.75 17.13
N GLU A 132 9.10 -13.38 15.96
CA GLU A 132 10.25 -13.44 15.06
C GLU A 132 10.12 -12.45 13.90
N ALA A 133 9.36 -11.38 14.13
CA ALA A 133 9.16 -10.36 13.11
C ALA A 133 10.47 -9.65 12.76
N MET A 134 10.75 -9.52 11.48
CA MET A 134 11.97 -8.87 11.00
C MET A 134 11.98 -7.39 11.35
N SER A 135 13.16 -6.87 11.67
CA SER A 135 13.32 -5.46 12.00
C SER A 135 13.24 -4.61 10.73
N ALA A 136 12.98 -3.32 10.90
CA ALA A 136 12.87 -2.41 9.77
C ALA A 136 14.21 -2.26 9.05
N ALA A 137 15.29 -2.39 9.80
CA ALA A 137 16.63 -2.25 9.24
C ALA A 137 16.97 -3.40 8.31
N GLU A 138 16.50 -4.61 8.64
CA GLU A 138 16.78 -5.78 7.81
C GLU A 138 15.93 -5.79 6.54
N ILE A 139 14.63 -5.58 6.69
CA ILE A 139 13.73 -5.57 5.55
C ILE A 139 14.12 -4.50 4.55
N THR A 140 14.52 -3.34 5.07
CA THR A 140 14.92 -2.23 4.22
C THR A 140 16.22 -2.52 3.50
N GLU A 141 17.23 -2.98 4.23
CA GLU A 141 18.53 -3.28 3.64
C GLU A 141 18.41 -4.32 2.52
N LYS A 142 17.83 -5.47 2.83
CA LYS A 142 17.69 -6.55 1.86
C LYS A 142 16.95 -6.10 0.61
N LEU A 143 16.00 -5.19 0.78
CA LEU A 143 15.22 -4.68 -0.33
C LEU A 143 16.01 -3.65 -1.16
N GLY A 144 17.25 -3.37 -0.77
CA GLY A 144 18.04 -2.39 -1.50
C GLY A 144 17.38 -1.03 -1.52
N LEU A 145 16.66 -0.72 -0.45
CA LEU A 145 15.93 0.54 -0.33
C LEU A 145 16.88 1.73 -0.26
N HIS A 146 18.00 1.58 0.43
CA HIS A 146 18.96 2.68 0.57
C HIS A 146 19.50 3.14 -0.79
N SER A 147 19.43 2.27 -1.79
CA SER A 147 19.93 2.61 -3.12
C SER A 147 18.80 3.05 -4.07
N ILE A 148 17.58 3.18 -3.56
CA ILE A 148 16.46 3.59 -4.41
C ILE A 148 16.03 5.03 -4.13
N ARG A 149 16.35 5.91 -5.07
CA ARG A 149 16.01 7.33 -4.97
C ARG A 149 15.28 7.81 -6.21
N ASN A 150 14.52 6.91 -6.83
CA ASN A 150 13.76 7.24 -8.03
C ASN A 150 12.25 7.17 -7.80
N ARG A 151 11.84 6.73 -6.61
CA ARG A 151 10.42 6.64 -6.28
C ARG A 151 10.22 6.82 -4.77
N PRO A 152 9.28 7.68 -4.34
CA PRO A 152 9.03 7.90 -2.91
C PRO A 152 8.46 6.67 -2.21
N TRP A 153 9.28 6.06 -1.36
CA TRP A 153 8.85 4.86 -0.62
C TRP A 153 9.09 5.04 0.88
N PHE A 154 8.30 4.33 1.67
CA PHE A 154 8.43 4.39 3.13
C PHE A 154 8.26 3.00 3.75
N ILE A 155 9.01 2.72 4.82
CA ILE A 155 8.92 1.44 5.50
C ILE A 155 8.43 1.61 6.94
N GLN A 156 7.33 0.94 7.27
CA GLN A 156 6.76 1.04 8.61
C GLN A 156 6.41 -0.33 9.18
N ALA A 157 6.70 -0.51 10.47
CA ALA A 157 6.39 -1.77 11.14
C ALA A 157 4.90 -1.81 11.46
N THR A 158 4.19 -2.79 10.89
CA THR A 158 2.75 -2.90 11.10
C THR A 158 2.32 -4.26 11.65
N CYS A 159 1.27 -4.23 12.45
CA CYS A 159 0.70 -5.43 13.03
C CYS A 159 -0.80 -5.43 12.73
N ALA A 160 -1.20 -6.24 11.76
CA ALA A 160 -2.59 -6.32 11.37
C ALA A 160 -3.45 -6.98 12.45
N THR A 161 -2.87 -7.97 13.13
CA THR A 161 -3.61 -8.68 14.19
C THR A 161 -4.22 -7.70 15.19
N SER A 162 -3.51 -6.62 15.47
CA SER A 162 -3.99 -5.60 16.41
C SER A 162 -4.41 -4.34 15.67
N GLY A 163 -3.66 -3.99 14.64
CA GLY A 163 -3.97 -2.79 13.86
C GLY A 163 -3.06 -1.62 14.19
N GLU A 164 -2.05 -1.86 15.02
CA GLU A 164 -1.12 -0.79 15.40
C GLU A 164 -0.20 -0.41 14.24
N GLY A 165 0.03 0.91 14.10
CA GLY A 165 0.90 1.40 13.05
C GLY A 165 0.20 1.62 11.72
N LEU A 166 -0.97 1.02 11.54
CA LEU A 166 -1.72 1.15 10.29
C LEU A 166 -2.16 2.59 10.06
N TYR A 167 -2.61 3.24 11.12
CA TYR A 167 -3.06 4.61 11.02
C TYR A 167 -1.93 5.55 10.59
N GLU A 168 -0.77 5.40 11.19
CA GLU A 168 0.39 6.24 10.86
C GLU A 168 0.73 6.16 9.38
N GLY A 169 0.64 4.96 8.80
CA GLY A 169 0.96 4.80 7.40
C GLY A 169 0.09 5.64 6.49
N LEU A 170 -1.20 5.65 6.76
CA LEU A 170 -2.15 6.43 5.97
C LEU A 170 -1.94 7.93 6.19
N GLU A 171 -1.43 8.29 7.35
CA GLU A 171 -1.19 9.71 7.67
C GLU A 171 0.04 10.24 6.95
N TRP A 172 1.09 9.42 6.89
CA TRP A 172 2.33 9.83 6.23
C TRP A 172 2.10 10.09 4.75
N LEU A 173 1.34 9.20 4.12
CA LEU A 173 1.05 9.34 2.69
C LEU A 173 0.28 10.63 2.40
N SER A 174 -0.81 10.85 3.14
CA SER A 174 -1.64 12.04 2.95
C SER A 174 -0.83 13.32 3.02
N ASN A 175 0.22 13.33 3.83
CA ASN A 175 1.07 14.51 3.98
C ASN A 175 1.96 14.72 2.76
N CYS A 176 2.38 13.62 2.15
CA CYS A 176 3.28 13.68 1.00
C CYS A 176 2.61 14.29 -0.24
N LEU A 177 1.30 14.15 -0.37
CA LEU A 177 0.61 14.70 -1.53
C LEU A 177 0.15 16.12 -1.26
N LYS A 178 -0.67 16.29 -0.20
CA LYS A 178 -1.21 17.62 0.14
C LYS A 178 -1.69 18.34 -1.12
N ASN A 179 -2.17 17.53 -2.06
CA ASN A 179 -2.66 18.06 -3.33
C ASN A 179 -4.16 18.37 -3.30
N SER A 180 -4.66 18.82 -2.14
CA SER A 180 -6.07 19.16 -2.00
C SER A 180 -6.22 20.57 -1.43
N THR A 181 -5.55 20.84 -0.33
CA THR A 181 -5.63 22.16 0.30
C THR A 181 -4.38 22.97 0.01
N GLY A 2 -8.71 35.08 -13.85
CA GLY A 2 -9.89 34.78 -13.07
C GLY A 2 -10.45 33.39 -13.37
N LEU A 3 -10.39 32.99 -14.63
CA LEU A 3 -10.87 31.68 -15.04
C LEU A 3 -9.99 30.57 -14.49
N PHE A 4 -8.68 30.71 -14.69
CA PHE A 4 -7.73 29.72 -14.21
C PHE A 4 -7.68 29.69 -12.69
N ALA A 5 -7.64 30.86 -12.07
CA ALA A 5 -7.59 30.96 -10.61
C ALA A 5 -8.75 30.21 -9.96
N SER A 6 -9.97 30.61 -10.31
CA SER A 6 -11.17 29.99 -9.76
C SER A 6 -11.15 28.47 -9.91
N LYS A 7 -10.58 27.99 -11.01
CA LYS A 7 -10.50 26.55 -11.26
C LYS A 7 -9.59 25.90 -10.22
N LEU A 8 -8.39 26.45 -10.06
CA LEU A 8 -7.42 25.95 -9.10
C LEU A 8 -8.01 25.89 -7.69
N PHE A 9 -8.96 26.78 -7.42
CA PHE A 9 -9.62 26.83 -6.12
C PHE A 9 -10.64 25.70 -6.00
N SER A 10 -11.27 25.36 -7.13
CA SER A 10 -12.28 24.31 -7.16
C SER A 10 -11.64 22.94 -7.03
N ASN A 11 -10.46 22.78 -7.60
CA ASN A 11 -9.75 21.50 -7.55
C ASN A 11 -9.26 21.19 -6.13
N LEU A 12 -9.11 22.23 -5.32
CA LEU A 12 -8.64 22.07 -3.95
C LEU A 12 -9.83 21.89 -2.99
N PHE A 13 -10.95 22.53 -3.31
CA PHE A 13 -12.14 22.44 -2.48
C PHE A 13 -13.18 21.54 -3.13
N GLY A 14 -12.71 20.53 -3.86
CA GLY A 14 -13.62 19.61 -4.52
C GLY A 14 -13.13 18.18 -4.46
N ASN A 15 -11.84 17.97 -4.69
CA ASN A 15 -11.27 16.63 -4.67
C ASN A 15 -11.47 15.97 -3.30
N LYS A 16 -10.60 16.29 -2.35
CA LYS A 16 -10.70 15.72 -1.00
C LYS A 16 -10.75 14.20 -1.04
N GLU A 17 -10.10 13.61 -2.05
CA GLU A 17 -10.09 12.16 -2.21
C GLU A 17 -8.78 11.68 -2.79
N MET A 18 -8.18 10.68 -2.14
CA MET A 18 -6.91 10.11 -2.60
C MET A 18 -7.11 8.66 -3.03
N ARG A 19 -6.38 8.23 -4.06
CA ARG A 19 -6.49 6.87 -4.56
C ARG A 19 -5.34 6.02 -4.06
N ILE A 20 -5.67 4.86 -3.50
CA ILE A 20 -4.65 3.96 -2.95
C ILE A 20 -4.78 2.55 -3.52
N LEU A 21 -3.66 1.83 -3.56
CA LEU A 21 -3.63 0.46 -4.06
C LEU A 21 -2.85 -0.44 -3.10
N MET A 22 -3.32 -1.67 -2.91
CA MET A 22 -2.66 -2.63 -2.02
C MET A 22 -2.41 -3.95 -2.73
N VAL A 23 -1.18 -4.46 -2.65
CA VAL A 23 -0.83 -5.73 -3.28
C VAL A 23 0.47 -6.30 -2.70
N GLY A 24 0.85 -7.48 -3.18
CA GLY A 24 2.07 -8.11 -2.70
C GLY A 24 2.17 -9.59 -3.03
N LEU A 25 2.99 -10.31 -2.26
CA LEU A 25 3.20 -11.73 -2.45
C LEU A 25 1.88 -12.52 -2.43
N ASP A 26 1.99 -13.84 -2.31
CA ASP A 26 0.82 -14.71 -2.29
C ASP A 26 0.30 -14.95 -0.87
N GLY A 27 0.60 -14.02 0.05
CA GLY A 27 0.14 -14.17 1.42
C GLY A 27 0.68 -13.10 2.37
N ALA A 28 0.96 -11.92 1.84
CA ALA A 28 1.50 -10.83 2.64
C ALA A 28 0.53 -10.42 3.74
N GLY A 29 -0.71 -10.20 3.35
CA GLY A 29 -1.73 -9.81 4.29
C GLY A 29 -2.39 -8.49 3.96
N LYS A 30 -2.35 -8.12 2.68
CA LYS A 30 -2.97 -6.87 2.24
C LYS A 30 -4.45 -6.85 2.59
N THR A 31 -5.08 -8.03 2.53
CA THR A 31 -6.49 -8.14 2.85
C THR A 31 -6.73 -7.97 4.35
N THR A 32 -5.80 -8.50 5.15
CA THR A 32 -5.90 -8.42 6.61
C THR A 32 -5.68 -6.99 7.10
N VAL A 33 -4.64 -6.33 6.58
CA VAL A 33 -4.31 -4.97 6.98
C VAL A 33 -5.38 -3.98 6.53
N LEU A 34 -5.80 -4.09 5.27
CA LEU A 34 -6.81 -3.19 4.71
C LEU A 34 -8.12 -3.29 5.47
N TYR A 35 -8.41 -4.47 6.00
CA TYR A 35 -9.64 -4.69 6.74
C TYR A 35 -9.55 -4.11 8.16
N LYS A 36 -8.36 -4.13 8.72
CA LYS A 36 -8.16 -3.61 10.08
C LYS A 36 -8.30 -2.09 10.11
N LEU A 37 -7.67 -1.42 9.17
CA LEU A 37 -7.74 0.04 9.10
C LEU A 37 -9.09 0.50 8.56
N LYS A 38 -9.70 -0.33 7.71
CA LYS A 38 -10.98 0.01 7.11
C LYS A 38 -12.14 -0.33 8.04
N LEU A 39 -12.10 -1.51 8.64
CA LEU A 39 -13.17 -1.95 9.54
C LEU A 39 -12.82 -1.75 11.01
N GLY A 40 -11.55 -1.46 11.31
CA GLY A 40 -11.13 -1.24 12.69
C GLY A 40 -10.96 -2.53 13.49
N GLU A 41 -11.30 -3.68 12.90
CA GLU A 41 -11.18 -4.95 13.59
C GLU A 41 -10.67 -6.04 12.65
N VAL A 42 -9.91 -6.98 13.21
CA VAL A 42 -9.38 -8.08 12.43
C VAL A 42 -10.42 -9.17 12.24
N ILE A 43 -10.61 -9.58 10.98
CA ILE A 43 -11.58 -10.63 10.66
C ILE A 43 -10.90 -11.78 9.93
N THR A 44 -11.65 -12.85 9.71
CA THR A 44 -11.13 -14.01 9.01
C THR A 44 -10.81 -13.67 7.56
N THR A 45 -9.53 -13.68 7.21
CA THR A 45 -9.10 -13.36 5.87
C THR A 45 -8.90 -14.62 5.05
N ILE A 46 -9.06 -14.50 3.73
CA ILE A 46 -8.92 -15.63 2.83
C ILE A 46 -8.36 -15.17 1.48
N PRO A 47 -7.88 -16.09 0.63
CA PRO A 47 -7.33 -15.72 -0.68
C PRO A 47 -8.33 -14.97 -1.54
N THR A 48 -8.04 -13.69 -1.81
CA THR A 48 -8.93 -12.86 -2.60
C THR A 48 -8.65 -13.05 -4.10
N ILE A 49 -9.67 -13.47 -4.83
CA ILE A 49 -9.55 -13.68 -6.27
C ILE A 49 -9.99 -12.41 -7.02
N GLY A 50 -9.19 -11.99 -7.98
CA GLY A 50 -9.52 -10.78 -8.73
C GLY A 50 -9.06 -9.53 -8.01
N PHE A 51 -9.98 -8.59 -7.81
CA PHE A 51 -9.65 -7.35 -7.12
C PHE A 51 -10.80 -6.90 -6.22
N ASN A 52 -10.49 -6.01 -5.28
CA ASN A 52 -11.50 -5.49 -4.36
C ASN A 52 -11.17 -4.05 -3.97
N VAL A 53 -12.20 -3.27 -3.64
CA VAL A 53 -12.00 -1.87 -3.25
C VAL A 53 -12.52 -1.61 -1.84
N GLU A 54 -11.94 -0.59 -1.19
CA GLU A 54 -12.35 -0.24 0.16
C GLU A 54 -12.42 1.27 0.33
N CYS A 55 -13.61 1.77 0.66
CA CYS A 55 -13.83 3.19 0.85
C CYS A 55 -13.57 3.59 2.30
N VAL A 56 -12.50 4.33 2.54
CA VAL A 56 -12.13 4.77 3.88
C VAL A 56 -11.92 6.29 3.93
N GLN A 57 -12.39 6.92 4.99
CA GLN A 57 -12.25 8.36 5.17
C GLN A 57 -11.30 8.67 6.32
N TYR A 58 -10.37 9.60 6.09
CA TYR A 58 -9.40 9.98 7.12
C TYR A 58 -9.16 11.48 7.12
N CYS A 59 -9.47 12.12 8.25
CA CYS A 59 -9.33 13.56 8.42
C CYS A 59 -10.36 14.27 7.54
N ASN A 60 -10.00 14.52 6.30
CA ASN A 60 -10.91 15.16 5.36
C ASN A 60 -10.86 14.48 3.99
N ILE A 61 -10.10 13.39 3.86
CA ILE A 61 -9.98 12.72 2.58
C ILE A 61 -10.63 11.35 2.56
N SER A 62 -10.98 10.93 1.35
CA SER A 62 -11.60 9.64 1.11
C SER A 62 -10.58 8.72 0.44
N PHE A 63 -9.84 7.98 1.25
CA PHE A 63 -8.83 7.06 0.74
C PHE A 63 -9.48 5.78 0.23
N THR A 64 -9.26 5.49 -1.04
CA THR A 64 -9.79 4.28 -1.64
C THR A 64 -8.65 3.29 -1.83
N VAL A 65 -8.70 2.19 -1.11
CA VAL A 65 -7.66 1.19 -1.18
C VAL A 65 -8.14 -0.06 -1.92
N TRP A 66 -7.67 -0.22 -3.15
CA TRP A 66 -8.03 -1.37 -3.95
C TRP A 66 -7.02 -2.47 -3.70
N ASP A 67 -7.47 -3.65 -3.29
CA ASP A 67 -6.56 -4.76 -3.01
C ASP A 67 -6.74 -5.86 -4.04
N VAL A 68 -5.77 -5.99 -4.93
CA VAL A 68 -5.80 -7.03 -5.95
C VAL A 68 -4.98 -8.22 -5.49
N GLY A 69 -5.40 -9.42 -5.86
CA GLY A 69 -4.69 -10.62 -5.47
C GLY A 69 -3.19 -10.52 -5.69
N GLY A 70 -2.41 -10.92 -4.70
CA GLY A 70 -0.97 -10.84 -4.81
C GLY A 70 -0.37 -12.06 -5.48
N GLN A 71 -1.15 -13.13 -5.61
CA GLN A 71 -0.67 -14.36 -6.23
C GLN A 71 -0.11 -14.09 -7.64
N ASP A 72 0.86 -14.91 -8.03
CA ASP A 72 1.49 -14.81 -9.35
C ASP A 72 0.43 -14.79 -10.45
N ARG A 73 -0.49 -15.76 -10.39
CA ARG A 73 -1.56 -15.86 -11.37
C ARG A 73 -2.38 -14.57 -11.40
N ILE A 74 -2.41 -13.86 -10.27
CA ILE A 74 -3.17 -12.61 -10.18
C ILE A 74 -2.35 -11.44 -10.73
N ARG A 75 -1.02 -11.59 -10.73
CA ARG A 75 -0.11 -10.53 -11.21
C ARG A 75 -0.64 -9.83 -12.48
N SER A 76 -1.24 -10.58 -13.39
CA SER A 76 -1.77 -10.02 -14.63
C SER A 76 -3.00 -9.15 -14.37
N LEU A 77 -3.81 -9.53 -13.39
CA LEU A 77 -5.02 -8.79 -13.05
C LEU A 77 -4.72 -7.32 -12.73
N TRP A 78 -3.47 -7.03 -12.37
CA TRP A 78 -3.07 -5.67 -12.02
C TRP A 78 -3.29 -4.70 -13.19
N ARG A 79 -3.44 -5.23 -14.40
CA ARG A 79 -3.67 -4.39 -15.57
C ARG A 79 -5.15 -4.01 -15.72
N HIS A 80 -5.98 -4.36 -14.72
CA HIS A 80 -7.40 -4.03 -14.76
C HIS A 80 -7.79 -3.13 -13.58
N TYR A 81 -6.79 -2.51 -12.95
CA TYR A 81 -7.03 -1.63 -11.80
C TYR A 81 -7.90 -0.41 -12.18
N TYR A 82 -8.11 -0.18 -13.49
CA TYR A 82 -8.92 0.96 -13.96
C TYR A 82 -8.12 2.28 -13.98
N CYS A 83 -6.88 2.26 -13.48
CA CYS A 83 -6.05 3.45 -13.46
C CYS A 83 -6.68 4.53 -12.59
N ASN A 84 -5.97 4.92 -11.52
CA ASN A 84 -6.45 5.97 -10.60
C ASN A 84 -5.62 5.99 -9.30
N THR A 85 -5.03 4.85 -8.94
CA THR A 85 -4.24 4.75 -7.72
C THR A 85 -3.13 5.80 -7.69
N GLU A 86 -3.16 6.64 -6.66
CA GLU A 86 -2.15 7.68 -6.52
C GLU A 86 -1.01 7.21 -5.60
N GLY A 87 -1.30 6.21 -4.76
CA GLY A 87 -0.29 5.67 -3.87
C GLY A 87 -0.51 4.19 -3.64
N VAL A 88 0.52 3.38 -3.86
CA VAL A 88 0.38 1.94 -3.67
C VAL A 88 1.08 1.49 -2.40
N ILE A 89 0.63 0.38 -1.85
CA ILE A 89 1.20 -0.15 -0.62
C ILE A 89 1.67 -1.59 -0.80
N PHE A 90 2.98 -1.75 -0.94
CA PHE A 90 3.57 -3.07 -1.13
C PHE A 90 3.76 -3.79 0.20
N VAL A 91 3.14 -4.95 0.33
CA VAL A 91 3.23 -5.74 1.56
C VAL A 91 4.33 -6.79 1.44
N VAL A 92 5.23 -6.81 2.42
CA VAL A 92 6.33 -7.76 2.41
C VAL A 92 6.40 -8.54 3.73
N ASP A 93 6.40 -9.86 3.63
CA ASP A 93 6.48 -10.69 4.83
C ASP A 93 7.82 -10.51 5.50
N SER A 94 7.80 -10.20 6.80
CA SER A 94 9.03 -9.99 7.55
C SER A 94 9.56 -11.31 8.11
N ASN A 95 8.66 -12.19 8.52
CA ASN A 95 9.04 -13.48 9.09
C ASN A 95 9.31 -14.55 8.02
N ASP A 96 9.21 -14.20 6.74
CA ASP A 96 9.44 -15.16 5.67
C ASP A 96 10.66 -14.76 4.84
N ARG A 97 11.85 -15.06 5.36
CA ARG A 97 13.10 -14.74 4.69
C ARG A 97 13.28 -15.57 3.43
N SER A 98 12.67 -16.75 3.40
CA SER A 98 12.79 -17.64 2.26
C SER A 98 12.33 -16.98 0.97
N ARG A 99 11.18 -16.30 1.02
CA ARG A 99 10.63 -15.64 -0.17
C ARG A 99 11.12 -14.20 -0.34
N ILE A 100 11.96 -13.71 0.58
CA ILE A 100 12.45 -12.33 0.53
C ILE A 100 12.92 -11.92 -0.88
N GLY A 101 13.28 -12.88 -1.73
CA GLY A 101 13.71 -12.53 -3.08
C GLY A 101 12.54 -12.23 -3.98
N GLU A 102 11.42 -12.90 -3.71
CA GLU A 102 10.21 -12.71 -4.49
C GLU A 102 9.60 -11.35 -4.21
N ALA A 103 9.44 -11.05 -2.91
CA ALA A 103 8.88 -9.77 -2.49
C ALA A 103 9.63 -8.60 -3.13
N ARG A 104 10.94 -8.57 -2.94
CA ARG A 104 11.77 -7.50 -3.51
C ARG A 104 11.70 -7.51 -5.03
N GLU A 105 11.76 -8.70 -5.61
CA GLU A 105 11.71 -8.82 -7.07
C GLU A 105 10.40 -8.28 -7.63
N VAL A 106 9.32 -8.44 -6.88
CA VAL A 106 8.01 -7.96 -7.30
C VAL A 106 7.97 -6.43 -7.29
N MET A 107 8.57 -5.84 -6.27
CA MET A 107 8.61 -4.40 -6.13
C MET A 107 9.31 -3.77 -7.33
N GLN A 108 10.50 -4.28 -7.64
CA GLN A 108 11.30 -3.78 -8.76
C GLN A 108 10.50 -3.77 -10.06
N ARG A 109 9.72 -4.83 -10.29
CA ARG A 109 8.90 -4.93 -11.49
C ARG A 109 7.87 -3.80 -11.51
N MET A 110 7.35 -3.48 -10.33
CA MET A 110 6.37 -2.42 -10.17
C MET A 110 7.02 -1.06 -10.39
N LEU A 111 8.20 -0.87 -9.79
CA LEU A 111 8.93 0.38 -9.89
C LEU A 111 9.56 0.58 -11.26
N ASN A 112 9.73 -0.50 -12.02
CA ASN A 112 10.32 -0.40 -13.35
C ASN A 112 9.25 -0.29 -14.44
N GLU A 113 7.97 -0.37 -14.07
CA GLU A 113 6.90 -0.29 -15.04
C GLU A 113 6.52 1.16 -15.33
N ASP A 114 6.47 1.50 -16.61
CA ASP A 114 6.11 2.85 -17.04
C ASP A 114 4.66 3.15 -16.68
N GLU A 115 3.84 2.10 -16.73
CA GLU A 115 2.41 2.23 -16.41
C GLU A 115 2.19 2.52 -14.92
N LEU A 116 3.21 2.27 -14.10
CA LEU A 116 3.08 2.51 -12.68
C LEU A 116 4.21 3.39 -12.15
N CYS A 117 4.83 4.17 -13.02
CA CYS A 117 5.90 5.07 -12.62
C CYS A 117 5.36 6.32 -11.92
N ASN A 118 4.02 6.44 -11.82
CA ASN A 118 3.41 7.58 -11.16
C ASN A 118 2.73 7.17 -9.85
N ALA A 119 2.72 5.86 -9.55
CA ALA A 119 2.11 5.37 -8.32
C ALA A 119 3.13 5.22 -7.21
N ALA A 120 2.69 5.44 -5.98
CA ALA A 120 3.59 5.36 -4.83
C ALA A 120 3.88 3.92 -4.41
N TRP A 121 4.77 3.75 -3.44
CA TRP A 121 5.14 2.43 -2.96
C TRP A 121 5.37 2.42 -1.45
N LEU A 122 4.30 2.15 -0.70
CA LEU A 122 4.38 2.09 0.75
C LEU A 122 4.68 0.67 1.21
N VAL A 123 5.79 0.49 1.90
CA VAL A 123 6.18 -0.83 2.38
C VAL A 123 5.71 -1.06 3.80
N PHE A 124 5.10 -2.21 4.04
CA PHE A 124 4.61 -2.57 5.36
C PHE A 124 4.96 -4.01 5.70
N ALA A 125 5.96 -4.19 6.55
CA ALA A 125 6.36 -5.53 6.96
C ALA A 125 5.22 -6.21 7.70
N ASN A 126 4.57 -7.17 7.03
CA ASN A 126 3.45 -7.88 7.63
C ASN A 126 3.91 -8.94 8.62
N LYS A 127 2.98 -9.39 9.46
CA LYS A 127 3.28 -10.40 10.47
C LYS A 127 4.25 -9.87 11.53
N GLN A 128 4.31 -8.55 11.69
CA GLN A 128 5.21 -7.96 12.68
C GLN A 128 4.90 -8.46 14.08
N ASP A 129 3.63 -8.82 14.31
CA ASP A 129 3.19 -9.31 15.61
C ASP A 129 3.85 -10.65 15.97
N LEU A 130 4.47 -11.31 14.99
CA LEU A 130 5.12 -12.59 15.24
C LEU A 130 6.39 -12.39 16.10
N PRO A 131 6.56 -13.20 17.17
CA PRO A 131 7.74 -13.09 18.05
C PRO A 131 9.05 -13.05 17.27
N GLU A 132 9.06 -13.67 16.10
CA GLU A 132 10.25 -13.71 15.26
C GLU A 132 10.17 -12.69 14.13
N ALA A 133 9.43 -11.60 14.36
CA ALA A 133 9.29 -10.57 13.36
C ALA A 133 10.61 -9.89 13.06
N MET A 134 10.94 -9.76 11.77
CA MET A 134 12.19 -9.14 11.34
C MET A 134 12.21 -7.65 11.67
N SER A 135 13.41 -7.14 11.93
CA SER A 135 13.57 -5.72 12.25
C SER A 135 13.42 -4.88 10.98
N ALA A 136 13.17 -3.58 11.15
CA ALA A 136 13.01 -2.68 10.02
C ALA A 136 14.31 -2.52 9.25
N ALA A 137 15.43 -2.59 9.96
CA ALA A 137 16.73 -2.44 9.35
C ALA A 137 17.08 -3.62 8.44
N GLU A 138 16.62 -4.81 8.80
CA GLU A 138 16.92 -6.00 8.01
C GLU A 138 16.08 -6.06 6.74
N ILE A 139 14.77 -5.87 6.89
CA ILE A 139 13.86 -5.91 5.74
C ILE A 139 14.25 -4.86 4.71
N THR A 140 14.65 -3.69 5.19
CA THR A 140 15.04 -2.60 4.31
C THR A 140 16.34 -2.91 3.57
N GLU A 141 17.34 -3.38 4.31
CA GLU A 141 18.63 -3.70 3.71
C GLU A 141 18.50 -4.73 2.60
N LYS A 142 17.92 -5.89 2.92
CA LYS A 142 17.76 -6.98 1.95
C LYS A 142 16.99 -6.52 0.71
N LEU A 143 16.05 -5.60 0.91
CA LEU A 143 15.25 -5.09 -0.20
C LEU A 143 16.02 -4.05 -1.03
N GLY A 144 17.27 -3.76 -0.66
CA GLY A 144 18.04 -2.78 -1.41
C GLY A 144 17.37 -1.41 -1.38
N LEU A 145 16.69 -1.13 -0.29
CA LEU A 145 15.97 0.12 -0.14
C LEU A 145 16.91 1.32 -0.06
N HIS A 146 18.03 1.17 0.63
CA HIS A 146 19.00 2.25 0.78
C HIS A 146 19.55 2.74 -0.55
N SER A 147 19.42 1.91 -1.60
CA SER A 147 19.93 2.28 -2.92
C SER A 147 18.82 2.74 -3.87
N ILE A 148 17.58 2.84 -3.37
CA ILE A 148 16.48 3.27 -4.23
C ILE A 148 16.06 4.72 -3.92
N ARG A 149 16.39 5.60 -4.87
CA ARG A 149 16.06 7.01 -4.73
C ARG A 149 15.39 7.55 -6.01
N ASN A 150 14.70 6.66 -6.72
CA ASN A 150 14.02 7.05 -7.95
C ASN A 150 12.49 6.97 -7.80
N ARG A 151 12.01 6.49 -6.66
CA ARG A 151 10.58 6.38 -6.41
C ARG A 151 10.28 6.55 -4.92
N PRO A 152 9.22 7.30 -4.56
CA PRO A 152 8.87 7.52 -3.16
C PRO A 152 8.39 6.25 -2.46
N TRP A 153 9.19 5.77 -1.51
CA TRP A 153 8.85 4.56 -0.77
C TRP A 153 9.15 4.72 0.72
N PHE A 154 8.39 3.99 1.54
CA PHE A 154 8.58 4.04 2.99
C PHE A 154 8.42 2.65 3.61
N ILE A 155 9.17 2.36 4.68
CA ILE A 155 9.09 1.07 5.35
C ILE A 155 8.56 1.25 6.77
N GLN A 156 7.45 0.59 7.08
CA GLN A 156 6.84 0.69 8.40
C GLN A 156 6.45 -0.67 8.96
N ALA A 157 6.70 -0.87 10.25
CA ALA A 157 6.35 -2.12 10.91
C ALA A 157 4.83 -2.21 11.03
N THR A 158 4.23 -3.18 10.35
CA THR A 158 2.78 -3.32 10.36
C THR A 158 2.31 -4.61 11.03
N CYS A 159 1.35 -4.45 11.94
CA CYS A 159 0.74 -5.56 12.65
C CYS A 159 -0.77 -5.47 12.47
N ALA A 160 -1.30 -6.29 11.58
CA ALA A 160 -2.73 -6.29 11.28
C ALA A 160 -3.53 -6.97 12.37
N THR A 161 -2.94 -7.97 13.02
CA THR A 161 -3.64 -8.69 14.09
C THR A 161 -4.18 -7.71 15.14
N SER A 162 -3.40 -6.67 15.42
CA SER A 162 -3.80 -5.66 16.40
C SER A 162 -4.20 -4.37 15.71
N GLY A 163 -3.51 -4.04 14.62
CA GLY A 163 -3.80 -2.83 13.87
C GLY A 163 -2.88 -1.67 14.22
N GLU A 164 -1.88 -1.92 15.05
CA GLU A 164 -0.96 -0.86 15.45
C GLU A 164 -0.07 -0.43 14.28
N GLY A 165 0.16 0.88 14.16
CA GLY A 165 0.99 1.41 13.09
C GLY A 165 0.24 1.64 11.79
N LEU A 166 -0.94 1.04 11.63
CA LEU A 166 -1.71 1.18 10.42
C LEU A 166 -2.19 2.62 10.22
N TYR A 167 -2.66 3.24 11.30
CA TYR A 167 -3.14 4.60 11.23
C TYR A 167 -2.03 5.56 10.77
N GLU A 168 -0.84 5.41 11.35
CA GLU A 168 0.29 6.27 11.01
C GLU A 168 0.60 6.21 9.52
N GLY A 169 0.47 5.02 8.93
CA GLY A 169 0.76 4.86 7.51
C GLY A 169 -0.14 5.70 6.63
N LEU A 170 -1.43 5.71 6.93
CA LEU A 170 -2.38 6.48 6.15
C LEU A 170 -2.13 7.98 6.31
N GLU A 171 -1.60 8.37 7.46
CA GLU A 171 -1.32 9.78 7.74
C GLU A 171 -0.11 10.26 6.94
N TRP A 172 0.89 9.40 6.81
CA TRP A 172 2.10 9.74 6.08
C TRP A 172 1.80 9.95 4.60
N LEU A 173 1.00 9.06 4.03
CA LEU A 173 0.64 9.14 2.63
C LEU A 173 -0.15 10.42 2.34
N SER A 174 -1.19 10.67 3.14
CA SER A 174 -2.03 11.85 2.96
C SER A 174 -1.20 13.13 2.97
N ASN A 175 -0.10 13.14 3.71
CA ASN A 175 0.77 14.31 3.80
C ASN A 175 1.58 14.48 2.52
N CYS A 176 1.92 13.37 1.87
CA CYS A 176 2.72 13.41 0.66
C CYS A 176 1.97 14.03 -0.52
N LEU A 177 0.65 13.90 -0.56
CA LEU A 177 -0.14 14.46 -1.66
C LEU A 177 -0.66 15.85 -1.32
N LYS A 178 -1.46 15.95 -0.26
CA LYS A 178 -2.02 17.24 0.15
C LYS A 178 -0.90 18.21 0.53
N ASN A 179 0.12 17.68 1.20
CA ASN A 179 1.29 18.46 1.65
C ASN A 179 0.91 19.89 2.08
N SER A 180 0.07 19.99 3.10
CA SER A 180 -0.38 21.28 3.61
C SER A 180 -1.14 22.05 2.53
N THR A 181 -2.46 22.11 2.67
CA THR A 181 -3.30 22.81 1.70
C THR A 181 -3.18 24.32 1.88
N GLY A 2 1.47 30.68 -17.29
CA GLY A 2 1.82 30.20 -15.96
C GLY A 2 0.70 30.42 -14.95
N LEU A 3 -0.04 31.51 -15.12
CA LEU A 3 -1.15 31.83 -14.23
C LEU A 3 -2.29 30.85 -14.41
N PHE A 4 -2.70 30.63 -15.66
CA PHE A 4 -3.79 29.72 -15.96
C PHE A 4 -3.39 28.27 -15.67
N ALA A 5 -2.17 27.90 -16.06
CA ALA A 5 -1.69 26.54 -15.82
C ALA A 5 -1.72 26.19 -14.34
N SER A 6 -1.06 27.02 -13.53
CA SER A 6 -1.00 26.80 -12.09
C SER A 6 -2.38 26.61 -11.48
N LYS A 7 -3.38 27.22 -12.10
CA LYS A 7 -4.75 27.11 -11.61
C LYS A 7 -5.25 25.68 -11.84
N LEU A 8 -5.08 25.19 -13.06
CA LEU A 8 -5.49 23.84 -13.41
C LEU A 8 -4.79 22.81 -12.54
N PHE A 9 -3.58 23.15 -12.09
CA PHE A 9 -2.80 22.27 -11.23
C PHE A 9 -3.32 22.30 -9.80
N SER A 10 -3.83 23.45 -9.39
CA SER A 10 -4.36 23.64 -8.03
C SER A 10 -5.40 22.59 -7.67
N ASN A 11 -6.18 22.15 -8.66
CA ASN A 11 -7.22 21.17 -8.43
C ASN A 11 -6.66 19.89 -7.80
N LEU A 12 -5.36 19.65 -7.98
CA LEU A 12 -4.72 18.46 -7.42
C LEU A 12 -5.00 18.32 -5.93
N PHE A 13 -5.11 19.44 -5.23
CA PHE A 13 -5.38 19.43 -3.80
C PHE A 13 -6.81 19.87 -3.50
N GLY A 14 -7.45 20.55 -4.45
CA GLY A 14 -8.82 21.01 -4.26
C GLY A 14 -9.77 19.87 -3.90
N ASN A 15 -9.38 18.64 -4.25
CA ASN A 15 -10.20 17.47 -3.95
C ASN A 15 -9.79 16.85 -2.62
N LYS A 16 -10.68 16.04 -2.05
CA LYS A 16 -10.41 15.38 -0.78
C LYS A 16 -10.48 13.86 -0.94
N GLU A 17 -9.91 13.36 -2.04
CA GLU A 17 -9.92 11.92 -2.31
C GLU A 17 -8.57 11.47 -2.87
N MET A 18 -8.16 10.26 -2.51
CA MET A 18 -6.89 9.71 -2.97
C MET A 18 -7.06 8.25 -3.37
N ARG A 19 -6.37 7.82 -4.43
CA ARG A 19 -6.46 6.44 -4.89
C ARG A 19 -5.25 5.63 -4.43
N ILE A 20 -5.52 4.45 -3.88
CA ILE A 20 -4.46 3.56 -3.39
C ILE A 20 -4.66 2.14 -3.91
N LEU A 21 -3.56 1.39 -3.98
CA LEU A 21 -3.60 0.01 -4.45
C LEU A 21 -2.80 -0.89 -3.51
N MET A 22 -3.29 -2.10 -3.26
CA MET A 22 -2.60 -3.04 -2.38
C MET A 22 -2.20 -4.30 -3.14
N VAL A 23 -0.92 -4.64 -3.12
CA VAL A 23 -0.43 -5.83 -3.81
C VAL A 23 0.89 -6.33 -3.23
N GLY A 24 1.35 -7.47 -3.75
CA GLY A 24 2.61 -8.04 -3.28
C GLY A 24 2.76 -9.51 -3.60
N LEU A 25 2.63 -10.35 -2.57
CA LEU A 25 2.78 -11.79 -2.73
C LEU A 25 1.43 -12.51 -2.65
N ASP A 26 1.47 -13.85 -2.59
CA ASP A 26 0.27 -14.67 -2.54
C ASP A 26 -0.24 -14.88 -1.11
N GLY A 27 0.09 -13.96 -0.20
CA GLY A 27 -0.36 -14.10 1.18
C GLY A 27 0.20 -13.04 2.12
N ALA A 28 0.44 -11.84 1.58
CA ALA A 28 1.00 -10.76 2.38
C ALA A 28 0.03 -10.32 3.48
N GLY A 29 -1.20 -10.04 3.09
CA GLY A 29 -2.21 -9.63 4.05
C GLY A 29 -2.88 -8.32 3.70
N LYS A 30 -3.04 -8.08 2.40
CA LYS A 30 -3.69 -6.85 1.95
C LYS A 30 -5.16 -6.83 2.36
N THR A 31 -5.77 -8.01 2.32
CA THR A 31 -7.18 -8.14 2.69
C THR A 31 -7.39 -7.98 4.19
N THR A 32 -6.45 -8.50 4.97
CA THR A 32 -6.54 -8.42 6.42
C THR A 32 -6.40 -6.98 6.93
N VAL A 33 -5.45 -6.25 6.37
CA VAL A 33 -5.20 -4.87 6.77
C VAL A 33 -6.35 -3.94 6.38
N LEU A 34 -6.81 -4.06 5.15
CA LEU A 34 -7.89 -3.22 4.64
C LEU A 34 -9.16 -3.36 5.49
N TYR A 35 -9.41 -4.57 5.98
CA TYR A 35 -10.59 -4.82 6.79
C TYR A 35 -10.41 -4.28 8.20
N LYS A 36 -9.19 -4.36 8.72
CA LYS A 36 -8.89 -3.88 10.06
C LYS A 36 -8.85 -2.36 10.10
N LEU A 37 -8.20 -1.76 9.12
CA LEU A 37 -8.11 -0.31 9.04
C LEU A 37 -9.48 0.30 8.77
N LYS A 38 -10.31 -0.43 8.03
CA LYS A 38 -11.63 0.04 7.68
C LYS A 38 -12.70 -0.36 8.70
N LEU A 39 -12.51 -1.50 9.36
CA LEU A 39 -13.49 -1.99 10.33
C LEU A 39 -13.04 -1.79 11.78
N GLY A 40 -11.76 -1.48 12.00
CA GLY A 40 -11.26 -1.27 13.35
C GLY A 40 -11.00 -2.57 14.12
N GLU A 41 -11.30 -3.72 13.51
CA GLU A 41 -11.10 -4.99 14.18
C GLU A 41 -10.49 -6.03 13.24
N VAL A 42 -9.66 -6.90 13.79
CA VAL A 42 -9.02 -7.94 12.99
C VAL A 42 -10.00 -9.08 12.76
N ILE A 43 -10.13 -9.49 11.50
CA ILE A 43 -11.04 -10.57 11.13
C ILE A 43 -10.33 -11.65 10.33
N THR A 44 -11.04 -12.74 10.09
CA THR A 44 -10.51 -13.85 9.32
C THR A 44 -10.62 -13.55 7.83
N THR A 45 -9.48 -13.52 7.15
CA THR A 45 -9.45 -13.23 5.71
C THR A 45 -9.22 -14.49 4.90
N ILE A 46 -9.37 -14.38 3.59
CA ILE A 46 -9.19 -15.50 2.68
C ILE A 46 -8.62 -15.02 1.34
N PRO A 47 -8.10 -15.94 0.50
CA PRO A 47 -7.52 -15.57 -0.80
C PRO A 47 -8.53 -14.82 -1.67
N THR A 48 -8.25 -13.55 -1.94
CA THR A 48 -9.14 -12.73 -2.75
C THR A 48 -8.83 -12.90 -4.24
N ILE A 49 -9.81 -13.39 -4.98
CA ILE A 49 -9.64 -13.58 -6.42
C ILE A 49 -10.04 -12.31 -7.18
N GLY A 50 -9.05 -11.62 -7.73
CA GLY A 50 -9.30 -10.40 -8.46
C GLY A 50 -8.87 -9.18 -7.67
N PHE A 51 -9.80 -8.26 -7.44
CA PHE A 51 -9.50 -7.04 -6.69
C PHE A 51 -10.65 -6.68 -5.74
N ASN A 52 -10.38 -5.81 -4.79
CA ASN A 52 -11.39 -5.38 -3.82
C ASN A 52 -11.16 -3.92 -3.43
N VAL A 53 -12.20 -3.10 -3.58
CA VAL A 53 -12.11 -1.69 -3.25
C VAL A 53 -12.53 -1.43 -1.79
N GLU A 54 -11.96 -0.39 -1.20
CA GLU A 54 -12.28 -0.04 0.19
C GLU A 54 -12.34 1.47 0.36
N CYS A 55 -13.52 1.97 0.74
CA CYS A 55 -13.72 3.39 0.96
C CYS A 55 -13.44 3.77 2.41
N VAL A 56 -12.36 4.51 2.64
CA VAL A 56 -12.00 4.94 3.99
C VAL A 56 -11.75 6.44 4.05
N GLN A 57 -12.20 7.07 5.13
CA GLN A 57 -12.03 8.50 5.32
C GLN A 57 -11.07 8.80 6.46
N TYR A 58 -10.15 9.73 6.24
CA TYR A 58 -9.17 10.11 7.27
C TYR A 58 -9.02 11.63 7.33
N CYS A 59 -9.37 12.20 8.47
CA CYS A 59 -9.33 13.64 8.68
C CYS A 59 -10.43 14.31 7.87
N ASN A 60 -10.13 14.67 6.63
CA ASN A 60 -11.11 15.28 5.74
C ASN A 60 -11.03 14.67 4.34
N ILE A 61 -10.22 13.61 4.19
CA ILE A 61 -10.03 12.97 2.89
C ILE A 61 -10.66 11.59 2.82
N SER A 62 -10.99 11.20 1.60
CA SER A 62 -11.59 9.90 1.34
C SER A 62 -10.72 9.08 0.40
N PHE A 63 -9.76 8.35 0.97
CA PHE A 63 -8.87 7.54 0.17
C PHE A 63 -9.51 6.19 -0.16
N THR A 64 -9.36 5.79 -1.41
CA THR A 64 -9.89 4.51 -1.88
C THR A 64 -8.73 3.54 -2.09
N VAL A 65 -8.77 2.40 -1.42
CA VAL A 65 -7.70 1.41 -1.55
C VAL A 65 -8.19 0.13 -2.18
N TRP A 66 -7.67 -0.16 -3.37
CA TRP A 66 -8.02 -1.38 -4.08
C TRP A 66 -6.96 -2.43 -3.79
N ASP A 67 -7.37 -3.63 -3.38
CA ASP A 67 -6.40 -4.68 -3.08
C ASP A 67 -6.46 -5.79 -4.12
N VAL A 68 -5.47 -5.84 -4.98
CA VAL A 68 -5.40 -6.85 -6.02
C VAL A 68 -4.49 -7.99 -5.59
N GLY A 69 -4.86 -9.21 -5.96
CA GLY A 69 -4.07 -10.37 -5.61
C GLY A 69 -4.86 -11.65 -5.61
N GLY A 70 -4.31 -12.67 -4.95
CA GLY A 70 -4.95 -13.96 -4.89
C GLY A 70 -4.01 -15.06 -5.36
N GLN A 71 -3.15 -14.70 -6.31
CA GLN A 71 -2.18 -15.65 -6.86
C GLN A 71 -1.39 -15.01 -8.01
N ASP A 72 -0.14 -15.39 -8.14
CA ASP A 72 0.72 -14.85 -9.20
C ASP A 72 0.04 -14.97 -10.57
N ARG A 73 -0.60 -16.12 -10.80
CA ARG A 73 -1.30 -16.38 -12.06
C ARG A 73 -2.25 -15.25 -12.44
N ILE A 74 -2.71 -14.51 -11.45
CA ILE A 74 -3.63 -13.39 -11.68
C ILE A 74 -2.96 -12.03 -11.45
N ARG A 75 -1.75 -12.04 -10.87
CA ARG A 75 -1.04 -10.78 -10.61
C ARG A 75 -0.99 -9.89 -11.86
N SER A 76 -1.05 -10.50 -13.03
CA SER A 76 -1.01 -9.78 -14.30
C SER A 76 -2.10 -8.72 -14.37
N LEU A 77 -3.20 -8.95 -13.66
CA LEU A 77 -4.33 -8.02 -13.65
C LEU A 77 -3.93 -6.67 -13.06
N TRP A 78 -2.79 -6.62 -12.37
CA TRP A 78 -2.31 -5.37 -11.75
C TRP A 78 -2.25 -4.24 -12.77
N ARG A 79 -1.72 -4.52 -13.95
CA ARG A 79 -1.60 -3.52 -15.00
C ARG A 79 -2.79 -3.58 -15.95
N HIS A 80 -3.91 -4.10 -15.48
CA HIS A 80 -5.11 -4.22 -16.31
C HIS A 80 -6.27 -3.39 -15.76
N TYR A 81 -6.23 -3.08 -14.46
CA TYR A 81 -7.30 -2.30 -13.84
C TYR A 81 -6.78 -1.38 -12.74
N TYR A 82 -5.47 -1.13 -12.71
CA TYR A 82 -4.87 -0.26 -11.70
C TYR A 82 -5.57 1.08 -11.61
N CYS A 83 -5.94 1.63 -12.77
CA CYS A 83 -6.63 2.91 -12.83
C CYS A 83 -5.76 4.01 -12.23
N ASN A 84 -6.33 5.21 -12.11
CA ASN A 84 -5.60 6.35 -11.57
C ASN A 84 -5.29 6.20 -10.08
N THR A 85 -4.38 5.28 -9.75
CA THR A 85 -3.97 5.06 -8.37
C THR A 85 -2.92 6.09 -7.99
N GLU A 86 -3.09 6.75 -6.85
CA GLU A 86 -2.14 7.76 -6.40
C GLU A 86 -1.03 7.15 -5.57
N GLY A 87 -1.29 6.02 -4.93
CA GLY A 87 -0.29 5.34 -4.13
C GLY A 87 -0.52 3.84 -4.10
N VAL A 88 0.44 3.09 -3.57
CA VAL A 88 0.29 1.64 -3.51
C VAL A 88 0.85 1.07 -2.22
N ILE A 89 -0.01 0.43 -1.43
CA ILE A 89 0.41 -0.18 -0.18
C ILE A 89 0.95 -1.58 -0.43
N PHE A 90 2.27 -1.73 -0.38
CA PHE A 90 2.91 -3.01 -0.61
C PHE A 90 3.08 -3.77 0.70
N VAL A 91 2.48 -4.95 0.77
CA VAL A 91 2.57 -5.77 1.97
C VAL A 91 3.63 -6.86 1.80
N VAL A 92 4.62 -6.82 2.68
CA VAL A 92 5.71 -7.81 2.64
C VAL A 92 5.87 -8.52 3.98
N ASP A 93 5.82 -9.85 3.94
CA ASP A 93 5.99 -10.63 5.15
C ASP A 93 7.42 -10.52 5.66
N SER A 94 7.57 -10.13 6.92
CA SER A 94 8.90 -9.97 7.50
C SER A 94 9.42 -11.29 8.07
N ASN A 95 8.52 -12.11 8.59
CA ASN A 95 8.90 -13.39 9.17
C ASN A 95 9.16 -14.47 8.11
N ASP A 96 8.98 -14.13 6.83
CA ASP A 96 9.20 -15.09 5.76
C ASP A 96 10.40 -14.69 4.92
N ARG A 97 11.59 -14.98 5.42
CA ARG A 97 12.83 -14.64 4.74
C ARG A 97 13.00 -15.46 3.46
N SER A 98 12.39 -16.65 3.44
CA SER A 98 12.49 -17.51 2.27
C SER A 98 12.02 -16.81 1.01
N ARG A 99 10.88 -16.13 1.09
CA ARG A 99 10.32 -15.43 -0.07
C ARG A 99 10.75 -13.97 -0.14
N ILE A 100 11.54 -13.50 0.84
CA ILE A 100 11.99 -12.09 0.88
C ILE A 100 12.45 -11.56 -0.48
N GLY A 101 12.88 -12.44 -1.38
CA GLY A 101 13.32 -12.00 -2.68
C GLY A 101 12.15 -11.76 -3.62
N GLU A 102 11.08 -12.53 -3.42
CA GLU A 102 9.88 -12.41 -4.23
C GLU A 102 9.24 -11.04 -4.02
N ALA A 103 9.08 -10.67 -2.75
CA ALA A 103 8.49 -9.38 -2.40
C ALA A 103 9.32 -8.23 -2.98
N ARG A 104 10.64 -8.33 -2.86
CA ARG A 104 11.53 -7.31 -3.38
C ARG A 104 11.50 -7.28 -4.90
N GLU A 105 11.65 -8.45 -5.52
CA GLU A 105 11.66 -8.56 -6.98
C GLU A 105 10.34 -8.09 -7.60
N VAL A 106 9.22 -8.42 -6.95
CA VAL A 106 7.92 -8.01 -7.47
C VAL A 106 7.78 -6.50 -7.44
N MET A 107 8.38 -5.87 -6.44
CA MET A 107 8.33 -4.42 -6.30
C MET A 107 9.04 -3.75 -7.48
N GLN A 108 10.25 -4.22 -7.80
CA GLN A 108 11.03 -3.68 -8.89
C GLN A 108 10.25 -3.66 -10.20
N ARG A 109 9.51 -4.74 -10.47
CA ARG A 109 8.70 -4.83 -11.69
C ARG A 109 7.65 -3.73 -11.69
N MET A 110 7.12 -3.46 -10.51
CA MET A 110 6.12 -2.42 -10.35
C MET A 110 6.74 -1.04 -10.55
N LEU A 111 7.85 -0.80 -9.85
CA LEU A 111 8.54 0.48 -9.92
C LEU A 111 9.28 0.66 -11.25
N ASN A 112 9.53 -0.43 -11.96
CA ASN A 112 10.23 -0.36 -13.24
C ASN A 112 9.27 -0.17 -14.41
N GLU A 113 7.96 -0.32 -14.17
CA GLU A 113 6.98 -0.18 -15.24
C GLU A 113 6.68 1.29 -15.51
N ASP A 114 6.64 1.65 -16.79
CA ASP A 114 6.36 3.01 -17.21
C ASP A 114 4.93 3.38 -16.84
N GLU A 115 4.05 2.39 -16.88
CA GLU A 115 2.64 2.61 -16.54
C GLU A 115 2.45 2.85 -15.04
N LEU A 116 3.49 2.63 -14.25
CA LEU A 116 3.39 2.82 -12.81
C LEU A 116 4.45 3.79 -12.30
N CYS A 117 5.02 4.61 -13.18
CA CYS A 117 6.03 5.58 -12.77
C CYS A 117 5.38 6.77 -12.06
N ASN A 118 4.04 6.83 -12.00
CA ASN A 118 3.34 7.91 -11.33
C ASN A 118 2.62 7.41 -10.07
N ALA A 119 2.65 6.10 -9.83
CA ALA A 119 2.01 5.53 -8.66
C ALA A 119 3.01 5.36 -7.53
N ALA A 120 2.52 5.51 -6.31
CA ALA A 120 3.40 5.41 -5.13
C ALA A 120 3.49 3.98 -4.63
N TRP A 121 4.42 3.75 -3.71
CA TRP A 121 4.63 2.41 -3.17
C TRP A 121 4.98 2.44 -1.68
N LEU A 122 3.96 2.45 -0.83
CA LEU A 122 4.17 2.43 0.61
C LEU A 122 4.25 1.00 1.10
N VAL A 123 5.40 0.59 1.60
CA VAL A 123 5.59 -0.77 2.07
C VAL A 123 5.38 -0.89 3.59
N PHE A 124 4.80 -2.01 4.00
CA PHE A 124 4.54 -2.27 5.40
C PHE A 124 4.92 -3.71 5.75
N ALA A 125 5.98 -3.86 6.54
CA ALA A 125 6.43 -5.19 6.95
C ALA A 125 5.34 -5.90 7.75
N ASN A 126 4.70 -6.88 7.13
CA ASN A 126 3.64 -7.63 7.77
C ASN A 126 4.18 -8.70 8.70
N LYS A 127 3.32 -9.22 9.57
CA LYS A 127 3.71 -10.26 10.52
C LYS A 127 4.78 -9.77 11.51
N GLN A 128 4.91 -8.45 11.65
CA GLN A 128 5.92 -7.92 12.57
C GLN A 128 5.59 -8.30 14.01
N ASP A 129 4.31 -8.56 14.28
CA ASP A 129 3.86 -8.94 15.62
C ASP A 129 4.41 -10.30 16.03
N LEU A 130 4.79 -11.12 15.06
CA LEU A 130 5.32 -12.46 15.34
C LEU A 130 6.62 -12.37 16.15
N PRO A 131 6.78 -13.21 17.21
CA PRO A 131 7.98 -13.20 18.04
C PRO A 131 9.27 -13.24 17.22
N GLU A 132 9.21 -13.90 16.06
CA GLU A 132 10.37 -14.02 15.19
C GLU A 132 10.34 -12.99 14.06
N ALA A 133 9.63 -11.88 14.29
CA ALA A 133 9.53 -10.84 13.29
C ALA A 133 10.84 -10.07 13.15
N MET A 134 11.26 -9.85 11.90
CA MET A 134 12.51 -9.15 11.63
C MET A 134 12.42 -7.68 12.06
N SER A 135 13.55 -7.01 12.08
CA SER A 135 13.60 -5.60 12.46
C SER A 135 13.38 -4.73 11.24
N ALA A 136 13.09 -3.44 11.47
CA ALA A 136 12.85 -2.50 10.38
C ALA A 136 14.12 -2.25 9.57
N ALA A 137 15.24 -2.07 10.28
CA ALA A 137 16.52 -1.81 9.64
C ALA A 137 16.93 -2.93 8.69
N GLU A 138 16.52 -4.16 9.00
CA GLU A 138 16.88 -5.29 8.16
C GLU A 138 16.07 -5.33 6.86
N ILE A 139 14.75 -5.19 6.97
CA ILE A 139 13.89 -5.21 5.78
C ILE A 139 14.32 -4.13 4.78
N THR A 140 14.78 -3.01 5.31
CA THR A 140 15.21 -1.89 4.48
C THR A 140 16.49 -2.20 3.72
N GLU A 141 17.51 -2.69 4.43
CA GLU A 141 18.79 -2.99 3.80
C GLU A 141 18.63 -4.00 2.67
N LYS A 142 18.06 -5.16 2.98
CA LYS A 142 17.88 -6.22 1.99
C LYS A 142 17.11 -5.73 0.76
N LEU A 143 16.15 -4.85 0.97
CA LEU A 143 15.35 -4.31 -0.13
C LEU A 143 16.09 -3.20 -0.88
N GLY A 144 17.33 -2.90 -0.48
CA GLY A 144 18.07 -1.85 -1.15
C GLY A 144 17.37 -0.51 -1.11
N LEU A 145 16.60 -0.30 -0.04
CA LEU A 145 15.85 0.94 0.13
C LEU A 145 16.76 2.16 0.13
N HIS A 146 17.92 2.05 0.77
CA HIS A 146 18.87 3.16 0.84
C HIS A 146 19.52 3.40 -0.52
N SER A 147 19.68 2.34 -1.29
CA SER A 147 20.30 2.44 -2.61
C SER A 147 19.27 2.86 -3.68
N ILE A 148 17.99 2.80 -3.33
CA ILE A 148 16.94 3.17 -4.29
C ILE A 148 16.36 4.55 -3.99
N ARG A 149 16.67 5.49 -4.88
CA ARG A 149 16.20 6.86 -4.76
C ARG A 149 15.60 7.34 -6.07
N ASN A 150 15.04 6.41 -6.84
CA ASN A 150 14.43 6.74 -8.13
C ASN A 150 12.92 6.51 -8.11
N ARG A 151 12.41 5.88 -7.05
CA ARG A 151 10.98 5.62 -6.93
C ARG A 151 10.50 5.89 -5.50
N PRO A 152 9.43 6.68 -5.31
CA PRO A 152 8.92 7.00 -3.98
C PRO A 152 8.34 5.79 -3.25
N TRP A 153 9.15 5.16 -2.41
CA TRP A 153 8.69 4.00 -1.64
C TRP A 153 9.33 3.98 -0.25
N PHE A 154 8.58 3.48 0.72
CA PHE A 154 9.04 3.42 2.11
C PHE A 154 8.65 2.10 2.78
N ILE A 155 9.38 1.70 3.81
CA ILE A 155 9.08 0.46 4.53
C ILE A 155 8.78 0.74 6.00
N GLN A 156 7.67 0.21 6.49
CA GLN A 156 7.27 0.41 7.88
C GLN A 156 6.88 -0.89 8.55
N ALA A 157 7.34 -1.08 9.80
CA ALA A 157 7.02 -2.28 10.56
C ALA A 157 5.63 -2.17 11.16
N THR A 158 4.73 -3.07 10.76
CA THR A 158 3.36 -3.03 11.26
C THR A 158 2.88 -4.41 11.75
N CYS A 159 1.83 -4.36 12.58
CA CYS A 159 1.20 -5.55 13.12
C CYS A 159 -0.29 -5.50 12.88
N ALA A 160 -0.75 -6.26 11.90
CA ALA A 160 -2.17 -6.29 11.56
C ALA A 160 -2.98 -7.06 12.59
N THR A 161 -2.36 -8.08 13.18
CA THR A 161 -3.06 -8.88 14.20
C THR A 161 -3.65 -7.99 15.29
N SER A 162 -2.92 -6.93 15.63
CA SER A 162 -3.37 -6.00 16.66
C SER A 162 -3.82 -4.70 16.02
N GLY A 163 -3.04 -4.22 15.05
CA GLY A 163 -3.36 -2.98 14.37
C GLY A 163 -2.45 -1.82 14.74
N GLU A 164 -1.43 -2.10 15.55
CA GLU A 164 -0.50 -1.04 15.96
C GLU A 164 0.37 -0.60 14.78
N GLY A 165 0.57 0.71 14.66
CA GLY A 165 1.39 1.27 13.59
C GLY A 165 0.66 1.42 12.26
N LEU A 166 -0.47 0.73 12.09
CA LEU A 166 -1.23 0.79 10.86
C LEU A 166 -1.80 2.20 10.63
N TYR A 167 -2.21 2.84 11.71
CA TYR A 167 -2.76 4.18 11.61
C TYR A 167 -1.71 5.17 11.14
N GLU A 168 -0.49 5.04 11.67
CA GLU A 168 0.61 5.93 11.31
C GLU A 168 0.90 5.86 9.81
N GLY A 169 0.77 4.67 9.23
CA GLY A 169 1.04 4.50 7.81
C GLY A 169 0.09 5.26 6.92
N LEU A 170 -1.19 5.19 7.23
CA LEU A 170 -2.21 5.88 6.44
C LEU A 170 -2.03 7.40 6.53
N GLU A 171 -1.50 7.87 7.65
CA GLU A 171 -1.29 9.29 7.87
C GLU A 171 -0.11 9.80 7.05
N TRP A 172 0.90 8.95 6.89
CA TRP A 172 2.09 9.32 6.14
C TRP A 172 1.77 9.55 4.67
N LEU A 173 1.01 8.63 4.08
CA LEU A 173 0.63 8.74 2.67
C LEU A 173 -0.21 9.99 2.42
N SER A 174 -1.25 10.18 3.23
CA SER A 174 -2.14 11.35 3.08
C SER A 174 -1.35 12.65 3.11
N ASN A 175 -0.25 12.67 3.85
CA ASN A 175 0.58 13.86 3.96
C ASN A 175 1.37 14.10 2.68
N CYS A 176 1.73 13.01 2.00
CA CYS A 176 2.52 13.10 0.78
C CYS A 176 1.71 13.68 -0.38
N LEU A 177 0.39 13.50 -0.39
CA LEU A 177 -0.44 14.02 -1.47
C LEU A 177 -1.01 15.39 -1.10
N LYS A 178 -1.81 15.45 -0.05
CA LYS A 178 -2.41 16.72 0.39
C LYS A 178 -1.31 17.70 0.77
N ASN A 179 -0.26 17.18 1.41
CA ASN A 179 0.91 17.96 1.85
C ASN A 179 0.50 19.36 2.36
N SER A 180 -0.37 19.39 3.37
CA SER A 180 -0.84 20.64 3.95
C SER A 180 -1.51 21.52 2.89
N THR A 181 -2.28 20.88 2.02
CA THR A 181 -2.99 21.60 0.97
C THR A 181 -4.04 20.71 0.32
N GLY A 2 -10.69 28.85 -20.59
CA GLY A 2 -11.80 27.92 -20.62
C GLY A 2 -11.37 26.51 -20.25
N LEU A 3 -10.23 26.08 -20.79
CA LEU A 3 -9.71 24.75 -20.51
C LEU A 3 -9.23 24.65 -19.07
N PHE A 4 -8.46 25.64 -18.63
CA PHE A 4 -7.94 25.64 -17.27
C PHE A 4 -9.06 25.83 -16.25
N ALA A 5 -9.97 26.76 -16.52
CA ALA A 5 -11.09 27.03 -15.61
C ALA A 5 -11.88 25.75 -15.30
N SER A 6 -12.38 25.10 -16.35
CA SER A 6 -13.16 23.88 -16.21
C SER A 6 -12.41 22.83 -15.40
N LYS A 7 -11.09 22.87 -15.46
CA LYS A 7 -10.27 21.92 -14.71
C LYS A 7 -10.34 22.23 -13.22
N LEU A 8 -10.11 23.49 -12.87
CA LEU A 8 -10.14 23.94 -11.49
C LEU A 8 -11.53 23.68 -10.88
N PHE A 9 -12.56 23.73 -11.73
CA PHE A 9 -13.92 23.50 -11.28
C PHE A 9 -14.17 22.01 -11.05
N SER A 10 -13.61 21.19 -11.93
CA SER A 10 -13.77 19.74 -11.85
C SER A 10 -13.28 19.19 -10.51
N ASN A 11 -12.26 19.82 -9.95
CA ASN A 11 -11.69 19.39 -8.67
C ASN A 11 -12.73 19.48 -7.55
N LEU A 12 -13.69 20.38 -7.71
CA LEU A 12 -14.75 20.57 -6.71
C LEU A 12 -15.50 19.27 -6.44
N PHE A 13 -15.66 18.46 -7.49
CA PHE A 13 -16.37 17.19 -7.37
C PHE A 13 -15.39 16.02 -7.46
N GLY A 14 -14.14 16.25 -7.06
CA GLY A 14 -13.14 15.21 -7.11
C GLY A 14 -11.92 15.53 -6.27
N ASN A 15 -12.12 16.33 -5.22
CA ASN A 15 -11.03 16.71 -4.33
C ASN A 15 -11.15 16.00 -2.99
N LYS A 16 -10.25 16.33 -2.06
CA LYS A 16 -10.22 15.73 -0.72
C LYS A 16 -10.28 14.20 -0.80
N GLU A 17 -9.76 13.64 -1.88
CA GLU A 17 -9.76 12.20 -2.06
C GLU A 17 -8.41 11.72 -2.59
N MET A 18 -8.03 10.51 -2.19
CA MET A 18 -6.76 9.92 -2.62
C MET A 18 -6.96 8.48 -3.08
N ARG A 19 -6.21 8.08 -4.10
CA ARG A 19 -6.32 6.73 -4.63
C ARG A 19 -5.17 5.87 -4.12
N ILE A 20 -5.49 4.76 -3.51
CA ILE A 20 -4.49 3.85 -2.96
C ILE A 20 -4.67 2.43 -3.49
N LEU A 21 -3.56 1.71 -3.60
CA LEU A 21 -3.57 0.34 -4.08
C LEU A 21 -2.72 -0.56 -3.17
N MET A 22 -3.18 -1.78 -2.96
CA MET A 22 -2.46 -2.73 -2.12
C MET A 22 -2.00 -3.92 -2.96
N VAL A 23 -0.69 -4.05 -3.13
CA VAL A 23 -0.13 -5.14 -3.92
C VAL A 23 0.92 -5.93 -3.13
N GLY A 24 0.96 -7.24 -3.36
CA GLY A 24 1.92 -8.08 -2.65
C GLY A 24 1.75 -9.55 -2.93
N LEU A 25 2.48 -10.37 -2.19
CA LEU A 25 2.43 -11.82 -2.33
C LEU A 25 1.10 -12.36 -1.83
N ASP A 26 0.80 -13.61 -2.18
CA ASP A 26 -0.46 -14.23 -1.77
C ASP A 26 -0.47 -14.61 -0.28
N GLY A 27 0.64 -14.36 0.42
CA GLY A 27 0.70 -14.70 1.84
C GLY A 27 1.10 -13.55 2.74
N ALA A 28 1.30 -12.36 2.16
CA ALA A 28 1.71 -11.19 2.95
C ALA A 28 0.64 -10.80 3.97
N GLY A 29 -0.59 -10.64 3.49
CA GLY A 29 -1.68 -10.27 4.39
C GLY A 29 -2.30 -8.93 4.03
N LYS A 30 -2.32 -8.61 2.74
CA LYS A 30 -2.90 -7.36 2.28
C LYS A 30 -4.39 -7.29 2.64
N THR A 31 -5.04 -8.44 2.60
CA THR A 31 -6.47 -8.51 2.92
C THR A 31 -6.73 -8.10 4.37
N THR A 32 -5.81 -8.49 5.26
CA THR A 32 -5.95 -8.19 6.68
C THR A 32 -5.80 -6.69 6.97
N VAL A 33 -4.89 -6.03 6.24
CA VAL A 33 -4.65 -4.61 6.44
C VAL A 33 -5.84 -3.75 6.01
N LEU A 34 -6.32 -3.97 4.79
CA LEU A 34 -7.44 -3.20 4.26
C LEU A 34 -8.68 -3.31 5.16
N TYR A 35 -8.94 -4.51 5.67
CA TYR A 35 -10.09 -4.72 6.53
C TYR A 35 -9.90 -4.07 7.89
N LYS A 36 -8.68 -4.11 8.41
CA LYS A 36 -8.39 -3.52 9.72
C LYS A 36 -8.65 -2.02 9.68
N LEU A 37 -8.14 -1.38 8.64
CA LEU A 37 -8.33 0.07 8.47
C LEU A 37 -9.76 0.39 8.06
N LYS A 38 -10.44 -0.59 7.45
CA LYS A 38 -11.81 -0.39 6.99
C LYS A 38 -12.84 -0.57 8.10
N LEU A 39 -12.70 -1.63 8.90
CA LEU A 39 -13.67 -1.90 9.97
C LEU A 39 -13.06 -1.76 11.36
N GLY A 40 -11.75 -1.58 11.46
CA GLY A 40 -11.11 -1.41 12.76
C GLY A 40 -11.02 -2.72 13.55
N GLU A 41 -11.35 -3.85 12.92
CA GLU A 41 -11.30 -5.13 13.60
C GLU A 41 -10.63 -6.18 12.72
N VAL A 42 -9.85 -7.06 13.35
CA VAL A 42 -9.17 -8.13 12.61
C VAL A 42 -10.13 -9.27 12.31
N ILE A 43 -10.22 -9.62 11.03
CA ILE A 43 -11.12 -10.70 10.60
C ILE A 43 -10.34 -11.85 9.95
N THR A 44 -11.04 -12.93 9.67
CA THR A 44 -10.44 -14.10 9.03
C THR A 44 -10.20 -13.81 7.55
N THR A 45 -8.93 -13.87 7.14
CA THR A 45 -8.58 -13.61 5.76
C THR A 45 -8.41 -14.92 4.98
N ILE A 46 -8.56 -14.83 3.66
CA ILE A 46 -8.41 -15.99 2.79
C ILE A 46 -7.85 -15.58 1.44
N PRO A 47 -7.35 -16.54 0.63
CA PRO A 47 -6.78 -16.24 -0.69
C PRO A 47 -7.77 -15.52 -1.61
N THR A 48 -7.47 -14.25 -1.90
CA THR A 48 -8.34 -13.46 -2.77
C THR A 48 -8.09 -13.78 -4.23
N ILE A 49 -9.13 -14.26 -4.92
CA ILE A 49 -9.04 -14.60 -6.32
C ILE A 49 -9.66 -13.50 -7.19
N GLY A 50 -9.07 -12.31 -7.14
CA GLY A 50 -9.59 -11.19 -7.91
C GLY A 50 -9.11 -9.86 -7.36
N PHE A 51 -10.02 -8.92 -7.17
CA PHE A 51 -9.67 -7.60 -6.63
C PHE A 51 -10.76 -7.10 -5.69
N ASN A 52 -10.39 -6.19 -4.79
CA ASN A 52 -11.33 -5.62 -3.84
C ASN A 52 -10.97 -4.18 -3.50
N VAL A 53 -11.98 -3.30 -3.52
CA VAL A 53 -11.76 -1.89 -3.21
C VAL A 53 -12.49 -1.49 -1.93
N GLU A 54 -11.75 -0.90 -0.99
CA GLU A 54 -12.34 -0.49 0.28
C GLU A 54 -12.37 1.03 0.40
N CYS A 55 -13.56 1.55 0.66
CA CYS A 55 -13.75 2.99 0.82
C CYS A 55 -13.61 3.40 2.28
N VAL A 56 -12.59 4.20 2.59
CA VAL A 56 -12.36 4.66 3.95
C VAL A 56 -12.26 6.17 4.01
N GLN A 57 -12.84 6.75 5.06
CA GLN A 57 -12.80 8.19 5.27
C GLN A 57 -11.96 8.51 6.50
N TYR A 58 -11.08 9.50 6.37
CA TYR A 58 -10.22 9.91 7.47
C TYR A 58 -9.62 11.28 7.20
N CYS A 59 -9.45 12.07 8.26
CA CYS A 59 -8.90 13.42 8.16
C CYS A 59 -9.62 14.24 7.10
N ASN A 60 -10.92 14.01 6.96
CA ASN A 60 -11.76 14.72 5.98
C ASN A 60 -11.57 14.18 4.55
N ILE A 61 -10.67 13.22 4.38
CA ILE A 61 -10.41 12.66 3.05
C ILE A 61 -10.89 11.22 2.94
N SER A 62 -11.04 10.75 1.72
CA SER A 62 -11.51 9.40 1.44
C SER A 62 -10.51 8.64 0.59
N PHE A 63 -9.68 7.83 1.23
CA PHE A 63 -8.69 7.06 0.50
C PHE A 63 -9.30 5.73 0.05
N THR A 64 -9.07 5.39 -1.21
CA THR A 64 -9.57 4.15 -1.77
C THR A 64 -8.44 3.14 -1.86
N VAL A 65 -8.56 2.03 -1.14
CA VAL A 65 -7.52 1.01 -1.14
C VAL A 65 -7.96 -0.24 -1.90
N TRP A 66 -7.48 -0.37 -3.13
CA TRP A 66 -7.79 -1.52 -3.95
C TRP A 66 -6.74 -2.60 -3.72
N ASP A 67 -7.17 -3.77 -3.24
CA ASP A 67 -6.23 -4.85 -2.98
C ASP A 67 -6.42 -6.01 -3.95
N VAL A 68 -5.45 -6.18 -4.84
CA VAL A 68 -5.50 -7.27 -5.80
C VAL A 68 -4.80 -8.48 -5.20
N GLY A 69 -5.35 -9.68 -5.43
CA GLY A 69 -4.75 -10.88 -4.89
C GLY A 69 -3.28 -10.99 -5.20
N GLY A 70 -2.52 -11.58 -4.27
CA GLY A 70 -1.09 -11.74 -4.48
C GLY A 70 -0.79 -12.99 -5.27
N GLN A 71 -1.36 -13.07 -6.46
CA GLN A 71 -1.16 -14.24 -7.31
C GLN A 71 -0.48 -13.86 -8.62
N ASP A 72 0.60 -14.55 -8.93
CA ASP A 72 1.37 -14.32 -10.15
C ASP A 72 0.45 -14.33 -11.37
N ARG A 73 -0.42 -15.35 -11.44
CA ARG A 73 -1.37 -15.49 -12.54
C ARG A 73 -2.35 -14.32 -12.56
N ILE A 74 -2.59 -13.71 -11.39
CA ILE A 74 -3.51 -12.58 -11.29
C ILE A 74 -2.79 -11.24 -11.35
N ARG A 75 -1.46 -11.25 -11.21
CA ARG A 75 -0.68 -10.01 -11.25
C ARG A 75 -1.05 -9.13 -12.45
N SER A 76 -1.52 -9.76 -13.52
CA SER A 76 -1.92 -9.04 -14.72
C SER A 76 -3.06 -8.09 -14.45
N LEU A 77 -3.91 -8.42 -13.47
CA LEU A 77 -5.05 -7.59 -13.11
C LEU A 77 -4.63 -6.18 -12.72
N TRP A 78 -3.41 -6.05 -12.19
CA TRP A 78 -2.90 -4.75 -11.77
C TRP A 78 -2.90 -3.73 -12.91
N ARG A 79 -2.48 -4.18 -14.09
CA ARG A 79 -2.42 -3.30 -15.26
C ARG A 79 -3.65 -3.49 -16.13
N HIS A 80 -4.77 -3.87 -15.52
CA HIS A 80 -6.01 -4.09 -16.23
C HIS A 80 -7.07 -3.07 -15.84
N TYR A 81 -6.89 -2.41 -14.69
CA TYR A 81 -7.85 -1.42 -14.22
C TYR A 81 -7.22 -0.43 -13.24
N TYR A 82 -5.90 -0.24 -13.34
CA TYR A 82 -5.17 0.69 -12.45
C TYR A 82 -5.92 1.99 -12.22
N CYS A 83 -6.64 2.44 -13.25
CA CYS A 83 -7.41 3.68 -13.17
C CYS A 83 -6.53 4.88 -12.86
N ASN A 84 -6.23 5.10 -11.58
CA ASN A 84 -5.39 6.22 -11.17
C ASN A 84 -5.05 6.18 -9.69
N THR A 85 -4.15 5.27 -9.31
CA THR A 85 -3.72 5.14 -7.92
C THR A 85 -2.64 6.17 -7.62
N GLU A 86 -2.80 6.91 -6.53
CA GLU A 86 -1.82 7.94 -6.17
C GLU A 86 -0.67 7.35 -5.37
N GLY A 87 -0.94 6.28 -4.62
CA GLY A 87 0.08 5.63 -3.82
C GLY A 87 -0.29 4.20 -3.51
N VAL A 88 0.58 3.26 -3.89
CA VAL A 88 0.30 1.85 -3.64
C VAL A 88 1.14 1.31 -2.48
N ILE A 89 0.47 0.70 -1.52
CA ILE A 89 1.15 0.13 -0.36
C ILE A 89 1.50 -1.33 -0.60
N PHE A 90 2.80 -1.62 -0.64
CA PHE A 90 3.26 -2.98 -0.88
C PHE A 90 3.40 -3.75 0.43
N VAL A 91 2.84 -4.94 0.48
CA VAL A 91 2.90 -5.78 1.67
C VAL A 91 4.05 -6.77 1.60
N VAL A 92 4.92 -6.73 2.60
CA VAL A 92 6.07 -7.64 2.65
C VAL A 92 6.12 -8.37 3.98
N ASP A 93 6.01 -9.70 3.92
CA ASP A 93 6.07 -10.50 5.14
C ASP A 93 7.40 -10.31 5.84
N SER A 94 7.36 -10.04 7.15
CA SER A 94 8.58 -9.83 7.92
C SER A 94 9.10 -11.14 8.50
N ASN A 95 8.19 -11.98 8.99
CA ASN A 95 8.57 -13.25 9.60
C ASN A 95 8.79 -14.35 8.55
N ASP A 96 8.60 -14.04 7.26
CA ASP A 96 8.78 -15.04 6.21
C ASP A 96 10.00 -14.70 5.35
N ARG A 97 11.18 -15.01 5.87
CA ARG A 97 12.44 -14.74 5.18
C ARG A 97 12.59 -15.62 3.95
N SER A 98 11.96 -16.79 3.98
CA SER A 98 12.05 -17.73 2.86
C SER A 98 11.60 -17.07 1.56
N ARG A 99 10.47 -16.38 1.58
CA ARG A 99 9.93 -15.74 0.38
C ARG A 99 10.36 -14.27 0.27
N ILE A 100 11.12 -13.76 1.24
CA ILE A 100 11.55 -12.36 1.23
C ILE A 100 12.07 -11.87 -0.13
N GLY A 101 12.52 -12.79 -0.99
CA GLY A 101 13.00 -12.39 -2.30
C GLY A 101 11.87 -12.33 -3.30
N GLU A 102 10.87 -13.19 -3.12
CA GLU A 102 9.71 -13.22 -4.00
C GLU A 102 8.98 -11.88 -3.94
N ALA A 103 8.95 -11.28 -2.76
CA ALA A 103 8.31 -10.00 -2.56
C ALA A 103 9.16 -8.88 -3.15
N ARG A 104 10.48 -8.99 -2.96
CA ARG A 104 11.41 -8.00 -3.48
C ARG A 104 11.42 -7.98 -5.01
N GLU A 105 11.56 -9.16 -5.61
CA GLU A 105 11.60 -9.28 -7.06
C GLU A 105 10.30 -8.81 -7.72
N VAL A 106 9.17 -9.12 -7.09
CA VAL A 106 7.88 -8.72 -7.64
C VAL A 106 7.71 -7.20 -7.60
N MET A 107 8.26 -6.59 -6.55
CA MET A 107 8.18 -5.14 -6.39
C MET A 107 8.90 -4.45 -7.55
N GLN A 108 10.14 -4.87 -7.81
CA GLN A 108 10.95 -4.30 -8.87
C GLN A 108 10.20 -4.32 -10.21
N ARG A 109 9.47 -5.41 -10.46
CA ARG A 109 8.69 -5.54 -11.69
C ARG A 109 7.61 -4.46 -11.73
N MET A 110 7.01 -4.20 -10.58
CA MET A 110 5.98 -3.19 -10.46
C MET A 110 6.59 -1.79 -10.60
N LEU A 111 7.72 -1.59 -9.93
CA LEU A 111 8.41 -0.31 -9.96
C LEU A 111 9.11 -0.06 -11.29
N ASN A 112 9.38 -1.14 -12.04
CA ASN A 112 10.03 -1.01 -13.33
C ASN A 112 9.03 -0.78 -14.47
N GLU A 113 7.73 -0.81 -14.16
CA GLU A 113 6.71 -0.62 -15.16
C GLU A 113 6.47 0.86 -15.45
N ASP A 114 6.45 1.20 -16.73
CA ASP A 114 6.22 2.58 -17.15
C ASP A 114 4.81 3.03 -16.78
N GLU A 115 3.89 2.07 -16.77
CA GLU A 115 2.50 2.36 -16.44
C GLU A 115 2.33 2.68 -14.96
N LEU A 116 3.37 2.47 -14.15
CA LEU A 116 3.29 2.74 -12.73
C LEU A 116 4.47 3.58 -12.24
N CYS A 117 5.10 4.32 -13.13
CA CYS A 117 6.24 5.16 -12.75
C CYS A 117 5.78 6.42 -12.01
N ASN A 118 4.46 6.62 -11.86
CA ASN A 118 3.94 7.78 -11.16
C ASN A 118 3.23 7.38 -9.86
N ALA A 119 3.18 6.09 -9.54
CA ALA A 119 2.53 5.62 -8.32
C ALA A 119 3.52 5.46 -7.18
N ALA A 120 3.04 5.68 -5.97
CA ALA A 120 3.89 5.59 -4.78
C ALA A 120 4.17 4.14 -4.39
N TRP A 121 5.02 3.96 -3.39
CA TRP A 121 5.38 2.61 -2.92
C TRP A 121 5.58 2.57 -1.41
N LEU A 122 4.49 2.41 -0.67
CA LEU A 122 4.57 2.33 0.79
C LEU A 122 4.69 0.87 1.21
N VAL A 123 5.83 0.50 1.78
CA VAL A 123 6.05 -0.87 2.22
C VAL A 123 5.79 -1.01 3.71
N PHE A 124 5.15 -2.11 4.10
CA PHE A 124 4.83 -2.36 5.50
C PHE A 124 5.17 -3.80 5.87
N ALA A 125 6.19 -3.97 6.71
CA ALA A 125 6.59 -5.30 7.14
C ALA A 125 5.43 -6.02 7.85
N ASN A 126 4.81 -6.96 7.14
CA ASN A 126 3.68 -7.70 7.70
C ASN A 126 4.15 -8.74 8.71
N LYS A 127 3.22 -9.26 9.50
CA LYS A 127 3.53 -10.27 10.50
C LYS A 127 4.49 -9.72 11.55
N GLN A 128 4.53 -8.41 11.71
CA GLN A 128 5.43 -7.79 12.69
C GLN A 128 5.12 -8.31 14.10
N ASP A 129 3.86 -8.70 14.33
CA ASP A 129 3.43 -9.20 15.63
C ASP A 129 4.11 -10.52 15.99
N LEU A 130 4.68 -11.20 15.00
CA LEU A 130 5.36 -12.47 15.25
C LEU A 130 6.65 -12.25 16.07
N PRO A 131 6.90 -13.08 17.10
CA PRO A 131 8.10 -12.94 17.94
C PRO A 131 9.38 -12.84 17.12
N GLU A 132 9.36 -13.44 15.94
CA GLU A 132 10.53 -13.42 15.06
C GLU A 132 10.33 -12.43 13.90
N ALA A 133 9.50 -11.43 14.11
CA ALA A 133 9.23 -10.42 13.09
C ALA A 133 10.51 -9.71 12.66
N MET A 134 10.72 -9.60 11.35
CA MET A 134 11.90 -8.95 10.81
C MET A 134 11.93 -7.47 11.15
N SER A 135 13.12 -6.96 11.46
CA SER A 135 13.29 -5.55 11.79
C SER A 135 13.22 -4.71 10.53
N ALA A 136 12.99 -3.41 10.68
CA ALA A 136 12.90 -2.51 9.54
C ALA A 136 14.25 -2.38 8.84
N ALA A 137 15.32 -2.52 9.60
CA ALA A 137 16.67 -2.40 9.05
C ALA A 137 17.01 -3.55 8.12
N GLU A 138 16.53 -4.76 8.44
CA GLU A 138 16.83 -5.93 7.61
C GLU A 138 16.00 -5.95 6.34
N ILE A 139 14.69 -5.74 6.47
CA ILE A 139 13.80 -5.75 5.32
C ILE A 139 14.17 -4.64 4.33
N THR A 140 14.57 -3.50 4.86
CA THR A 140 14.96 -2.36 4.02
C THR A 140 16.25 -2.65 3.26
N GLU A 141 17.27 -3.13 3.99
CA GLU A 141 18.56 -3.42 3.38
C GLU A 141 18.43 -4.46 2.26
N LYS A 142 17.86 -5.62 2.58
CA LYS A 142 17.70 -6.70 1.60
C LYS A 142 16.94 -6.24 0.37
N LEU A 143 15.99 -5.33 0.56
CA LEU A 143 15.19 -4.82 -0.55
C LEU A 143 15.95 -3.77 -1.37
N GLY A 144 17.19 -3.47 -0.97
CA GLY A 144 17.96 -2.47 -1.69
C GLY A 144 17.28 -1.12 -1.68
N LEU A 145 16.60 -0.83 -0.58
CA LEU A 145 15.88 0.44 -0.42
C LEU A 145 16.82 1.64 -0.39
N HIS A 146 17.96 1.50 0.27
CA HIS A 146 18.94 2.58 0.37
C HIS A 146 19.43 3.03 -1.00
N SER A 147 19.34 2.15 -2.00
CA SER A 147 19.79 2.47 -3.35
C SER A 147 18.65 2.92 -4.26
N ILE A 148 17.43 3.05 -3.71
CA ILE A 148 16.30 3.47 -4.53
C ILE A 148 15.90 4.92 -4.23
N ARG A 149 16.19 5.80 -5.19
CA ARG A 149 15.87 7.21 -5.08
C ARG A 149 15.12 7.70 -6.31
N ASN A 150 14.37 6.81 -6.94
CA ASN A 150 13.61 7.15 -8.14
C ASN A 150 12.10 7.10 -7.87
N ARG A 151 11.71 6.66 -6.67
CA ARG A 151 10.29 6.58 -6.32
C ARG A 151 10.12 6.73 -4.80
N PRO A 152 9.14 7.54 -4.34
CA PRO A 152 8.91 7.75 -2.90
C PRO A 152 8.42 6.49 -2.21
N TRP A 153 9.25 5.93 -1.35
CA TRP A 153 8.89 4.71 -0.62
C TRP A 153 9.13 4.88 0.87
N PHE A 154 8.35 4.14 1.68
CA PHE A 154 8.49 4.21 3.13
C PHE A 154 8.31 2.82 3.75
N ILE A 155 9.08 2.54 4.82
CA ILE A 155 9.00 1.24 5.50
C ILE A 155 8.56 1.43 6.94
N GLN A 156 7.46 0.79 7.30
CA GLN A 156 6.92 0.88 8.65
C GLN A 156 6.55 -0.48 9.23
N ALA A 157 6.84 -0.67 10.51
CA ALA A 157 6.50 -1.92 11.19
C ALA A 157 4.99 -1.99 11.37
N THR A 158 4.37 -3.01 10.77
CA THR A 158 2.92 -3.15 10.84
C THR A 158 2.46 -4.46 11.48
N CYS A 159 1.47 -4.34 12.34
CA CYS A 159 0.86 -5.49 13.01
C CYS A 159 -0.64 -5.43 12.76
N ALA A 160 -1.12 -6.24 11.83
CA ALA A 160 -2.52 -6.27 11.48
C ALA A 160 -3.36 -6.92 12.58
N THR A 161 -2.79 -7.93 13.24
CA THR A 161 -3.51 -8.62 14.31
C THR A 161 -4.10 -7.63 15.32
N SER A 162 -3.36 -6.56 15.60
CA SER A 162 -3.79 -5.55 16.54
C SER A 162 -4.18 -4.27 15.82
N GLY A 163 -3.44 -3.93 14.77
CA GLY A 163 -3.71 -2.74 14.00
C GLY A 163 -2.80 -1.57 14.35
N GLU A 164 -1.78 -1.83 15.19
CA GLU A 164 -0.86 -0.77 15.59
C GLU A 164 0.04 -0.35 14.42
N GLY A 165 0.27 0.96 14.30
CA GLY A 165 1.11 1.49 13.24
C GLY A 165 0.38 1.69 11.92
N LEU A 166 -0.79 1.08 11.76
CA LEU A 166 -1.56 1.20 10.53
C LEU A 166 -2.04 2.63 10.31
N TYR A 167 -2.50 3.27 11.39
CA TYR A 167 -2.98 4.63 11.30
C TYR A 167 -1.87 5.58 10.86
N GLU A 168 -0.69 5.42 11.44
CA GLU A 168 0.45 6.27 11.10
C GLU A 168 0.77 6.20 9.61
N GLY A 169 0.66 5.02 9.03
CA GLY A 169 0.95 4.85 7.62
C GLY A 169 0.07 5.72 6.74
N LEU A 170 -1.22 5.75 7.06
CA LEU A 170 -2.17 6.55 6.28
C LEU A 170 -1.88 8.03 6.44
N GLU A 171 -1.35 8.41 7.59
CA GLU A 171 -1.03 9.81 7.87
C GLU A 171 0.19 10.27 7.06
N TRP A 172 1.17 9.39 6.92
CA TRP A 172 2.37 9.72 6.18
C TRP A 172 2.08 9.88 4.69
N LEU A 173 1.22 9.02 4.17
CA LEU A 173 0.86 9.07 2.76
C LEU A 173 0.06 10.34 2.44
N SER A 174 -1.02 10.56 3.18
CA SER A 174 -1.89 11.72 2.98
C SER A 174 -1.09 13.03 3.05
N ASN A 175 -0.03 13.05 3.85
CA ASN A 175 0.79 14.24 4.00
C ASN A 175 1.67 14.46 2.77
N CYS A 176 2.08 13.37 2.16
CA CYS A 176 2.95 13.42 0.99
C CYS A 176 2.25 14.00 -0.24
N LEU A 177 0.93 13.86 -0.33
CA LEU A 177 0.20 14.37 -1.47
C LEU A 177 -0.29 15.77 -1.22
N LYS A 178 -1.14 15.94 -0.20
CA LYS A 178 -1.71 17.27 0.12
C LYS A 178 -2.18 17.95 -1.17
N ASN A 179 -2.60 17.12 -2.12
CA ASN A 179 -3.11 17.59 -3.41
C ASN A 179 -2.02 18.17 -4.32
N SER A 180 -0.77 18.20 -3.84
CA SER A 180 0.33 18.73 -4.64
C SER A 180 0.09 20.20 -4.99
N THR A 181 1.05 20.79 -5.69
CA THR A 181 0.95 22.19 -6.10
C THR A 181 0.83 23.10 -4.88
N GLY A 2 -19.08 28.96 -19.15
CA GLY A 2 -18.45 29.54 -17.97
C GLY A 2 -18.91 28.87 -16.68
N LEU A 3 -20.20 28.57 -16.59
CA LEU A 3 -20.76 27.91 -15.42
C LEU A 3 -20.27 26.47 -15.33
N PHE A 4 -20.39 25.75 -16.44
CA PHE A 4 -19.99 24.35 -16.48
C PHE A 4 -18.47 24.22 -16.41
N ALA A 5 -17.76 25.03 -17.19
CA ALA A 5 -16.30 24.99 -17.21
C ALA A 5 -15.72 25.20 -15.82
N SER A 6 -16.05 26.33 -15.20
CA SER A 6 -15.55 26.66 -13.87
C SER A 6 -15.82 25.53 -12.87
N LYS A 7 -16.88 24.77 -13.10
CA LYS A 7 -17.23 23.66 -12.23
C LYS A 7 -16.20 22.54 -12.39
N LEU A 8 -15.91 22.21 -13.63
CA LEU A 8 -14.94 21.17 -13.96
C LEU A 8 -13.59 21.43 -13.30
N PHE A 9 -13.29 22.70 -13.07
CA PHE A 9 -12.04 23.09 -12.43
C PHE A 9 -12.11 22.86 -10.92
N SER A 10 -13.33 22.89 -10.38
CA SER A 10 -13.53 22.73 -8.94
C SER A 10 -13.34 21.28 -8.49
N ASN A 11 -13.74 20.32 -9.32
CA ASN A 11 -13.60 18.91 -8.97
C ASN A 11 -12.13 18.48 -8.93
N LEU A 12 -11.27 19.23 -9.62
CA LEU A 12 -9.85 18.92 -9.65
C LEU A 12 -9.13 19.50 -8.44
N PHE A 13 -9.58 20.66 -7.98
CA PHE A 13 -8.97 21.31 -6.83
C PHE A 13 -9.73 21.00 -5.53
N GLY A 14 -10.97 20.52 -5.67
CA GLY A 14 -11.76 20.20 -4.49
C GLY A 14 -11.89 18.70 -4.29
N ASN A 15 -10.85 17.96 -4.66
CA ASN A 15 -10.86 16.51 -4.52
C ASN A 15 -10.41 16.10 -3.12
N LYS A 16 -11.32 15.50 -2.36
CA LYS A 16 -11.02 15.05 -1.01
C LYS A 16 -10.99 13.53 -0.94
N GLU A 17 -10.47 12.92 -1.99
CA GLU A 17 -10.37 11.46 -2.05
C GLU A 17 -9.10 11.02 -2.79
N MET A 18 -8.35 10.12 -2.17
CA MET A 18 -7.11 9.62 -2.75
C MET A 18 -7.29 8.19 -3.26
N ARG A 19 -6.58 7.86 -4.32
CA ARG A 19 -6.65 6.52 -4.90
C ARG A 19 -5.49 5.66 -4.41
N ILE A 20 -5.81 4.51 -3.83
CA ILE A 20 -4.79 3.61 -3.30
C ILE A 20 -5.00 2.18 -3.80
N LEU A 21 -3.89 1.47 -3.92
CA LEU A 21 -3.90 0.07 -4.37
C LEU A 21 -3.02 -0.78 -3.45
N MET A 22 -3.45 -2.01 -3.19
CA MET A 22 -2.70 -2.92 -2.33
C MET A 22 -2.19 -4.10 -3.15
N VAL A 23 -0.92 -4.44 -2.97
CA VAL A 23 -0.32 -5.56 -3.71
C VAL A 23 0.60 -6.39 -2.81
N GLY A 24 0.53 -7.71 -2.96
CA GLY A 24 1.36 -8.57 -2.15
C GLY A 24 1.51 -9.98 -2.70
N LEU A 25 2.47 -10.71 -2.15
CA LEU A 25 2.74 -12.09 -2.56
C LEU A 25 1.48 -12.97 -2.40
N ASP A 26 1.69 -14.29 -2.36
CA ASP A 26 0.58 -15.24 -2.23
C ASP A 26 0.07 -15.39 -0.79
N GLY A 27 0.41 -14.45 0.09
CA GLY A 27 -0.04 -14.56 1.48
C GLY A 27 0.53 -13.49 2.39
N ALA A 28 0.80 -12.31 1.83
CA ALA A 28 1.37 -11.20 2.60
C ALA A 28 0.43 -10.75 3.71
N GLY A 29 -0.82 -10.48 3.33
CA GLY A 29 -1.80 -10.05 4.30
C GLY A 29 -2.44 -8.72 3.96
N LYS A 30 -2.40 -8.33 2.68
CA LYS A 30 -2.99 -7.06 2.25
C LYS A 30 -4.48 -7.04 2.61
N THR A 31 -5.11 -8.21 2.55
CA THR A 31 -6.53 -8.31 2.85
C THR A 31 -6.79 -8.06 4.34
N THR A 32 -5.91 -8.57 5.18
CA THR A 32 -6.04 -8.41 6.63
C THR A 32 -5.78 -6.97 7.07
N VAL A 33 -4.75 -6.35 6.51
CA VAL A 33 -4.39 -4.98 6.86
C VAL A 33 -5.45 -3.99 6.40
N LEU A 34 -5.89 -4.11 5.15
CA LEU A 34 -6.89 -3.21 4.59
C LEU A 34 -8.19 -3.25 5.40
N TYR A 35 -8.52 -4.43 5.90
CA TYR A 35 -9.74 -4.60 6.68
C TYR A 35 -9.57 -4.04 8.10
N LYS A 36 -8.35 -4.08 8.62
CA LYS A 36 -8.07 -3.59 9.96
C LYS A 36 -8.14 -2.07 10.02
N LEU A 37 -7.51 -1.42 9.05
CA LEU A 37 -7.52 0.05 9.00
C LEU A 37 -8.87 0.57 8.51
N LYS A 38 -9.53 -0.21 7.67
CA LYS A 38 -10.82 0.20 7.12
C LYS A 38 -11.98 -0.21 8.03
N LEU A 39 -11.89 -1.40 8.62
CA LEU A 39 -12.94 -1.90 9.49
C LEU A 39 -12.59 -1.78 10.97
N GLY A 40 -11.31 -1.53 11.27
CA GLY A 40 -10.90 -1.37 12.66
C GLY A 40 -10.70 -2.69 13.40
N GLU A 41 -11.02 -3.81 12.77
CA GLU A 41 -10.86 -5.11 13.42
C GLU A 41 -10.31 -6.16 12.46
N VAL A 42 -9.54 -7.09 13.00
CA VAL A 42 -8.96 -8.16 12.19
C VAL A 42 -10.01 -9.23 11.91
N ILE A 43 -10.13 -9.61 10.65
CA ILE A 43 -11.07 -10.64 10.26
C ILE A 43 -10.38 -11.82 9.60
N THR A 44 -11.10 -12.93 9.51
CA THR A 44 -10.57 -14.14 8.89
C THR A 44 -10.37 -13.91 7.39
N THR A 45 -9.14 -14.03 6.93
CA THR A 45 -8.84 -13.81 5.52
C THR A 45 -8.62 -15.14 4.80
N ILE A 46 -8.73 -15.11 3.49
CA ILE A 46 -8.55 -16.29 2.65
C ILE A 46 -7.90 -15.93 1.32
N PRO A 47 -7.39 -16.92 0.56
CA PRO A 47 -6.76 -16.66 -0.74
C PRO A 47 -7.71 -15.94 -1.69
N THR A 48 -7.40 -14.68 -1.98
CA THR A 48 -8.23 -13.87 -2.86
C THR A 48 -7.89 -14.11 -4.33
N ILE A 49 -8.87 -14.58 -5.09
CA ILE A 49 -8.69 -14.83 -6.51
C ILE A 49 -9.44 -13.77 -7.32
N GLY A 50 -9.05 -12.52 -7.12
CA GLY A 50 -9.68 -11.41 -7.82
C GLY A 50 -9.27 -10.08 -7.22
N PHE A 51 -10.23 -9.19 -7.01
CA PHE A 51 -9.94 -7.88 -6.43
C PHE A 51 -11.03 -7.49 -5.42
N ASN A 52 -10.67 -6.65 -4.46
CA ASN A 52 -11.61 -6.20 -3.43
C ASN A 52 -11.36 -4.75 -3.06
N VAL A 53 -12.34 -3.89 -3.34
CA VAL A 53 -12.23 -2.47 -3.03
C VAL A 53 -12.63 -2.19 -1.58
N GLU A 54 -12.03 -1.17 -0.99
CA GLU A 54 -12.35 -0.81 0.38
C GLU A 54 -12.43 0.71 0.55
N CYS A 55 -13.61 1.19 0.90
CA CYS A 55 -13.83 2.63 1.08
C CYS A 55 -13.60 3.02 2.53
N VAL A 56 -12.52 3.77 2.78
CA VAL A 56 -12.20 4.22 4.13
C VAL A 56 -12.01 5.73 4.16
N GLN A 57 -12.51 6.37 5.21
CA GLN A 57 -12.40 7.81 5.37
C GLN A 57 -11.41 8.18 6.47
N TYR A 58 -10.53 9.12 6.19
CA TYR A 58 -9.53 9.55 7.17
C TYR A 58 -9.11 11.00 6.95
N CYS A 59 -9.17 11.78 8.02
CA CYS A 59 -8.81 13.20 7.99
C CYS A 59 -9.63 13.96 6.95
N ASN A 60 -10.92 13.64 6.88
CA ASN A 60 -11.83 14.29 5.93
C ASN A 60 -11.62 13.78 4.48
N ILE A 61 -10.68 12.87 4.30
CA ILE A 61 -10.40 12.35 2.96
C ILE A 61 -11.04 10.99 2.74
N SER A 62 -11.28 10.67 1.48
CA SER A 62 -11.88 9.39 1.10
C SER A 62 -10.84 8.51 0.41
N PHE A 63 -10.11 7.74 1.20
CA PHE A 63 -9.08 6.86 0.66
C PHE A 63 -9.70 5.57 0.13
N THR A 64 -9.44 5.28 -1.14
CA THR A 64 -9.94 4.06 -1.77
C THR A 64 -8.78 3.09 -1.94
N VAL A 65 -8.88 1.92 -1.31
CA VAL A 65 -7.80 0.94 -1.39
C VAL A 65 -8.28 -0.39 -1.98
N TRP A 66 -7.81 -0.68 -3.19
CA TRP A 66 -8.14 -1.92 -3.87
C TRP A 66 -7.16 -2.99 -3.40
N ASP A 67 -7.64 -4.16 -3.00
CA ASP A 67 -6.74 -5.21 -2.53
C ASP A 67 -6.77 -6.41 -3.47
N VAL A 68 -5.74 -6.53 -4.29
CA VAL A 68 -5.63 -7.64 -5.22
C VAL A 68 -5.08 -8.86 -4.50
N GLY A 69 -5.69 -10.02 -4.72
CA GLY A 69 -5.24 -11.23 -4.07
C GLY A 69 -4.18 -11.96 -4.87
N GLY A 70 -4.01 -13.26 -4.58
CA GLY A 70 -3.01 -14.05 -5.28
C GLY A 70 -1.64 -13.40 -5.30
N GLN A 71 -1.16 -13.11 -6.51
CA GLN A 71 0.15 -12.48 -6.70
C GLN A 71 0.55 -12.51 -8.18
N ASP A 72 1.25 -13.56 -8.61
CA ASP A 72 1.67 -13.68 -10.00
C ASP A 72 0.47 -13.71 -10.95
N ARG A 73 -0.45 -14.63 -10.70
CA ARG A 73 -1.64 -14.76 -11.53
C ARG A 73 -2.51 -13.51 -11.48
N ILE A 74 -2.38 -12.74 -10.40
CA ILE A 74 -3.16 -11.52 -10.26
C ILE A 74 -2.34 -10.28 -10.63
N ARG A 75 -1.04 -10.45 -10.87
CA ARG A 75 -0.17 -9.33 -11.23
C ARG A 75 -0.71 -8.58 -12.45
N SER A 76 -1.35 -9.30 -13.36
CA SER A 76 -1.91 -8.68 -14.56
C SER A 76 -3.16 -7.87 -14.24
N LEU A 77 -3.87 -8.26 -13.17
CA LEU A 77 -5.09 -7.57 -12.76
C LEU A 77 -4.78 -6.20 -12.13
N TRP A 78 -3.51 -5.88 -11.93
CA TRP A 78 -3.13 -4.62 -11.31
C TRP A 78 -3.08 -3.48 -12.33
N ARG A 79 -2.73 -3.79 -13.57
CA ARG A 79 -2.65 -2.77 -14.62
C ARG A 79 -4.03 -2.29 -15.06
N HIS A 80 -5.09 -2.93 -14.56
CA HIS A 80 -6.46 -2.55 -14.91
C HIS A 80 -7.05 -1.59 -13.87
N TYR A 81 -6.42 -1.49 -12.70
CA TYR A 81 -6.90 -0.60 -11.64
C TYR A 81 -5.98 0.60 -11.43
N TYR A 82 -4.89 0.68 -12.19
CA TYR A 82 -3.95 1.79 -12.05
C TYR A 82 -4.33 2.98 -12.94
N CYS A 83 -5.62 3.14 -13.22
CA CYS A 83 -6.09 4.24 -14.06
C CYS A 83 -5.70 5.58 -13.46
N ASN A 84 -5.58 5.64 -12.14
CA ASN A 84 -5.20 6.89 -11.47
C ASN A 84 -4.95 6.67 -9.97
N THR A 85 -4.17 5.64 -9.65
CA THR A 85 -3.83 5.35 -8.26
C THR A 85 -2.83 6.37 -7.75
N GLU A 86 -3.12 6.99 -6.61
CA GLU A 86 -2.24 7.99 -6.04
C GLU A 86 -1.05 7.35 -5.34
N GLY A 87 -1.29 6.25 -4.62
CA GLY A 87 -0.23 5.55 -3.92
C GLY A 87 -0.63 4.14 -3.56
N VAL A 88 0.24 3.17 -3.80
CA VAL A 88 -0.07 1.78 -3.51
C VAL A 88 0.66 1.27 -2.27
N ILE A 89 -0.07 0.52 -1.45
CA ILE A 89 0.48 -0.03 -0.22
C ILE A 89 0.98 -1.46 -0.46
N PHE A 90 2.30 -1.60 -0.59
CA PHE A 90 2.91 -2.90 -0.82
C PHE A 90 3.08 -3.65 0.50
N VAL A 91 2.49 -4.84 0.57
CA VAL A 91 2.57 -5.66 1.76
C VAL A 91 3.68 -6.70 1.62
N VAL A 92 4.55 -6.77 2.62
CA VAL A 92 5.66 -7.71 2.61
C VAL A 92 5.78 -8.42 3.95
N ASP A 93 5.70 -9.76 3.92
CA ASP A 93 5.84 -10.53 5.14
C ASP A 93 7.23 -10.35 5.73
N SER A 94 7.29 -9.99 7.00
CA SER A 94 8.56 -9.77 7.68
C SER A 94 9.12 -11.07 8.26
N ASN A 95 8.23 -11.92 8.76
CA ASN A 95 8.65 -13.19 9.35
C ASN A 95 8.88 -14.27 8.30
N ASP A 96 8.72 -13.95 7.02
CA ASP A 96 8.93 -14.93 5.96
C ASP A 96 10.15 -14.57 5.12
N ARG A 97 11.33 -14.88 5.64
CA ARG A 97 12.59 -14.60 4.97
C ARG A 97 12.75 -15.44 3.71
N SER A 98 12.12 -16.62 3.71
CA SER A 98 12.23 -17.50 2.56
C SER A 98 11.80 -16.81 1.27
N ARG A 99 10.68 -16.11 1.32
CA ARG A 99 10.15 -15.42 0.13
C ARG A 99 10.62 -13.96 0.05
N ILE A 100 11.40 -13.49 1.04
CA ILE A 100 11.88 -12.11 1.07
C ILE A 100 12.38 -11.61 -0.29
N GLY A 101 12.81 -12.50 -1.16
CA GLY A 101 13.29 -12.10 -2.47
C GLY A 101 12.15 -11.99 -3.46
N GLU A 102 11.15 -12.84 -3.28
CA GLU A 102 9.98 -12.84 -4.15
C GLU A 102 9.27 -11.51 -4.05
N ALA A 103 9.01 -11.08 -2.81
CA ALA A 103 8.34 -9.81 -2.55
C ALA A 103 9.15 -8.67 -3.14
N ARG A 104 10.46 -8.66 -2.87
CA ARG A 104 11.34 -7.63 -3.38
C ARG A 104 11.33 -7.61 -4.91
N GLU A 105 11.46 -8.78 -5.51
CA GLU A 105 11.46 -8.89 -6.97
C GLU A 105 10.15 -8.38 -7.58
N VAL A 106 9.04 -8.63 -6.88
CA VAL A 106 7.74 -8.17 -7.35
C VAL A 106 7.70 -6.66 -7.40
N MET A 107 8.36 -6.02 -6.43
CA MET A 107 8.40 -4.57 -6.36
C MET A 107 9.07 -4.01 -7.61
N GLN A 108 10.21 -4.59 -7.98
CA GLN A 108 10.97 -4.15 -9.15
C GLN A 108 10.10 -4.12 -10.41
N ARG A 109 9.28 -5.16 -10.59
CA ARG A 109 8.39 -5.24 -11.74
C ARG A 109 7.47 -4.02 -11.79
N MET A 110 6.92 -3.68 -10.64
CA MET A 110 6.03 -2.53 -10.52
C MET A 110 6.80 -1.22 -10.67
N LEU A 111 8.01 -1.18 -10.10
CA LEU A 111 8.84 0.02 -10.14
C LEU A 111 9.39 0.31 -11.54
N ASN A 112 9.58 -0.71 -12.36
CA ASN A 112 10.10 -0.50 -13.71
C ASN A 112 8.99 -0.36 -14.74
N GLU A 113 7.73 -0.38 -14.29
CA GLU A 113 6.60 -0.26 -15.21
C GLU A 113 6.28 1.20 -15.49
N ASP A 114 6.21 1.54 -16.77
CA ASP A 114 5.89 2.91 -17.19
C ASP A 114 4.49 3.29 -16.74
N GLU A 115 3.61 2.29 -16.69
CA GLU A 115 2.24 2.50 -16.26
C GLU A 115 2.15 2.79 -14.76
N LEU A 116 3.22 2.49 -14.03
CA LEU A 116 3.22 2.72 -12.59
C LEU A 116 4.33 3.68 -12.16
N CYS A 117 4.92 4.40 -13.11
CA CYS A 117 5.97 5.36 -12.80
C CYS A 117 5.41 6.62 -12.12
N ASN A 118 4.08 6.72 -12.03
CA ASN A 118 3.44 7.87 -11.40
C ASN A 118 2.73 7.48 -10.11
N ALA A 119 2.68 6.18 -9.81
CA ALA A 119 2.02 5.68 -8.61
C ALA A 119 3.02 5.49 -7.48
N ALA A 120 2.55 5.67 -6.25
CA ALA A 120 3.43 5.53 -5.08
C ALA A 120 3.66 4.08 -4.70
N TRP A 121 4.56 3.86 -3.75
CA TRP A 121 4.88 2.50 -3.31
C TRP A 121 5.18 2.47 -1.82
N LEU A 122 4.13 2.53 -1.00
CA LEU A 122 4.29 2.48 0.45
C LEU A 122 4.37 1.04 0.92
N VAL A 123 5.52 0.64 1.45
CA VAL A 123 5.71 -0.72 1.92
C VAL A 123 5.45 -0.83 3.42
N PHE A 124 4.72 -1.88 3.81
CA PHE A 124 4.40 -2.12 5.20
C PHE A 124 4.75 -3.56 5.59
N ALA A 125 5.81 -3.73 6.38
CA ALA A 125 6.23 -5.06 6.81
C ALA A 125 5.12 -5.76 7.58
N ASN A 126 4.48 -6.74 6.94
CA ASN A 126 3.40 -7.49 7.56
C ASN A 126 3.93 -8.55 8.52
N LYS A 127 3.05 -9.03 9.39
CA LYS A 127 3.41 -10.05 10.38
C LYS A 127 4.43 -9.53 11.39
N GLN A 128 4.53 -8.21 11.52
CA GLN A 128 5.48 -7.63 12.46
C GLN A 128 5.14 -8.04 13.90
N ASP A 129 3.85 -8.29 14.14
CA ASP A 129 3.38 -8.68 15.47
C ASP A 129 3.92 -10.06 15.88
N LEU A 130 4.27 -10.88 14.89
CA LEU A 130 4.80 -12.21 15.17
C LEU A 130 6.08 -12.14 15.99
N PRO A 131 6.23 -12.98 17.05
CA PRO A 131 7.42 -12.98 17.90
C PRO A 131 8.71 -13.04 17.09
N GLU A 132 8.64 -13.68 15.92
CA GLU A 132 9.80 -13.81 15.05
C GLU A 132 9.75 -12.81 13.90
N ALA A 133 9.09 -11.68 14.13
CA ALA A 133 8.98 -10.64 13.11
C ALA A 133 10.32 -9.99 12.83
N MET A 134 10.66 -9.87 11.55
CA MET A 134 11.93 -9.28 11.15
C MET A 134 11.99 -7.80 11.52
N SER A 135 13.20 -7.33 11.84
CA SER A 135 13.40 -5.94 12.20
C SER A 135 13.39 -5.07 10.95
N ALA A 136 13.17 -3.77 11.13
CA ALA A 136 13.12 -2.84 10.00
C ALA A 136 14.48 -2.72 9.34
N ALA A 137 15.54 -2.89 10.12
CA ALA A 137 16.90 -2.79 9.60
C ALA A 137 17.20 -3.89 8.59
N GLU A 138 16.72 -5.10 8.85
CA GLU A 138 16.97 -6.22 7.95
C GLU A 138 16.10 -6.15 6.69
N ILE A 139 14.80 -5.94 6.88
CA ILE A 139 13.87 -5.86 5.76
C ILE A 139 14.26 -4.72 4.82
N THR A 140 14.68 -3.60 5.40
CA THR A 140 15.09 -2.43 4.63
C THR A 140 16.38 -2.70 3.86
N GLU A 141 17.40 -3.17 4.57
CA GLU A 141 18.69 -3.44 3.95
C GLU A 141 18.55 -4.45 2.80
N LYS A 142 17.98 -5.61 3.10
CA LYS A 142 17.81 -6.67 2.10
C LYS A 142 17.04 -6.17 0.87
N LEU A 143 16.11 -5.25 1.09
CA LEU A 143 15.32 -4.70 -0.01
C LEU A 143 16.08 -3.62 -0.79
N GLY A 144 17.33 -3.35 -0.39
CA GLY A 144 18.11 -2.32 -1.08
C GLY A 144 17.43 -0.97 -1.03
N LEU A 145 16.69 -0.72 0.04
CA LEU A 145 15.98 0.54 0.21
C LEU A 145 16.92 1.74 0.18
N HIS A 146 18.08 1.59 0.80
CA HIS A 146 19.06 2.69 0.84
C HIS A 146 19.69 2.89 -0.54
N SER A 147 19.81 1.81 -1.30
CA SER A 147 20.41 1.88 -2.63
C SER A 147 19.38 2.32 -3.69
N ILE A 148 18.10 2.33 -3.32
CA ILE A 148 17.06 2.72 -4.26
C ILE A 148 16.55 4.13 -3.98
N ARG A 149 16.88 5.05 -4.87
CA ARG A 149 16.47 6.45 -4.75
C ARG A 149 15.92 6.95 -6.08
N ASN A 150 15.31 6.05 -6.86
CA ASN A 150 14.73 6.41 -8.14
C ASN A 150 13.21 6.23 -8.15
N ARG A 151 12.67 5.62 -7.10
CA ARG A 151 11.22 5.40 -7.01
C ARG A 151 10.72 5.72 -5.60
N PRO A 152 9.62 6.48 -5.47
CA PRO A 152 9.09 6.84 -4.15
C PRO A 152 8.51 5.65 -3.39
N TRP A 153 9.32 5.05 -2.51
CA TRP A 153 8.87 3.91 -1.72
C TRP A 153 9.50 3.93 -0.33
N PHE A 154 8.72 3.47 0.65
CA PHE A 154 9.17 3.44 2.05
C PHE A 154 8.75 2.14 2.74
N ILE A 155 9.48 1.77 3.79
CA ILE A 155 9.17 0.54 4.53
C ILE A 155 8.74 0.87 5.96
N GLN A 156 7.63 0.28 6.38
CA GLN A 156 7.11 0.52 7.74
C GLN A 156 6.72 -0.78 8.44
N ALA A 157 7.14 -0.92 9.69
CA ALA A 157 6.80 -2.10 10.48
C ALA A 157 5.35 -1.98 10.97
N THR A 158 4.51 -2.94 10.60
CA THR A 158 3.10 -2.89 11.00
C THR A 158 2.60 -4.20 11.61
N CYS A 159 1.61 -4.05 12.48
CA CYS A 159 0.96 -5.19 13.12
C CYS A 159 -0.53 -5.10 12.89
N ALA A 160 -1.02 -5.89 11.95
CA ALA A 160 -2.43 -5.89 11.60
C ALA A 160 -3.26 -6.60 12.66
N THR A 161 -2.69 -7.61 13.30
CA THR A 161 -3.41 -8.35 14.34
C THR A 161 -4.00 -7.39 15.37
N SER A 162 -3.27 -6.32 15.67
CA SER A 162 -3.71 -5.33 16.63
C SER A 162 -4.11 -4.04 15.92
N GLY A 163 -3.44 -3.75 14.81
CA GLY A 163 -3.73 -2.54 14.04
C GLY A 163 -2.79 -1.39 14.38
N GLU A 164 -1.78 -1.65 15.19
CA GLU A 164 -0.84 -0.60 15.57
C GLU A 164 0.04 -0.19 14.38
N GLY A 165 0.27 1.11 14.25
CA GLY A 165 1.11 1.62 13.18
C GLY A 165 0.36 1.83 11.86
N LEU A 166 -0.81 1.21 11.72
CA LEU A 166 -1.60 1.32 10.50
C LEU A 166 -2.07 2.75 10.27
N TYR A 167 -2.47 3.41 11.35
CA TYR A 167 -2.94 4.79 11.25
C TYR A 167 -1.83 5.72 10.78
N GLU A 168 -0.64 5.56 11.34
CA GLU A 168 0.50 6.39 10.98
C GLU A 168 0.80 6.32 9.49
N GLY A 169 0.67 5.13 8.91
CA GLY A 169 0.95 4.96 7.50
C GLY A 169 0.03 5.76 6.61
N LEU A 170 -1.26 5.75 6.93
CA LEU A 170 -2.24 6.49 6.14
C LEU A 170 -2.02 8.00 6.26
N GLU A 171 -1.43 8.43 7.37
CA GLU A 171 -1.17 9.85 7.60
C GLU A 171 0.01 10.34 6.76
N TRP A 172 1.02 9.49 6.61
CA TRP A 172 2.20 9.87 5.84
C TRP A 172 1.86 10.05 4.36
N LEU A 173 1.03 9.16 3.84
CA LEU A 173 0.63 9.24 2.44
C LEU A 173 -0.14 10.53 2.17
N SER A 174 -1.19 10.77 2.94
CA SER A 174 -2.01 11.97 2.78
C SER A 174 -1.18 13.25 2.82
N ASN A 175 -0.08 13.24 3.57
CA ASN A 175 0.78 14.41 3.68
C ASN A 175 1.59 14.62 2.40
N CYS A 176 1.93 13.52 1.74
CA CYS A 176 2.72 13.59 0.52
C CYS A 176 1.97 14.23 -0.63
N LEU A 177 0.64 14.12 -0.64
CA LEU A 177 -0.15 14.69 -1.72
C LEU A 177 -0.71 16.06 -1.33
N LYS A 178 -1.54 16.10 -0.29
CA LYS A 178 -2.12 17.37 0.17
C LYS A 178 -1.03 18.32 0.61
N ASN A 179 -0.02 17.77 1.30
CA ASN A 179 1.13 18.52 1.83
C ASN A 179 0.78 19.96 2.22
N SER A 180 -0.05 20.10 3.26
CA SER A 180 -0.47 21.40 3.74
C SER A 180 0.56 21.99 4.70
N THR A 181 0.35 23.25 5.09
CA THR A 181 1.26 23.92 6.00
C THR A 181 0.73 23.89 7.42
N GLY A 2 -16.30 39.07 0.98
CA GLY A 2 -15.77 37.93 0.25
C GLY A 2 -14.58 37.30 0.97
N LEU A 3 -13.87 38.10 1.76
CA LEU A 3 -12.71 37.61 2.49
C LEU A 3 -13.14 36.65 3.60
N PHE A 4 -14.08 37.08 4.42
CA PHE A 4 -14.58 36.26 5.52
C PHE A 4 -15.24 34.98 5.00
N ALA A 5 -15.90 35.09 3.85
CA ALA A 5 -16.55 33.94 3.24
C ALA A 5 -15.53 33.08 2.52
N SER A 6 -14.55 33.72 1.90
CA SER A 6 -13.50 33.05 1.14
C SER A 6 -12.81 31.97 1.96
N LYS A 7 -12.77 32.15 3.27
CA LYS A 7 -12.12 31.17 4.14
C LYS A 7 -12.98 29.91 4.23
N LEU A 8 -14.27 30.12 4.50
CA LEU A 8 -15.22 29.02 4.61
C LEU A 8 -15.24 28.17 3.34
N PHE A 9 -14.96 28.81 2.21
CA PHE A 9 -14.92 28.11 0.93
C PHE A 9 -13.61 27.33 0.77
N SER A 10 -12.57 27.79 1.46
CA SER A 10 -11.27 27.14 1.40
C SER A 10 -11.30 25.73 1.96
N ASN A 11 -12.13 25.50 2.97
CA ASN A 11 -12.24 24.18 3.60
C ASN A 11 -12.62 23.12 2.58
N LEU A 12 -13.25 23.54 1.48
CA LEU A 12 -13.67 22.61 0.43
C LEU A 12 -12.53 21.70 -0.04
N PHE A 13 -11.29 22.17 0.15
CA PHE A 13 -10.12 21.40 -0.26
C PHE A 13 -9.82 20.25 0.72
N GLY A 14 -10.57 20.16 1.82
CA GLY A 14 -10.35 19.11 2.79
C GLY A 14 -11.10 17.84 2.47
N ASN A 15 -12.23 17.97 1.79
CA ASN A 15 -13.05 16.81 1.43
C ASN A 15 -12.39 15.96 0.34
N LYS A 16 -11.29 16.47 -0.25
CA LYS A 16 -10.57 15.76 -1.31
C LYS A 16 -10.38 14.27 -0.99
N GLU A 17 -9.94 13.51 -1.98
CA GLU A 17 -9.73 12.08 -1.82
C GLU A 17 -8.48 11.60 -2.54
N MET A 18 -7.89 10.52 -2.04
CA MET A 18 -6.68 9.95 -2.63
C MET A 18 -6.93 8.50 -3.04
N ARG A 19 -6.26 8.06 -4.10
CA ARG A 19 -6.42 6.69 -4.59
C ARG A 19 -5.24 5.83 -4.14
N ILE A 20 -5.56 4.67 -3.57
CA ILE A 20 -4.54 3.76 -3.08
C ILE A 20 -4.66 2.37 -3.71
N LEU A 21 -3.54 1.68 -3.83
CA LEU A 21 -3.50 0.34 -4.39
C LEU A 21 -2.68 -0.60 -3.51
N MET A 22 -3.14 -1.83 -3.32
CA MET A 22 -2.44 -2.80 -2.50
C MET A 22 -1.95 -3.97 -3.34
N VAL A 23 -0.68 -4.34 -3.16
CA VAL A 23 -0.09 -5.45 -3.91
C VAL A 23 1.01 -6.15 -3.11
N GLY A 24 1.16 -7.45 -3.34
CA GLY A 24 2.17 -8.21 -2.63
C GLY A 24 2.23 -9.67 -3.01
N LEU A 25 3.03 -10.43 -2.27
CA LEU A 25 3.22 -11.86 -2.50
C LEU A 25 1.87 -12.59 -2.43
N ASP A 26 1.92 -13.92 -2.33
CA ASP A 26 0.71 -14.74 -2.27
C ASP A 26 0.17 -14.88 -0.85
N GLY A 27 0.51 -13.95 0.04
CA GLY A 27 0.03 -14.03 1.42
C GLY A 27 0.63 -12.96 2.32
N ALA A 28 0.90 -11.79 1.78
CA ALA A 28 1.50 -10.71 2.56
C ALA A 28 0.56 -10.23 3.65
N GLY A 29 -0.68 -9.92 3.26
CA GLY A 29 -1.66 -9.46 4.22
C GLY A 29 -2.32 -8.16 3.81
N LYS A 30 -2.59 -8.01 2.53
CA LYS A 30 -3.23 -6.80 2.03
C LYS A 30 -4.68 -6.73 2.51
N THR A 31 -5.34 -7.88 2.52
CA THR A 31 -6.73 -7.95 2.95
C THR A 31 -6.85 -7.72 4.45
N THR A 32 -5.89 -8.24 5.21
CA THR A 32 -5.91 -8.10 6.66
C THR A 32 -5.90 -6.64 7.10
N VAL A 33 -4.95 -5.87 6.57
CA VAL A 33 -4.82 -4.45 6.91
C VAL A 33 -6.01 -3.63 6.38
N LEU A 34 -6.41 -3.92 5.15
CA LEU A 34 -7.52 -3.21 4.51
C LEU A 34 -8.77 -3.18 5.38
N TYR A 35 -9.12 -4.32 5.93
CA TYR A 35 -10.32 -4.43 6.77
C TYR A 35 -10.09 -3.86 8.16
N LYS A 36 -8.86 -3.93 8.65
CA LYS A 36 -8.54 -3.43 9.98
C LYS A 36 -8.52 -1.91 10.00
N LEU A 37 -7.89 -1.30 9.00
CA LEU A 37 -7.81 0.14 8.92
C LEU A 37 -9.16 0.74 8.53
N LYS A 38 -9.95 -0.01 7.78
CA LYS A 38 -11.26 0.48 7.34
C LYS A 38 -12.37 0.08 8.32
N LEU A 39 -12.26 -1.09 8.93
CA LEU A 39 -13.28 -1.57 9.87
C LEU A 39 -12.84 -1.44 11.32
N GLY A 40 -11.55 -1.23 11.56
CA GLY A 40 -11.07 -1.09 12.94
C GLY A 40 -10.94 -2.42 13.68
N GLU A 41 -11.28 -3.53 13.03
CA GLU A 41 -11.20 -4.84 13.68
C GLU A 41 -10.63 -5.89 12.74
N VAL A 42 -10.00 -6.90 13.32
CA VAL A 42 -9.42 -7.99 12.54
C VAL A 42 -10.44 -9.09 12.30
N ILE A 43 -10.59 -9.48 11.04
CA ILE A 43 -11.54 -10.52 10.65
C ILE A 43 -10.84 -11.65 9.92
N THR A 44 -11.57 -12.73 9.66
CA THR A 44 -11.04 -13.88 8.95
C THR A 44 -10.71 -13.50 7.51
N THR A 45 -9.43 -13.53 7.16
CA THR A 45 -8.99 -13.19 5.82
C THR A 45 -8.96 -14.42 4.93
N ILE A 46 -9.20 -14.21 3.64
CA ILE A 46 -9.22 -15.27 2.64
C ILE A 46 -8.37 -14.84 1.44
N PRO A 47 -7.64 -15.77 0.79
CA PRO A 47 -6.83 -15.45 -0.38
C PRO A 47 -7.67 -14.81 -1.48
N THR A 48 -7.34 -13.56 -1.80
CA THR A 48 -8.08 -12.82 -2.82
C THR A 48 -7.74 -13.31 -4.22
N ILE A 49 -8.70 -13.96 -4.87
CA ILE A 49 -8.51 -14.46 -6.22
C ILE A 49 -9.11 -13.48 -7.24
N GLY A 50 -8.89 -12.20 -6.99
CA GLY A 50 -9.40 -11.17 -7.87
C GLY A 50 -9.00 -9.77 -7.42
N PHE A 51 -9.99 -8.91 -7.20
CA PHE A 51 -9.73 -7.55 -6.74
C PHE A 51 -10.84 -7.10 -5.78
N ASN A 52 -10.49 -6.22 -4.84
CA ASN A 52 -11.46 -5.73 -3.87
C ASN A 52 -11.14 -4.30 -3.44
N VAL A 53 -12.10 -3.39 -3.65
CA VAL A 53 -11.92 -1.99 -3.27
C VAL A 53 -12.41 -1.74 -1.86
N GLU A 54 -11.88 -0.71 -1.21
CA GLU A 54 -12.28 -0.37 0.15
C GLU A 54 -12.35 1.14 0.34
N CYS A 55 -13.55 1.62 0.65
CA CYS A 55 -13.77 3.05 0.87
C CYS A 55 -13.54 3.41 2.34
N VAL A 56 -12.47 4.14 2.61
CA VAL A 56 -12.15 4.57 3.97
C VAL A 56 -11.89 6.07 4.03
N GLN A 57 -12.37 6.70 5.10
CA GLN A 57 -12.19 8.14 5.27
C GLN A 57 -11.18 8.43 6.38
N TYR A 58 -10.26 9.35 6.11
CA TYR A 58 -9.24 9.72 7.08
C TYR A 58 -8.80 11.18 6.92
N CYS A 59 -8.86 11.93 8.01
CA CYS A 59 -8.49 13.34 8.04
C CYS A 59 -9.27 14.14 7.01
N ASN A 60 -10.58 13.87 6.92
CA ASN A 60 -11.47 14.55 5.98
C ASN A 60 -11.25 14.06 4.54
N ILE A 61 -10.32 13.13 4.35
CA ILE A 61 -10.05 12.62 3.00
C ILE A 61 -10.69 11.26 2.78
N SER A 62 -10.96 10.95 1.52
CA SER A 62 -11.57 9.68 1.14
C SER A 62 -10.54 8.77 0.51
N PHE A 63 -9.89 7.95 1.32
CA PHE A 63 -8.88 7.03 0.82
C PHE A 63 -9.51 5.76 0.27
N THR A 64 -9.28 5.51 -1.00
CA THR A 64 -9.79 4.32 -1.66
C THR A 64 -8.65 3.34 -1.86
N VAL A 65 -8.69 2.21 -1.17
CA VAL A 65 -7.62 1.22 -1.27
C VAL A 65 -8.09 -0.04 -1.98
N TRP A 66 -7.60 -0.24 -3.20
CA TRP A 66 -7.95 -1.41 -3.98
C TRP A 66 -6.91 -2.50 -3.76
N ASP A 67 -7.36 -3.68 -3.36
CA ASP A 67 -6.44 -4.78 -3.11
C ASP A 67 -6.60 -5.86 -4.19
N VAL A 68 -5.61 -5.95 -5.07
CA VAL A 68 -5.63 -6.94 -6.13
C VAL A 68 -4.82 -8.15 -5.71
N GLY A 69 -5.27 -9.34 -6.10
CA GLY A 69 -4.57 -10.57 -5.75
C GLY A 69 -3.07 -10.49 -5.89
N GLY A 70 -2.35 -10.91 -4.87
CA GLY A 70 -0.91 -10.87 -4.91
C GLY A 70 -0.31 -12.04 -5.66
N GLN A 71 -1.08 -13.13 -5.77
CA GLN A 71 -0.63 -14.33 -6.47
C GLN A 71 -0.07 -14.01 -7.85
N ASP A 72 0.98 -14.72 -8.23
CA ASP A 72 1.64 -14.52 -9.52
C ASP A 72 0.63 -14.56 -10.67
N ARG A 73 -0.23 -15.57 -10.67
CA ARG A 73 -1.24 -15.72 -11.71
C ARG A 73 -2.17 -14.51 -11.75
N ILE A 74 -2.37 -13.88 -10.60
CA ILE A 74 -3.24 -12.71 -10.52
C ILE A 74 -2.47 -11.39 -10.62
N ARG A 75 -1.14 -11.45 -10.47
CA ARG A 75 -0.30 -10.26 -10.55
C ARG A 75 -0.63 -9.40 -11.77
N SER A 76 -1.10 -10.06 -12.84
CA SER A 76 -1.46 -9.36 -14.07
C SER A 76 -2.55 -8.32 -13.82
N LEU A 77 -3.49 -8.65 -12.95
CA LEU A 77 -4.60 -7.75 -12.62
C LEU A 77 -4.10 -6.40 -12.10
N TRP A 78 -2.86 -6.37 -11.61
CA TRP A 78 -2.26 -5.15 -11.07
C TRP A 78 -2.32 -4.00 -12.07
N ARG A 79 -1.91 -4.26 -13.30
CA ARG A 79 -1.92 -3.22 -14.34
C ARG A 79 -3.20 -3.29 -15.18
N HIS A 80 -4.25 -3.86 -14.62
CA HIS A 80 -5.52 -3.99 -15.32
C HIS A 80 -6.68 -3.33 -14.56
N TYR A 81 -6.48 -3.03 -13.27
CA TYR A 81 -7.54 -2.42 -12.47
C TYR A 81 -7.03 -1.21 -11.66
N TYR A 82 -5.78 -0.80 -11.88
CA TYR A 82 -5.21 0.34 -11.16
C TYR A 82 -6.05 1.59 -11.36
N CYS A 83 -6.44 1.84 -12.61
CA CYS A 83 -7.24 3.01 -12.95
C CYS A 83 -6.50 4.31 -12.65
N ASN A 84 -6.54 4.76 -11.40
CA ASN A 84 -5.89 6.00 -11.02
C ASN A 84 -5.41 5.99 -9.56
N THR A 85 -4.58 5.01 -9.22
CA THR A 85 -4.03 4.90 -7.87
C THR A 85 -2.94 5.95 -7.68
N GLU A 86 -3.02 6.72 -6.60
CA GLU A 86 -2.04 7.75 -6.33
C GLU A 86 -0.91 7.22 -5.45
N GLY A 87 -1.17 6.15 -4.70
CA GLY A 87 -0.16 5.55 -3.85
C GLY A 87 -0.38 4.07 -3.69
N VAL A 88 0.66 3.27 -3.94
CA VAL A 88 0.55 1.82 -3.84
C VAL A 88 1.24 1.29 -2.58
N ILE A 89 0.45 0.65 -1.73
CA ILE A 89 0.97 0.08 -0.49
C ILE A 89 1.34 -1.38 -0.69
N PHE A 90 2.63 -1.66 -0.76
CA PHE A 90 3.12 -3.02 -0.95
C PHE A 90 3.29 -3.73 0.39
N VAL A 91 2.63 -4.87 0.52
CA VAL A 91 2.71 -5.66 1.75
C VAL A 91 3.77 -6.74 1.64
N VAL A 92 4.66 -6.80 2.63
CA VAL A 92 5.74 -7.78 2.62
C VAL A 92 5.84 -8.51 3.96
N ASP A 93 5.75 -9.84 3.91
CA ASP A 93 5.86 -10.63 5.13
C ASP A 93 7.28 -10.53 5.68
N SER A 94 7.40 -10.18 6.95
CA SER A 94 8.71 -10.04 7.58
C SER A 94 9.24 -11.37 8.12
N ASN A 95 8.34 -12.21 8.60
CA ASN A 95 8.73 -13.51 9.15
C ASN A 95 8.97 -14.56 8.08
N ASP A 96 8.86 -14.20 6.80
CA ASP A 96 9.06 -15.16 5.71
C ASP A 96 10.30 -14.79 4.89
N ARG A 97 11.47 -15.12 5.41
CA ARG A 97 12.73 -14.83 4.75
C ARG A 97 12.90 -15.67 3.48
N SER A 98 12.28 -16.84 3.47
CA SER A 98 12.39 -17.74 2.32
C SER A 98 11.97 -17.04 1.03
N ARG A 99 10.82 -16.37 1.07
CA ARG A 99 10.31 -15.68 -0.11
C ARG A 99 10.81 -14.24 -0.22
N ILE A 100 11.62 -13.79 0.75
CA ILE A 100 12.14 -12.42 0.76
C ILE A 100 12.61 -11.92 -0.60
N GLY A 101 13.01 -12.84 -1.49
CA GLY A 101 13.47 -12.44 -2.81
C GLY A 101 12.31 -12.31 -3.78
N GLU A 102 11.29 -13.14 -3.58
CA GLU A 102 10.12 -13.10 -4.44
C GLU A 102 9.34 -11.81 -4.22
N ALA A 103 9.37 -11.31 -2.99
CA ALA A 103 8.68 -10.08 -2.64
C ALA A 103 9.41 -8.87 -3.20
N ARG A 104 10.72 -8.83 -3.03
CA ARG A 104 11.51 -7.71 -3.52
C ARG A 104 11.58 -7.72 -5.04
N GLU A 105 11.73 -8.90 -5.64
CA GLU A 105 11.81 -9.00 -7.09
C GLU A 105 10.51 -8.57 -7.76
N VAL A 106 9.38 -8.92 -7.16
CA VAL A 106 8.09 -8.54 -7.73
C VAL A 106 7.93 -7.03 -7.71
N MET A 107 8.49 -6.40 -6.68
CA MET A 107 8.44 -4.95 -6.53
C MET A 107 9.11 -4.28 -7.73
N GLN A 108 10.32 -4.74 -8.05
CA GLN A 108 11.09 -4.19 -9.16
C GLN A 108 10.30 -4.21 -10.47
N ARG A 109 9.55 -5.29 -10.70
CA ARG A 109 8.75 -5.42 -11.91
C ARG A 109 7.68 -4.33 -11.95
N MET A 110 7.05 -4.10 -10.80
CA MET A 110 6.02 -3.08 -10.69
C MET A 110 6.63 -1.68 -10.82
N LEU A 111 7.79 -1.50 -10.17
CA LEU A 111 8.49 -0.22 -10.19
C LEU A 111 9.17 0.04 -11.54
N ASN A 112 9.39 -1.03 -12.31
CA ASN A 112 10.04 -0.89 -13.61
C ASN A 112 9.02 -0.65 -14.73
N GLU A 113 7.73 -0.71 -14.40
CA GLU A 113 6.68 -0.52 -15.39
C GLU A 113 6.38 0.95 -15.62
N ASP A 114 6.36 1.36 -16.88
CA ASP A 114 6.08 2.73 -17.26
C ASP A 114 4.64 3.09 -16.88
N GLU A 115 3.76 2.10 -16.93
CA GLU A 115 2.36 2.30 -16.60
C GLU A 115 2.16 2.52 -15.09
N LEU A 116 3.20 2.23 -14.30
CA LEU A 116 3.10 2.38 -12.86
C LEU A 116 4.19 3.29 -12.30
N CYS A 117 4.83 4.08 -13.17
CA CYS A 117 5.88 4.99 -12.74
C CYS A 117 5.31 6.23 -12.04
N ASN A 118 3.98 6.33 -11.95
CA ASN A 118 3.34 7.47 -11.29
C ASN A 118 2.70 7.07 -9.96
N ALA A 119 2.67 5.76 -9.65
CA ALA A 119 2.07 5.29 -8.41
C ALA A 119 3.12 5.27 -7.30
N ALA A 120 2.70 5.60 -6.09
CA ALA A 120 3.62 5.65 -4.95
C ALA A 120 3.91 4.27 -4.39
N TRP A 121 4.77 4.22 -3.38
CA TRP A 121 5.14 2.96 -2.76
C TRP A 121 5.14 3.03 -1.24
N LEU A 122 4.26 2.26 -0.62
CA LEU A 122 4.17 2.21 0.83
C LEU A 122 4.40 0.78 1.30
N VAL A 123 5.50 0.54 1.99
CA VAL A 123 5.81 -0.80 2.46
C VAL A 123 5.38 -0.99 3.90
N PHE A 124 4.78 -2.15 4.18
CA PHE A 124 4.31 -2.47 5.51
C PHE A 124 4.69 -3.90 5.87
N ALA A 125 5.73 -4.07 6.69
CA ALA A 125 6.16 -5.40 7.10
C ALA A 125 5.03 -6.10 7.85
N ASN A 126 4.39 -7.04 7.17
CA ASN A 126 3.27 -7.77 7.75
C ASN A 126 3.76 -8.82 8.74
N LYS A 127 2.85 -9.29 9.60
CA LYS A 127 3.17 -10.30 10.59
C LYS A 127 4.23 -9.81 11.57
N GLN A 128 4.36 -8.49 11.72
CA GLN A 128 5.35 -7.94 12.64
C GLN A 128 5.06 -8.41 14.08
N ASP A 129 3.79 -8.72 14.34
CA ASP A 129 3.38 -9.17 15.67
C ASP A 129 4.00 -10.53 16.02
N LEU A 130 4.45 -11.28 15.00
CA LEU A 130 5.05 -12.58 15.24
C LEU A 130 6.40 -12.43 15.95
N PRO A 131 6.67 -13.24 17.00
CA PRO A 131 7.93 -13.17 17.74
C PRO A 131 9.15 -13.19 16.83
N GLU A 132 9.01 -13.82 15.67
CA GLU A 132 10.11 -13.92 14.71
C GLU A 132 10.01 -12.87 13.61
N ALA A 133 9.29 -11.77 13.89
CA ALA A 133 9.14 -10.71 12.91
C ALA A 133 10.47 -10.02 12.63
N MET A 134 10.78 -9.85 11.34
CA MET A 134 12.03 -9.22 10.94
C MET A 134 12.04 -7.74 11.29
N SER A 135 13.25 -7.21 11.52
CA SER A 135 13.40 -5.80 11.87
C SER A 135 13.32 -4.94 10.61
N ALA A 136 13.11 -3.64 10.80
CA ALA A 136 13.01 -2.71 9.67
C ALA A 136 14.34 -2.58 8.95
N ALA A 137 15.43 -2.74 9.69
CA ALA A 137 16.76 -2.62 9.12
C ALA A 137 17.09 -3.75 8.14
N GLU A 138 16.59 -4.95 8.43
CA GLU A 138 16.85 -6.09 7.57
C GLU A 138 16.00 -6.06 6.30
N ILE A 139 14.70 -5.85 6.46
CA ILE A 139 13.78 -5.80 5.34
C ILE A 139 14.18 -4.71 4.34
N THR A 140 14.56 -3.55 4.87
CA THR A 140 14.95 -2.43 4.04
C THR A 140 16.27 -2.70 3.30
N GLU A 141 17.28 -3.19 4.02
CA GLU A 141 18.57 -3.48 3.41
C GLU A 141 18.44 -4.46 2.26
N LYS A 142 17.86 -5.62 2.54
CA LYS A 142 17.70 -6.67 1.53
C LYS A 142 16.94 -6.16 0.30
N LEU A 143 16.03 -5.22 0.52
CA LEU A 143 15.24 -4.66 -0.57
C LEU A 143 16.03 -3.61 -1.36
N GLY A 144 17.28 -3.36 -0.98
CA GLY A 144 18.08 -2.37 -1.67
C GLY A 144 17.47 -0.99 -1.59
N LEU A 145 16.90 -0.68 -0.42
CA LEU A 145 16.25 0.61 -0.21
C LEU A 145 17.24 1.77 -0.27
N HIS A 146 18.42 1.60 0.31
CA HIS A 146 19.43 2.66 0.32
C HIS A 146 19.90 3.03 -1.09
N SER A 147 19.66 2.15 -2.05
CA SER A 147 20.08 2.41 -3.43
C SER A 147 18.94 2.88 -4.32
N ILE A 148 17.72 2.98 -3.78
CA ILE A 148 16.58 3.42 -4.58
C ILE A 148 16.18 4.87 -4.26
N ARG A 149 16.47 5.75 -5.21
CA ARG A 149 16.16 7.17 -5.08
C ARG A 149 15.44 7.69 -6.32
N ASN A 150 14.68 6.81 -6.97
CA ASN A 150 13.93 7.18 -8.16
C ASN A 150 12.42 7.09 -7.95
N ARG A 151 11.99 6.57 -6.79
CA ARG A 151 10.57 6.44 -6.49
C ARG A 151 10.34 6.60 -4.98
N PRO A 152 9.31 7.37 -4.58
CA PRO A 152 9.02 7.58 -3.15
C PRO A 152 8.55 6.31 -2.45
N TRP A 153 9.41 5.75 -1.61
CA TRP A 153 9.07 4.53 -0.87
C TRP A 153 9.27 4.72 0.63
N PHE A 154 8.47 4.01 1.42
CA PHE A 154 8.56 4.09 2.87
C PHE A 154 8.37 2.70 3.49
N ILE A 155 9.12 2.40 4.55
CA ILE A 155 9.01 1.10 5.23
C ILE A 155 8.45 1.27 6.63
N GLN A 156 7.37 0.54 6.92
CA GLN A 156 6.75 0.61 8.24
C GLN A 156 6.46 -0.77 8.82
N ALA A 157 6.85 -0.97 10.07
CA ALA A 157 6.59 -2.24 10.75
C ALA A 157 5.24 -2.19 11.43
N THR A 158 4.30 -3.04 10.99
CA THR A 158 2.95 -3.02 11.56
C THR A 158 2.45 -4.41 11.96
N CYS A 159 1.35 -4.39 12.73
CA CYS A 159 0.70 -5.60 13.20
C CYS A 159 -0.79 -5.50 12.89
N ALA A 160 -1.22 -6.20 11.85
CA ALA A 160 -2.61 -6.19 11.44
C ALA A 160 -3.49 -6.92 12.45
N THR A 161 -2.95 -7.97 13.05
CA THR A 161 -3.70 -8.75 14.04
C THR A 161 -4.29 -7.82 15.12
N SER A 162 -3.54 -6.78 15.47
CA SER A 162 -3.99 -5.82 16.47
C SER A 162 -4.45 -4.52 15.81
N GLY A 163 -3.70 -4.08 14.81
CA GLY A 163 -4.04 -2.86 14.09
C GLY A 163 -3.09 -1.71 14.41
N GLU A 164 -2.05 -1.97 15.20
CA GLU A 164 -1.10 -0.92 15.56
C GLU A 164 -0.25 -0.51 14.36
N GLY A 165 -0.02 0.79 14.22
CA GLY A 165 0.80 1.30 13.13
C GLY A 165 0.02 1.54 11.84
N LEU A 166 -1.16 0.94 11.71
CA LEU A 166 -1.97 1.09 10.51
C LEU A 166 -2.44 2.52 10.33
N TYR A 167 -2.88 3.14 11.42
CA TYR A 167 -3.36 4.52 11.37
C TYR A 167 -2.27 5.46 10.90
N GLU A 168 -1.06 5.30 11.44
CA GLU A 168 0.07 6.15 11.08
C GLU A 168 0.35 6.07 9.58
N GLY A 169 0.19 4.89 9.00
CA GLY A 169 0.44 4.72 7.58
C GLY A 169 -0.43 5.61 6.72
N LEU A 170 -1.72 5.62 7.01
CA LEU A 170 -2.66 6.45 6.25
C LEU A 170 -2.40 7.94 6.49
N GLU A 171 -1.77 8.27 7.61
CA GLU A 171 -1.48 9.66 7.94
C GLU A 171 -0.28 10.22 7.17
N TRP A 172 0.77 9.43 7.04
CA TRP A 172 1.97 9.89 6.34
C TRP A 172 1.71 10.05 4.84
N LEU A 173 0.92 9.14 4.28
CA LEU A 173 0.60 9.21 2.86
C LEU A 173 -0.27 10.42 2.56
N SER A 174 -1.26 10.68 3.41
CA SER A 174 -2.15 11.83 3.23
C SER A 174 -1.36 13.14 3.23
N ASN A 175 -0.26 13.15 3.98
CA ASN A 175 0.59 14.32 4.05
C ASN A 175 1.39 14.53 2.77
N CYS A 176 1.72 13.42 2.11
CA CYS A 176 2.50 13.48 0.89
C CYS A 176 1.70 13.99 -0.32
N LEU A 177 0.38 13.77 -0.34
CA LEU A 177 -0.44 14.22 -1.46
C LEU A 177 -1.19 15.53 -1.17
N LYS A 178 -0.96 16.12 0.01
CA LYS A 178 -1.62 17.37 0.37
C LYS A 178 -0.57 18.40 0.77
N ASN A 179 0.49 17.91 1.44
CA ASN A 179 1.64 18.70 1.94
C ASN A 179 1.55 18.87 3.45
N SER A 180 2.71 18.89 4.09
CA SER A 180 2.79 19.05 5.54
C SER A 180 3.22 20.47 5.90
N THR A 181 4.41 20.86 5.44
CA THR A 181 4.93 22.19 5.72
C THR A 181 5.42 22.86 4.44
N GLY A 2 -17.06 24.48 -18.47
CA GLY A 2 -17.30 24.37 -17.04
C GLY A 2 -16.69 23.12 -16.45
N LEU A 3 -16.60 22.07 -17.25
CA LEU A 3 -16.03 20.80 -16.80
C LEU A 3 -14.53 20.94 -16.57
N PHE A 4 -13.84 21.54 -17.54
CA PHE A 4 -12.40 21.72 -17.45
C PHE A 4 -12.03 22.67 -16.31
N ALA A 5 -12.77 23.77 -16.19
CA ALA A 5 -12.52 24.76 -15.14
C ALA A 5 -12.52 24.12 -13.75
N SER A 6 -13.65 23.48 -13.41
CA SER A 6 -13.80 22.84 -12.11
C SER A 6 -12.68 21.84 -11.84
N LYS A 7 -12.12 21.27 -12.91
CA LYS A 7 -11.03 20.32 -12.77
C LYS A 7 -9.75 21.05 -12.40
N LEU A 8 -9.43 22.07 -13.17
CA LEU A 8 -8.24 22.88 -12.92
C LEU A 8 -8.27 23.48 -11.52
N PHE A 9 -9.48 23.74 -11.02
CA PHE A 9 -9.65 24.31 -9.69
C PHE A 9 -9.45 23.23 -8.62
N SER A 10 -9.80 21.99 -8.96
CA SER A 10 -9.69 20.87 -8.02
C SER A 10 -8.24 20.58 -7.66
N ASN A 11 -7.32 20.78 -8.60
CA ASN A 11 -5.91 20.52 -8.35
C ASN A 11 -5.35 21.47 -7.30
N LEU A 12 -5.98 22.63 -7.14
CA LEU A 12 -5.54 23.63 -6.16
C LEU A 12 -5.39 23.02 -4.77
N PHE A 13 -6.35 22.18 -4.39
CA PHE A 13 -6.32 21.53 -3.09
C PHE A 13 -6.08 20.03 -3.21
N GLY A 14 -5.43 19.62 -4.30
CA GLY A 14 -5.15 18.21 -4.52
C GLY A 14 -6.36 17.33 -4.38
N ASN A 15 -7.54 17.89 -4.58
CA ASN A 15 -8.79 17.14 -4.48
C ASN A 15 -8.95 16.58 -3.07
N LYS A 16 -10.10 15.95 -2.82
CA LYS A 16 -10.37 15.36 -1.51
C LYS A 16 -10.49 13.83 -1.60
N GLU A 17 -9.91 13.25 -2.65
CA GLU A 17 -9.97 11.80 -2.83
C GLU A 17 -8.71 11.28 -3.52
N MET A 18 -8.03 10.34 -2.86
CA MET A 18 -6.82 9.74 -3.43
C MET A 18 -7.00 8.24 -3.63
N ARG A 19 -6.40 7.70 -4.68
CA ARG A 19 -6.54 6.28 -4.98
C ARG A 19 -5.31 5.49 -4.51
N ILE A 20 -5.56 4.32 -3.92
CA ILE A 20 -4.49 3.46 -3.43
C ILE A 20 -4.68 2.02 -3.89
N LEU A 21 -3.58 1.27 -3.94
CA LEU A 21 -3.59 -0.13 -4.36
C LEU A 21 -2.78 -1.00 -3.40
N MET A 22 -3.26 -2.22 -3.15
CA MET A 22 -2.57 -3.15 -2.26
C MET A 22 -2.29 -4.46 -3.00
N VAL A 23 -1.01 -4.81 -3.16
CA VAL A 23 -0.64 -6.02 -3.87
C VAL A 23 0.73 -6.55 -3.45
N GLY A 24 1.15 -7.64 -4.11
CA GLY A 24 2.44 -8.26 -3.82
C GLY A 24 2.36 -9.31 -2.73
N LEU A 25 2.86 -10.52 -3.01
CA LEU A 25 2.85 -11.61 -2.04
C LEU A 25 1.42 -11.98 -1.62
N ASP A 26 1.04 -13.22 -1.86
CA ASP A 26 -0.29 -13.71 -1.50
C ASP A 26 -0.34 -14.21 -0.05
N GLY A 27 0.71 -13.92 0.73
CA GLY A 27 0.74 -14.35 2.12
C GLY A 27 1.09 -13.23 3.08
N ALA A 28 1.28 -12.02 2.56
CA ALA A 28 1.64 -10.87 3.39
C ALA A 28 0.51 -10.49 4.34
N GLY A 29 -0.69 -10.30 3.79
CA GLY A 29 -1.83 -9.93 4.61
C GLY A 29 -2.50 -8.66 4.15
N LYS A 30 -2.70 -8.52 2.85
CA LYS A 30 -3.36 -7.34 2.30
C LYS A 30 -4.82 -7.29 2.71
N THR A 31 -5.46 -8.46 2.70
CA THR A 31 -6.86 -8.56 3.08
C THR A 31 -7.07 -8.17 4.53
N THR A 32 -6.12 -8.57 5.38
CA THR A 32 -6.20 -8.28 6.81
C THR A 32 -6.05 -6.79 7.07
N VAL A 33 -4.99 -6.19 6.54
CA VAL A 33 -4.72 -4.77 6.73
C VAL A 33 -5.87 -3.90 6.24
N LEU A 34 -6.31 -4.13 5.01
CA LEU A 34 -7.41 -3.37 4.41
C LEU A 34 -8.66 -3.40 5.28
N TYR A 35 -8.93 -4.55 5.88
CA TYR A 35 -10.10 -4.72 6.73
C TYR A 35 -9.89 -4.09 8.10
N LYS A 36 -8.65 -4.13 8.60
CA LYS A 36 -8.33 -3.58 9.90
C LYS A 36 -8.37 -2.05 9.88
N LEU A 37 -7.75 -1.46 8.88
CA LEU A 37 -7.73 0.00 8.77
C LEU A 37 -9.10 0.53 8.38
N LYS A 38 -9.89 -0.29 7.68
CA LYS A 38 -11.21 0.12 7.24
C LYS A 38 -12.30 -0.24 8.25
N LEU A 39 -12.15 -1.37 8.92
CA LEU A 39 -13.15 -1.83 9.89
C LEU A 39 -12.69 -1.67 11.33
N GLY A 40 -11.40 -1.43 11.55
CA GLY A 40 -10.89 -1.25 12.90
C GLY A 40 -10.80 -2.55 13.71
N GLU A 41 -11.14 -3.68 13.10
CA GLU A 41 -11.09 -4.96 13.80
C GLU A 41 -10.42 -6.03 12.95
N VAL A 42 -9.81 -7.01 13.62
CA VAL A 42 -9.15 -8.10 12.93
C VAL A 42 -10.13 -9.22 12.64
N ILE A 43 -10.25 -9.57 11.37
CA ILE A 43 -11.17 -10.63 10.94
C ILE A 43 -10.43 -11.77 10.26
N THR A 44 -11.14 -12.88 10.05
CA THR A 44 -10.57 -14.04 9.39
C THR A 44 -10.45 -13.80 7.90
N THR A 45 -9.23 -13.86 7.39
CA THR A 45 -8.99 -13.62 5.97
C THR A 45 -8.72 -14.92 5.22
N ILE A 46 -8.79 -14.85 3.90
CA ILE A 46 -8.56 -16.01 3.04
C ILE A 46 -7.90 -15.58 1.73
N PRO A 47 -7.32 -16.53 0.97
CA PRO A 47 -6.66 -16.21 -0.30
C PRO A 47 -7.61 -15.51 -1.27
N THR A 48 -7.32 -14.24 -1.56
CA THR A 48 -8.15 -13.46 -2.47
C THR A 48 -7.66 -13.57 -3.91
N ILE A 49 -8.53 -14.05 -4.78
CA ILE A 49 -8.21 -14.18 -6.19
C ILE A 49 -9.11 -13.29 -7.03
N GLY A 50 -8.80 -12.01 -7.06
CA GLY A 50 -9.58 -11.04 -7.81
C GLY A 50 -9.24 -9.62 -7.44
N PHE A 51 -10.26 -8.79 -7.23
CA PHE A 51 -10.06 -7.40 -6.85
C PHE A 51 -11.12 -6.96 -5.85
N ASN A 52 -10.75 -6.09 -4.92
CA ASN A 52 -11.69 -5.60 -3.91
C ASN A 52 -11.36 -4.17 -3.49
N VAL A 53 -12.29 -3.25 -3.75
CA VAL A 53 -12.08 -1.85 -3.39
C VAL A 53 -12.53 -1.57 -1.96
N GLU A 54 -11.97 -0.53 -1.36
CA GLU A 54 -12.32 -0.16 0.00
C GLU A 54 -12.39 1.35 0.16
N CYS A 55 -13.57 1.85 0.51
CA CYS A 55 -13.77 3.29 0.68
C CYS A 55 -13.46 3.70 2.12
N VAL A 56 -12.36 4.44 2.30
CA VAL A 56 -11.95 4.90 3.63
C VAL A 56 -11.71 6.40 3.63
N GLN A 57 -12.17 7.07 4.69
CA GLN A 57 -12.00 8.51 4.82
C GLN A 57 -10.97 8.84 5.90
N TYR A 58 -10.05 9.76 5.59
CA TYR A 58 -9.01 10.15 6.54
C TYR A 58 -8.81 11.66 6.53
N CYS A 59 -9.11 12.29 7.65
CA CYS A 59 -8.99 13.73 7.81
C CYS A 59 -10.03 14.43 6.94
N ASN A 60 -9.71 14.62 5.67
CA ASN A 60 -10.62 15.25 4.74
C ASN A 60 -10.58 14.56 3.36
N ILE A 61 -9.80 13.47 3.25
CA ILE A 61 -9.67 12.79 1.96
C ILE A 61 -10.41 11.46 1.93
N SER A 62 -10.86 11.10 0.74
CA SER A 62 -11.54 9.84 0.51
C SER A 62 -10.56 8.84 -0.07
N PHE A 63 -9.88 8.10 0.80
CA PHE A 63 -8.89 7.13 0.37
C PHE A 63 -9.56 5.85 -0.11
N THR A 64 -9.36 5.55 -1.37
CA THR A 64 -9.89 4.33 -1.97
C THR A 64 -8.75 3.34 -2.15
N VAL A 65 -8.78 2.26 -1.39
CA VAL A 65 -7.72 1.27 -1.46
C VAL A 65 -8.20 -0.02 -2.13
N TRP A 66 -7.70 -0.25 -3.33
CA TRP A 66 -8.05 -1.45 -4.09
C TRP A 66 -7.02 -2.53 -3.81
N ASP A 67 -7.46 -3.72 -3.39
CA ASP A 67 -6.54 -4.80 -3.10
C ASP A 67 -6.77 -5.97 -4.05
N VAL A 68 -5.83 -6.18 -4.95
CA VAL A 68 -5.92 -7.27 -5.89
C VAL A 68 -5.13 -8.47 -5.37
N GLY A 69 -5.59 -9.68 -5.70
CA GLY A 69 -4.91 -10.88 -5.24
C GLY A 69 -3.41 -10.84 -5.49
N GLY A 70 -2.63 -11.32 -4.54
CA GLY A 70 -1.19 -11.32 -4.69
C GLY A 70 -0.71 -12.42 -5.62
N GLN A 71 -1.50 -13.49 -5.73
CA GLN A 71 -1.16 -14.62 -6.58
C GLN A 71 -0.62 -14.18 -7.96
N ASP A 72 0.56 -14.67 -8.29
CA ASP A 72 1.23 -14.33 -9.55
C ASP A 72 0.30 -14.52 -10.75
N ARG A 73 -0.45 -15.61 -10.77
CA ARG A 73 -1.36 -15.90 -11.87
C ARG A 73 -2.39 -14.78 -12.06
N ILE A 74 -2.67 -14.04 -10.99
CA ILE A 74 -3.63 -12.96 -11.05
C ILE A 74 -2.98 -11.58 -10.94
N ARG A 75 -1.69 -11.52 -10.59
CA ARG A 75 -0.98 -10.26 -10.46
C ARG A 75 -1.15 -9.38 -11.72
N SER A 76 -1.41 -10.01 -12.85
CA SER A 76 -1.59 -9.29 -14.11
C SER A 76 -2.77 -8.33 -14.04
N LEU A 77 -3.75 -8.66 -13.21
CA LEU A 77 -4.94 -7.83 -13.05
C LEU A 77 -4.60 -6.43 -12.54
N TRP A 78 -3.43 -6.28 -11.93
CA TRP A 78 -2.99 -5.00 -11.40
C TRP A 78 -3.01 -3.89 -12.46
N ARG A 79 -2.49 -4.19 -13.64
CA ARG A 79 -2.46 -3.22 -14.73
C ARG A 79 -3.66 -3.39 -15.66
N HIS A 80 -4.75 -3.91 -15.11
CA HIS A 80 -5.96 -4.10 -15.90
C HIS A 80 -7.11 -3.21 -15.40
N TYR A 81 -6.95 -2.63 -14.21
CA TYR A 81 -7.99 -1.77 -13.64
C TYR A 81 -7.40 -0.68 -12.75
N TYR A 82 -6.10 -0.39 -12.91
CA TYR A 82 -5.45 0.64 -12.11
C TYR A 82 -6.17 1.98 -12.23
N CYS A 83 -6.45 2.36 -13.46
CA CYS A 83 -7.14 3.62 -13.74
C CYS A 83 -6.30 4.83 -13.33
N ASN A 84 -6.18 5.07 -12.03
CA ASN A 84 -5.40 6.21 -11.55
C ASN A 84 -5.13 6.12 -10.04
N THR A 85 -4.17 5.29 -9.65
CA THR A 85 -3.79 5.13 -8.26
C THR A 85 -2.76 6.19 -7.87
N GLU A 86 -2.99 6.88 -6.76
CA GLU A 86 -2.07 7.91 -6.31
C GLU A 86 -0.90 7.34 -5.51
N GLY A 87 -1.16 6.28 -4.74
CA GLY A 87 -0.11 5.65 -3.96
C GLY A 87 -0.34 4.17 -3.87
N VAL A 88 0.68 3.37 -4.15
CA VAL A 88 0.53 1.91 -4.11
C VAL A 88 1.18 1.32 -2.87
N ILE A 89 0.37 0.65 -2.06
CA ILE A 89 0.86 0.01 -0.85
C ILE A 89 1.24 -1.44 -1.12
N PHE A 90 2.37 -1.86 -0.58
CA PHE A 90 2.85 -3.23 -0.78
C PHE A 90 2.98 -3.96 0.54
N VAL A 91 2.38 -5.14 0.62
CA VAL A 91 2.43 -5.94 1.84
C VAL A 91 3.46 -7.06 1.71
N VAL A 92 4.48 -7.02 2.56
CA VAL A 92 5.55 -8.01 2.53
C VAL A 92 5.71 -8.71 3.87
N ASP A 93 5.61 -10.03 3.86
CA ASP A 93 5.77 -10.81 5.09
C ASP A 93 7.19 -10.64 5.62
N SER A 94 7.32 -10.20 6.87
CA SER A 94 8.62 -9.99 7.47
C SER A 94 9.20 -11.28 8.03
N ASN A 95 8.33 -12.18 8.48
CA ASN A 95 8.77 -13.45 9.04
C ASN A 95 9.02 -14.51 7.98
N ASP A 96 8.81 -14.19 6.71
CA ASP A 96 9.02 -15.15 5.62
C ASP A 96 10.23 -14.75 4.77
N ARG A 97 11.42 -15.03 5.29
CA ARG A 97 12.66 -14.70 4.60
C ARG A 97 12.82 -15.54 3.34
N SER A 98 12.22 -16.72 3.33
CA SER A 98 12.32 -17.61 2.18
C SER A 98 11.87 -16.93 0.90
N ARG A 99 10.72 -16.24 0.96
CA ARG A 99 10.18 -15.56 -0.22
C ARG A 99 10.52 -14.07 -0.27
N ILE A 100 11.22 -13.56 0.75
CA ILE A 100 11.58 -12.13 0.82
C ILE A 100 12.10 -11.57 -0.50
N GLY A 101 12.63 -12.43 -1.38
CA GLY A 101 13.12 -11.96 -2.67
C GLY A 101 12.00 -11.84 -3.67
N GLU A 102 11.00 -12.70 -3.53
CA GLU A 102 9.85 -12.67 -4.43
C GLU A 102 9.11 -11.35 -4.28
N ALA A 103 8.94 -10.92 -3.03
CA ALA A 103 8.27 -9.66 -2.74
C ALA A 103 9.03 -8.51 -3.38
N ARG A 104 10.35 -8.48 -3.15
CA ARG A 104 11.19 -7.44 -3.72
C ARG A 104 11.12 -7.46 -5.25
N GLU A 105 11.22 -8.66 -5.83
CA GLU A 105 11.16 -8.81 -7.27
C GLU A 105 9.86 -8.25 -7.83
N VAL A 106 8.76 -8.43 -7.09
CA VAL A 106 7.47 -7.92 -7.52
C VAL A 106 7.52 -6.40 -7.65
N MET A 107 8.29 -5.79 -6.75
CA MET A 107 8.45 -4.34 -6.76
C MET A 107 9.08 -3.89 -8.07
N GLN A 108 10.10 -4.62 -8.53
CA GLN A 108 10.79 -4.30 -9.76
C GLN A 108 9.83 -4.20 -10.95
N ARG A 109 8.92 -5.17 -11.05
CA ARG A 109 7.93 -5.18 -12.14
C ARG A 109 7.15 -3.87 -12.15
N MET A 110 6.65 -3.47 -10.99
CA MET A 110 5.92 -2.24 -10.85
C MET A 110 6.84 -1.03 -11.04
N LEU A 111 8.11 -1.21 -10.63
CA LEU A 111 9.11 -0.16 -10.72
C LEU A 111 9.43 0.18 -12.18
N ASN A 112 9.45 -0.82 -13.04
CA ASN A 112 9.75 -0.60 -14.45
C ASN A 112 8.48 -0.38 -15.28
N GLU A 113 7.32 -0.28 -14.60
CA GLU A 113 6.06 -0.08 -15.30
C GLU A 113 5.81 1.39 -15.58
N ASP A 114 5.81 1.75 -16.86
CA ASP A 114 5.57 3.13 -17.28
C ASP A 114 4.17 3.57 -16.86
N GLU A 115 3.25 2.60 -16.81
CA GLU A 115 1.88 2.87 -16.42
C GLU A 115 1.76 3.25 -14.94
N LEU A 116 2.84 3.02 -14.17
CA LEU A 116 2.82 3.33 -12.75
C LEU A 116 4.06 4.11 -12.33
N CYS A 117 4.70 4.78 -13.28
CA CYS A 117 5.89 5.57 -12.98
C CYS A 117 5.56 6.75 -12.06
N ASN A 118 4.27 7.07 -11.91
CA ASN A 118 3.86 8.18 -11.07
C ASN A 118 3.10 7.69 -9.83
N ALA A 119 3.11 6.38 -9.57
CA ALA A 119 2.42 5.82 -8.42
C ALA A 119 3.39 5.59 -7.26
N ALA A 120 2.89 5.72 -6.05
CA ALA A 120 3.73 5.56 -4.86
C ALA A 120 4.00 4.10 -4.54
N TRP A 121 4.88 3.86 -3.58
CA TRP A 121 5.25 2.51 -3.18
C TRP A 121 5.50 2.41 -1.67
N LEU A 122 4.43 2.41 -0.89
CA LEU A 122 4.56 2.29 0.56
C LEU A 122 4.48 0.83 0.99
N VAL A 123 5.58 0.29 1.51
CA VAL A 123 5.59 -1.10 1.93
C VAL A 123 5.42 -1.22 3.45
N PHE A 124 4.76 -2.30 3.87
CA PHE A 124 4.52 -2.52 5.30
C PHE A 124 4.91 -3.94 5.69
N ALA A 125 5.94 -4.06 6.52
CA ALA A 125 6.38 -5.37 6.98
C ALA A 125 5.29 -6.03 7.82
N ASN A 126 4.60 -6.99 7.23
CA ASN A 126 3.51 -7.68 7.91
C ASN A 126 4.04 -8.74 8.87
N LYS A 127 3.16 -9.25 9.72
CA LYS A 127 3.52 -10.27 10.70
C LYS A 127 4.55 -9.76 11.71
N GLN A 128 4.67 -8.44 11.84
CA GLN A 128 5.63 -7.88 12.79
C GLN A 128 5.31 -8.34 14.21
N ASP A 129 4.04 -8.66 14.46
CA ASP A 129 3.60 -9.11 15.78
C ASP A 129 4.19 -10.47 16.15
N LEU A 130 4.70 -11.21 15.14
CA LEU A 130 5.29 -12.51 15.39
C LEU A 130 6.58 -12.39 16.20
N PRO A 131 6.80 -13.27 17.21
CA PRO A 131 8.01 -13.23 18.03
C PRO A 131 9.29 -13.18 17.20
N GLU A 132 9.24 -13.79 16.02
CA GLU A 132 10.40 -13.82 15.13
C GLU A 132 10.25 -12.80 14.00
N ALA A 133 9.47 -11.75 14.24
CA ALA A 133 9.25 -10.72 13.25
C ALA A 133 10.56 -9.98 12.91
N MET A 134 10.83 -9.84 11.63
CA MET A 134 12.05 -9.17 11.17
C MET A 134 12.02 -7.68 11.52
N SER A 135 13.18 -7.15 11.88
CA SER A 135 13.30 -5.74 12.22
C SER A 135 13.24 -4.89 10.96
N ALA A 136 12.97 -3.59 11.13
CA ALA A 136 12.89 -2.67 10.02
C ALA A 136 14.24 -2.50 9.33
N ALA A 137 15.31 -2.63 10.12
CA ALA A 137 16.66 -2.48 9.60
C ALA A 137 17.04 -3.61 8.65
N GLU A 138 16.57 -4.83 8.94
CA GLU A 138 16.90 -5.97 8.10
C GLU A 138 16.09 -5.97 6.80
N ILE A 139 14.78 -5.79 6.93
CA ILE A 139 13.90 -5.78 5.77
C ILE A 139 14.26 -4.66 4.81
N THR A 140 14.58 -3.49 5.36
CA THR A 140 14.94 -2.33 4.54
C THR A 140 16.27 -2.55 3.82
N GLU A 141 17.28 -3.01 4.55
CA GLU A 141 18.60 -3.25 3.97
C GLU A 141 18.51 -4.25 2.80
N LYS A 142 17.94 -5.42 3.05
CA LYS A 142 17.82 -6.45 2.02
C LYS A 142 17.09 -5.93 0.79
N LEU A 143 16.17 -4.99 0.99
CA LEU A 143 15.43 -4.42 -0.12
C LEU A 143 16.19 -3.27 -0.79
N GLY A 144 17.39 -2.95 -0.29
CA GLY A 144 18.17 -1.88 -0.87
C GLY A 144 17.47 -0.54 -0.76
N LEU A 145 16.79 -0.32 0.37
CA LEU A 145 16.05 0.91 0.62
C LEU A 145 16.94 2.15 0.56
N HIS A 146 18.13 2.06 1.16
CA HIS A 146 19.06 3.19 1.19
C HIS A 146 19.62 3.50 -0.19
N SER A 147 19.68 2.49 -1.05
CA SER A 147 20.21 2.68 -2.40
C SER A 147 19.14 3.11 -3.41
N ILE A 148 17.87 3.16 -2.96
CA ILE A 148 16.79 3.56 -3.86
C ILE A 148 16.29 4.97 -3.57
N ARG A 149 16.59 5.88 -4.51
CA ARG A 149 16.19 7.27 -4.39
C ARG A 149 15.57 7.78 -5.69
N ASN A 150 14.97 6.86 -6.45
CA ASN A 150 14.34 7.21 -7.72
C ASN A 150 12.81 7.06 -7.66
N ARG A 151 12.30 6.50 -6.56
CA ARG A 151 10.87 6.31 -6.40
C ARG A 151 10.47 6.46 -4.93
N PRO A 152 9.42 7.26 -4.62
CA PRO A 152 8.99 7.48 -3.23
C PRO A 152 8.39 6.23 -2.59
N TRP A 153 9.23 5.49 -1.85
CA TRP A 153 8.77 4.29 -1.16
C TRP A 153 9.23 4.30 0.30
N PHE A 154 8.42 3.74 1.18
CA PHE A 154 8.73 3.70 2.61
C PHE A 154 8.37 2.36 3.23
N ILE A 155 9.07 2.00 4.30
CA ILE A 155 8.82 0.73 4.99
C ILE A 155 8.45 0.98 6.46
N GLN A 156 7.40 0.31 6.90
CA GLN A 156 6.93 0.45 8.28
C GLN A 156 6.63 -0.91 8.90
N ALA A 157 7.03 -1.06 10.17
CA ALA A 157 6.79 -2.31 10.90
C ALA A 157 5.43 -2.23 11.57
N THR A 158 4.49 -3.10 11.16
CA THR A 158 3.15 -3.09 11.73
C THR A 158 2.67 -4.47 12.16
N CYS A 159 1.59 -4.47 12.94
CA CYS A 159 0.96 -5.69 13.43
C CYS A 159 -0.53 -5.63 13.13
N ALA A 160 -0.96 -6.36 12.13
CA ALA A 160 -2.36 -6.38 11.74
C ALA A 160 -3.21 -7.10 12.78
N THR A 161 -2.63 -8.12 13.41
CA THR A 161 -3.38 -8.88 14.43
C THR A 161 -3.97 -7.94 15.48
N SER A 162 -3.24 -6.88 15.80
CA SER A 162 -3.69 -5.91 16.78
C SER A 162 -4.15 -4.62 16.09
N GLY A 163 -3.38 -4.20 15.10
CA GLY A 163 -3.71 -2.99 14.36
C GLY A 163 -2.82 -1.81 14.72
N GLU A 164 -1.81 -2.04 15.56
CA GLU A 164 -0.91 -0.96 15.96
C GLU A 164 0.00 -0.54 14.81
N GLY A 165 0.22 0.77 14.68
CA GLY A 165 1.08 1.30 13.63
C GLY A 165 0.40 1.46 12.27
N LEU A 166 -0.71 0.76 12.07
CA LEU A 166 -1.43 0.83 10.81
C LEU A 166 -1.94 2.24 10.55
N TYR A 167 -2.36 2.91 11.61
CA TYR A 167 -2.87 4.28 11.50
C TYR A 167 -1.77 5.21 11.01
N GLU A 168 -0.57 5.06 11.54
CA GLU A 168 0.56 5.90 11.16
C GLU A 168 0.84 5.80 9.67
N GLY A 169 0.73 4.61 9.11
CA GLY A 169 0.99 4.42 7.70
C GLY A 169 0.07 5.24 6.82
N LEU A 170 -1.21 5.21 7.13
CA LEU A 170 -2.21 5.96 6.37
C LEU A 170 -1.96 7.47 6.52
N GLU A 171 -1.43 7.86 7.67
CA GLU A 171 -1.15 9.28 7.94
C GLU A 171 0.08 9.74 7.16
N TRP A 172 1.05 8.85 7.00
CA TRP A 172 2.27 9.18 6.27
C TRP A 172 1.98 9.40 4.79
N LEU A 173 1.20 8.50 4.22
CA LEU A 173 0.85 8.59 2.81
C LEU A 173 0.03 9.85 2.54
N SER A 174 -1.06 10.02 3.30
CA SER A 174 -1.94 11.18 3.15
C SER A 174 -1.16 12.49 3.19
N ASN A 175 -0.09 12.53 3.96
CA ASN A 175 0.72 13.73 4.10
C ASN A 175 1.57 13.99 2.86
N CYS A 176 2.00 12.91 2.21
CA CYS A 176 2.85 13.02 1.04
C CYS A 176 2.16 13.70 -0.14
N LEU A 177 0.84 13.57 -0.26
CA LEU A 177 0.12 14.18 -1.37
C LEU A 177 -0.29 15.61 -1.04
N LYS A 178 -1.02 15.80 0.05
CA LYS A 178 -1.48 17.12 0.46
C LYS A 178 -0.30 18.09 0.60
N ASN A 179 0.83 17.58 1.07
CA ASN A 179 2.03 18.38 1.24
C ASN A 179 2.43 19.05 -0.07
N SER A 180 2.28 18.32 -1.18
CA SER A 180 2.61 18.84 -2.50
C SER A 180 4.09 19.19 -2.59
N THR A 181 4.64 19.03 -3.80
CA THR A 181 6.05 19.33 -4.04
C THR A 181 6.32 20.82 -3.84
N GLY A 2 -8.08 32.67 -8.58
CA GLY A 2 -7.27 31.48 -8.40
C GLY A 2 -7.78 30.59 -7.28
N LEU A 3 -8.22 31.21 -6.18
CA LEU A 3 -8.74 30.46 -5.04
C LEU A 3 -10.07 29.82 -5.38
N PHE A 4 -10.97 30.61 -5.97
CA PHE A 4 -12.29 30.12 -6.33
C PHE A 4 -12.21 29.09 -7.46
N ALA A 5 -11.39 29.38 -8.46
CA ALA A 5 -11.23 28.48 -9.60
C ALA A 5 -10.85 27.07 -9.14
N SER A 6 -9.74 26.96 -8.42
CA SER A 6 -9.25 25.67 -7.93
C SER A 6 -10.33 24.94 -7.14
N LYS A 7 -11.07 25.66 -6.30
CA LYS A 7 -12.13 25.05 -5.51
C LYS A 7 -13.21 24.45 -6.42
N LEU A 8 -13.69 25.25 -7.36
CA LEU A 8 -14.71 24.81 -8.31
C LEU A 8 -14.27 23.54 -9.04
N PHE A 9 -12.96 23.37 -9.19
CA PHE A 9 -12.41 22.19 -9.85
C PHE A 9 -12.43 20.99 -8.91
N SER A 10 -12.30 21.25 -7.61
CA SER A 10 -12.29 20.20 -6.60
C SER A 10 -13.68 19.60 -6.37
N ASN A 11 -14.71 20.42 -6.45
CA ASN A 11 -16.08 19.95 -6.23
C ASN A 11 -16.59 19.12 -7.41
N LEU A 12 -15.99 19.32 -8.59
CA LEU A 12 -16.41 18.59 -9.79
C LEU A 12 -15.61 17.29 -9.96
N PHE A 13 -14.32 17.33 -9.62
CA PHE A 13 -13.47 16.16 -9.74
C PHE A 13 -13.52 15.28 -8.47
N GLY A 14 -14.46 15.57 -7.57
CA GLY A 14 -14.57 14.79 -6.35
C GLY A 14 -13.29 14.81 -5.55
N ASN A 15 -12.68 15.99 -5.42
CA ASN A 15 -11.44 16.14 -4.68
C ASN A 15 -11.58 15.65 -3.24
N LYS A 16 -10.60 15.99 -2.41
CA LYS A 16 -10.61 15.58 -1.00
C LYS A 16 -10.56 14.05 -0.87
N GLU A 17 -10.07 13.38 -1.92
CA GLU A 17 -9.98 11.94 -1.91
C GLU A 17 -8.65 11.45 -2.50
N MET A 18 -8.26 10.24 -2.14
CA MET A 18 -7.01 9.66 -2.62
C MET A 18 -7.24 8.23 -3.10
N ARG A 19 -6.53 7.84 -4.16
CA ARG A 19 -6.66 6.49 -4.69
C ARG A 19 -5.47 5.62 -4.29
N ILE A 20 -5.75 4.45 -3.72
CA ILE A 20 -4.70 3.55 -3.28
C ILE A 20 -4.92 2.14 -3.83
N LEU A 21 -3.80 1.45 -4.07
CA LEU A 21 -3.81 0.08 -4.58
C LEU A 21 -3.03 -0.83 -3.63
N MET A 22 -3.53 -2.04 -3.43
CA MET A 22 -2.86 -3.00 -2.55
C MET A 22 -2.21 -4.10 -3.37
N VAL A 23 -0.89 -4.22 -3.26
CA VAL A 23 -0.13 -5.22 -4.00
C VAL A 23 0.81 -5.99 -3.09
N GLY A 24 0.78 -7.32 -3.20
CA GLY A 24 1.64 -8.14 -2.37
C GLY A 24 1.80 -9.56 -2.88
N LEU A 25 2.71 -10.30 -2.25
CA LEU A 25 3.00 -11.68 -2.62
C LEU A 25 1.73 -12.54 -2.55
N ASP A 26 1.90 -13.86 -2.51
CA ASP A 26 0.77 -14.78 -2.44
C ASP A 26 0.28 -15.00 -1.01
N GLY A 27 0.63 -14.11 -0.09
CA GLY A 27 0.18 -14.26 1.28
C GLY A 27 0.73 -13.18 2.21
N ALA A 28 0.97 -11.99 1.68
CA ALA A 28 1.51 -10.88 2.47
C ALA A 28 0.51 -10.45 3.53
N GLY A 29 -0.72 -10.18 3.11
CA GLY A 29 -1.76 -9.75 4.03
C GLY A 29 -2.41 -8.44 3.63
N LYS A 30 -2.53 -8.21 2.33
CA LYS A 30 -3.15 -7.00 1.83
C LYS A 30 -4.60 -6.93 2.27
N THR A 31 -5.27 -8.07 2.26
CA THR A 31 -6.67 -8.15 2.66
C THR A 31 -6.85 -7.89 4.14
N THR A 32 -5.91 -8.38 4.94
CA THR A 32 -5.96 -8.21 6.40
C THR A 32 -5.76 -6.75 6.79
N VAL A 33 -4.80 -6.08 6.16
CA VAL A 33 -4.51 -4.68 6.47
C VAL A 33 -5.64 -3.76 6.06
N LEU A 34 -6.08 -3.89 4.80
CA LEU A 34 -7.16 -3.05 4.27
C LEU A 34 -8.42 -3.13 5.14
N TYR A 35 -8.69 -4.32 5.67
CA TYR A 35 -9.88 -4.52 6.49
C TYR A 35 -9.69 -3.94 7.90
N LYS A 36 -8.46 -3.99 8.40
CA LYS A 36 -8.17 -3.48 9.73
C LYS A 36 -8.31 -1.96 9.79
N LEU A 37 -7.74 -1.28 8.80
CA LEU A 37 -7.81 0.17 8.76
C LEU A 37 -9.21 0.63 8.33
N LYS A 38 -9.89 -0.21 7.55
CA LYS A 38 -11.22 0.13 7.06
C LYS A 38 -12.32 -0.23 8.07
N LEU A 39 -12.19 -1.40 8.69
CA LEU A 39 -13.20 -1.86 9.65
C LEU A 39 -12.73 -1.72 11.10
N GLY A 40 -11.44 -1.52 11.32
CA GLY A 40 -10.92 -1.36 12.67
C GLY A 40 -10.76 -2.67 13.42
N GLU A 41 -11.13 -3.78 12.80
CA GLU A 41 -11.02 -5.08 13.45
C GLU A 41 -10.41 -6.13 12.51
N VAL A 42 -9.59 -7.02 13.08
CA VAL A 42 -8.96 -8.07 12.29
C VAL A 42 -9.94 -9.21 12.05
N ILE A 43 -10.07 -9.60 10.78
CA ILE A 43 -10.98 -10.68 10.40
C ILE A 43 -10.26 -11.79 9.64
N THR A 44 -11.00 -12.85 9.33
CA THR A 44 -10.46 -13.98 8.59
C THR A 44 -10.34 -13.62 7.11
N THR A 45 -9.11 -13.65 6.59
CA THR A 45 -8.87 -13.31 5.19
C THR A 45 -8.54 -14.55 4.38
N ILE A 46 -9.14 -14.64 3.19
CA ILE A 46 -8.90 -15.76 2.29
C ILE A 46 -8.26 -15.29 0.98
N PRO A 47 -7.68 -16.22 0.19
CA PRO A 47 -7.04 -15.87 -1.08
C PRO A 47 -8.00 -15.16 -2.04
N THR A 48 -7.68 -13.90 -2.36
CA THR A 48 -8.52 -13.12 -3.25
C THR A 48 -8.22 -13.43 -4.71
N ILE A 49 -9.22 -13.93 -5.43
CA ILE A 49 -9.07 -14.26 -6.84
C ILE A 49 -9.59 -13.13 -7.72
N GLY A 50 -9.31 -11.90 -7.31
CA GLY A 50 -9.75 -10.73 -8.06
C GLY A 50 -9.31 -9.45 -7.39
N PHE A 51 -10.24 -8.53 -7.19
CA PHE A 51 -9.93 -7.26 -6.55
C PHE A 51 -11.03 -6.87 -5.56
N ASN A 52 -10.68 -6.04 -4.58
CA ASN A 52 -11.63 -5.60 -3.57
C ASN A 52 -11.40 -4.15 -3.18
N VAL A 53 -12.35 -3.28 -3.52
CA VAL A 53 -12.25 -1.87 -3.19
C VAL A 53 -12.85 -1.58 -1.83
N GLU A 54 -12.37 -0.51 -1.19
CA GLU A 54 -12.89 -0.14 0.12
C GLU A 54 -12.89 1.38 0.31
N CYS A 55 -14.06 1.89 0.65
CA CYS A 55 -14.23 3.33 0.87
C CYS A 55 -13.98 3.67 2.34
N VAL A 56 -12.88 4.38 2.59
CA VAL A 56 -12.53 4.78 3.95
C VAL A 56 -12.42 6.30 4.06
N GLN A 57 -12.99 6.85 5.13
CA GLN A 57 -12.94 8.28 5.37
C GLN A 57 -12.09 8.57 6.60
N TYR A 58 -11.20 9.56 6.49
CA TYR A 58 -10.33 9.93 7.59
C TYR A 58 -9.72 11.31 7.34
N CYS A 59 -9.51 12.06 8.42
CA CYS A 59 -8.94 13.41 8.35
C CYS A 59 -9.69 14.29 7.33
N ASN A 60 -11.01 14.07 7.23
CA ASN A 60 -11.86 14.84 6.30
C ASN A 60 -11.74 14.35 4.86
N ILE A 61 -10.85 13.37 4.62
CA ILE A 61 -10.66 12.86 3.26
C ILE A 61 -11.19 11.44 3.12
N SER A 62 -11.41 11.03 1.89
CA SER A 62 -11.92 9.69 1.59
C SER A 62 -11.01 8.99 0.60
N PHE A 63 -10.17 8.09 1.10
CA PHE A 63 -9.27 7.35 0.24
C PHE A 63 -9.89 6.03 -0.18
N THR A 64 -9.71 5.70 -1.45
CA THR A 64 -10.23 4.46 -2.00
C THR A 64 -9.08 3.45 -2.10
N VAL A 65 -9.15 2.39 -1.30
CA VAL A 65 -8.10 1.40 -1.29
C VAL A 65 -8.54 0.11 -1.97
N TRP A 66 -8.00 -0.14 -3.16
CA TRP A 66 -8.34 -1.34 -3.91
C TRP A 66 -7.28 -2.40 -3.66
N ASP A 67 -7.72 -3.59 -3.23
CA ASP A 67 -6.79 -4.68 -2.96
C ASP A 67 -6.94 -5.78 -4.00
N VAL A 68 -5.97 -5.86 -4.90
CA VAL A 68 -5.99 -6.88 -5.94
C VAL A 68 -5.19 -8.09 -5.49
N GLY A 69 -5.64 -9.29 -5.87
CA GLY A 69 -4.96 -10.52 -5.49
C GLY A 69 -3.45 -10.43 -5.67
N GLY A 70 -2.72 -10.92 -4.67
CA GLY A 70 -1.27 -10.88 -4.74
C GLY A 70 -0.68 -12.06 -5.48
N GLN A 71 -1.45 -13.12 -5.64
CA GLN A 71 -0.98 -14.32 -6.33
C GLN A 71 -0.42 -13.99 -7.71
N ASP A 72 0.52 -14.82 -8.16
CA ASP A 72 1.15 -14.66 -9.47
C ASP A 72 0.09 -14.55 -10.56
N ARG A 73 -0.85 -15.48 -10.54
CA ARG A 73 -1.94 -15.50 -11.51
C ARG A 73 -2.73 -14.19 -11.48
N ILE A 74 -2.63 -13.47 -10.36
CA ILE A 74 -3.34 -12.20 -10.21
C ILE A 74 -2.47 -11.02 -10.64
N ARG A 75 -1.14 -11.20 -10.60
CA ARG A 75 -0.20 -10.14 -10.98
C ARG A 75 -0.62 -9.40 -12.25
N SER A 76 -1.15 -10.13 -13.22
CA SER A 76 -1.58 -9.53 -14.48
C SER A 76 -2.79 -8.62 -14.30
N LEU A 77 -3.60 -8.91 -13.28
CA LEU A 77 -4.81 -8.13 -13.01
C LEU A 77 -4.48 -6.74 -12.45
N TRP A 78 -3.21 -6.47 -12.17
CA TRP A 78 -2.80 -5.18 -11.63
C TRP A 78 -2.85 -4.07 -12.67
N ARG A 79 -2.53 -4.42 -13.92
CA ARG A 79 -2.55 -3.44 -15.00
C ARG A 79 -3.89 -3.42 -15.74
N HIS A 80 -4.94 -3.90 -15.07
CA HIS A 80 -6.28 -3.93 -15.67
C HIS A 80 -7.30 -3.17 -14.83
N TYR A 81 -6.93 -2.76 -13.62
CA TYR A 81 -7.84 -2.02 -12.74
C TYR A 81 -7.15 -0.84 -12.05
N TYR A 82 -5.91 -0.56 -12.44
CA TYR A 82 -5.16 0.55 -11.85
C TYR A 82 -5.95 1.86 -11.93
N CYS A 83 -6.39 2.19 -13.14
CA CYS A 83 -7.16 3.41 -13.38
C CYS A 83 -6.35 4.66 -12.99
N ASN A 84 -6.34 5.00 -11.70
CA ASN A 84 -5.60 6.18 -11.25
C ASN A 84 -5.26 6.09 -9.76
N THR A 85 -4.37 5.17 -9.41
CA THR A 85 -3.94 4.99 -8.03
C THR A 85 -2.89 6.05 -7.68
N GLU A 86 -3.09 6.77 -6.57
CA GLU A 86 -2.14 7.80 -6.16
C GLU A 86 -0.98 7.20 -5.39
N GLY A 87 -1.22 6.13 -4.64
CA GLY A 87 -0.18 5.47 -3.88
C GLY A 87 -0.56 4.04 -3.54
N VAL A 88 0.36 3.10 -3.72
CA VAL A 88 0.05 1.69 -3.46
C VAL A 88 0.69 1.20 -2.16
N ILE A 89 -0.06 0.38 -1.44
CA ILE A 89 0.41 -0.18 -0.17
C ILE A 89 0.95 -1.59 -0.39
N PHE A 90 2.28 -1.71 -0.40
CA PHE A 90 2.92 -3.00 -0.61
C PHE A 90 3.10 -3.77 0.69
N VAL A 91 2.54 -4.97 0.74
CA VAL A 91 2.62 -5.81 1.93
C VAL A 91 3.75 -6.83 1.79
N VAL A 92 4.74 -6.75 2.68
CA VAL A 92 5.87 -7.66 2.64
C VAL A 92 6.06 -8.36 3.98
N ASP A 93 5.92 -9.69 3.98
CA ASP A 93 6.11 -10.46 5.19
C ASP A 93 7.53 -10.32 5.71
N SER A 94 7.68 -9.96 6.98
CA SER A 94 8.99 -9.77 7.57
C SER A 94 9.54 -11.08 8.15
N ASN A 95 8.66 -11.91 8.70
CA ASN A 95 9.07 -13.17 9.29
C ASN A 95 9.27 -14.27 8.23
N ASP A 96 9.06 -13.97 6.96
CA ASP A 96 9.22 -14.95 5.90
C ASP A 96 10.44 -14.63 5.04
N ARG A 97 11.62 -14.97 5.53
CA ARG A 97 12.87 -14.72 4.81
C ARG A 97 12.98 -15.60 3.58
N SER A 98 12.34 -16.75 3.62
CA SER A 98 12.39 -17.68 2.49
C SER A 98 11.94 -17.02 1.20
N ARG A 99 10.82 -16.30 1.25
CA ARG A 99 10.28 -15.63 0.07
C ARG A 99 10.76 -14.18 -0.04
N ILE A 100 11.59 -13.72 0.89
CA ILE A 100 12.09 -12.35 0.90
C ILE A 100 12.53 -11.85 -0.49
N GLY A 101 12.92 -12.77 -1.38
CA GLY A 101 13.34 -12.37 -2.71
C GLY A 101 12.15 -12.18 -3.62
N GLU A 102 11.11 -12.97 -3.39
CA GLU A 102 9.89 -12.88 -4.18
C GLU A 102 9.28 -11.49 -4.03
N ALA A 103 9.31 -10.96 -2.81
CA ALA A 103 8.76 -9.65 -2.53
C ALA A 103 9.62 -8.58 -3.22
N ARG A 104 10.93 -8.75 -3.15
CA ARG A 104 11.86 -7.81 -3.76
C ARG A 104 11.71 -7.81 -5.28
N GLU A 105 11.76 -9.01 -5.87
CA GLU A 105 11.65 -9.14 -7.32
C GLU A 105 10.31 -8.64 -7.86
N VAL A 106 9.22 -8.91 -7.16
CA VAL A 106 7.90 -8.46 -7.61
C VAL A 106 7.85 -6.93 -7.62
N MET A 107 8.54 -6.32 -6.66
CA MET A 107 8.58 -4.87 -6.58
C MET A 107 9.23 -4.29 -7.84
N GLN A 108 10.35 -4.88 -8.25
CA GLN A 108 11.07 -4.44 -9.44
C GLN A 108 10.15 -4.36 -10.65
N ARG A 109 9.27 -5.34 -10.80
CA ARG A 109 8.33 -5.37 -11.91
C ARG A 109 7.45 -4.12 -11.89
N MET A 110 6.95 -3.81 -10.70
CA MET A 110 6.11 -2.62 -10.51
C MET A 110 6.94 -1.35 -10.68
N LEU A 111 8.18 -1.42 -10.20
CA LEU A 111 9.11 -0.29 -10.26
C LEU A 111 9.54 -0.02 -11.69
N ASN A 112 9.57 -1.06 -12.51
CA ASN A 112 9.98 -0.92 -13.92
C ASN A 112 8.77 -0.81 -14.86
N GLU A 113 7.57 -0.81 -14.31
CA GLU A 113 6.36 -0.72 -15.13
C GLU A 113 6.00 0.73 -15.43
N ASP A 114 5.83 1.04 -16.71
CA ASP A 114 5.47 2.39 -17.14
C ASP A 114 4.06 2.73 -16.65
N GLU A 115 3.21 1.71 -16.61
CA GLU A 115 1.83 1.88 -16.18
C GLU A 115 1.74 2.18 -14.69
N LEU A 116 2.82 1.89 -13.95
CA LEU A 116 2.84 2.13 -12.51
C LEU A 116 4.02 3.00 -12.10
N CYS A 117 4.64 3.68 -13.07
CA CYS A 117 5.77 4.56 -12.79
C CYS A 117 5.31 5.89 -12.17
N ASN A 118 3.99 6.08 -12.06
CA ASN A 118 3.44 7.30 -11.48
C ASN A 118 2.78 7.01 -10.13
N ALA A 119 2.65 5.73 -9.77
CA ALA A 119 2.03 5.34 -8.52
C ALA A 119 3.07 5.24 -7.41
N ALA A 120 2.65 5.55 -6.20
CA ALA A 120 3.55 5.51 -5.05
C ALA A 120 3.89 4.09 -4.67
N TRP A 121 4.80 3.92 -3.72
CA TRP A 121 5.20 2.60 -3.29
C TRP A 121 5.42 2.55 -1.77
N LEU A 122 4.33 2.63 -1.01
CA LEU A 122 4.41 2.56 0.44
C LEU A 122 4.36 1.11 0.88
N VAL A 123 5.45 0.61 1.45
CA VAL A 123 5.50 -0.78 1.90
C VAL A 123 5.49 -0.88 3.42
N PHE A 124 4.87 -1.93 3.94
CA PHE A 124 4.77 -2.15 5.37
C PHE A 124 5.13 -3.60 5.71
N ALA A 125 6.18 -3.79 6.50
CA ALA A 125 6.58 -5.13 6.90
C ALA A 125 5.47 -5.79 7.71
N ASN A 126 4.79 -6.74 7.08
CA ASN A 126 3.69 -7.45 7.73
C ASN A 126 4.20 -8.52 8.68
N LYS A 127 3.30 -9.04 9.51
CA LYS A 127 3.65 -10.08 10.47
C LYS A 127 4.68 -9.60 11.50
N GLN A 128 4.79 -8.28 11.66
CA GLN A 128 5.74 -7.74 12.62
C GLN A 128 5.40 -8.19 14.05
N ASP A 129 4.11 -8.46 14.28
CA ASP A 129 3.64 -8.88 15.59
C ASP A 129 4.20 -10.25 15.97
N LEU A 130 4.53 -11.06 14.97
CA LEU A 130 5.07 -12.40 15.21
C LEU A 130 6.36 -12.34 16.03
N PRO A 131 6.51 -13.21 17.07
CA PRO A 131 7.71 -13.23 17.91
C PRO A 131 8.99 -13.26 17.09
N GLU A 132 8.91 -13.87 15.92
CA GLU A 132 10.07 -13.99 15.03
C GLU A 132 10.02 -12.94 13.92
N ALA A 133 9.35 -11.83 14.19
CA ALA A 133 9.23 -10.76 13.20
C ALA A 133 10.57 -10.08 12.97
N MET A 134 10.95 -9.95 11.70
CA MET A 134 12.21 -9.32 11.35
C MET A 134 12.21 -7.84 11.72
N SER A 135 13.39 -7.33 12.05
CA SER A 135 13.52 -5.92 12.41
C SER A 135 13.42 -5.05 11.17
N ALA A 136 13.21 -3.75 11.36
CA ALA A 136 13.09 -2.82 10.25
C ALA A 136 14.41 -2.70 9.50
N ALA A 137 15.51 -2.72 10.25
CA ALA A 137 16.83 -2.60 9.66
C ALA A 137 17.15 -3.77 8.74
N GLU A 138 16.64 -4.95 9.06
CA GLU A 138 16.90 -6.13 8.24
C GLU A 138 16.06 -6.11 6.97
N ILE A 139 14.75 -5.89 7.12
CA ILE A 139 13.86 -5.85 5.96
C ILE A 139 14.27 -4.74 5.01
N THR A 140 14.74 -3.63 5.56
CA THR A 140 15.16 -2.49 4.76
C THR A 140 16.41 -2.81 3.95
N GLU A 141 17.44 -3.32 4.64
CA GLU A 141 18.70 -3.64 3.98
C GLU A 141 18.49 -4.64 2.84
N LYS A 142 17.88 -5.78 3.14
CA LYS A 142 17.64 -6.81 2.13
C LYS A 142 16.88 -6.28 0.92
N LEU A 143 16.00 -5.31 1.15
CA LEU A 143 15.24 -4.71 0.07
C LEU A 143 16.04 -3.64 -0.67
N GLY A 144 17.28 -3.41 -0.25
CA GLY A 144 18.11 -2.39 -0.90
C GLY A 144 17.56 -1.00 -0.70
N LEU A 145 17.17 -0.69 0.54
CA LEU A 145 16.61 0.61 0.86
C LEU A 145 17.61 1.74 0.63
N HIS A 146 18.86 1.54 1.03
CA HIS A 146 19.92 2.55 0.89
C HIS A 146 19.94 3.14 -0.53
N SER A 147 19.49 2.35 -1.51
CA SER A 147 19.48 2.80 -2.89
C SER A 147 18.13 3.42 -3.27
N ILE A 148 17.37 3.88 -2.26
CA ILE A 148 16.08 4.48 -2.49
C ILE A 148 16.24 5.96 -2.86
N ARG A 149 15.94 6.30 -4.12
CA ARG A 149 16.06 7.67 -4.60
C ARG A 149 15.29 7.86 -5.90
N ASN A 150 15.42 6.89 -6.80
CA ASN A 150 14.77 6.96 -8.11
C ASN A 150 13.27 6.64 -8.01
N ARG A 151 12.85 5.99 -6.94
CA ARG A 151 11.44 5.62 -6.79
C ARG A 151 10.93 5.91 -5.36
N PRO A 152 9.82 6.67 -5.22
CA PRO A 152 9.27 7.01 -3.90
C PRO A 152 8.67 5.80 -3.16
N TRP A 153 9.41 5.28 -2.18
CA TRP A 153 8.92 4.15 -1.37
C TRP A 153 9.43 4.24 0.06
N PHE A 154 8.63 3.72 0.99
CA PHE A 154 8.99 3.74 2.41
C PHE A 154 8.63 2.41 3.08
N ILE A 155 9.35 2.06 4.13
CA ILE A 155 9.10 0.80 4.86
C ILE A 155 8.81 1.06 6.33
N GLN A 156 7.73 0.47 6.82
CA GLN A 156 7.33 0.61 8.21
C GLN A 156 6.97 -0.73 8.85
N ALA A 157 7.38 -0.93 10.09
CA ALA A 157 7.09 -2.16 10.81
C ALA A 157 5.71 -2.05 11.47
N THR A 158 4.76 -2.88 11.02
CA THR A 158 3.41 -2.83 11.56
C THR A 158 2.87 -4.21 11.96
N CYS A 159 1.77 -4.19 12.71
CA CYS A 159 1.10 -5.40 13.15
C CYS A 159 -0.39 -5.30 12.83
N ALA A 160 -0.81 -5.98 11.78
CA ALA A 160 -2.21 -5.96 11.37
C ALA A 160 -3.10 -6.70 12.35
N THR A 161 -2.57 -7.77 12.94
CA THR A 161 -3.34 -8.57 13.90
C THR A 161 -3.94 -7.66 14.99
N SER A 162 -3.20 -6.63 15.36
CA SER A 162 -3.65 -5.69 16.39
C SER A 162 -4.07 -4.37 15.75
N GLY A 163 -3.30 -3.94 14.76
CA GLY A 163 -3.59 -2.70 14.07
C GLY A 163 -2.65 -1.56 14.44
N GLU A 164 -1.63 -1.85 15.27
CA GLU A 164 -0.69 -0.82 15.68
C GLU A 164 0.20 -0.40 14.52
N GLY A 165 0.44 0.91 14.40
CA GLY A 165 1.29 1.44 13.35
C GLY A 165 0.57 1.64 12.01
N LEU A 166 -0.58 0.99 11.84
CA LEU A 166 -1.34 1.10 10.61
C LEU A 166 -1.86 2.51 10.40
N TYR A 167 -2.25 3.16 11.49
CA TYR A 167 -2.75 4.53 11.42
C TYR A 167 -1.65 5.47 10.94
N GLU A 168 -0.45 5.30 11.45
CA GLU A 168 0.69 6.13 11.08
C GLU A 168 0.94 6.07 9.58
N GLY A 169 0.79 4.89 8.98
CA GLY A 169 1.02 4.73 7.56
C GLY A 169 0.09 5.57 6.72
N LEU A 170 -1.18 5.58 7.08
CA LEU A 170 -2.18 6.37 6.34
C LEU A 170 -1.89 7.85 6.46
N GLU A 171 -1.32 8.26 7.59
CA GLU A 171 -1.01 9.66 7.83
C GLU A 171 0.19 10.12 6.99
N TRP A 172 1.14 9.21 6.80
CA TRP A 172 2.33 9.52 6.02
C TRP A 172 1.99 9.73 4.55
N LEU A 173 1.12 8.88 4.01
CA LEU A 173 0.71 8.98 2.62
C LEU A 173 -0.10 10.25 2.37
N SER A 174 -1.15 10.45 3.16
CA SER A 174 -2.01 11.63 3.01
C SER A 174 -1.20 12.93 3.05
N ASN A 175 -0.11 12.93 3.80
CA ASN A 175 0.74 14.10 3.92
C ASN A 175 1.57 14.31 2.66
N CYS A 176 1.92 13.20 2.01
CA CYS A 176 2.76 13.25 0.81
C CYS A 176 2.03 13.85 -0.39
N LEU A 177 0.70 13.74 -0.45
CA LEU A 177 -0.04 14.27 -1.57
C LEU A 177 -0.48 15.70 -1.28
N LYS A 178 -1.27 15.88 -0.20
CA LYS A 178 -1.78 17.22 0.15
C LYS A 178 -2.30 17.93 -1.10
N ASN A 179 -2.82 17.11 -2.02
CA ASN A 179 -3.34 17.58 -3.31
C ASN A 179 -4.01 18.96 -3.22
N SER A 180 -4.80 19.19 -2.17
CA SER A 180 -5.48 20.46 -1.99
C SER A 180 -5.78 20.72 -0.51
N THR A 181 -6.39 21.86 -0.22
CA THR A 181 -6.72 22.22 1.15
C THR A 181 -8.13 22.80 1.23
N GLY A 2 -0.93 28.14 -20.04
CA GLY A 2 -0.48 28.35 -18.67
C GLY A 2 -1.64 28.46 -17.69
N LEU A 3 -2.72 29.11 -18.12
CA LEU A 3 -3.89 29.29 -17.27
C LEU A 3 -4.60 27.95 -17.06
N PHE A 4 -4.84 27.23 -18.15
CA PHE A 4 -5.52 25.95 -18.07
C PHE A 4 -4.66 24.91 -17.37
N ALA A 5 -3.38 24.86 -17.74
CA ALA A 5 -2.44 23.89 -17.16
C ALA A 5 -2.40 24.02 -15.64
N SER A 6 -2.06 25.21 -15.14
CA SER A 6 -1.97 25.47 -13.71
C SER A 6 -3.25 25.06 -12.98
N LYS A 7 -4.40 25.30 -13.63
CA LYS A 7 -5.68 24.95 -13.02
C LYS A 7 -5.79 23.44 -12.85
N LEU A 8 -5.53 22.70 -13.94
CA LEU A 8 -5.59 21.24 -13.92
C LEU A 8 -4.71 20.66 -12.82
N PHE A 9 -3.65 21.39 -12.47
CA PHE A 9 -2.74 20.95 -11.42
C PHE A 9 -3.34 21.21 -10.05
N SER A 10 -4.11 22.30 -9.95
CA SER A 10 -4.75 22.68 -8.70
C SER A 10 -5.71 21.61 -8.21
N ASN A 11 -6.37 20.93 -9.15
CA ASN A 11 -7.32 19.88 -8.82
C ASN A 11 -6.62 18.71 -8.13
N LEU A 12 -5.31 18.57 -8.36
CA LEU A 12 -4.54 17.49 -7.76
C LEU A 12 -4.70 17.46 -6.24
N PHE A 13 -4.70 18.64 -5.63
CA PHE A 13 -4.85 18.73 -4.17
C PHE A 13 -6.23 19.29 -3.80
N GLY A 14 -6.88 19.95 -4.75
CA GLY A 14 -8.19 20.52 -4.48
C GLY A 14 -9.21 19.45 -4.09
N ASN A 15 -8.96 18.21 -4.50
CA ASN A 15 -9.86 17.11 -4.20
C ASN A 15 -9.61 16.59 -2.77
N LYS A 16 -10.62 15.93 -2.22
CA LYS A 16 -10.52 15.38 -0.86
C LYS A 16 -10.58 13.86 -0.88
N GLU A 17 -10.05 13.27 -1.95
CA GLU A 17 -10.06 11.82 -2.09
C GLU A 17 -8.81 11.34 -2.82
N MET A 18 -8.09 10.41 -2.19
CA MET A 18 -6.87 9.85 -2.78
C MET A 18 -7.09 8.41 -3.20
N ARG A 19 -6.38 7.98 -4.24
CA ARG A 19 -6.49 6.61 -4.73
C ARG A 19 -5.36 5.75 -4.21
N ILE A 20 -5.70 4.62 -3.60
CA ILE A 20 -4.70 3.71 -3.03
C ILE A 20 -4.90 2.29 -3.53
N LEU A 21 -3.80 1.54 -3.61
CA LEU A 21 -3.84 0.15 -4.07
C LEU A 21 -3.01 -0.73 -3.14
N MET A 22 -3.48 -1.94 -2.87
CA MET A 22 -2.77 -2.88 -2.01
C MET A 22 -2.51 -4.19 -2.76
N VAL A 23 -1.24 -4.53 -2.95
CA VAL A 23 -0.90 -5.76 -3.68
C VAL A 23 0.47 -6.30 -3.29
N GLY A 24 0.83 -7.41 -3.92
CA GLY A 24 2.12 -8.04 -3.65
C GLY A 24 2.09 -9.55 -3.77
N LEU A 25 2.49 -10.23 -2.70
CA LEU A 25 2.52 -11.69 -2.68
C LEU A 25 1.18 -12.26 -2.20
N ASP A 26 0.92 -13.52 -2.58
CA ASP A 26 -0.33 -14.18 -2.20
C ASP A 26 -0.32 -14.64 -0.74
N GLY A 27 0.80 -14.40 -0.04
CA GLY A 27 0.90 -14.81 1.36
C GLY A 27 1.30 -13.68 2.29
N ALA A 28 1.51 -12.49 1.74
CA ALA A 28 1.92 -11.34 2.54
C ALA A 28 0.83 -10.93 3.53
N GLY A 29 -0.38 -10.72 3.03
CA GLY A 29 -1.48 -10.34 3.90
C GLY A 29 -2.03 -8.96 3.60
N LYS A 30 -2.19 -8.63 2.32
CA LYS A 30 -2.72 -7.32 1.94
C LYS A 30 -4.22 -7.24 2.23
N THR A 31 -4.89 -8.39 2.15
CA THR A 31 -6.33 -8.45 2.39
C THR A 31 -6.63 -8.24 3.87
N THR A 32 -5.83 -8.87 4.73
CA THR A 32 -6.02 -8.75 6.17
C THR A 32 -5.90 -7.30 6.63
N VAL A 33 -4.84 -6.63 6.17
CA VAL A 33 -4.59 -5.23 6.54
C VAL A 33 -5.69 -4.31 6.05
N LEU A 34 -6.07 -4.46 4.78
CA LEU A 34 -7.11 -3.63 4.18
C LEU A 34 -8.38 -3.60 5.02
N TYR A 35 -8.69 -4.74 5.63
CA TYR A 35 -9.89 -4.85 6.46
C TYR A 35 -9.68 -4.22 7.84
N LYS A 36 -8.46 -4.26 8.34
CA LYS A 36 -8.15 -3.69 9.65
C LYS A 36 -8.29 -2.17 9.65
N LEU A 37 -7.71 -1.53 8.63
CA LEU A 37 -7.79 -0.08 8.54
C LEU A 37 -9.17 0.37 8.07
N LYS A 38 -9.88 -0.52 7.36
CA LYS A 38 -11.20 -0.18 6.86
C LYS A 38 -12.30 -0.48 7.89
N LEU A 39 -12.17 -1.61 8.58
CA LEU A 39 -13.18 -2.01 9.57
C LEU A 39 -12.70 -1.82 11.01
N GLY A 40 -11.40 -1.60 11.20
CA GLY A 40 -10.88 -1.40 12.55
C GLY A 40 -10.74 -2.68 13.35
N GLU A 41 -11.11 -3.83 12.76
CA GLU A 41 -11.01 -5.10 13.46
C GLU A 41 -10.40 -6.17 12.56
N VAL A 42 -9.70 -7.12 13.18
CA VAL A 42 -9.08 -8.21 12.44
C VAL A 42 -10.07 -9.34 12.20
N ILE A 43 -10.19 -9.73 10.93
CA ILE A 43 -11.11 -10.81 10.55
C ILE A 43 -10.38 -11.91 9.78
N THR A 44 -11.11 -12.98 9.47
CA THR A 44 -10.56 -14.10 8.72
C THR A 44 -10.50 -13.75 7.24
N THR A 45 -9.29 -13.74 6.68
CA THR A 45 -9.11 -13.42 5.28
C THR A 45 -8.72 -14.64 4.46
N ILE A 46 -9.30 -14.75 3.27
CA ILE A 46 -9.02 -15.86 2.37
C ILE A 46 -8.36 -15.36 1.08
N PRO A 47 -7.75 -16.26 0.29
CA PRO A 47 -7.08 -15.86 -0.96
C PRO A 47 -8.03 -15.14 -1.92
N THR A 48 -7.71 -13.90 -2.24
CA THR A 48 -8.55 -13.11 -3.14
C THR A 48 -8.24 -13.42 -4.60
N ILE A 49 -9.25 -13.91 -5.32
CA ILE A 49 -9.09 -14.23 -6.73
C ILE A 49 -9.61 -13.10 -7.61
N GLY A 50 -9.31 -11.88 -7.20
CA GLY A 50 -9.74 -10.70 -7.94
C GLY A 50 -9.30 -9.42 -7.26
N PHE A 51 -10.23 -8.48 -7.07
CA PHE A 51 -9.91 -7.22 -6.43
C PHE A 51 -11.03 -6.80 -5.48
N ASN A 52 -10.71 -5.94 -4.52
CA ASN A 52 -11.69 -5.47 -3.55
C ASN A 52 -11.40 -4.04 -3.12
N VAL A 53 -12.32 -3.12 -3.45
CA VAL A 53 -12.16 -1.73 -3.09
C VAL A 53 -12.65 -1.47 -1.67
N GLU A 54 -12.11 -0.44 -1.04
CA GLU A 54 -12.50 -0.08 0.31
C GLU A 54 -12.52 1.43 0.50
N CYS A 55 -13.70 1.94 0.86
CA CYS A 55 -13.87 3.38 1.06
C CYS A 55 -13.57 3.75 2.50
N VAL A 56 -12.45 4.44 2.73
CA VAL A 56 -12.04 4.86 4.07
C VAL A 56 -11.92 6.37 4.14
N GLN A 57 -12.48 6.96 5.19
CA GLN A 57 -12.43 8.40 5.39
C GLN A 57 -11.41 8.74 6.48
N TYR A 58 -10.49 9.64 6.19
CA TYR A 58 -9.47 10.02 7.16
C TYR A 58 -8.97 11.46 6.93
N CYS A 59 -8.96 12.24 8.01
CA CYS A 59 -8.51 13.63 7.97
C CYS A 59 -9.25 14.42 6.90
N ASN A 60 -10.55 14.16 6.76
CA ASN A 60 -11.40 14.83 5.77
C ASN A 60 -11.19 14.28 4.36
N ILE A 61 -10.26 13.33 4.21
CA ILE A 61 -9.99 12.76 2.90
C ILE A 61 -10.68 11.41 2.72
N SER A 62 -10.97 11.08 1.48
CA SER A 62 -11.61 9.82 1.14
C SER A 62 -10.60 8.86 0.54
N PHE A 63 -9.94 8.08 1.40
CA PHE A 63 -8.95 7.12 0.95
C PHE A 63 -9.63 5.86 0.44
N THR A 64 -9.43 5.57 -0.84
CA THR A 64 -9.99 4.37 -1.45
C THR A 64 -8.86 3.40 -1.73
N VAL A 65 -8.86 2.28 -1.03
CA VAL A 65 -7.80 1.28 -1.17
C VAL A 65 -8.34 0.00 -1.80
N TRP A 66 -7.84 -0.31 -2.99
CA TRP A 66 -8.24 -1.52 -3.69
C TRP A 66 -7.22 -2.61 -3.45
N ASP A 67 -7.67 -3.78 -3.01
CA ASP A 67 -6.76 -4.88 -2.74
C ASP A 67 -6.86 -5.94 -3.82
N VAL A 68 -5.87 -5.98 -4.70
CA VAL A 68 -5.84 -6.97 -5.77
C VAL A 68 -4.99 -8.16 -5.37
N GLY A 69 -5.41 -9.36 -5.76
CA GLY A 69 -4.66 -10.55 -5.42
C GLY A 69 -3.21 -10.47 -5.84
N GLY A 70 -2.31 -10.84 -4.93
CA GLY A 70 -0.90 -10.80 -5.22
C GLY A 70 -0.44 -11.98 -6.05
N GLN A 71 -1.27 -13.04 -6.10
CA GLN A 71 -0.94 -14.26 -6.84
C GLN A 71 -0.37 -13.96 -8.22
N ASP A 72 0.34 -14.95 -8.76
CA ASP A 72 0.94 -14.82 -10.08
C ASP A 72 -0.14 -14.68 -11.15
N ARG A 73 -1.15 -15.54 -11.07
CA ARG A 73 -2.25 -15.53 -12.02
C ARG A 73 -3.12 -14.28 -11.87
N ILE A 74 -2.97 -13.55 -10.76
CA ILE A 74 -3.77 -12.35 -10.52
C ILE A 74 -2.94 -11.07 -10.65
N ARG A 75 -1.62 -11.19 -10.58
CA ARG A 75 -0.74 -10.02 -10.69
C ARG A 75 -1.07 -9.18 -11.93
N SER A 76 -1.54 -9.85 -12.98
CA SER A 76 -1.89 -9.17 -14.23
C SER A 76 -3.04 -8.18 -14.03
N LEU A 77 -3.97 -8.53 -13.13
CA LEU A 77 -5.12 -7.68 -12.85
C LEU A 77 -4.70 -6.27 -12.42
N TRP A 78 -3.47 -6.14 -11.93
CA TRP A 78 -2.96 -4.85 -11.47
C TRP A 78 -3.07 -3.78 -12.54
N ARG A 79 -2.73 -4.13 -13.77
CA ARG A 79 -2.79 -3.19 -14.88
C ARG A 79 -4.09 -3.32 -15.66
N HIS A 80 -5.13 -3.81 -15.00
CA HIS A 80 -6.44 -4.00 -15.64
C HIS A 80 -7.53 -3.16 -14.98
N TYR A 81 -7.30 -2.73 -13.73
CA TYR A 81 -8.30 -1.93 -13.03
C TYR A 81 -7.66 -0.83 -12.17
N TYR A 82 -6.37 -0.57 -12.37
CA TYR A 82 -5.68 0.47 -11.61
C TYR A 82 -6.40 1.82 -11.70
N CYS A 83 -6.84 2.15 -12.92
CA CYS A 83 -7.54 3.40 -13.16
C CYS A 83 -6.64 4.61 -12.90
N ASN A 84 -6.44 4.96 -11.63
CA ASN A 84 -5.60 6.09 -11.28
C ASN A 84 -5.24 6.08 -9.79
N THR A 85 -4.34 5.18 -9.41
CA THR A 85 -3.88 5.08 -8.04
C THR A 85 -2.81 6.13 -7.77
N GLU A 86 -2.96 6.88 -6.67
CA GLU A 86 -1.99 7.92 -6.34
C GLU A 86 -0.84 7.34 -5.55
N GLY A 87 -1.10 6.26 -4.80
CA GLY A 87 -0.07 5.62 -4.02
C GLY A 87 -0.47 4.20 -3.66
N VAL A 88 0.37 3.22 -4.00
CA VAL A 88 0.06 1.83 -3.72
C VAL A 88 0.90 1.29 -2.57
N ILE A 89 0.24 0.59 -1.66
CA ILE A 89 0.89 0.01 -0.51
C ILE A 89 1.32 -1.42 -0.78
N PHE A 90 2.62 -1.66 -0.76
CA PHE A 90 3.16 -2.98 -1.00
C PHE A 90 3.38 -3.72 0.31
N VAL A 91 2.76 -4.89 0.43
CA VAL A 91 2.88 -5.70 1.64
C VAL A 91 4.07 -6.64 1.55
N VAL A 92 4.91 -6.63 2.58
CA VAL A 92 6.09 -7.49 2.61
C VAL A 92 6.23 -8.21 3.94
N ASP A 93 6.14 -9.53 3.91
CA ASP A 93 6.27 -10.30 5.13
C ASP A 93 7.68 -10.15 5.69
N SER A 94 7.78 -9.72 6.94
CA SER A 94 9.08 -9.52 7.57
C SER A 94 9.64 -10.83 8.15
N ASN A 95 8.75 -11.70 8.62
CA ASN A 95 9.16 -12.96 9.20
C ASN A 95 9.30 -14.08 8.16
N ASP A 96 9.05 -13.78 6.89
CA ASP A 96 9.16 -14.77 5.83
C ASP A 96 10.35 -14.46 4.93
N ARG A 97 11.55 -14.79 5.42
CA ARG A 97 12.78 -14.54 4.69
C ARG A 97 12.87 -15.40 3.45
N SER A 98 12.22 -16.56 3.48
CA SER A 98 12.25 -17.47 2.35
C SER A 98 11.78 -16.80 1.06
N ARG A 99 10.69 -16.06 1.15
CA ARG A 99 10.14 -15.37 -0.03
C ARG A 99 10.60 -13.91 -0.13
N ILE A 100 11.37 -13.43 0.84
CA ILE A 100 11.83 -12.04 0.86
C ILE A 100 12.34 -11.54 -0.51
N GLY A 101 12.77 -12.46 -1.38
CA GLY A 101 13.23 -12.05 -2.69
C GLY A 101 12.11 -11.98 -3.70
N GLU A 102 11.11 -12.83 -3.52
CA GLU A 102 9.96 -12.85 -4.42
C GLU A 102 9.11 -11.61 -4.19
N ALA A 103 9.09 -11.11 -2.95
CA ALA A 103 8.33 -9.93 -2.59
C ALA A 103 9.00 -8.67 -3.14
N ARG A 104 10.31 -8.55 -2.90
CA ARG A 104 11.05 -7.39 -3.36
C ARG A 104 11.16 -7.38 -4.89
N GLU A 105 11.35 -8.56 -5.48
CA GLU A 105 11.48 -8.67 -6.93
C GLU A 105 10.16 -8.36 -7.64
N VAL A 106 9.05 -8.80 -7.06
CA VAL A 106 7.74 -8.56 -7.66
C VAL A 106 7.44 -7.07 -7.69
N MET A 107 7.91 -6.35 -6.66
CA MET A 107 7.71 -4.92 -6.59
C MET A 107 8.42 -4.23 -7.75
N GLN A 108 9.66 -4.66 -8.00
CA GLN A 108 10.46 -4.09 -9.09
C GLN A 108 9.71 -4.14 -10.42
N ARG A 109 9.00 -5.24 -10.66
CA ARG A 109 8.23 -5.39 -11.90
C ARG A 109 7.13 -4.33 -11.96
N MET A 110 6.50 -4.10 -10.81
CA MET A 110 5.44 -3.11 -10.71
C MET A 110 6.00 -1.71 -10.86
N LEU A 111 7.11 -1.46 -10.15
CA LEU A 111 7.76 -0.15 -10.18
C LEU A 111 8.53 0.07 -11.50
N ASN A 112 8.82 -1.01 -12.21
CA ASN A 112 9.54 -0.91 -13.47
C ASN A 112 8.59 -0.70 -14.65
N GLU A 113 7.28 -0.78 -14.42
CA GLU A 113 6.30 -0.61 -15.48
C GLU A 113 6.01 0.86 -15.77
N ASP A 114 5.96 1.20 -17.05
CA ASP A 114 5.68 2.56 -17.48
C ASP A 114 4.27 2.96 -17.07
N GLU A 115 3.38 1.98 -17.04
CA GLU A 115 1.99 2.23 -16.67
C GLU A 115 1.86 2.55 -15.18
N LEU A 116 2.92 2.28 -14.40
CA LEU A 116 2.89 2.55 -12.97
C LEU A 116 4.06 3.42 -12.53
N CYS A 117 4.65 4.16 -13.47
CA CYS A 117 5.77 5.04 -13.17
C CYS A 117 5.31 6.31 -12.43
N ASN A 118 4.01 6.48 -12.26
CA ASN A 118 3.47 7.64 -11.57
C ASN A 118 2.79 7.26 -10.25
N ALA A 119 2.76 5.95 -9.93
CA ALA A 119 2.13 5.50 -8.69
C ALA A 119 3.16 5.35 -7.57
N ALA A 120 2.72 5.61 -6.35
CA ALA A 120 3.61 5.54 -5.19
C ALA A 120 3.79 4.11 -4.70
N TRP A 121 4.71 3.90 -3.76
CA TRP A 121 4.96 2.58 -3.24
C TRP A 121 5.23 2.60 -1.73
N LEU A 122 4.17 2.39 -0.95
CA LEU A 122 4.29 2.37 0.50
C LEU A 122 4.49 0.93 0.98
N VAL A 123 5.66 0.66 1.52
CA VAL A 123 5.98 -0.67 2.01
C VAL A 123 5.76 -0.78 3.52
N PHE A 124 5.15 -1.88 3.94
CA PHE A 124 4.90 -2.11 5.36
C PHE A 124 5.20 -3.55 5.72
N ALA A 125 6.25 -3.75 6.52
CA ALA A 125 6.65 -5.09 6.94
C ALA A 125 5.52 -5.75 7.71
N ASN A 126 4.85 -6.71 7.08
CA ASN A 126 3.74 -7.42 7.70
C ASN A 126 4.24 -8.51 8.63
N LYS A 127 3.32 -9.05 9.42
CA LYS A 127 3.65 -10.11 10.38
C LYS A 127 4.65 -9.65 11.43
N GLN A 128 4.76 -8.33 11.62
CA GLN A 128 5.70 -7.82 12.63
C GLN A 128 5.45 -8.46 14.00
N ASP A 129 4.23 -8.94 14.22
CA ASP A 129 3.85 -9.56 15.49
C ASP A 129 4.27 -11.04 15.56
N LEU A 130 4.96 -11.56 14.54
CA LEU A 130 5.38 -12.95 14.53
C LEU A 130 6.45 -13.22 15.61
N PRO A 131 6.80 -14.51 15.82
CA PRO A 131 7.80 -14.90 16.83
C PRO A 131 9.10 -14.11 16.74
N GLU A 132 9.36 -13.30 17.77
CA GLU A 132 10.56 -12.47 17.85
C GLU A 132 10.88 -11.81 16.50
N ALA A 133 9.83 -11.30 15.86
CA ALA A 133 9.92 -10.65 14.55
C ALA A 133 11.20 -9.82 14.37
N MET A 134 11.56 -9.60 13.11
CA MET A 134 12.75 -8.83 12.77
C MET A 134 12.50 -7.33 12.93
N SER A 135 13.57 -6.54 12.83
CA SER A 135 13.45 -5.09 12.96
C SER A 135 13.42 -4.41 11.60
N ALA A 136 13.24 -3.10 11.61
CA ALA A 136 13.18 -2.30 10.40
C ALA A 136 14.53 -2.27 9.70
N ALA A 137 15.59 -2.23 10.48
CA ALA A 137 16.94 -2.17 9.96
C ALA A 137 17.29 -3.37 9.09
N GLU A 138 16.79 -4.55 9.45
CA GLU A 138 17.09 -5.76 8.69
C GLU A 138 16.29 -5.82 7.39
N ILE A 139 14.98 -5.62 7.48
CA ILE A 139 14.12 -5.67 6.30
C ILE A 139 14.56 -4.65 5.25
N THR A 140 15.00 -3.49 5.73
CA THR A 140 15.43 -2.42 4.84
C THR A 140 16.72 -2.76 4.10
N GLU A 141 17.72 -3.25 4.83
CA GLU A 141 19.00 -3.59 4.21
C GLU A 141 18.84 -4.64 3.11
N LYS A 142 18.24 -5.78 3.44
CA LYS A 142 18.05 -6.86 2.47
C LYS A 142 17.31 -6.39 1.22
N LEU A 143 16.38 -5.46 1.41
CA LEU A 143 15.60 -4.95 0.29
C LEU A 143 16.40 -3.92 -0.54
N GLY A 144 17.65 -3.66 -0.16
CA GLY A 144 18.45 -2.69 -0.90
C GLY A 144 17.81 -1.31 -0.87
N LEU A 145 17.12 -1.01 0.22
CA LEU A 145 16.44 0.26 0.38
C LEU A 145 17.42 1.43 0.42
N HIS A 146 18.55 1.26 1.08
CA HIS A 146 19.55 2.33 1.18
C HIS A 146 20.06 2.76 -0.19
N SER A 147 20.02 1.84 -1.15
CA SER A 147 20.49 2.14 -2.50
C SER A 147 19.37 2.64 -3.41
N ILE A 148 18.16 2.79 -2.87
CA ILE A 148 17.04 3.26 -3.68
C ILE A 148 16.70 4.72 -3.36
N ARG A 149 17.02 5.59 -4.31
CA ARG A 149 16.77 7.02 -4.17
C ARG A 149 16.20 7.61 -5.45
N ASN A 150 15.47 6.79 -6.20
CA ASN A 150 14.85 7.23 -7.45
C ASN A 150 13.34 7.02 -7.47
N ARG A 151 12.79 6.42 -6.42
CA ARG A 151 11.36 6.16 -6.35
C ARG A 151 10.82 6.38 -4.93
N PRO A 152 9.64 7.02 -4.80
CA PRO A 152 9.04 7.27 -3.47
C PRO A 152 8.62 5.99 -2.77
N TRP A 153 9.50 5.47 -1.90
CA TRP A 153 9.23 4.26 -1.17
C TRP A 153 9.41 4.47 0.33
N PHE A 154 8.59 3.79 1.12
CA PHE A 154 8.68 3.90 2.58
C PHE A 154 8.46 2.53 3.23
N ILE A 155 9.19 2.24 4.30
CA ILE A 155 9.05 0.97 5.00
C ILE A 155 8.47 1.18 6.40
N GLN A 156 7.43 0.42 6.72
CA GLN A 156 6.78 0.54 8.03
C GLN A 156 6.55 -0.82 8.69
N ALA A 157 6.99 -0.94 9.93
CA ALA A 157 6.78 -2.18 10.68
C ALA A 157 5.46 -2.11 11.44
N THR A 158 4.51 -2.95 11.06
CA THR A 158 3.20 -2.95 11.69
C THR A 158 2.72 -4.34 12.12
N CYS A 159 1.66 -4.34 12.91
CA CYS A 159 1.04 -5.57 13.40
C CYS A 159 -0.43 -5.54 13.02
N ALA A 160 -0.78 -6.28 11.97
CA ALA A 160 -2.15 -6.33 11.49
C ALA A 160 -3.06 -7.03 12.48
N THR A 161 -2.55 -8.08 13.12
CA THR A 161 -3.35 -8.83 14.09
C THR A 161 -4.00 -7.88 15.10
N SER A 162 -3.31 -6.79 15.42
CA SER A 162 -3.83 -5.80 16.37
C SER A 162 -4.29 -4.54 15.64
N GLY A 163 -3.50 -4.11 14.67
CA GLY A 163 -3.83 -2.91 13.91
C GLY A 163 -2.91 -1.74 14.21
N GLU A 164 -1.88 -1.97 15.02
CA GLU A 164 -0.95 -0.91 15.37
C GLU A 164 -0.09 -0.51 14.16
N GLY A 165 0.15 0.79 14.02
CA GLY A 165 0.96 1.30 12.93
C GLY A 165 0.18 1.51 11.63
N LEU A 166 -0.99 0.92 11.52
CA LEU A 166 -1.81 1.05 10.32
C LEU A 166 -2.28 2.49 10.12
N TYR A 167 -2.73 3.13 11.18
CA TYR A 167 -3.20 4.50 11.10
C TYR A 167 -2.10 5.43 10.63
N GLU A 168 -0.90 5.28 11.20
CA GLU A 168 0.23 6.12 10.84
C GLU A 168 0.52 6.06 9.34
N GLY A 169 0.38 4.87 8.76
CA GLY A 169 0.64 4.71 7.34
C GLY A 169 -0.27 5.55 6.47
N LEU A 170 -1.55 5.59 6.81
CA LEU A 170 -2.51 6.36 6.04
C LEU A 170 -2.26 7.86 6.17
N GLU A 171 -1.66 8.26 7.29
CA GLU A 171 -1.38 9.67 7.53
C GLU A 171 -0.17 10.15 6.72
N TRP A 172 0.85 9.31 6.62
CA TRP A 172 2.05 9.66 5.87
C TRP A 172 1.74 9.88 4.40
N LEU A 173 0.97 8.96 3.82
CA LEU A 173 0.60 9.04 2.41
C LEU A 173 -0.15 10.34 2.13
N SER A 174 -1.22 10.57 2.88
CA SER A 174 -2.05 11.77 2.70
C SER A 174 -1.22 13.05 2.71
N ASN A 175 -0.12 13.06 3.47
CA ASN A 175 0.74 14.23 3.56
C ASN A 175 1.56 14.42 2.29
N CYS A 176 1.91 13.31 1.64
CA CYS A 176 2.72 13.36 0.44
C CYS A 176 1.96 13.97 -0.74
N LEU A 177 0.63 13.84 -0.78
CA LEU A 177 -0.15 14.39 -1.88
C LEU A 177 -0.64 15.79 -1.58
N LYS A 178 -1.42 15.94 -0.52
CA LYS A 178 -1.94 17.25 -0.12
C LYS A 178 -0.80 18.21 0.17
N ASN A 179 0.26 17.67 0.79
CA ASN A 179 1.47 18.43 1.15
C ASN A 179 1.16 19.87 1.55
N SER A 180 0.38 20.04 2.62
CA SER A 180 0.01 21.36 3.10
C SER A 180 -0.79 22.12 2.05
N THR A 181 -1.65 23.03 2.50
CA THR A 181 -2.47 23.83 1.60
C THR A 181 -1.67 24.99 1.02
N GLY A 2 -7.44 31.75 -19.87
CA GLY A 2 -7.29 31.94 -18.43
C GLY A 2 -8.51 31.52 -17.66
N LEU A 3 -9.69 31.68 -18.28
CA LEU A 3 -10.95 31.32 -17.64
C LEU A 3 -11.06 29.80 -17.49
N PHE A 4 -10.77 29.08 -18.58
CA PHE A 4 -10.85 27.63 -18.56
C PHE A 4 -9.77 27.02 -17.67
N ALA A 5 -8.55 27.52 -17.79
CA ALA A 5 -7.43 27.02 -16.99
C ALA A 5 -7.76 27.04 -15.50
N SER A 6 -8.07 28.22 -14.98
CA SER A 6 -8.40 28.38 -13.56
C SER A 6 -9.50 27.42 -13.13
N LYS A 7 -10.44 27.14 -14.01
CA LYS A 7 -11.54 26.23 -13.71
C LYS A 7 -11.00 24.82 -13.50
N LEU A 8 -10.19 24.36 -14.45
CA LEU A 8 -9.59 23.03 -14.38
C LEU A 8 -8.83 22.83 -13.07
N PHE A 9 -8.31 23.92 -12.53
CA PHE A 9 -7.57 23.87 -11.27
C PHE A 9 -8.52 23.73 -10.08
N SER A 10 -9.71 24.29 -10.21
CA SER A 10 -10.71 24.27 -9.15
C SER A 10 -11.18 22.86 -8.81
N ASN A 11 -11.31 22.00 -9.82
CA ASN A 11 -11.75 20.63 -9.60
C ASN A 11 -10.77 19.86 -8.71
N LEU A 12 -9.50 20.29 -8.73
CA LEU A 12 -8.48 19.63 -7.92
C LEU A 12 -8.66 19.95 -6.44
N PHE A 13 -9.21 21.11 -6.14
CA PHE A 13 -9.44 21.53 -4.76
C PHE A 13 -10.92 21.42 -4.40
N GLY A 14 -11.64 20.52 -5.08
CA GLY A 14 -13.04 20.33 -4.80
C GLY A 14 -13.34 18.97 -4.20
N ASN A 15 -12.51 17.99 -4.55
CA ASN A 15 -12.68 16.63 -4.04
C ASN A 15 -11.48 16.23 -3.18
N LYS A 16 -11.77 15.72 -1.98
CA LYS A 16 -10.71 15.29 -1.07
C LYS A 16 -10.68 13.77 -0.94
N GLU A 17 -10.16 13.11 -1.97
CA GLU A 17 -10.08 11.65 -1.98
C GLU A 17 -8.77 11.19 -2.62
N MET A 18 -8.11 10.22 -1.99
CA MET A 18 -6.86 9.68 -2.51
C MET A 18 -7.04 8.25 -2.98
N ARG A 19 -6.32 7.89 -4.04
CA ARG A 19 -6.40 6.53 -4.59
C ARG A 19 -5.21 5.70 -4.15
N ILE A 20 -5.47 4.53 -3.58
CA ILE A 20 -4.40 3.66 -3.10
C ILE A 20 -4.57 2.22 -3.61
N LEU A 21 -3.46 1.50 -3.65
CA LEU A 21 -3.44 0.11 -4.11
C LEU A 21 -2.65 -0.75 -3.13
N MET A 22 -3.11 -1.98 -2.90
CA MET A 22 -2.44 -2.89 -2.00
C MET A 22 -2.03 -4.17 -2.74
N VAL A 23 -0.75 -4.27 -3.06
CA VAL A 23 -0.23 -5.43 -3.78
C VAL A 23 0.87 -6.14 -3.01
N GLY A 24 1.05 -7.43 -3.29
CA GLY A 24 2.07 -8.19 -2.61
C GLY A 24 2.11 -9.65 -3.00
N LEU A 25 2.90 -10.41 -2.25
CA LEU A 25 3.08 -11.85 -2.50
C LEU A 25 1.73 -12.58 -2.47
N ASP A 26 1.78 -13.91 -2.35
CA ASP A 26 0.57 -14.73 -2.33
C ASP A 26 -0.02 -14.88 -0.92
N GLY A 27 0.27 -13.93 -0.04
CA GLY A 27 -0.26 -14.01 1.32
C GLY A 27 0.30 -12.93 2.24
N ALA A 28 0.58 -11.76 1.70
CA ALA A 28 1.13 -10.66 2.48
C ALA A 28 0.15 -10.20 3.55
N GLY A 29 -1.08 -9.92 3.12
CA GLY A 29 -2.10 -9.48 4.06
C GLY A 29 -2.76 -8.19 3.64
N LYS A 30 -2.97 -8.02 2.33
CA LYS A 30 -3.61 -6.83 1.81
C LYS A 30 -5.05 -6.77 2.27
N THR A 31 -5.69 -7.94 2.31
CA THR A 31 -7.08 -8.03 2.74
C THR A 31 -7.19 -7.85 4.25
N THR A 32 -6.22 -8.39 4.98
CA THR A 32 -6.20 -8.31 6.44
C THR A 32 -6.07 -6.87 6.92
N VAL A 33 -5.08 -6.15 6.38
CA VAL A 33 -4.84 -4.76 6.77
C VAL A 33 -5.98 -3.84 6.32
N LEU A 34 -6.35 -3.96 5.06
CA LEU A 34 -7.42 -3.14 4.47
C LEU A 34 -8.69 -3.18 5.32
N TYR A 35 -8.99 -4.33 5.89
CA TYR A 35 -10.17 -4.50 6.71
C TYR A 35 -9.99 -3.90 8.09
N LYS A 36 -8.77 -3.94 8.61
CA LYS A 36 -8.48 -3.41 9.93
C LYS A 36 -8.54 -1.88 9.95
N LEU A 37 -7.89 -1.26 8.98
CA LEU A 37 -7.88 0.20 8.89
C LEU A 37 -9.23 0.74 8.44
N LYS A 38 -9.95 -0.06 7.64
CA LYS A 38 -11.24 0.37 7.13
C LYS A 38 -12.39 -0.05 8.05
N LEU A 39 -12.27 -1.22 8.67
CA LEU A 39 -13.31 -1.72 9.55
C LEU A 39 -12.96 -1.59 11.03
N GLY A 40 -11.69 -1.32 11.33
CA GLY A 40 -11.27 -1.16 12.71
C GLY A 40 -11.12 -2.47 13.48
N GLU A 41 -11.42 -3.60 12.83
CA GLU A 41 -11.31 -4.89 13.50
C GLU A 41 -10.66 -5.94 12.61
N VAL A 42 -9.95 -6.87 13.23
CA VAL A 42 -9.29 -7.95 12.49
C VAL A 42 -10.25 -9.08 12.22
N ILE A 43 -10.35 -9.48 10.95
CA ILE A 43 -11.24 -10.56 10.55
C ILE A 43 -10.47 -11.69 9.85
N THR A 44 -11.16 -12.80 9.64
CA THR A 44 -10.56 -13.95 8.97
C THR A 44 -10.46 -13.68 7.47
N THR A 45 -9.22 -13.70 6.96
CA THR A 45 -9.00 -13.43 5.55
C THR A 45 -8.81 -14.72 4.76
N ILE A 46 -8.93 -14.62 3.45
CA ILE A 46 -8.79 -15.76 2.57
C ILE A 46 -8.26 -15.32 1.20
N PRO A 47 -7.78 -16.26 0.36
CA PRO A 47 -7.25 -15.91 -0.96
C PRO A 47 -8.26 -15.16 -1.82
N THR A 48 -7.99 -13.88 -2.05
CA THR A 48 -8.88 -13.05 -2.85
C THR A 48 -8.59 -13.18 -4.33
N ILE A 49 -9.58 -13.61 -5.10
CA ILE A 49 -9.42 -13.76 -6.53
C ILE A 49 -9.84 -12.48 -7.26
N GLY A 50 -8.86 -11.77 -7.81
CA GLY A 50 -9.15 -10.52 -8.50
C GLY A 50 -8.71 -9.32 -7.68
N PHE A 51 -9.63 -8.38 -7.46
CA PHE A 51 -9.33 -7.18 -6.70
C PHE A 51 -10.50 -6.81 -5.78
N ASN A 52 -10.23 -5.96 -4.80
CA ASN A 52 -11.25 -5.53 -3.86
C ASN A 52 -11.05 -4.07 -3.46
N VAL A 53 -12.13 -3.28 -3.51
CA VAL A 53 -12.06 -1.87 -3.15
C VAL A 53 -12.54 -1.65 -1.72
N GLU A 54 -11.98 -0.64 -1.07
CA GLU A 54 -12.37 -0.32 0.30
C GLU A 54 -12.45 1.18 0.50
N CYS A 55 -13.65 1.65 0.84
CA CYS A 55 -13.89 3.07 1.07
C CYS A 55 -13.68 3.42 2.53
N VAL A 56 -12.60 4.15 2.83
CA VAL A 56 -12.30 4.56 4.20
C VAL A 56 -12.15 6.08 4.30
N GLN A 57 -12.73 6.65 5.35
CA GLN A 57 -12.67 8.10 5.56
C GLN A 57 -11.64 8.45 6.62
N TYR A 58 -10.74 9.39 6.30
CA TYR A 58 -9.70 9.80 7.24
C TYR A 58 -9.29 11.26 7.03
N CYS A 59 -9.37 12.05 8.11
CA CYS A 59 -9.01 13.46 8.07
C CYS A 59 -9.81 14.22 7.01
N ASN A 60 -11.09 13.88 6.89
CA ASN A 60 -11.99 14.53 5.92
C ASN A 60 -11.71 14.03 4.49
N ILE A 61 -10.75 13.13 4.32
CA ILE A 61 -10.42 12.64 2.99
C ILE A 61 -11.07 11.30 2.73
N SER A 62 -11.35 11.02 1.45
CA SER A 62 -11.94 9.76 1.05
C SER A 62 -10.89 8.82 0.48
N PHE A 63 -10.23 8.09 1.37
CA PHE A 63 -9.18 7.18 0.96
C PHE A 63 -9.77 5.91 0.35
N THR A 64 -9.48 5.70 -0.94
CA THR A 64 -9.94 4.51 -1.64
C THR A 64 -8.76 3.57 -1.81
N VAL A 65 -8.81 2.42 -1.16
CA VAL A 65 -7.71 1.47 -1.24
C VAL A 65 -8.13 0.16 -1.89
N TRP A 66 -7.58 -0.11 -3.06
CA TRP A 66 -7.87 -1.34 -3.79
C TRP A 66 -6.81 -2.36 -3.46
N ASP A 67 -7.22 -3.57 -3.07
CA ASP A 67 -6.25 -4.61 -2.72
C ASP A 67 -6.45 -5.84 -3.59
N VAL A 68 -5.48 -6.10 -4.46
CA VAL A 68 -5.52 -7.27 -5.33
C VAL A 68 -4.89 -8.45 -4.61
N GLY A 69 -5.45 -9.63 -4.78
CA GLY A 69 -4.92 -10.81 -4.14
C GLY A 69 -4.90 -12.00 -5.07
N GLY A 70 -4.55 -13.17 -4.54
CA GLY A 70 -4.48 -14.36 -5.36
C GLY A 70 -3.07 -14.88 -5.48
N GLN A 71 -2.34 -14.38 -6.48
CA GLN A 71 -0.96 -14.80 -6.69
C GLN A 71 -0.40 -14.23 -7.99
N ASP A 72 0.86 -14.58 -8.28
CA ASP A 72 1.54 -14.09 -9.47
C ASP A 72 0.68 -14.26 -10.72
N ARG A 73 -0.07 -15.36 -10.78
CA ARG A 73 -0.95 -15.63 -11.93
C ARG A 73 -1.89 -14.46 -12.19
N ILE A 74 -2.16 -13.67 -11.14
CA ILE A 74 -3.04 -12.51 -11.25
C ILE A 74 -2.25 -11.20 -11.25
N ARG A 75 -0.97 -11.24 -10.89
CA ARG A 75 -0.15 -10.02 -10.85
C ARG A 75 -0.33 -9.17 -12.11
N SER A 76 -0.63 -9.84 -13.23
CA SER A 76 -0.84 -9.16 -14.49
C SER A 76 -2.09 -8.27 -14.44
N LEU A 77 -3.11 -8.74 -13.71
CA LEU A 77 -4.36 -8.01 -13.57
C LEU A 77 -4.15 -6.66 -12.88
N TRP A 78 -3.00 -6.48 -12.22
CA TRP A 78 -2.70 -5.24 -11.53
C TRP A 78 -2.76 -4.02 -12.47
N ARG A 79 -2.68 -4.26 -13.77
CA ARG A 79 -2.73 -3.18 -14.74
C ARG A 79 -4.15 -3.00 -15.27
N HIS A 80 -5.15 -3.40 -14.49
CA HIS A 80 -6.54 -3.29 -14.92
C HIS A 80 -7.50 -3.12 -13.73
N TYR A 81 -6.96 -2.70 -12.58
CA TYR A 81 -7.81 -2.51 -11.40
C TYR A 81 -8.46 -1.13 -11.39
N TYR A 82 -7.82 -0.16 -12.06
CA TYR A 82 -8.34 1.20 -12.13
C TYR A 82 -7.39 2.12 -12.91
N CYS A 83 -6.09 1.98 -12.64
CA CYS A 83 -5.07 2.80 -13.30
C CYS A 83 -5.17 4.25 -12.83
N ASN A 84 -5.58 4.45 -11.58
CA ASN A 84 -5.72 5.79 -11.01
C ASN A 84 -5.26 5.83 -9.55
N THR A 85 -4.39 4.90 -9.18
CA THR A 85 -3.86 4.84 -7.82
C THR A 85 -2.81 5.93 -7.62
N GLU A 86 -2.96 6.71 -6.56
CA GLU A 86 -2.02 7.78 -6.27
C GLU A 86 -0.89 7.26 -5.38
N GLY A 87 -1.16 6.23 -4.60
CA GLY A 87 -0.14 5.65 -3.74
C GLY A 87 -0.30 4.15 -3.63
N VAL A 88 0.75 3.39 -3.94
CA VAL A 88 0.67 1.94 -3.87
C VAL A 88 1.41 1.40 -2.66
N ILE A 89 0.67 0.72 -1.80
CA ILE A 89 1.25 0.14 -0.59
C ILE A 89 1.62 -1.32 -0.81
N PHE A 90 2.92 -1.59 -0.79
CA PHE A 90 3.42 -2.94 -0.99
C PHE A 90 3.56 -3.68 0.34
N VAL A 91 2.94 -4.84 0.43
CA VAL A 91 2.99 -5.64 1.64
C VAL A 91 4.03 -6.75 1.53
N VAL A 92 4.93 -6.82 2.50
CA VAL A 92 5.99 -7.83 2.49
C VAL A 92 6.05 -8.57 3.81
N ASP A 93 6.00 -9.89 3.75
CA ASP A 93 6.09 -10.70 4.96
C ASP A 93 7.49 -10.59 5.56
N SER A 94 7.57 -10.22 6.82
CA SER A 94 8.86 -10.06 7.48
C SER A 94 9.35 -11.38 8.07
N ASN A 95 8.43 -12.22 8.53
CA ASN A 95 8.80 -13.50 9.13
C ASN A 95 9.08 -14.59 8.09
N ASP A 96 8.93 -14.27 6.80
CA ASP A 96 9.19 -15.24 5.75
C ASP A 96 10.42 -14.87 4.93
N ARG A 97 11.60 -15.17 5.49
CA ARG A 97 12.86 -14.85 4.85
C ARG A 97 13.06 -15.70 3.60
N SER A 98 12.47 -16.90 3.59
CA SER A 98 12.60 -17.80 2.45
C SER A 98 12.15 -17.14 1.16
N ARG A 99 10.99 -16.52 1.18
CA ARG A 99 10.44 -15.86 -0.01
C ARG A 99 10.81 -14.37 -0.07
N ILE A 100 11.51 -13.87 0.95
CA ILE A 100 11.90 -12.46 1.03
C ILE A 100 12.44 -11.91 -0.31
N GLY A 101 12.97 -12.80 -1.16
CA GLY A 101 13.49 -12.36 -2.45
C GLY A 101 12.43 -12.42 -3.52
N GLU A 102 11.54 -13.40 -3.41
CA GLU A 102 10.46 -13.55 -4.37
C GLU A 102 9.56 -12.32 -4.32
N ALA A 103 9.38 -11.79 -3.11
CA ALA A 103 8.56 -10.60 -2.92
C ALA A 103 9.29 -9.38 -3.46
N ARG A 104 10.57 -9.26 -3.12
CA ARG A 104 11.38 -8.14 -3.60
C ARG A 104 11.45 -8.11 -5.12
N GLU A 105 11.64 -9.28 -5.72
CA GLU A 105 11.72 -9.38 -7.17
C GLU A 105 10.41 -8.91 -7.83
N VAL A 106 9.30 -9.23 -7.18
CA VAL A 106 8.00 -8.82 -7.70
C VAL A 106 7.85 -7.31 -7.63
N MET A 107 8.41 -6.72 -6.59
CA MET A 107 8.36 -5.28 -6.39
C MET A 107 9.08 -4.58 -7.54
N GLN A 108 10.31 -5.01 -7.83
CA GLN A 108 11.12 -4.43 -8.89
C GLN A 108 10.35 -4.39 -10.21
N ARG A 109 9.57 -5.45 -10.47
CA ARG A 109 8.77 -5.52 -11.68
C ARG A 109 7.78 -4.37 -11.72
N MET A 110 7.16 -4.11 -10.56
CA MET A 110 6.20 -3.02 -10.44
C MET A 110 6.89 -1.67 -10.51
N LEU A 111 8.00 -1.55 -9.79
CA LEU A 111 8.76 -0.30 -9.75
C LEU A 111 9.47 -0.03 -11.07
N ASN A 112 9.75 -1.09 -11.83
CA ASN A 112 10.41 -0.93 -13.12
C ASN A 112 9.42 -0.72 -14.26
N GLU A 113 8.13 -0.81 -13.96
CA GLU A 113 7.10 -0.64 -14.99
C GLU A 113 6.81 0.83 -15.24
N ASP A 114 6.82 1.21 -16.51
CA ASP A 114 6.55 2.59 -16.91
C ASP A 114 5.11 2.97 -16.57
N GLU A 115 4.23 1.98 -16.61
CA GLU A 115 2.82 2.20 -16.31
C GLU A 115 2.59 2.45 -14.83
N LEU A 116 3.61 2.25 -14.01
CA LEU A 116 3.47 2.45 -12.57
C LEU A 116 4.52 3.42 -12.01
N CYS A 117 5.12 4.23 -12.88
CA CYS A 117 6.13 5.19 -12.45
C CYS A 117 5.49 6.40 -11.75
N ASN A 118 4.15 6.45 -11.69
CA ASN A 118 3.46 7.56 -11.05
C ASN A 118 2.79 7.13 -9.75
N ALA A 119 2.80 5.83 -9.44
CA ALA A 119 2.19 5.33 -8.22
C ALA A 119 3.23 5.24 -7.11
N ALA A 120 2.79 5.49 -5.88
CA ALA A 120 3.71 5.47 -4.73
C ALA A 120 4.15 4.07 -4.38
N TRP A 121 5.01 3.97 -3.37
CA TRP A 121 5.54 2.69 -2.92
C TRP A 121 5.64 2.62 -1.40
N LEU A 122 4.49 2.50 -0.74
CA LEU A 122 4.46 2.40 0.73
C LEU A 122 4.70 0.96 1.17
N VAL A 123 5.81 0.73 1.86
CA VAL A 123 6.14 -0.61 2.32
C VAL A 123 5.70 -0.83 3.76
N PHE A 124 5.12 -2.00 4.02
CA PHE A 124 4.65 -2.35 5.36
C PHE A 124 5.03 -3.77 5.71
N ALA A 125 6.05 -3.93 6.56
CA ALA A 125 6.50 -5.25 6.97
C ALA A 125 5.39 -5.98 7.70
N ASN A 126 4.79 -6.96 7.03
CA ASN A 126 3.70 -7.74 7.60
C ASN A 126 4.20 -8.75 8.63
N LYS A 127 3.29 -9.23 9.47
CA LYS A 127 3.62 -10.20 10.50
C LYS A 127 4.60 -9.65 11.52
N GLN A 128 4.64 -8.32 11.66
CA GLN A 128 5.54 -7.70 12.62
C GLN A 128 5.20 -8.13 14.05
N ASP A 129 3.93 -8.43 14.29
CA ASP A 129 3.47 -8.85 15.60
C ASP A 129 4.06 -10.20 16.01
N LEU A 130 4.58 -10.95 15.04
CA LEU A 130 5.16 -12.26 15.33
C LEU A 130 6.46 -12.11 16.14
N PRO A 131 6.66 -12.93 17.19
CA PRO A 131 7.87 -12.86 18.02
C PRO A 131 9.15 -12.86 17.21
N GLU A 132 9.10 -13.49 16.03
CA GLU A 132 10.28 -13.56 15.17
C GLU A 132 10.20 -12.54 14.02
N ALA A 133 9.46 -11.46 14.24
CA ALA A 133 9.31 -10.42 13.23
C ALA A 133 10.65 -9.77 12.91
N MET A 134 10.97 -9.68 11.61
CA MET A 134 12.22 -9.10 11.17
C MET A 134 12.27 -7.60 11.47
N SER A 135 13.50 -7.08 11.56
CA SER A 135 13.71 -5.66 11.83
C SER A 135 13.56 -4.84 10.55
N ALA A 136 13.31 -3.55 10.71
CA ALA A 136 13.15 -2.67 9.56
C ALA A 136 14.46 -2.50 8.78
N ALA A 137 15.57 -2.61 9.51
CA ALA A 137 16.88 -2.45 8.89
C ALA A 137 17.22 -3.61 7.95
N GLU A 138 16.78 -4.81 8.29
CA GLU A 138 17.07 -5.97 7.45
C GLU A 138 16.20 -6.01 6.21
N ILE A 139 14.89 -5.84 6.40
CA ILE A 139 13.95 -5.87 5.28
C ILE A 139 14.30 -4.79 4.25
N THR A 140 14.63 -3.60 4.74
CA THR A 140 14.98 -2.49 3.86
C THR A 140 16.31 -2.74 3.15
N GLU A 141 17.31 -3.19 3.90
CA GLU A 141 18.63 -3.43 3.33
C GLU A 141 18.56 -4.45 2.19
N LYS A 142 18.01 -5.63 2.47
CA LYS A 142 17.91 -6.69 1.46
C LYS A 142 17.14 -6.22 0.24
N LEU A 143 16.18 -5.33 0.45
CA LEU A 143 15.38 -4.81 -0.65
C LEU A 143 16.14 -3.74 -1.45
N GLY A 144 17.38 -3.44 -1.06
CA GLY A 144 18.14 -2.43 -1.76
C GLY A 144 17.43 -1.09 -1.77
N LEU A 145 16.61 -0.86 -0.74
CA LEU A 145 15.84 0.36 -0.63
C LEU A 145 16.73 1.59 -0.45
N HIS A 146 17.81 1.46 0.31
CA HIS A 146 18.71 2.57 0.55
C HIS A 146 19.29 3.11 -0.75
N SER A 147 19.41 2.25 -1.76
CA SER A 147 19.96 2.66 -3.04
C SER A 147 18.87 3.18 -3.98
N ILE A 148 17.63 3.27 -3.50
CA ILE A 148 16.55 3.76 -4.34
C ILE A 148 16.16 5.20 -3.98
N ARG A 149 16.52 6.12 -4.86
CA ARG A 149 16.24 7.54 -4.68
C ARG A 149 15.55 8.12 -5.91
N ASN A 150 14.78 7.29 -6.60
CA ASN A 150 14.06 7.71 -7.79
C ASN A 150 12.55 7.55 -7.65
N ARG A 151 12.10 7.03 -6.51
CA ARG A 151 10.67 6.83 -6.27
C ARG A 151 10.36 6.93 -4.77
N PRO A 152 9.25 7.61 -4.39
CA PRO A 152 8.88 7.77 -2.98
C PRO A 152 8.51 6.44 -2.33
N TRP A 153 9.43 5.89 -1.54
CA TRP A 153 9.20 4.63 -0.85
C TRP A 153 9.49 4.77 0.65
N PHE A 154 8.70 4.08 1.45
CA PHE A 154 8.87 4.11 2.91
C PHE A 154 8.67 2.73 3.51
N ILE A 155 9.39 2.42 4.58
CA ILE A 155 9.28 1.13 5.25
C ILE A 155 8.78 1.32 6.68
N GLN A 156 7.66 0.67 7.00
CA GLN A 156 7.07 0.78 8.33
C GLN A 156 6.69 -0.58 8.91
N ALA A 157 6.99 -0.76 10.19
CA ALA A 157 6.66 -2.00 10.88
C ALA A 157 5.17 -1.98 11.24
N THR A 158 4.43 -3.00 10.79
CA THR A 158 3.00 -3.04 11.05
C THR A 158 2.52 -4.37 11.60
N CYS A 159 1.47 -4.29 12.42
CA CYS A 159 0.84 -5.46 13.01
C CYS A 159 -0.64 -5.41 12.70
N ALA A 160 -1.05 -6.21 11.73
CA ALA A 160 -2.45 -6.24 11.33
C ALA A 160 -3.31 -6.97 12.35
N THR A 161 -2.72 -7.98 12.99
CA THR A 161 -3.46 -8.74 14.00
C THR A 161 -4.09 -7.82 15.04
N SER A 162 -3.38 -6.75 15.36
CA SER A 162 -3.86 -5.77 16.34
C SER A 162 -4.29 -4.49 15.66
N GLY A 163 -3.49 -4.04 14.69
CA GLY A 163 -3.81 -2.82 13.95
C GLY A 163 -2.91 -1.65 14.33
N GLU A 164 -1.90 -1.91 15.16
CA GLU A 164 -0.99 -0.84 15.58
C GLU A 164 -0.11 -0.38 14.41
N GLY A 165 0.07 0.94 14.31
CA GLY A 165 0.91 1.50 13.25
C GLY A 165 0.19 1.68 11.92
N LEU A 166 -0.97 1.04 11.76
CA LEU A 166 -1.73 1.14 10.53
C LEU A 166 -2.25 2.55 10.30
N TYR A 167 -2.73 3.19 11.36
CA TYR A 167 -3.25 4.54 11.26
C TYR A 167 -2.17 5.52 10.85
N GLU A 168 -0.98 5.39 11.45
CA GLU A 168 0.13 6.28 11.14
C GLU A 168 0.48 6.23 9.65
N GLY A 169 0.40 5.04 9.06
CA GLY A 169 0.73 4.89 7.65
C GLY A 169 -0.18 5.69 6.75
N LEU A 170 -1.48 5.64 7.02
CA LEU A 170 -2.45 6.37 6.21
C LEU A 170 -2.25 7.88 6.32
N GLU A 171 -1.72 8.32 7.47
CA GLU A 171 -1.49 9.74 7.70
C GLU A 171 -0.27 10.24 6.93
N TRP A 172 0.73 9.40 6.81
CA TRP A 172 1.95 9.77 6.10
C TRP A 172 1.68 10.00 4.62
N LEU A 173 0.93 9.09 4.01
CA LEU A 173 0.60 9.18 2.60
C LEU A 173 -0.19 10.47 2.32
N SER A 174 -1.28 10.66 3.04
CA SER A 174 -2.13 11.85 2.88
C SER A 174 -1.33 13.14 2.94
N ASN A 175 -0.26 13.15 3.73
CA ASN A 175 0.57 14.35 3.87
C ASN A 175 1.42 14.60 2.63
N CYS A 176 1.84 13.52 1.98
CA CYS A 176 2.70 13.63 0.80
C CYS A 176 1.98 14.27 -0.38
N LEU A 177 0.65 14.10 -0.48
CA LEU A 177 -0.11 14.66 -1.59
C LEU A 177 -0.69 16.01 -1.24
N LYS A 178 -1.54 16.07 -0.21
CA LYS A 178 -2.15 17.32 0.21
C LYS A 178 -1.09 18.32 0.64
N ASN A 179 -0.06 17.80 1.33
CA ASN A 179 1.06 18.60 1.84
C ASN A 179 0.60 19.99 2.34
N SER A 180 -0.32 20.00 3.29
CA SER A 180 -0.84 21.24 3.85
C SER A 180 -0.91 21.16 5.38
N THR A 181 -1.36 22.24 6.00
CA THR A 181 -1.48 22.30 7.45
C THR A 181 -2.84 22.84 7.86
N GLY A 2 -7.03 40.19 -5.63
CA GLY A 2 -6.81 38.99 -6.43
C GLY A 2 -6.13 37.88 -5.65
N LEU A 3 -5.23 38.26 -4.76
CA LEU A 3 -4.52 37.29 -3.94
C LEU A 3 -5.46 36.64 -2.92
N PHE A 4 -6.22 37.47 -2.22
CA PHE A 4 -7.15 36.98 -1.22
C PHE A 4 -8.31 36.21 -1.86
N ALA A 5 -8.90 36.78 -2.91
CA ALA A 5 -10.01 36.14 -3.61
C ALA A 5 -9.65 34.70 -4.03
N SER A 6 -8.59 34.57 -4.81
CA SER A 6 -8.14 33.27 -5.29
C SER A 6 -7.92 32.29 -4.15
N LYS A 7 -7.34 32.79 -3.06
CA LYS A 7 -7.07 31.93 -1.90
C LYS A 7 -8.37 31.43 -1.29
N LEU A 8 -9.30 32.34 -1.02
CA LEU A 8 -10.60 31.99 -0.43
C LEU A 8 -11.30 30.92 -1.26
N PHE A 9 -11.04 30.92 -2.57
CA PHE A 9 -11.64 29.94 -3.46
C PHE A 9 -10.95 28.59 -3.33
N SER A 10 -9.65 28.63 -3.06
CA SER A 10 -8.85 27.42 -2.90
C SER A 10 -9.43 26.51 -1.82
N ASN A 11 -10.01 27.12 -0.79
CA ASN A 11 -10.61 26.36 0.31
C ASN A 11 -11.74 25.47 -0.20
N LEU A 12 -12.39 25.90 -1.27
CA LEU A 12 -13.50 25.13 -1.85
C LEU A 12 -12.97 24.04 -2.78
N PHE A 13 -11.78 24.23 -3.33
CA PHE A 13 -11.19 23.24 -4.22
C PHE A 13 -9.96 22.61 -3.58
N GLY A 14 -9.94 22.56 -2.25
CA GLY A 14 -8.81 21.97 -1.55
C GLY A 14 -9.15 20.60 -1.00
N ASN A 15 -10.43 20.39 -0.68
CA ASN A 15 -10.87 19.11 -0.16
C ASN A 15 -10.99 18.07 -1.27
N LYS A 16 -10.00 17.20 -1.37
CA LYS A 16 -9.99 16.17 -2.39
C LYS A 16 -9.63 14.80 -1.81
N GLU A 17 -10.10 13.75 -2.47
CA GLU A 17 -9.85 12.38 -2.04
C GLU A 17 -8.53 11.88 -2.59
N MET A 18 -8.05 10.75 -2.06
CA MET A 18 -6.79 10.15 -2.50
C MET A 18 -7.01 8.70 -2.92
N ARG A 19 -6.31 8.28 -3.96
CA ARG A 19 -6.43 6.91 -4.46
C ARG A 19 -5.22 6.08 -4.05
N ILE A 20 -5.48 4.92 -3.46
CA ILE A 20 -4.42 4.04 -3.01
C ILE A 20 -4.67 2.60 -3.49
N LEU A 21 -3.58 1.92 -3.86
CA LEU A 21 -3.66 0.54 -4.32
C LEU A 21 -2.83 -0.34 -3.40
N MET A 22 -3.31 -1.55 -3.13
CA MET A 22 -2.60 -2.49 -2.27
C MET A 22 -2.30 -3.78 -3.02
N VAL A 23 -1.03 -4.15 -3.11
CA VAL A 23 -0.63 -5.35 -3.82
C VAL A 23 0.51 -6.08 -3.11
N GLY A 24 0.64 -7.37 -3.40
CA GLY A 24 1.69 -8.16 -2.78
C GLY A 24 1.72 -9.61 -3.24
N LEU A 25 2.61 -10.38 -2.62
CA LEU A 25 2.77 -11.80 -2.96
C LEU A 25 1.44 -12.55 -2.81
N ASP A 26 1.52 -13.89 -2.81
CA ASP A 26 0.33 -14.73 -2.70
C ASP A 26 -0.09 -14.98 -1.23
N GLY A 27 0.30 -14.08 -0.33
CA GLY A 27 -0.04 -14.25 1.08
C GLY A 27 0.55 -13.19 2.00
N ALA A 28 0.83 -12.00 1.44
CA ALA A 28 1.42 -10.92 2.23
C ALA A 28 0.47 -10.45 3.32
N GLY A 29 -0.76 -10.19 2.95
CA GLY A 29 -1.75 -9.74 3.91
C GLY A 29 -2.42 -8.45 3.49
N LYS A 30 -2.77 -8.36 2.21
CA LYS A 30 -3.43 -7.17 1.69
C LYS A 30 -4.88 -7.12 2.16
N THR A 31 -5.52 -8.29 2.21
CA THR A 31 -6.91 -8.39 2.63
C THR A 31 -7.07 -8.14 4.13
N THR A 32 -6.25 -8.84 4.93
CA THR A 32 -6.31 -8.71 6.38
C THR A 32 -6.12 -7.26 6.83
N VAL A 33 -5.15 -6.57 6.25
CA VAL A 33 -4.87 -5.18 6.61
C VAL A 33 -6.00 -4.25 6.19
N LEU A 34 -6.41 -4.37 4.93
CA LEU A 34 -7.48 -3.53 4.37
C LEU A 34 -8.72 -3.54 5.25
N TYR A 35 -9.02 -4.69 5.84
CA TYR A 35 -10.18 -4.84 6.69
C TYR A 35 -9.95 -4.22 8.06
N LYS A 36 -8.72 -4.26 8.54
CA LYS A 36 -8.39 -3.71 9.85
C LYS A 36 -8.48 -2.20 9.86
N LEU A 37 -7.89 -1.56 8.87
CA LEU A 37 -7.92 -0.10 8.78
C LEU A 37 -9.30 0.39 8.34
N LYS A 38 -10.02 -0.45 7.60
CA LYS A 38 -11.34 -0.07 7.10
C LYS A 38 -12.44 -0.43 8.10
N LEU A 39 -12.30 -1.57 8.75
CA LEU A 39 -13.32 -2.03 9.70
C LEU A 39 -12.87 -1.86 11.16
N GLY A 40 -11.58 -1.64 11.37
CA GLY A 40 -11.08 -1.46 12.73
C GLY A 40 -10.94 -2.75 13.53
N GLU A 41 -11.29 -3.88 12.92
CA GLU A 41 -11.20 -5.16 13.61
C GLU A 41 -10.59 -6.24 12.72
N VAL A 42 -9.77 -7.10 13.30
CA VAL A 42 -9.15 -8.19 12.55
C VAL A 42 -10.14 -9.33 12.35
N ILE A 43 -10.32 -9.74 11.11
CA ILE A 43 -11.24 -10.82 10.78
C ILE A 43 -10.52 -12.00 10.13
N THR A 44 -11.24 -13.09 9.95
CA THR A 44 -10.68 -14.29 9.33
C THR A 44 -10.50 -14.06 7.83
N THR A 45 -9.25 -14.17 7.38
CA THR A 45 -8.94 -13.96 5.97
C THR A 45 -8.82 -15.28 5.23
N ILE A 46 -9.03 -15.24 3.92
CA ILE A 46 -8.95 -16.44 3.10
C ILE A 46 -8.50 -16.08 1.68
N PRO A 47 -8.13 -17.09 0.85
CA PRO A 47 -7.69 -16.83 -0.53
C PRO A 47 -8.75 -16.08 -1.34
N THR A 48 -8.48 -14.81 -1.63
CA THR A 48 -9.43 -13.99 -2.38
C THR A 48 -8.86 -13.57 -3.73
N ILE A 49 -9.18 -14.32 -4.77
CA ILE A 49 -8.71 -13.99 -6.11
C ILE A 49 -9.35 -12.70 -6.60
N GLY A 50 -8.72 -12.07 -7.59
CA GLY A 50 -9.24 -10.83 -8.12
C GLY A 50 -8.81 -9.65 -7.28
N PHE A 51 -9.72 -8.71 -7.07
CA PHE A 51 -9.41 -7.52 -6.27
C PHE A 51 -10.55 -7.18 -5.32
N ASN A 52 -10.23 -6.39 -4.30
CA ASN A 52 -11.22 -5.97 -3.32
C ASN A 52 -11.03 -4.50 -2.96
N VAL A 53 -12.02 -3.67 -3.34
CA VAL A 53 -11.94 -2.25 -3.07
C VAL A 53 -12.43 -1.94 -1.66
N GLU A 54 -11.92 -0.87 -1.07
CA GLU A 54 -12.32 -0.46 0.27
C GLU A 54 -12.41 1.05 0.39
N CYS A 55 -13.61 1.53 0.68
CA CYS A 55 -13.85 2.96 0.84
C CYS A 55 -13.61 3.38 2.27
N VAL A 56 -12.54 4.14 2.50
CA VAL A 56 -12.21 4.62 3.84
C VAL A 56 -12.14 6.14 3.88
N GLN A 57 -12.72 6.73 4.91
CA GLN A 57 -12.70 8.17 5.08
C GLN A 57 -11.84 8.54 6.29
N TYR A 58 -10.99 9.54 6.11
CA TYR A 58 -10.12 9.98 7.19
C TYR A 58 -9.62 11.40 6.95
N CYS A 59 -9.58 12.20 8.00
CA CYS A 59 -9.14 13.59 7.92
C CYS A 59 -9.99 14.39 6.93
N ASN A 60 -11.30 14.12 6.93
CA ASN A 60 -12.25 14.82 6.04
C ASN A 60 -12.15 14.35 4.59
N ILE A 61 -11.27 13.38 4.32
CA ILE A 61 -11.10 12.90 2.95
C ILE A 61 -11.45 11.42 2.82
N SER A 62 -11.48 10.94 1.58
CA SER A 62 -11.83 9.56 1.29
C SER A 62 -10.68 8.82 0.61
N PHE A 63 -9.96 8.03 1.38
CA PHE A 63 -8.86 7.26 0.85
C PHE A 63 -9.37 5.95 0.26
N THR A 64 -9.08 5.71 -1.01
CA THR A 64 -9.50 4.49 -1.67
C THR A 64 -8.37 3.47 -1.62
N VAL A 65 -8.66 2.27 -1.13
CA VAL A 65 -7.64 1.24 -1.03
C VAL A 65 -8.13 -0.09 -1.60
N TRP A 66 -7.59 -0.44 -2.76
CA TRP A 66 -7.93 -1.70 -3.43
C TRP A 66 -6.89 -2.74 -3.07
N ASP A 67 -7.32 -3.92 -2.63
CA ASP A 67 -6.37 -4.97 -2.25
C ASP A 67 -6.56 -6.23 -3.06
N VAL A 68 -5.62 -6.51 -3.95
CA VAL A 68 -5.66 -7.71 -4.78
C VAL A 68 -5.10 -8.88 -3.99
N GLY A 69 -5.72 -10.04 -4.12
CA GLY A 69 -5.28 -11.22 -3.39
C GLY A 69 -4.05 -11.89 -3.97
N GLY A 70 -4.25 -12.66 -5.03
CA GLY A 70 -3.16 -13.36 -5.66
C GLY A 70 -2.00 -12.45 -6.03
N GLN A 71 -1.04 -12.99 -6.78
CA GLN A 71 0.12 -12.23 -7.20
C GLN A 71 0.36 -12.36 -8.70
N ASP A 72 0.99 -13.47 -9.12
CA ASP A 72 1.28 -13.71 -10.52
C ASP A 72 0.00 -13.77 -11.36
N ARG A 73 -0.91 -14.67 -10.99
CA ARG A 73 -2.17 -14.84 -11.71
C ARG A 73 -2.95 -13.53 -11.86
N ILE A 74 -2.67 -12.57 -10.99
CA ILE A 74 -3.37 -11.29 -11.03
C ILE A 74 -2.42 -10.13 -11.35
N ARG A 75 -1.14 -10.42 -11.53
CA ARG A 75 -0.15 -9.39 -11.83
C ARG A 75 -0.54 -8.61 -13.08
N SER A 76 -1.02 -9.32 -14.10
CA SER A 76 -1.42 -8.69 -15.35
C SER A 76 -2.69 -7.85 -15.17
N LEU A 77 -3.52 -8.25 -14.21
CA LEU A 77 -4.77 -7.53 -13.95
C LEU A 77 -4.53 -6.25 -13.14
N TRP A 78 -3.38 -6.15 -12.49
CA TRP A 78 -3.06 -4.98 -11.69
C TRP A 78 -2.92 -3.72 -12.54
N ARG A 79 -2.61 -3.90 -13.82
CA ARG A 79 -2.47 -2.78 -14.74
C ARG A 79 -3.61 -2.76 -15.75
N HIS A 80 -4.77 -3.24 -15.33
CA HIS A 80 -5.94 -3.28 -16.19
C HIS A 80 -7.03 -2.32 -15.72
N TYR A 81 -7.01 -1.96 -14.43
CA TYR A 81 -8.00 -1.04 -13.88
C TYR A 81 -7.47 -0.22 -12.71
N TYR A 82 -6.15 -0.12 -12.61
CA TYR A 82 -5.53 0.66 -11.53
C TYR A 82 -4.75 1.85 -12.10
N CYS A 83 -5.35 2.51 -13.09
CA CYS A 83 -4.70 3.66 -13.72
C CYS A 83 -5.16 4.98 -13.10
N ASN A 84 -5.52 4.94 -11.82
CA ASN A 84 -5.97 6.14 -11.12
C ASN A 84 -5.55 6.14 -9.65
N THR A 85 -4.58 5.29 -9.29
CA THR A 85 -4.10 5.20 -7.92
C THR A 85 -3.01 6.25 -7.68
N GLU A 86 -3.14 7.01 -6.60
CA GLU A 86 -2.17 8.04 -6.29
C GLU A 86 -0.98 7.46 -5.53
N GLY A 87 -1.22 6.41 -4.75
CA GLY A 87 -0.15 5.75 -4.01
C GLY A 87 -0.38 4.26 -3.94
N VAL A 88 0.65 3.51 -3.58
CA VAL A 88 0.52 2.05 -3.47
C VAL A 88 0.99 1.55 -2.12
N ILE A 89 0.44 0.41 -1.70
CA ILE A 89 0.79 -0.20 -0.43
C ILE A 89 1.24 -1.65 -0.65
N PHE A 90 2.55 -1.86 -0.61
CA PHE A 90 3.11 -3.19 -0.80
C PHE A 90 3.30 -3.91 0.53
N VAL A 91 2.68 -5.07 0.66
CA VAL A 91 2.77 -5.87 1.87
C VAL A 91 3.88 -6.90 1.76
N VAL A 92 4.81 -6.85 2.72
CA VAL A 92 5.93 -7.79 2.73
C VAL A 92 6.08 -8.46 4.09
N ASP A 93 5.90 -9.79 4.11
CA ASP A 93 6.04 -10.53 5.35
C ASP A 93 7.46 -10.40 5.90
N SER A 94 7.57 -9.95 7.15
CA SER A 94 8.87 -9.77 7.77
C SER A 94 9.41 -11.07 8.33
N ASN A 95 8.53 -11.88 8.92
CA ASN A 95 8.93 -13.16 9.50
C ASN A 95 9.13 -14.25 8.44
N ASP A 96 8.93 -13.92 7.17
CA ASP A 96 9.11 -14.90 6.09
C ASP A 96 10.31 -14.55 5.22
N ARG A 97 11.50 -14.86 5.71
CA ARG A 97 12.74 -14.57 5.01
C ARG A 97 12.87 -15.43 3.75
N SER A 98 12.24 -16.60 3.78
CA SER A 98 12.31 -17.50 2.63
C SER A 98 11.86 -16.82 1.34
N ARG A 99 10.74 -16.10 1.41
CA ARG A 99 10.20 -15.43 0.23
C ARG A 99 10.64 -13.96 0.13
N ILE A 100 11.41 -13.47 1.11
CA ILE A 100 11.86 -12.08 1.12
C ILE A 100 12.36 -11.58 -0.24
N GLY A 101 12.82 -12.48 -1.10
CA GLY A 101 13.28 -12.08 -2.41
C GLY A 101 12.15 -11.95 -3.39
N GLU A 102 11.13 -12.78 -3.21
CA GLU A 102 9.96 -12.74 -4.08
C GLU A 102 9.28 -11.39 -3.97
N ALA A 103 9.02 -10.96 -2.73
CA ALA A 103 8.40 -9.67 -2.48
C ALA A 103 9.20 -8.54 -3.10
N ARG A 104 10.51 -8.57 -2.86
CA ARG A 104 11.40 -7.54 -3.40
C ARG A 104 11.38 -7.55 -4.93
N GLU A 105 11.49 -8.75 -5.52
CA GLU A 105 11.50 -8.87 -6.98
C GLU A 105 10.16 -8.51 -7.60
N VAL A 106 9.06 -8.86 -6.93
CA VAL A 106 7.73 -8.54 -7.44
C VAL A 106 7.53 -7.03 -7.48
N MET A 107 8.10 -6.34 -6.49
CA MET A 107 7.99 -4.89 -6.43
C MET A 107 8.66 -4.26 -7.63
N GLN A 108 9.86 -4.75 -7.96
CA GLN A 108 10.64 -4.24 -9.09
C GLN A 108 9.83 -4.26 -10.38
N ARG A 109 9.07 -5.34 -10.59
CA ARG A 109 8.25 -5.47 -11.78
C ARG A 109 7.19 -4.37 -11.81
N MET A 110 6.62 -4.09 -10.63
CA MET A 110 5.61 -3.05 -10.51
C MET A 110 6.24 -1.68 -10.70
N LEU A 111 7.39 -1.49 -10.09
CA LEU A 111 8.12 -0.22 -10.17
C LEU A 111 8.77 -0.02 -11.54
N ASN A 112 8.97 -1.11 -12.28
CA ASN A 112 9.58 -1.03 -13.60
C ASN A 112 8.54 -0.85 -14.70
N GLU A 113 7.26 -0.89 -14.36
CA GLU A 113 6.20 -0.76 -15.35
C GLU A 113 5.87 0.70 -15.63
N ASP A 114 5.77 1.03 -16.91
CA ASP A 114 5.45 2.39 -17.34
C ASP A 114 4.03 2.76 -16.91
N GLU A 115 3.17 1.75 -16.88
CA GLU A 115 1.78 1.94 -16.47
C GLU A 115 1.66 2.27 -14.97
N LEU A 116 2.73 2.00 -14.22
CA LEU A 116 2.72 2.27 -12.79
C LEU A 116 3.89 3.14 -12.35
N CYS A 117 4.51 3.84 -13.31
CA CYS A 117 5.64 4.72 -13.00
C CYS A 117 5.17 6.03 -12.37
N ASN A 118 3.85 6.21 -12.24
CA ASN A 118 3.31 7.42 -11.64
C ASN A 118 2.66 7.13 -10.27
N ALA A 119 2.57 5.86 -9.90
CA ALA A 119 1.99 5.48 -8.62
C ALA A 119 3.05 5.41 -7.53
N ALA A 120 2.65 5.76 -6.31
CA ALA A 120 3.58 5.75 -5.18
C ALA A 120 3.80 4.35 -4.63
N TRP A 121 4.71 4.24 -3.66
CA TRP A 121 5.02 2.95 -3.07
C TRP A 121 5.14 3.03 -1.55
N LEU A 122 4.31 2.25 -0.86
CA LEU A 122 4.32 2.22 0.60
C LEU A 122 4.48 0.78 1.07
N VAL A 123 5.61 0.46 1.67
CA VAL A 123 5.87 -0.89 2.14
C VAL A 123 5.61 -1.01 3.64
N PHE A 124 4.98 -2.11 4.03
CA PHE A 124 4.68 -2.35 5.44
C PHE A 124 5.01 -3.80 5.81
N ALA A 125 6.07 -3.97 6.60
CA ALA A 125 6.48 -5.30 7.03
C ALA A 125 5.37 -5.97 7.83
N ASN A 126 4.69 -6.93 7.20
CA ASN A 126 3.60 -7.64 7.84
C ASN A 126 4.11 -8.69 8.81
N LYS A 127 3.22 -9.20 9.65
CA LYS A 127 3.57 -10.22 10.63
C LYS A 127 4.60 -9.71 11.64
N GLN A 128 4.69 -8.39 11.79
CA GLN A 128 5.65 -7.83 12.73
C GLN A 128 5.34 -8.27 14.16
N ASP A 129 4.07 -8.59 14.41
CA ASP A 129 3.65 -9.03 15.74
C ASP A 129 4.27 -10.37 16.12
N LEU A 130 4.74 -11.12 15.13
CA LEU A 130 5.37 -12.42 15.39
C LEU A 130 6.67 -12.25 16.17
N PRO A 131 6.90 -13.06 17.24
CA PRO A 131 8.11 -12.96 18.05
C PRO A 131 9.39 -12.95 17.20
N GLU A 132 9.31 -13.55 16.02
CA GLU A 132 10.45 -13.61 15.12
C GLU A 132 10.32 -12.60 13.98
N ALA A 133 9.61 -11.51 14.24
CA ALA A 133 9.41 -10.48 13.23
C ALA A 133 10.71 -9.76 12.93
N MET A 134 11.01 -9.59 11.64
CA MET A 134 12.23 -8.93 11.21
C MET A 134 12.23 -7.45 11.59
N SER A 135 13.40 -6.95 11.97
CA SER A 135 13.53 -5.54 12.35
C SER A 135 13.49 -4.65 11.11
N ALA A 136 13.22 -3.37 11.31
CA ALA A 136 13.15 -2.42 10.20
C ALA A 136 14.51 -2.23 9.55
N ALA A 137 15.56 -2.35 10.35
CA ALA A 137 16.92 -2.18 9.84
C ALA A 137 17.31 -3.31 8.90
N GLU A 138 16.84 -4.52 9.17
CA GLU A 138 17.16 -5.68 8.33
C GLU A 138 16.38 -5.65 7.03
N ILE A 139 15.07 -5.45 7.12
CA ILE A 139 14.21 -5.41 5.95
C ILE A 139 14.65 -4.32 4.99
N THR A 140 15.14 -3.22 5.54
CA THR A 140 15.59 -2.09 4.73
C THR A 140 16.86 -2.43 3.95
N GLU A 141 17.88 -2.92 4.65
CA GLU A 141 19.14 -3.26 4.00
C GLU A 141 18.96 -4.29 2.89
N LYS A 142 18.37 -5.44 3.22
CA LYS A 142 18.17 -6.51 2.26
C LYS A 142 17.39 -6.02 1.04
N LEU A 143 16.45 -5.12 1.24
CA LEU A 143 15.63 -4.59 0.16
C LEU A 143 16.39 -3.52 -0.66
N GLY A 144 17.64 -3.24 -0.28
CA GLY A 144 18.40 -2.23 -1.00
C GLY A 144 17.74 -0.86 -0.93
N LEU A 145 17.04 -0.62 0.17
CA LEU A 145 16.34 0.65 0.36
C LEU A 145 17.29 1.85 0.29
N HIS A 146 18.47 1.71 0.87
CA HIS A 146 19.45 2.80 0.86
C HIS A 146 20.05 2.98 -0.53
N SER A 147 20.13 1.89 -1.28
CA SER A 147 20.71 1.94 -2.63
C SER A 147 19.66 2.38 -3.66
N ILE A 148 18.39 2.44 -3.26
CA ILE A 148 17.34 2.84 -4.19
C ILE A 148 16.83 4.25 -3.88
N ARG A 149 17.15 5.17 -4.79
CA ARG A 149 16.75 6.57 -4.66
C ARG A 149 16.18 7.10 -5.97
N ASN A 150 15.48 6.23 -6.70
CA ASN A 150 14.88 6.61 -7.98
C ASN A 150 13.35 6.51 -7.94
N ARG A 151 12.80 5.97 -6.86
CA ARG A 151 11.35 5.83 -6.73
C ARG A 151 10.92 5.98 -5.26
N PRO A 152 9.86 6.77 -4.98
CA PRO A 152 9.40 6.97 -3.60
C PRO A 152 8.81 5.72 -2.97
N TRP A 153 9.62 5.00 -2.19
CA TRP A 153 9.17 3.80 -1.52
C TRP A 153 9.72 3.71 -0.10
N PHE A 154 8.83 3.51 0.86
CA PHE A 154 9.21 3.43 2.28
C PHE A 154 8.77 2.12 2.92
N ILE A 155 9.46 1.72 3.99
CA ILE A 155 9.11 0.47 4.69
C ILE A 155 8.78 0.74 6.16
N GLN A 156 7.66 0.18 6.61
CA GLN A 156 7.23 0.37 7.99
C GLN A 156 6.85 -0.96 8.66
N ALA A 157 7.24 -1.11 9.91
CA ALA A 157 6.94 -2.33 10.67
C ALA A 157 5.58 -2.19 11.35
N THR A 158 4.62 -3.02 10.94
CA THR A 158 3.28 -2.97 11.51
C THR A 158 2.75 -4.34 11.93
N CYS A 159 1.65 -4.32 12.67
CA CYS A 159 0.99 -5.52 13.15
C CYS A 159 -0.50 -5.43 12.81
N ALA A 160 -0.92 -6.16 11.79
CA ALA A 160 -2.32 -6.16 11.37
C ALA A 160 -3.20 -6.86 12.39
N THR A 161 -2.66 -7.92 13.00
CA THR A 161 -3.44 -8.67 14.00
C THR A 161 -4.01 -7.74 15.06
N SER A 162 -3.26 -6.69 15.39
CA SER A 162 -3.70 -5.72 16.39
C SER A 162 -4.15 -4.42 15.71
N GLY A 163 -3.43 -4.03 14.68
CA GLY A 163 -3.76 -2.82 13.95
C GLY A 163 -2.81 -1.65 14.24
N GLU A 164 -1.77 -1.91 15.04
CA GLU A 164 -0.81 -0.86 15.37
C GLU A 164 0.02 -0.47 14.15
N GLY A 165 0.25 0.84 13.99
CA GLY A 165 1.05 1.33 12.88
C GLY A 165 0.25 1.54 11.60
N LEU A 166 -0.93 0.93 11.51
CA LEU A 166 -1.76 1.05 10.32
C LEU A 166 -2.25 2.48 10.12
N TYR A 167 -2.70 3.10 11.20
CA TYR A 167 -3.19 4.48 11.13
C TYR A 167 -2.09 5.42 10.65
N GLU A 168 -0.89 5.26 11.19
CA GLU A 168 0.23 6.10 10.81
C GLU A 168 0.49 6.04 9.31
N GLY A 169 0.34 4.86 8.72
CA GLY A 169 0.58 4.70 7.30
C GLY A 169 -0.33 5.58 6.47
N LEU A 170 -1.60 5.63 6.83
CA LEU A 170 -2.56 6.45 6.11
C LEU A 170 -2.26 7.94 6.26
N GLU A 171 -1.63 8.29 7.38
CA GLU A 171 -1.28 9.68 7.65
C GLU A 171 -0.05 10.12 6.86
N TRP A 172 0.92 9.22 6.72
CA TRP A 172 2.14 9.52 5.99
C TRP A 172 1.85 9.80 4.52
N LEU A 173 1.08 8.90 3.90
CA LEU A 173 0.73 9.06 2.49
C LEU A 173 -0.02 10.35 2.25
N SER A 174 -1.08 10.58 3.03
CA SER A 174 -1.90 11.79 2.89
C SER A 174 -1.07 13.07 2.91
N ASN A 175 0.03 13.05 3.67
CA ASN A 175 0.89 14.23 3.76
C ASN A 175 1.72 14.42 2.50
N CYS A 176 2.09 13.32 1.86
CA CYS A 176 2.91 13.36 0.66
C CYS A 176 2.20 14.00 -0.52
N LEU A 177 0.87 13.90 -0.59
CA LEU A 177 0.13 14.48 -1.68
C LEU A 177 -0.25 15.92 -1.37
N LYS A 178 -1.00 16.12 -0.28
CA LYS A 178 -1.46 17.45 0.13
C LYS A 178 -1.97 18.24 -1.09
N ASN A 179 -2.50 17.49 -2.06
CA ASN A 179 -3.01 18.13 -3.27
C ASN A 179 -3.72 17.17 -4.24
N SER A 180 -4.11 15.98 -3.81
CA SER A 180 -4.78 15.04 -4.68
C SER A 180 -3.91 14.70 -5.90
N THR A 181 -4.32 13.69 -6.66
CA THR A 181 -3.58 13.26 -7.84
C THR A 181 -4.29 12.11 -8.54
N GLY A 2 -7.61 37.35 -9.96
CA GLY A 2 -8.49 37.20 -8.80
C GLY A 2 -9.48 36.06 -8.97
N LEU A 3 -10.03 35.92 -10.18
CA LEU A 3 -10.99 34.86 -10.46
C LEU A 3 -10.31 33.50 -10.47
N PHE A 4 -9.18 33.41 -11.18
CA PHE A 4 -8.44 32.16 -11.28
C PHE A 4 -7.81 31.78 -9.93
N ALA A 5 -7.20 32.76 -9.27
CA ALA A 5 -6.56 32.52 -7.98
C ALA A 5 -7.53 31.88 -6.98
N SER A 6 -8.64 32.57 -6.71
CA SER A 6 -9.65 32.10 -5.77
C SER A 6 -10.10 30.67 -6.10
N LYS A 7 -10.03 30.32 -7.38
CA LYS A 7 -10.43 28.98 -7.81
C LYS A 7 -9.40 27.95 -7.33
N LEU A 8 -8.13 28.25 -7.61
CA LEU A 8 -7.04 27.37 -7.21
C LEU A 8 -7.04 27.15 -5.70
N PHE A 9 -7.52 28.14 -4.97
CA PHE A 9 -7.59 28.07 -3.51
C PHE A 9 -8.77 27.18 -3.08
N SER A 10 -9.83 27.20 -3.89
CA SER A 10 -11.02 26.42 -3.59
C SER A 10 -10.79 24.93 -3.83
N ASN A 11 -9.97 24.61 -4.82
CA ASN A 11 -9.67 23.22 -5.15
C ASN A 11 -8.87 22.54 -4.03
N LEU A 12 -8.18 23.35 -3.22
CA LEU A 12 -7.38 22.83 -2.12
C LEU A 12 -8.28 22.45 -0.94
N PHE A 13 -9.38 23.16 -0.79
CA PHE A 13 -10.32 22.89 0.31
C PHE A 13 -11.57 22.19 -0.22
N GLY A 14 -11.40 21.39 -1.27
CA GLY A 14 -12.53 20.67 -1.84
C GLY A 14 -12.19 19.24 -2.16
N ASN A 15 -11.07 19.03 -2.85
CA ASN A 15 -10.63 17.69 -3.22
C ASN A 15 -9.91 17.01 -2.05
N LYS A 16 -10.64 16.15 -1.34
CA LYS A 16 -10.06 15.44 -0.20
C LYS A 16 -10.20 13.92 -0.38
N GLU A 17 -9.79 13.44 -1.54
CA GLU A 17 -9.86 12.01 -1.85
C GLU A 17 -8.59 11.53 -2.52
N MET A 18 -8.07 10.39 -2.05
CA MET A 18 -6.86 9.81 -2.62
C MET A 18 -7.09 8.37 -3.06
N ARG A 19 -6.42 7.97 -4.15
CA ARG A 19 -6.57 6.62 -4.67
C ARG A 19 -5.35 5.77 -4.30
N ILE A 20 -5.61 4.62 -3.71
CA ILE A 20 -4.54 3.72 -3.29
C ILE A 20 -4.80 2.29 -3.76
N LEU A 21 -3.72 1.52 -3.87
CA LEU A 21 -3.78 0.13 -4.30
C LEU A 21 -2.95 -0.76 -3.38
N MET A 22 -3.44 -1.96 -3.10
CA MET A 22 -2.73 -2.91 -2.24
C MET A 22 -2.21 -4.07 -3.06
N VAL A 23 -0.88 -4.20 -3.16
CA VAL A 23 -0.28 -5.27 -3.93
C VAL A 23 0.68 -6.11 -3.07
N GLY A 24 0.62 -7.42 -3.23
CA GLY A 24 1.48 -8.29 -2.46
C GLY A 24 1.51 -9.72 -2.97
N LEU A 25 2.41 -10.51 -2.38
CA LEU A 25 2.59 -11.91 -2.75
C LEU A 25 1.26 -12.70 -2.63
N ASP A 26 1.36 -14.02 -2.63
CA ASP A 26 0.17 -14.87 -2.54
C ASP A 26 -0.32 -15.09 -1.10
N GLY A 27 0.01 -14.18 -0.19
CA GLY A 27 -0.42 -14.33 1.19
C GLY A 27 0.15 -13.26 2.13
N ALA A 28 0.37 -12.06 1.58
CA ALA A 28 0.94 -10.96 2.36
C ALA A 28 0.00 -10.52 3.47
N GLY A 29 -1.25 -10.26 3.10
CA GLY A 29 -2.24 -9.83 4.07
C GLY A 29 -2.92 -8.52 3.68
N LYS A 30 -3.14 -8.34 2.39
CA LYS A 30 -3.80 -7.13 1.91
C LYS A 30 -5.25 -7.09 2.39
N THR A 31 -5.89 -8.26 2.39
CA THR A 31 -7.29 -8.34 2.82
C THR A 31 -7.40 -8.12 4.33
N THR A 32 -6.45 -8.66 5.08
CA THR A 32 -6.46 -8.53 6.55
C THR A 32 -6.21 -7.09 6.99
N VAL A 33 -5.26 -6.43 6.35
CA VAL A 33 -4.92 -5.05 6.69
C VAL A 33 -6.04 -4.07 6.35
N LEU A 34 -6.52 -4.14 5.11
CA LEU A 34 -7.58 -3.26 4.64
C LEU A 34 -8.82 -3.32 5.54
N TYR A 35 -9.10 -4.50 6.07
CA TYR A 35 -10.26 -4.69 6.92
C TYR A 35 -10.04 -4.14 8.33
N LYS A 36 -8.80 -4.20 8.80
CA LYS A 36 -8.49 -3.71 10.15
C LYS A 36 -8.59 -2.19 10.22
N LEU A 37 -7.98 -1.50 9.26
CA LEU A 37 -8.02 -0.04 9.26
C LEU A 37 -9.37 0.48 8.77
N LYS A 38 -10.04 -0.31 7.92
CA LYS A 38 -11.34 0.09 7.40
C LYS A 38 -12.48 -0.33 8.33
N LEU A 39 -12.37 -1.53 8.90
CA LEU A 39 -13.41 -2.05 9.79
C LEU A 39 -13.02 -1.92 11.26
N GLY A 40 -11.74 -1.67 11.53
CA GLY A 40 -11.29 -1.52 12.91
C GLY A 40 -11.02 -2.84 13.62
N GLU A 41 -11.35 -3.96 12.98
CA GLU A 41 -11.14 -5.27 13.61
C GLU A 41 -10.52 -6.26 12.64
N VAL A 42 -9.64 -7.11 13.16
CA VAL A 42 -8.99 -8.13 12.33
C VAL A 42 -9.94 -9.29 12.11
N ILE A 43 -10.06 -9.70 10.85
CA ILE A 43 -10.95 -10.82 10.50
C ILE A 43 -10.19 -11.96 9.83
N THR A 44 -10.90 -13.05 9.59
CA THR A 44 -10.32 -14.22 8.94
C THR A 44 -10.20 -13.97 7.43
N THR A 45 -8.98 -14.07 6.92
CA THR A 45 -8.74 -13.85 5.50
C THR A 45 -8.69 -15.17 4.75
N ILE A 46 -8.97 -15.10 3.45
CA ILE A 46 -8.96 -16.28 2.60
C ILE A 46 -8.48 -15.93 1.19
N PRO A 47 -8.10 -16.94 0.38
CA PRO A 47 -7.64 -16.69 -0.99
C PRO A 47 -8.67 -15.95 -1.83
N THR A 48 -8.38 -14.69 -2.13
CA THR A 48 -9.30 -13.87 -2.92
C THR A 48 -8.64 -13.34 -4.19
N ILE A 49 -8.87 -14.05 -5.30
CA ILE A 49 -8.32 -13.61 -6.58
C ILE A 49 -9.13 -12.44 -7.13
N GLY A 50 -8.45 -11.46 -7.68
CA GLY A 50 -9.12 -10.28 -8.21
C GLY A 50 -8.77 -9.06 -7.39
N PHE A 51 -9.74 -8.17 -7.18
CA PHE A 51 -9.51 -6.96 -6.41
C PHE A 51 -10.69 -6.66 -5.49
N ASN A 52 -10.42 -5.87 -4.45
CA ASN A 52 -11.46 -5.50 -3.49
C ASN A 52 -11.25 -4.06 -3.03
N VAL A 53 -12.19 -3.18 -3.40
CA VAL A 53 -12.09 -1.77 -3.03
C VAL A 53 -12.60 -1.53 -1.62
N GLU A 54 -12.04 -0.51 -0.97
CA GLU A 54 -12.44 -0.17 0.38
C GLU A 54 -12.50 1.35 0.57
N CYS A 55 -13.68 1.84 0.90
CA CYS A 55 -13.90 3.27 1.11
C CYS A 55 -13.68 3.63 2.57
N VAL A 56 -12.64 4.41 2.85
CA VAL A 56 -12.32 4.83 4.21
C VAL A 56 -12.15 6.34 4.31
N GLN A 57 -12.65 6.91 5.40
CA GLN A 57 -12.54 8.33 5.64
C GLN A 57 -11.64 8.60 6.84
N TYR A 58 -10.71 9.55 6.69
CA TYR A 58 -9.79 9.88 7.76
C TYR A 58 -9.17 11.25 7.51
N CYS A 59 -8.93 11.99 8.59
CA CYS A 59 -8.36 13.34 8.52
C CYS A 59 -9.09 14.22 7.51
N ASN A 60 -10.41 14.03 7.40
CA ASN A 60 -11.25 14.80 6.46
C ASN A 60 -11.14 14.28 5.02
N ILE A 61 -10.26 13.31 4.78
CA ILE A 61 -10.08 12.78 3.43
C ILE A 61 -10.63 11.37 3.32
N SER A 62 -10.89 10.96 2.08
CA SER A 62 -11.44 9.64 1.80
C SER A 62 -10.52 8.87 0.85
N PHE A 63 -9.65 8.05 1.42
CA PHE A 63 -8.73 7.29 0.61
C PHE A 63 -9.37 5.98 0.17
N THR A 64 -9.19 5.65 -1.10
CA THR A 64 -9.72 4.42 -1.66
C THR A 64 -8.60 3.39 -1.73
N VAL A 65 -8.76 2.27 -1.02
CA VAL A 65 -7.73 1.24 -1.01
C VAL A 65 -8.26 -0.07 -1.58
N TRP A 66 -7.79 -0.42 -2.76
CA TRP A 66 -8.19 -1.66 -3.41
C TRP A 66 -7.17 -2.73 -3.10
N ASP A 67 -7.62 -3.91 -2.66
CA ASP A 67 -6.69 -4.98 -2.32
C ASP A 67 -6.78 -6.11 -3.33
N VAL A 68 -5.76 -6.20 -4.18
CA VAL A 68 -5.69 -7.25 -5.18
C VAL A 68 -5.02 -8.48 -4.57
N GLY A 69 -5.63 -9.64 -4.75
CA GLY A 69 -5.08 -10.86 -4.17
C GLY A 69 -4.04 -11.51 -5.05
N GLY A 70 -3.88 -12.83 -4.89
CA GLY A 70 -2.92 -13.59 -5.67
C GLY A 70 -1.58 -12.89 -5.83
N GLN A 71 -0.76 -13.43 -6.73
CA GLN A 71 0.56 -12.87 -6.98
C GLN A 71 0.90 -12.92 -8.48
N ASP A 72 1.52 -14.02 -8.92
CA ASP A 72 1.89 -14.17 -10.33
C ASP A 72 0.67 -14.09 -11.24
N ARG A 73 -0.31 -14.96 -11.01
CA ARG A 73 -1.53 -15.00 -11.81
C ARG A 73 -2.21 -13.62 -11.86
N ILE A 74 -1.97 -12.81 -10.83
CA ILE A 74 -2.55 -11.48 -10.75
C ILE A 74 -1.58 -10.41 -11.26
N ARG A 75 -0.30 -10.78 -11.42
CA ARG A 75 0.72 -9.84 -11.88
C ARG A 75 0.27 -9.07 -13.13
N SER A 76 -0.28 -9.79 -14.10
CA SER A 76 -0.75 -9.16 -15.33
C SER A 76 -2.00 -8.33 -15.07
N LEU A 77 -2.84 -8.82 -14.17
CA LEU A 77 -4.08 -8.11 -13.82
C LEU A 77 -3.79 -6.84 -13.02
N TRP A 78 -2.59 -6.73 -12.47
CA TRP A 78 -2.23 -5.55 -11.68
C TRP A 78 -2.11 -4.30 -12.56
N ARG A 79 -1.57 -4.48 -13.76
CA ARG A 79 -1.41 -3.36 -14.69
C ARG A 79 -2.54 -3.35 -15.72
N HIS A 80 -3.70 -3.90 -15.35
CA HIS A 80 -4.84 -3.96 -16.26
C HIS A 80 -6.03 -3.16 -15.71
N TYR A 81 -6.10 -3.01 -14.39
CA TYR A 81 -7.19 -2.27 -13.77
C TYR A 81 -6.71 -1.36 -12.64
N TYR A 82 -5.41 -1.12 -12.58
CA TYR A 82 -4.83 -0.26 -11.53
C TYR A 82 -5.54 1.09 -11.48
N CYS A 83 -5.92 1.60 -12.64
CA CYS A 83 -6.61 2.89 -12.72
C CYS A 83 -5.77 4.02 -12.12
N ASN A 84 -6.33 5.22 -12.06
CA ASN A 84 -5.62 6.38 -11.53
C ASN A 84 -5.34 6.24 -10.03
N THR A 85 -4.40 5.36 -9.68
CA THR A 85 -4.01 5.16 -8.29
C THR A 85 -2.96 6.19 -7.91
N GLU A 86 -3.14 6.85 -6.78
CA GLU A 86 -2.19 7.86 -6.33
C GLU A 86 -1.05 7.23 -5.54
N GLY A 87 -1.33 6.13 -4.85
CA GLY A 87 -0.31 5.44 -4.08
C GLY A 87 -0.56 3.95 -4.05
N VAL A 88 0.42 3.17 -3.60
CA VAL A 88 0.25 1.73 -3.53
C VAL A 88 0.85 1.16 -2.25
N ILE A 89 0.01 0.56 -1.43
CA ILE A 89 0.46 -0.04 -0.19
C ILE A 89 0.83 -1.49 -0.40
N PHE A 90 2.13 -1.77 -0.44
CA PHE A 90 2.60 -3.13 -0.67
C PHE A 90 2.82 -3.86 0.65
N VAL A 91 2.25 -5.05 0.75
CA VAL A 91 2.35 -5.87 1.96
C VAL A 91 3.50 -6.88 1.83
N VAL A 92 4.50 -6.73 2.67
CA VAL A 92 5.66 -7.62 2.66
C VAL A 92 5.78 -8.34 3.99
N ASP A 93 5.65 -9.67 3.95
CA ASP A 93 5.78 -10.46 5.18
C ASP A 93 7.17 -10.31 5.78
N SER A 94 7.23 -9.99 7.06
CA SER A 94 8.50 -9.80 7.75
C SER A 94 9.03 -11.12 8.32
N ASN A 95 8.12 -11.93 8.87
CA ASN A 95 8.51 -13.21 9.46
C ASN A 95 8.75 -14.30 8.40
N ASP A 96 8.60 -13.95 7.12
CA ASP A 96 8.82 -14.93 6.05
C ASP A 96 10.04 -14.55 5.20
N ARG A 97 11.22 -14.88 5.71
CA ARG A 97 12.46 -14.58 5.01
C ARG A 97 12.61 -15.41 3.76
N SER A 98 11.99 -16.59 3.74
CA SER A 98 12.07 -17.48 2.59
C SER A 98 11.61 -16.78 1.32
N ARG A 99 10.47 -16.10 1.39
CA ARG A 99 9.92 -15.41 0.22
C ARG A 99 10.37 -13.95 0.13
N ILE A 100 11.17 -13.48 1.10
CA ILE A 100 11.64 -12.09 1.12
C ILE A 100 12.10 -11.57 -0.25
N GLY A 101 12.51 -12.47 -1.14
CA GLY A 101 12.94 -12.04 -2.46
C GLY A 101 11.78 -11.89 -3.41
N GLU A 102 10.76 -12.72 -3.20
CA GLU A 102 9.57 -12.67 -4.04
C GLU A 102 8.88 -11.32 -3.92
N ALA A 103 8.86 -10.78 -2.70
CA ALA A 103 8.24 -9.48 -2.44
C ALA A 103 9.12 -8.36 -2.97
N ARG A 104 10.43 -8.50 -2.82
CA ARG A 104 11.37 -7.49 -3.29
C ARG A 104 11.41 -7.44 -4.82
N GLU A 105 11.57 -8.61 -5.45
CA GLU A 105 11.65 -8.69 -6.91
C GLU A 105 10.32 -8.37 -7.58
N VAL A 106 9.21 -8.81 -6.99
CA VAL A 106 7.90 -8.55 -7.56
C VAL A 106 7.61 -7.05 -7.59
N MET A 107 8.09 -6.35 -6.57
CA MET A 107 7.91 -4.91 -6.47
C MET A 107 8.64 -4.21 -7.61
N GLN A 108 9.85 -4.66 -7.89
CA GLN A 108 10.68 -4.08 -8.96
C GLN A 108 9.93 -4.10 -10.29
N ARG A 109 9.24 -5.20 -10.58
CA ARG A 109 8.48 -5.33 -11.81
C ARG A 109 7.39 -4.25 -11.87
N MET A 110 6.75 -4.04 -10.73
CA MET A 110 5.72 -3.02 -10.62
C MET A 110 6.31 -1.62 -10.75
N LEU A 111 7.42 -1.42 -10.06
CA LEU A 111 8.11 -0.14 -10.07
C LEU A 111 8.83 0.12 -11.40
N ASN A 112 9.09 -0.94 -12.15
CA ASN A 112 9.78 -0.80 -13.43
C ASN A 112 8.81 -0.58 -14.59
N GLU A 113 7.49 -0.67 -14.32
CA GLU A 113 6.50 -0.50 -15.37
C GLU A 113 6.19 0.97 -15.63
N ASP A 114 6.12 1.33 -16.90
CA ASP A 114 5.82 2.70 -17.31
C ASP A 114 4.40 3.08 -16.90
N GLU A 115 3.53 2.08 -16.90
CA GLU A 115 2.13 2.28 -16.53
C GLU A 115 1.98 2.53 -15.02
N LEU A 116 3.04 2.26 -14.26
CA LEU A 116 2.99 2.45 -12.82
C LEU A 116 4.12 3.38 -12.34
N CYS A 117 4.71 4.14 -13.25
CA CYS A 117 5.77 5.07 -12.90
C CYS A 117 5.22 6.32 -12.21
N ASN A 118 3.89 6.43 -12.09
CA ASN A 118 3.27 7.57 -11.44
C ASN A 118 2.59 7.16 -10.13
N ALA A 119 2.55 5.86 -9.84
CA ALA A 119 1.93 5.37 -8.61
C ALA A 119 2.96 5.21 -7.51
N ALA A 120 2.53 5.45 -6.28
CA ALA A 120 3.43 5.37 -5.13
C ALA A 120 3.56 3.94 -4.63
N TRP A 121 4.50 3.73 -3.71
CA TRP A 121 4.74 2.40 -3.16
C TRP A 121 5.10 2.43 -1.68
N LEU A 122 4.09 2.27 -0.83
CA LEU A 122 4.31 2.25 0.61
C LEU A 122 4.36 0.80 1.08
N VAL A 123 5.51 0.37 1.57
CA VAL A 123 5.66 -1.02 2.04
C VAL A 123 5.52 -1.08 3.56
N PHE A 124 4.89 -2.15 4.03
CA PHE A 124 4.68 -2.36 5.46
C PHE A 124 5.03 -3.79 5.85
N ALA A 125 6.10 -3.95 6.62
CA ALA A 125 6.50 -5.28 7.06
C ALA A 125 5.40 -5.95 7.86
N ASN A 126 4.71 -6.89 7.24
CA ASN A 126 3.62 -7.61 7.89
C ASN A 126 4.15 -8.66 8.86
N LYS A 127 3.27 -9.14 9.74
CA LYS A 127 3.63 -10.15 10.72
C LYS A 127 4.68 -9.63 11.70
N GLN A 128 4.78 -8.31 11.84
CA GLN A 128 5.75 -7.74 12.77
C GLN A 128 5.45 -8.18 14.21
N ASP A 129 4.18 -8.46 14.48
CA ASP A 129 3.76 -8.88 15.81
C ASP A 129 4.33 -10.24 16.19
N LEU A 130 4.74 -11.02 15.18
CA LEU A 130 5.30 -12.35 15.43
C LEU A 130 6.62 -12.26 16.21
N PRO A 131 6.82 -13.13 17.23
CA PRO A 131 8.04 -13.12 18.04
C PRO A 131 9.30 -13.10 17.19
N GLU A 132 9.22 -13.72 16.02
CA GLU A 132 10.37 -13.79 15.11
C GLU A 132 10.23 -12.78 13.97
N ALA A 133 9.50 -11.69 14.22
CA ALA A 133 9.29 -10.67 13.21
C ALA A 133 10.60 -9.97 12.85
N MET A 134 10.86 -9.84 11.56
CA MET A 134 12.07 -9.20 11.08
C MET A 134 12.11 -7.72 11.45
N SER A 135 13.30 -7.24 11.77
CA SER A 135 13.47 -5.84 12.14
C SER A 135 13.40 -4.96 10.90
N ALA A 136 13.18 -3.66 11.08
CA ALA A 136 13.08 -2.73 9.97
C ALA A 136 14.41 -2.61 9.25
N ALA A 137 15.49 -2.62 10.03
CA ALA A 137 16.83 -2.50 9.47
C ALA A 137 17.14 -3.63 8.50
N GLU A 138 16.65 -4.84 8.80
CA GLU A 138 16.93 -5.98 7.94
C GLU A 138 16.08 -5.95 6.67
N ILE A 139 14.77 -5.74 6.83
CA ILE A 139 13.88 -5.69 5.69
C ILE A 139 14.23 -4.53 4.77
N THR A 140 14.70 -3.43 5.37
CA THR A 140 15.09 -2.26 4.60
C THR A 140 16.35 -2.53 3.78
N GLU A 141 17.39 -3.02 4.46
CA GLU A 141 18.65 -3.31 3.78
C GLU A 141 18.47 -4.30 2.63
N LYS A 142 17.89 -5.46 2.94
CA LYS A 142 17.67 -6.50 1.94
C LYS A 142 16.88 -5.99 0.74
N LEU A 143 15.97 -5.05 0.99
CA LEU A 143 15.15 -4.50 -0.08
C LEU A 143 15.89 -3.39 -0.85
N GLY A 144 17.14 -3.11 -0.47
CA GLY A 144 17.90 -2.07 -1.14
C GLY A 144 17.25 -0.71 -1.03
N LEU A 145 16.58 -0.47 0.10
CA LEU A 145 15.90 0.78 0.34
C LEU A 145 16.84 1.97 0.27
N HIS A 146 18.04 1.84 0.84
CA HIS A 146 19.02 2.93 0.84
C HIS A 146 19.60 3.14 -0.56
N SER A 147 19.64 2.08 -1.35
CA SER A 147 20.18 2.16 -2.70
C SER A 147 19.13 2.64 -3.71
N ILE A 148 17.86 2.68 -3.29
CA ILE A 148 16.80 3.12 -4.19
C ILE A 148 16.32 4.54 -3.84
N ARG A 149 16.65 5.47 -4.73
CA ARG A 149 16.28 6.87 -4.56
C ARG A 149 15.72 7.45 -5.85
N ASN A 150 15.09 6.60 -6.66
CA ASN A 150 14.51 7.02 -7.93
C ASN A 150 12.98 6.85 -7.94
N ARG A 151 12.44 6.23 -6.90
CA ARG A 151 10.99 6.03 -6.82
C ARG A 151 10.49 6.26 -5.38
N PRO A 152 9.39 7.01 -5.20
CA PRO A 152 8.86 7.31 -3.86
C PRO A 152 8.29 6.07 -3.16
N TRP A 153 9.09 5.46 -2.29
CA TRP A 153 8.64 4.29 -1.54
C TRP A 153 9.24 4.29 -0.13
N PHE A 154 8.45 3.85 0.83
CA PHE A 154 8.87 3.81 2.24
C PHE A 154 8.51 2.47 2.90
N ILE A 155 9.26 2.10 3.93
CA ILE A 155 9.00 0.85 4.65
C ILE A 155 8.69 1.11 6.12
N GLN A 156 7.64 0.46 6.60
CA GLN A 156 7.22 0.61 7.98
C GLN A 156 6.90 -0.74 8.63
N ALA A 157 7.34 -0.91 9.88
CA ALA A 157 7.08 -2.15 10.61
C ALA A 157 5.74 -2.05 11.31
N THR A 158 4.77 -2.87 10.90
CA THR A 158 3.44 -2.82 11.50
C THR A 158 2.90 -4.20 11.89
N CYS A 159 1.81 -4.16 12.65
CA CYS A 159 1.13 -5.37 13.10
C CYS A 159 -0.36 -5.26 12.77
N ALA A 160 -0.78 -5.95 11.72
CA ALA A 160 -2.17 -5.92 11.29
C ALA A 160 -3.06 -6.66 12.27
N THR A 161 -2.54 -7.75 12.84
CA THR A 161 -3.31 -8.55 13.80
C THR A 161 -3.90 -7.65 14.89
N SER A 162 -3.16 -6.62 15.25
CA SER A 162 -3.62 -5.68 16.28
C SER A 162 -4.06 -4.35 15.65
N GLY A 163 -3.31 -3.92 14.63
CA GLY A 163 -3.63 -2.69 13.95
C GLY A 163 -2.67 -1.55 14.27
N GLU A 164 -1.64 -1.83 15.06
CA GLU A 164 -0.68 -0.80 15.43
C GLU A 164 0.18 -0.39 14.23
N GLY A 165 0.43 0.92 14.11
CA GLY A 165 1.25 1.43 13.02
C GLY A 165 0.49 1.70 11.74
N LEU A 166 -0.69 1.09 11.60
CA LEU A 166 -1.50 1.28 10.40
C LEU A 166 -1.92 2.74 10.24
N TYR A 167 -2.31 3.37 11.34
CA TYR A 167 -2.75 4.75 11.30
C TYR A 167 -1.62 5.67 10.86
N GLU A 168 -0.42 5.48 11.42
CA GLU A 168 0.73 6.31 11.08
C GLU A 168 1.02 6.29 9.58
N GLY A 169 0.88 5.12 8.96
CA GLY A 169 1.13 5.01 7.53
C GLY A 169 0.22 5.90 6.72
N LEU A 170 -1.05 5.94 7.10
CA LEU A 170 -2.03 6.77 6.42
C LEU A 170 -1.60 8.23 6.38
N GLU A 171 -1.19 8.75 7.55
CA GLU A 171 -0.76 10.13 7.66
C GLU A 171 0.42 10.43 6.74
N TRP A 172 1.28 9.44 6.53
CA TRP A 172 2.45 9.62 5.67
C TRP A 172 2.04 9.77 4.20
N LEU A 173 1.18 8.87 3.74
CA LEU A 173 0.72 8.91 2.35
C LEU A 173 -0.09 10.18 2.08
N SER A 174 -1.11 10.42 2.90
CA SER A 174 -1.96 11.60 2.75
C SER A 174 -1.14 12.89 2.74
N ASN A 175 -0.02 12.89 3.45
CA ASN A 175 0.84 14.07 3.52
C ASN A 175 1.59 14.28 2.23
N CYS A 176 1.90 13.19 1.54
CA CYS A 176 2.66 13.26 0.29
C CYS A 176 1.84 13.89 -0.84
N LEU A 177 0.50 13.75 -0.82
CA LEU A 177 -0.34 14.32 -1.86
C LEU A 177 -0.85 15.70 -1.48
N LYS A 178 -1.64 15.77 -0.40
CA LYS A 178 -2.18 17.04 0.07
C LYS A 178 -1.06 17.99 0.46
N ASN A 179 -0.03 17.44 1.11
CA ASN A 179 1.14 18.20 1.56
C ASN A 179 0.78 19.62 2.02
N SER A 180 -0.03 19.73 3.06
CA SER A 180 -0.45 21.01 3.59
C SER A 180 0.11 21.24 4.99
N THR A 181 0.91 22.30 5.14
CA THR A 181 1.51 22.62 6.42
C THR A 181 2.41 21.48 6.91
N GLY A 2 -12.74 27.13 -21.55
CA GLY A 2 -14.05 26.59 -21.26
C GLY A 2 -14.00 25.31 -20.46
N LEU A 3 -13.70 24.19 -21.12
CA LEU A 3 -13.64 22.89 -20.47
C LEU A 3 -12.62 22.88 -19.34
N PHE A 4 -11.39 23.32 -19.63
CA PHE A 4 -10.32 23.33 -18.62
C PHE A 4 -10.78 23.97 -17.31
N ALA A 5 -11.51 25.07 -17.42
CA ALA A 5 -12.00 25.80 -16.25
C ALA A 5 -12.71 24.90 -15.25
N SER A 6 -13.76 24.23 -15.70
CA SER A 6 -14.54 23.33 -14.84
C SER A 6 -13.71 22.17 -14.33
N LYS A 7 -12.74 21.73 -15.14
CA LYS A 7 -11.88 20.61 -14.75
C LYS A 7 -10.85 21.03 -13.71
N LEU A 8 -10.11 22.09 -14.03
CA LEU A 8 -9.08 22.61 -13.14
C LEU A 8 -9.66 23.25 -11.89
N PHE A 9 -10.87 23.81 -12.03
CA PHE A 9 -11.53 24.47 -10.91
C PHE A 9 -12.13 23.46 -9.94
N SER A 10 -12.59 22.33 -10.48
CA SER A 10 -13.23 21.30 -9.66
C SER A 10 -12.39 20.91 -8.44
N ASN A 11 -11.08 20.76 -8.63
CA ASN A 11 -10.19 20.39 -7.53
C ASN A 11 -10.24 21.42 -6.41
N LEU A 12 -10.37 22.69 -6.79
CA LEU A 12 -10.42 23.78 -5.82
C LEU A 12 -11.75 23.80 -5.05
N PHE A 13 -12.74 23.06 -5.51
CA PHE A 13 -14.05 23.02 -4.85
C PHE A 13 -13.99 22.21 -3.56
N GLY A 14 -12.97 21.36 -3.41
CA GLY A 14 -12.85 20.56 -2.21
C GLY A 14 -12.37 19.15 -2.49
N ASN A 15 -11.24 19.03 -3.18
CA ASN A 15 -10.68 17.72 -3.50
C ASN A 15 -10.07 17.08 -2.26
N LYS A 16 -10.86 16.24 -1.59
CA LYS A 16 -10.39 15.56 -0.38
C LYS A 16 -10.53 14.04 -0.53
N GLU A 17 -10.03 13.51 -1.63
CA GLU A 17 -10.09 12.08 -1.89
C GLU A 17 -8.80 11.57 -2.53
N MET A 18 -8.16 10.61 -1.87
CA MET A 18 -6.92 10.03 -2.38
C MET A 18 -7.15 8.58 -2.79
N ARG A 19 -6.47 8.15 -3.86
CA ARG A 19 -6.62 6.79 -4.35
C ARG A 19 -5.46 5.93 -3.85
N ILE A 20 -5.78 4.77 -3.29
CA ILE A 20 -4.77 3.86 -2.76
C ILE A 20 -4.93 2.45 -3.32
N LEU A 21 -3.81 1.76 -3.48
CA LEU A 21 -3.83 0.39 -3.99
C LEU A 21 -2.94 -0.51 -3.14
N MET A 22 -3.38 -1.75 -2.92
CA MET A 22 -2.62 -2.72 -2.13
C MET A 22 -2.31 -3.94 -2.98
N VAL A 23 -1.01 -4.21 -3.17
CA VAL A 23 -0.59 -5.37 -3.97
C VAL A 23 0.70 -5.99 -3.45
N GLY A 24 1.01 -7.16 -3.97
CA GLY A 24 2.21 -7.88 -3.56
C GLY A 24 2.07 -9.39 -3.65
N LEU A 25 2.35 -10.06 -2.55
CA LEU A 25 2.26 -11.53 -2.50
C LEU A 25 0.89 -11.97 -2.04
N ASP A 26 0.55 -13.23 -2.32
CA ASP A 26 -0.75 -13.78 -1.93
C ASP A 26 -0.76 -14.23 -0.45
N GLY A 27 0.33 -13.98 0.27
CA GLY A 27 0.39 -14.38 1.67
C GLY A 27 0.79 -13.24 2.60
N ALA A 28 0.97 -12.04 2.05
CA ALA A 28 1.37 -10.89 2.87
C ALA A 28 0.29 -10.54 3.89
N GLY A 29 -0.94 -10.37 3.42
CA GLY A 29 -2.03 -10.03 4.32
C GLY A 29 -2.70 -8.71 3.95
N LYS A 30 -2.80 -8.43 2.66
CA LYS A 30 -3.41 -7.20 2.19
C LYS A 30 -4.88 -7.14 2.63
N THR A 31 -5.54 -8.29 2.60
CA THR A 31 -6.94 -8.37 3.00
C THR A 31 -7.10 -8.16 4.50
N THR A 32 -6.15 -8.71 5.26
CA THR A 32 -6.19 -8.59 6.71
C THR A 32 -6.09 -7.13 7.17
N VAL A 33 -5.13 -6.41 6.59
CA VAL A 33 -4.91 -5.00 6.93
C VAL A 33 -6.07 -4.13 6.47
N LEU A 34 -6.43 -4.26 5.20
CA LEU A 34 -7.50 -3.46 4.61
C LEU A 34 -8.78 -3.50 5.46
N TYR A 35 -9.06 -4.65 6.05
CA TYR A 35 -10.25 -4.80 6.89
C TYR A 35 -10.04 -4.18 8.26
N LYS A 36 -8.82 -4.23 8.76
CA LYS A 36 -8.50 -3.67 10.09
C LYS A 36 -8.54 -2.14 10.04
N LEU A 37 -7.96 -1.58 8.99
CA LEU A 37 -7.94 -0.13 8.85
C LEU A 37 -9.33 0.41 8.51
N LYS A 38 -10.14 -0.42 7.85
CA LYS A 38 -11.49 -0.02 7.47
C LYS A 38 -12.53 -0.37 8.53
N LEU A 39 -12.34 -1.50 9.21
CA LEU A 39 -13.31 -1.95 10.21
C LEU A 39 -12.80 -1.77 11.64
N GLY A 40 -11.51 -1.53 11.82
CA GLY A 40 -10.96 -1.35 13.14
C GLY A 40 -10.77 -2.65 13.92
N GLU A 41 -11.11 -3.78 13.29
CA GLU A 41 -10.96 -5.08 13.95
C GLU A 41 -10.47 -6.15 12.98
N VAL A 42 -9.61 -7.03 13.48
CA VAL A 42 -9.08 -8.11 12.65
C VAL A 42 -10.11 -9.23 12.50
N ILE A 43 -10.28 -9.68 11.27
CA ILE A 43 -11.25 -10.75 10.98
C ILE A 43 -10.59 -11.87 10.17
N THR A 44 -11.36 -12.93 9.94
CA THR A 44 -10.89 -14.07 9.16
C THR A 44 -10.96 -13.75 7.67
N THR A 45 -9.82 -13.74 7.01
CA THR A 45 -9.77 -13.43 5.58
C THR A 45 -9.62 -14.69 4.74
N ILE A 46 -9.79 -14.53 3.43
CA ILE A 46 -9.68 -15.61 2.48
C ILE A 46 -8.91 -15.14 1.24
N PRO A 47 -8.14 -16.02 0.56
CA PRO A 47 -7.37 -15.61 -0.62
C PRO A 47 -8.28 -14.99 -1.68
N THR A 48 -7.96 -13.75 -2.04
CA THR A 48 -8.76 -13.02 -3.03
C THR A 48 -8.35 -13.37 -4.46
N ILE A 49 -9.29 -13.94 -5.21
CA ILE A 49 -9.05 -14.29 -6.59
C ILE A 49 -9.54 -13.18 -7.52
N GLY A 50 -9.03 -11.99 -7.29
CA GLY A 50 -9.41 -10.84 -8.09
C GLY A 50 -9.02 -9.53 -7.40
N PHE A 51 -9.99 -8.64 -7.21
CA PHE A 51 -9.73 -7.37 -6.55
C PHE A 51 -10.83 -7.03 -5.55
N ASN A 52 -10.50 -6.19 -4.57
CA ASN A 52 -11.46 -5.77 -3.55
C ASN A 52 -11.19 -4.34 -3.10
N VAL A 53 -12.12 -3.43 -3.39
CA VAL A 53 -11.97 -2.04 -3.02
C VAL A 53 -12.50 -1.77 -1.61
N GLU A 54 -11.97 -0.75 -0.97
CA GLU A 54 -12.41 -0.38 0.37
C GLU A 54 -12.43 1.13 0.56
N CYS A 55 -13.60 1.64 0.90
CA CYS A 55 -13.77 3.08 1.12
C CYS A 55 -13.48 3.44 2.58
N VAL A 56 -12.36 4.13 2.81
CA VAL A 56 -11.98 4.53 4.15
C VAL A 56 -11.82 6.05 4.25
N GLN A 57 -12.37 6.64 5.30
CA GLN A 57 -12.27 8.07 5.51
C GLN A 57 -11.26 8.38 6.61
N TYR A 58 -10.32 9.30 6.33
CA TYR A 58 -9.30 9.66 7.30
C TYR A 58 -8.88 11.12 7.16
N CYS A 59 -8.96 11.87 8.25
CA CYS A 59 -8.58 13.28 8.28
C CYS A 59 -9.34 14.07 7.23
N ASN A 60 -10.64 13.78 7.09
CA ASN A 60 -11.50 14.47 6.11
C ASN A 60 -11.26 13.95 4.69
N ILE A 61 -10.32 13.02 4.51
CA ILE A 61 -10.02 12.50 3.19
C ILE A 61 -10.64 11.13 2.99
N SER A 62 -10.85 10.77 1.72
CA SER A 62 -11.44 9.49 1.37
C SER A 62 -10.41 8.58 0.74
N PHE A 63 -9.75 7.78 1.58
CA PHE A 63 -8.75 6.84 1.10
C PHE A 63 -9.40 5.56 0.61
N THR A 64 -9.19 5.25 -0.67
CA THR A 64 -9.74 4.04 -1.26
C THR A 64 -8.61 3.05 -1.50
N VAL A 65 -8.66 1.92 -0.83
CA VAL A 65 -7.62 0.91 -0.97
C VAL A 65 -8.15 -0.34 -1.66
N TRP A 66 -7.63 -0.60 -2.85
CA TRP A 66 -8.02 -1.77 -3.63
C TRP A 66 -7.00 -2.87 -3.37
N ASP A 67 -7.45 -4.04 -2.94
CA ASP A 67 -6.54 -5.15 -2.68
C ASP A 67 -6.72 -6.25 -3.71
N VAL A 68 -5.76 -6.36 -4.61
CA VAL A 68 -5.82 -7.38 -5.65
C VAL A 68 -4.93 -8.56 -5.26
N GLY A 69 -5.32 -9.76 -5.68
CA GLY A 69 -4.54 -10.94 -5.37
C GLY A 69 -3.08 -10.79 -5.77
N GLY A 70 -2.18 -11.11 -4.86
CA GLY A 70 -0.77 -10.99 -5.15
C GLY A 70 -0.23 -12.18 -5.93
N GLN A 71 -1.05 -13.21 -6.11
CA GLN A 71 -0.64 -14.41 -6.83
C GLN A 71 -0.05 -14.07 -8.22
N ASP A 72 0.88 -14.90 -8.66
CA ASP A 72 1.54 -14.72 -9.95
C ASP A 72 0.49 -14.59 -11.07
N ARG A 73 -0.46 -15.52 -11.06
CA ARG A 73 -1.53 -15.52 -12.06
C ARG A 73 -2.37 -14.25 -11.95
N ILE A 74 -2.38 -13.63 -10.76
CA ILE A 74 -3.14 -12.41 -10.54
C ILE A 74 -2.36 -11.18 -10.98
N ARG A 75 -1.04 -11.25 -10.84
CA ARG A 75 -0.15 -10.14 -11.19
C ARG A 75 -0.45 -9.55 -12.57
N SER A 76 -0.88 -10.39 -13.51
CA SER A 76 -1.17 -9.93 -14.86
C SER A 76 -2.27 -8.88 -14.91
N LEU A 77 -3.33 -9.08 -14.12
CA LEU A 77 -4.45 -8.15 -14.10
C LEU A 77 -4.11 -6.80 -13.43
N TRP A 78 -2.91 -6.70 -12.86
CA TRP A 78 -2.50 -5.47 -12.19
C TRP A 78 -2.49 -4.27 -13.15
N ARG A 79 -1.98 -4.46 -14.35
CA ARG A 79 -1.91 -3.39 -15.34
C ARG A 79 -3.12 -3.45 -16.29
N HIS A 80 -4.22 -4.02 -15.82
CA HIS A 80 -5.43 -4.12 -16.62
C HIS A 80 -6.38 -2.97 -16.33
N TYR A 81 -6.21 -2.32 -15.17
CA TYR A 81 -7.08 -1.20 -14.81
C TYR A 81 -6.54 -0.43 -13.61
N TYR A 82 -5.22 -0.39 -13.47
CA TYR A 82 -4.58 0.31 -12.35
C TYR A 82 -4.28 1.77 -12.68
N CYS A 83 -5.08 2.38 -13.55
CA CYS A 83 -4.88 3.78 -13.93
C CYS A 83 -5.77 4.69 -13.10
N ASN A 84 -5.29 5.09 -11.92
CA ASN A 84 -6.04 5.97 -11.02
C ASN A 84 -5.42 6.00 -9.62
N THR A 85 -4.76 4.92 -9.24
CA THR A 85 -4.13 4.81 -7.92
C THR A 85 -3.09 5.90 -7.75
N GLU A 86 -3.22 6.70 -6.69
CA GLU A 86 -2.26 7.76 -6.43
C GLU A 86 -1.13 7.25 -5.55
N GLY A 87 -1.40 6.24 -4.73
CA GLY A 87 -0.39 5.66 -3.88
C GLY A 87 -0.61 4.18 -3.68
N VAL A 88 0.37 3.37 -4.04
CA VAL A 88 0.23 1.92 -3.90
C VAL A 88 1.07 1.39 -2.74
N ILE A 89 0.40 0.76 -1.79
CA ILE A 89 1.07 0.20 -0.63
C ILE A 89 1.32 -1.29 -0.83
N PHE A 90 2.57 -1.71 -0.68
CA PHE A 90 2.94 -3.11 -0.86
C PHE A 90 3.08 -3.83 0.48
N VAL A 91 2.47 -5.01 0.58
CA VAL A 91 2.54 -5.80 1.80
C VAL A 91 3.61 -6.87 1.70
N VAL A 92 4.67 -6.73 2.49
CA VAL A 92 5.76 -7.69 2.49
C VAL A 92 5.87 -8.40 3.83
N ASP A 93 5.77 -9.72 3.82
CA ASP A 93 5.88 -10.50 5.05
C ASP A 93 7.25 -10.29 5.68
N SER A 94 7.27 -9.94 6.96
CA SER A 94 8.52 -9.71 7.67
C SER A 94 9.08 -11.01 8.26
N ASN A 95 8.19 -11.84 8.80
CA ASN A 95 8.61 -13.10 9.40
C ASN A 95 8.80 -14.20 8.36
N ASP A 96 8.59 -13.89 7.08
CA ASP A 96 8.75 -14.88 6.01
C ASP A 96 9.95 -14.53 5.14
N ARG A 97 11.14 -14.84 5.64
CA ARG A 97 12.38 -14.57 4.93
C ARG A 97 12.51 -15.42 3.68
N SER A 98 11.88 -16.59 3.69
CA SER A 98 11.94 -17.49 2.54
C SER A 98 11.49 -16.80 1.26
N ARG A 99 10.37 -16.09 1.33
CA ARG A 99 9.83 -15.41 0.15
C ARG A 99 10.30 -13.96 0.03
N ILE A 100 11.11 -13.49 0.99
CA ILE A 100 11.60 -12.11 0.99
C ILE A 100 12.06 -11.62 -0.38
N GLY A 101 12.46 -12.54 -1.27
CA GLY A 101 12.91 -12.14 -2.59
C GLY A 101 11.74 -11.86 -3.52
N GLU A 102 10.64 -12.57 -3.29
CA GLU A 102 9.44 -12.40 -4.10
C GLU A 102 8.84 -11.03 -3.85
N ALA A 103 8.77 -10.63 -2.58
CA ALA A 103 8.23 -9.34 -2.20
C ALA A 103 9.00 -8.20 -2.85
N ARG A 104 10.33 -8.27 -2.75
CA ARG A 104 11.17 -7.23 -3.32
C ARG A 104 11.12 -7.27 -4.85
N GLU A 105 11.22 -8.48 -5.42
CA GLU A 105 11.19 -8.63 -6.87
C GLU A 105 9.85 -8.16 -7.46
N VAL A 106 8.75 -8.44 -6.78
CA VAL A 106 7.45 -8.03 -7.28
C VAL A 106 7.36 -6.51 -7.33
N MET A 107 8.01 -5.86 -6.37
CA MET A 107 8.04 -4.40 -6.31
C MET A 107 8.71 -3.84 -7.56
N GLN A 108 9.82 -4.47 -7.95
CA GLN A 108 10.57 -4.05 -9.13
C GLN A 108 9.69 -3.99 -10.37
N ARG A 109 8.85 -5.00 -10.55
CA ARG A 109 7.94 -5.06 -11.70
C ARG A 109 7.05 -3.83 -11.72
N MET A 110 6.52 -3.48 -10.57
CA MET A 110 5.66 -2.31 -10.44
C MET A 110 6.47 -1.03 -10.61
N LEU A 111 7.66 -1.02 -10.00
CA LEU A 111 8.55 0.14 -10.05
C LEU A 111 9.13 0.35 -11.44
N ASN A 112 9.29 -0.72 -12.21
CA ASN A 112 9.86 -0.60 -13.55
C ASN A 112 8.78 -0.49 -14.63
N GLU A 113 7.51 -0.56 -14.24
CA GLU A 113 6.42 -0.47 -15.20
C GLU A 113 6.04 0.98 -15.49
N ASP A 114 5.97 1.32 -16.78
CA ASP A 114 5.62 2.67 -17.20
C ASP A 114 4.18 2.97 -16.81
N GLU A 115 3.34 1.94 -16.84
CA GLU A 115 1.93 2.09 -16.49
C GLU A 115 1.75 2.33 -14.99
N LEU A 116 2.79 2.06 -14.21
CA LEU A 116 2.71 2.26 -12.77
C LEU A 116 3.84 3.16 -12.26
N CYS A 117 4.46 3.93 -13.16
CA CYS A 117 5.52 4.84 -12.79
C CYS A 117 4.98 6.10 -12.10
N ASN A 118 3.65 6.23 -12.00
CA ASN A 118 3.04 7.38 -11.36
C ASN A 118 2.40 6.99 -10.03
N ALA A 119 2.37 5.69 -9.70
CA ALA A 119 1.80 5.22 -8.45
C ALA A 119 2.87 5.10 -7.38
N ALA A 120 2.49 5.38 -6.14
CA ALA A 120 3.45 5.32 -5.03
C ALA A 120 3.80 3.89 -4.67
N TRP A 121 4.72 3.74 -3.72
CA TRP A 121 5.16 2.42 -3.28
C TRP A 121 5.44 2.39 -1.78
N LEU A 122 4.39 2.31 -0.98
CA LEU A 122 4.55 2.26 0.47
C LEU A 122 4.59 0.81 0.93
N VAL A 123 5.74 0.37 1.43
CA VAL A 123 5.86 -1.01 1.90
C VAL A 123 5.73 -1.09 3.41
N PHE A 124 5.13 -2.18 3.88
CA PHE A 124 4.93 -2.39 5.30
C PHE A 124 5.28 -3.83 5.68
N ALA A 125 6.33 -3.98 6.47
CA ALA A 125 6.75 -5.31 6.90
C ALA A 125 5.65 -5.94 7.76
N ASN A 126 4.96 -6.92 7.19
CA ASN A 126 3.87 -7.58 7.89
C ASN A 126 4.39 -8.64 8.87
N LYS A 127 3.49 -9.13 9.71
CA LYS A 127 3.81 -10.16 10.70
C LYS A 127 4.72 -9.63 11.81
N GLN A 128 4.72 -8.31 12.05
CA GLN A 128 5.56 -7.75 13.10
C GLN A 128 5.22 -8.35 14.47
N ASP A 129 3.96 -8.74 14.65
CA ASP A 129 3.51 -9.31 15.91
C ASP A 129 4.14 -10.68 16.18
N LEU A 130 4.69 -11.31 15.15
CA LEU A 130 5.32 -12.63 15.31
C LEU A 130 6.62 -12.51 16.11
N PRO A 131 6.82 -13.36 17.15
CA PRO A 131 8.04 -13.31 17.97
C PRO A 131 9.31 -13.30 17.13
N GLU A 132 9.24 -13.93 15.96
CA GLU A 132 10.39 -14.00 15.06
C GLU A 132 10.28 -12.96 13.94
N ALA A 133 9.53 -11.89 14.19
CA ALA A 133 9.36 -10.84 13.20
C ALA A 133 10.67 -10.12 12.91
N MET A 134 10.98 -9.95 11.63
CA MET A 134 12.22 -9.28 11.22
C MET A 134 12.19 -7.81 11.58
N SER A 135 13.36 -7.26 11.89
CA SER A 135 13.48 -5.86 12.24
C SER A 135 13.42 -4.99 10.99
N ALA A 136 13.17 -3.70 11.16
CA ALA A 136 13.09 -2.78 10.03
C ALA A 136 14.44 -2.63 9.35
N ALA A 137 15.49 -2.58 10.15
CA ALA A 137 16.84 -2.43 9.62
C ALA A 137 17.23 -3.58 8.69
N GLU A 138 16.74 -4.78 8.98
CA GLU A 138 17.06 -5.94 8.15
C GLU A 138 16.25 -5.94 6.85
N ILE A 139 14.94 -5.75 6.97
CA ILE A 139 14.07 -5.73 5.80
C ILE A 139 14.45 -4.59 4.86
N THR A 140 14.86 -3.46 5.44
CA THR A 140 15.25 -2.30 4.65
C THR A 140 16.50 -2.58 3.84
N GLU A 141 17.53 -3.06 4.52
CA GLU A 141 18.80 -3.36 3.85
C GLU A 141 18.61 -4.36 2.70
N LYS A 142 18.01 -5.50 2.99
CA LYS A 142 17.78 -6.54 2.00
C LYS A 142 17.00 -6.01 0.79
N LEU A 143 16.18 -5.00 1.03
CA LEU A 143 15.37 -4.41 -0.05
C LEU A 143 16.12 -3.28 -0.77
N GLY A 144 17.34 -2.98 -0.32
CA GLY A 144 18.11 -1.91 -0.94
C GLY A 144 17.44 -0.55 -0.78
N LEU A 145 16.81 -0.34 0.38
CA LEU A 145 16.12 0.91 0.66
C LEU A 145 17.06 2.12 0.55
N HIS A 146 18.26 2.00 1.13
CA HIS A 146 19.22 3.09 1.09
C HIS A 146 19.80 3.29 -0.30
N SER A 147 19.81 2.24 -1.10
CA SER A 147 20.35 2.32 -2.45
C SER A 147 19.29 2.73 -3.47
N ILE A 148 18.02 2.77 -3.06
CA ILE A 148 16.95 3.15 -3.97
C ILE A 148 16.43 4.56 -3.67
N ARG A 149 16.74 5.48 -4.58
CA ARG A 149 16.32 6.87 -4.45
C ARG A 149 15.79 7.41 -5.78
N ASN A 150 15.19 6.53 -6.57
CA ASN A 150 14.64 6.91 -7.86
C ASN A 150 13.11 6.82 -7.87
N ARG A 151 12.52 6.27 -6.81
CA ARG A 151 11.07 6.14 -6.72
C ARG A 151 10.60 6.35 -5.28
N PRO A 152 9.49 7.08 -5.07
CA PRO A 152 8.98 7.34 -3.72
C PRO A 152 8.45 6.09 -3.03
N TRP A 153 9.29 5.46 -2.22
CA TRP A 153 8.88 4.25 -1.49
C TRP A 153 9.46 4.26 -0.07
N PHE A 154 8.65 3.78 0.87
CA PHE A 154 9.05 3.75 2.28
C PHE A 154 8.67 2.42 2.94
N ILE A 155 9.41 2.05 3.99
CA ILE A 155 9.14 0.80 4.71
C ILE A 155 8.77 1.06 6.16
N GLN A 156 7.69 0.42 6.59
CA GLN A 156 7.21 0.58 7.96
C GLN A 156 6.87 -0.78 8.59
N ALA A 157 7.25 -0.94 9.86
CA ALA A 157 6.95 -2.18 10.58
C ALA A 157 5.59 -2.09 11.25
N THR A 158 4.64 -2.92 10.82
CA THR A 158 3.30 -2.89 11.38
C THR A 158 2.80 -4.28 11.78
N CYS A 159 1.70 -4.27 12.55
CA CYS A 159 1.06 -5.49 13.01
C CYS A 159 -0.44 -5.41 12.70
N ALA A 160 -0.86 -6.13 11.67
CA ALA A 160 -2.26 -6.14 11.27
C ALA A 160 -3.12 -6.85 12.30
N THR A 161 -2.57 -7.90 12.92
CA THR A 161 -3.32 -8.66 13.93
C THR A 161 -3.91 -7.73 14.99
N SER A 162 -3.17 -6.67 15.32
CA SER A 162 -3.63 -5.70 16.31
C SER A 162 -4.08 -4.41 15.63
N GLY A 163 -3.32 -3.99 14.62
CA GLY A 163 -3.64 -2.78 13.89
C GLY A 163 -2.70 -1.62 14.20
N GLU A 164 -1.66 -1.88 15.01
CA GLU A 164 -0.70 -0.83 15.36
C GLU A 164 0.16 -0.44 14.15
N GLY A 165 0.40 0.87 14.01
CA GLY A 165 1.21 1.37 12.92
C GLY A 165 0.45 1.60 11.63
N LEU A 166 -0.73 1.00 11.50
CA LEU A 166 -1.53 1.15 10.29
C LEU A 166 -1.98 2.59 10.10
N TYR A 167 -2.40 3.23 11.18
CA TYR A 167 -2.86 4.61 11.11
C TYR A 167 -1.75 5.54 10.65
N GLU A 168 -0.55 5.37 11.20
CA GLU A 168 0.59 6.20 10.83
C GLU A 168 0.87 6.14 9.34
N GLY A 169 0.73 4.96 8.74
CA GLY A 169 0.99 4.80 7.32
C GLY A 169 0.09 5.66 6.46
N LEU A 170 -1.19 5.67 6.80
CA LEU A 170 -2.16 6.47 6.05
C LEU A 170 -1.86 7.96 6.18
N GLU A 171 -1.26 8.35 7.30
CA GLU A 171 -0.92 9.74 7.55
C GLU A 171 0.20 10.21 6.63
N TRP A 172 1.23 9.37 6.48
CA TRP A 172 2.37 9.71 5.63
C TRP A 172 1.93 9.83 4.17
N LEU A 173 1.00 8.97 3.77
CA LEU A 173 0.51 8.97 2.40
C LEU A 173 -0.29 10.24 2.10
N SER A 174 -1.22 10.58 2.99
CA SER A 174 -2.06 11.76 2.81
C SER A 174 -1.22 13.04 2.77
N ASN A 175 -0.10 13.04 3.48
CA ASN A 175 0.77 14.20 3.53
C ASN A 175 1.55 14.37 2.24
N CYS A 176 1.88 13.25 1.59
CA CYS A 176 2.64 13.29 0.36
C CYS A 176 1.87 13.92 -0.80
N LEU A 177 0.54 13.80 -0.81
CA LEU A 177 -0.26 14.36 -1.89
C LEU A 177 -0.74 15.77 -1.54
N LYS A 178 -1.51 15.89 -0.46
CA LYS A 178 -2.03 17.19 -0.04
C LYS A 178 -0.88 18.14 0.27
N ASN A 179 0.17 17.60 0.89
CA ASN A 179 1.37 18.37 1.27
C ASN A 179 1.01 19.76 1.81
N SER A 180 0.10 19.80 2.79
CA SER A 180 -0.33 21.05 3.40
C SER A 180 0.47 21.35 4.66
N THR A 181 0.52 20.37 5.56
CA THR A 181 1.26 20.52 6.81
C THR A 181 2.66 19.92 6.71
N GLY A 2 -10.82 17.31 -25.86
CA GLY A 2 -10.69 16.01 -25.24
C GLY A 2 -9.68 16.00 -24.09
N LEU A 3 -8.57 16.70 -24.30
CA LEU A 3 -7.53 16.79 -23.28
C LEU A 3 -8.02 17.63 -22.10
N PHE A 4 -8.59 18.79 -22.41
CA PHE A 4 -9.08 19.70 -21.39
C PHE A 4 -10.29 19.09 -20.68
N ALA A 5 -11.20 18.52 -21.45
CA ALA A 5 -12.41 17.91 -20.89
C ALA A 5 -12.06 16.84 -19.84
N SER A 6 -11.29 15.85 -20.26
CA SER A 6 -10.89 14.75 -19.38
C SER A 6 -10.28 15.27 -18.08
N LYS A 7 -9.59 16.40 -18.15
CA LYS A 7 -8.98 16.99 -16.97
C LYS A 7 -10.06 17.42 -15.99
N LEU A 8 -11.03 18.17 -16.50
CA LEU A 8 -12.14 18.65 -15.68
C LEU A 8 -12.89 17.48 -15.05
N PHE A 9 -12.88 16.34 -15.73
CA PHE A 9 -13.54 15.15 -15.23
C PHE A 9 -12.71 14.48 -14.12
N SER A 10 -11.40 14.64 -14.21
CA SER A 10 -10.50 14.05 -13.23
C SER A 10 -10.54 14.80 -11.90
N ASN A 11 -10.74 16.11 -11.96
CA ASN A 11 -10.81 16.93 -10.76
C ASN A 11 -12.02 16.57 -9.91
N LEU A 12 -13.04 15.97 -10.53
CA LEU A 12 -14.25 15.57 -9.82
C LEU A 12 -13.94 14.51 -8.77
N PHE A 13 -12.97 13.66 -9.07
CA PHE A 13 -12.57 12.59 -8.15
C PHE A 13 -11.31 12.98 -7.37
N GLY A 14 -11.06 14.28 -7.26
CA GLY A 14 -9.88 14.75 -6.54
C GLY A 14 -10.22 15.60 -5.33
N ASN A 15 -11.40 16.24 -5.36
CA ASN A 15 -11.83 17.09 -4.26
C ASN A 15 -11.87 16.32 -2.94
N LYS A 16 -10.84 16.50 -2.13
CA LYS A 16 -10.75 15.83 -0.84
C LYS A 16 -10.84 14.32 -0.99
N GLU A 17 -10.18 13.80 -2.03
CA GLU A 17 -10.20 12.37 -2.30
C GLU A 17 -8.83 11.87 -2.77
N MET A 18 -8.33 10.84 -2.09
CA MET A 18 -7.03 10.26 -2.45
C MET A 18 -7.23 8.81 -2.89
N ARG A 19 -6.50 8.40 -3.92
CA ARG A 19 -6.62 7.04 -4.42
C ARG A 19 -5.43 6.19 -3.99
N ILE A 20 -5.72 5.03 -3.41
CA ILE A 20 -4.70 4.13 -2.93
C ILE A 20 -4.87 2.72 -3.51
N LEU A 21 -3.77 1.99 -3.57
CA LEU A 21 -3.79 0.62 -4.10
C LEU A 21 -3.02 -0.31 -3.17
N MET A 22 -3.53 -1.53 -2.99
CA MET A 22 -2.88 -2.52 -2.14
C MET A 22 -2.42 -3.70 -2.99
N VAL A 23 -1.11 -3.90 -3.07
CA VAL A 23 -0.57 -4.99 -3.87
C VAL A 23 0.61 -5.68 -3.17
N GLY A 24 0.86 -6.92 -3.59
CA GLY A 24 1.96 -7.69 -3.02
C GLY A 24 1.84 -9.17 -3.27
N LEU A 25 2.53 -9.96 -2.45
CA LEU A 25 2.52 -11.42 -2.57
C LEU A 25 1.18 -11.99 -2.13
N ASP A 26 0.92 -13.24 -2.48
CA ASP A 26 -0.33 -13.90 -2.12
C ASP A 26 -0.34 -14.35 -0.65
N GLY A 27 0.75 -14.09 0.08
CA GLY A 27 0.81 -14.49 1.48
C GLY A 27 1.25 -13.37 2.41
N ALA A 28 1.47 -12.17 1.87
CA ALA A 28 1.92 -11.04 2.69
C ALA A 28 0.83 -10.61 3.68
N GLY A 29 -0.37 -10.38 3.18
CA GLY A 29 -1.47 -9.97 4.04
C GLY A 29 -2.11 -8.67 3.61
N LYS A 30 -2.23 -8.47 2.30
CA LYS A 30 -2.83 -7.26 1.77
C LYS A 30 -4.27 -7.11 2.26
N THR A 31 -4.98 -8.22 2.31
CA THR A 31 -6.37 -8.22 2.74
C THR A 31 -6.49 -7.96 4.24
N THR A 32 -5.56 -8.51 5.02
CA THR A 32 -5.58 -8.36 6.47
C THR A 32 -5.43 -6.89 6.89
N VAL A 33 -4.48 -6.19 6.29
CA VAL A 33 -4.24 -4.78 6.63
C VAL A 33 -5.38 -3.86 6.20
N LEU A 34 -5.78 -3.97 4.94
CA LEU A 34 -6.85 -3.14 4.39
C LEU A 34 -8.16 -3.30 5.16
N TYR A 35 -8.43 -4.52 5.62
CA TYR A 35 -9.66 -4.80 6.35
C TYR A 35 -9.59 -4.28 7.78
N LYS A 36 -8.40 -4.32 8.37
CA LYS A 36 -8.23 -3.86 9.75
C LYS A 36 -8.39 -2.35 9.85
N LEU A 37 -7.75 -1.63 8.95
CA LEU A 37 -7.85 -0.17 8.95
C LEU A 37 -9.21 0.28 8.44
N LYS A 38 -9.85 -0.55 7.62
CA LYS A 38 -11.15 -0.23 7.05
C LYS A 38 -12.28 -0.57 8.03
N LEU A 39 -12.23 -1.74 8.64
CA LEU A 39 -13.27 -2.17 9.56
C LEU A 39 -12.87 -2.00 11.03
N GLY A 40 -11.59 -1.76 11.29
CA GLY A 40 -11.14 -1.58 12.66
C GLY A 40 -10.92 -2.89 13.41
N GLU A 41 -11.25 -4.02 12.78
CA GLU A 41 -11.09 -5.31 13.41
C GLU A 41 -10.53 -6.34 12.43
N VAL A 42 -9.69 -7.24 12.94
CA VAL A 42 -9.09 -8.28 12.11
C VAL A 42 -10.09 -9.40 11.88
N ILE A 43 -10.22 -9.81 10.62
CA ILE A 43 -11.15 -10.89 10.26
C ILE A 43 -10.42 -12.03 9.56
N THR A 44 -11.15 -13.10 9.31
CA THR A 44 -10.59 -14.28 8.65
C THR A 44 -10.19 -13.94 7.21
N THR A 45 -8.89 -14.01 6.93
CA THR A 45 -8.38 -13.71 5.60
C THR A 45 -8.21 -14.98 4.79
N ILE A 46 -8.37 -14.85 3.48
CA ILE A 46 -8.24 -15.98 2.57
C ILE A 46 -7.68 -15.52 1.22
N PRO A 47 -7.20 -16.45 0.37
CA PRO A 47 -6.65 -16.11 -0.94
C PRO A 47 -7.64 -15.35 -1.80
N THR A 48 -7.33 -14.08 -2.06
CA THR A 48 -8.22 -13.24 -2.88
C THR A 48 -7.99 -13.49 -4.37
N ILE A 49 -9.05 -13.92 -5.06
CA ILE A 49 -8.97 -14.18 -6.49
C ILE A 49 -9.66 -13.06 -7.27
N GLY A 50 -9.03 -11.89 -7.25
CA GLY A 50 -9.57 -10.73 -7.95
C GLY A 50 -9.15 -9.44 -7.29
N PHE A 51 -10.10 -8.52 -7.08
CA PHE A 51 -9.80 -7.24 -6.45
C PHE A 51 -10.88 -6.88 -5.44
N ASN A 52 -10.53 -6.03 -4.48
CA ASN A 52 -11.47 -5.59 -3.46
C ASN A 52 -11.22 -4.14 -3.07
N VAL A 53 -12.18 -3.28 -3.39
CA VAL A 53 -12.06 -1.85 -3.08
C VAL A 53 -12.52 -1.58 -1.65
N GLU A 54 -11.93 -0.57 -1.03
CA GLU A 54 -12.29 -0.21 0.34
C GLU A 54 -12.34 1.31 0.51
N CYS A 55 -13.52 1.81 0.85
CA CYS A 55 -13.72 3.24 1.05
C CYS A 55 -13.51 3.62 2.51
N VAL A 56 -12.42 4.35 2.80
CA VAL A 56 -12.14 4.78 4.16
C VAL A 56 -11.98 6.30 4.25
N GLN A 57 -12.52 6.88 5.30
CA GLN A 57 -12.43 8.33 5.51
C GLN A 57 -11.33 8.64 6.50
N TYR A 58 -10.39 9.50 6.11
CA TYR A 58 -9.28 9.86 6.98
C TYR A 58 -9.14 11.37 7.07
N CYS A 59 -9.55 11.92 8.19
CA CYS A 59 -9.52 13.37 8.44
C CYS A 59 -10.57 14.06 7.58
N ASN A 60 -10.23 14.35 6.33
CA ASN A 60 -11.17 14.99 5.42
C ASN A 60 -11.10 14.35 4.02
N ILE A 61 -10.31 13.28 3.86
CA ILE A 61 -10.16 12.67 2.56
C ILE A 61 -10.82 11.30 2.47
N SER A 62 -11.16 10.93 1.23
CA SER A 62 -11.77 9.64 0.95
C SER A 62 -10.73 8.73 0.31
N PHE A 63 -10.02 7.97 1.14
CA PHE A 63 -9.00 7.06 0.65
C PHE A 63 -9.62 5.79 0.08
N THR A 64 -9.37 5.54 -1.19
CA THR A 64 -9.87 4.34 -1.84
C THR A 64 -8.72 3.35 -2.02
N VAL A 65 -8.77 2.24 -1.30
CA VAL A 65 -7.73 1.24 -1.37
C VAL A 65 -8.21 -0.03 -2.05
N TRP A 66 -7.80 -0.23 -3.30
CA TRP A 66 -8.17 -1.42 -4.04
C TRP A 66 -7.15 -2.51 -3.76
N ASP A 67 -7.60 -3.68 -3.35
CA ASP A 67 -6.69 -4.78 -3.04
C ASP A 67 -6.81 -5.89 -4.09
N VAL A 68 -5.82 -5.97 -4.97
CA VAL A 68 -5.80 -6.99 -6.00
C VAL A 68 -5.00 -8.20 -5.53
N GLY A 69 -5.45 -9.39 -5.89
CA GLY A 69 -4.76 -10.62 -5.49
C GLY A 69 -3.28 -10.58 -5.81
N GLY A 70 -2.47 -11.06 -4.87
CA GLY A 70 -1.03 -11.08 -5.08
C GLY A 70 -0.57 -12.29 -5.85
N GLN A 71 -1.40 -13.34 -5.88
CA GLN A 71 -1.06 -14.58 -6.57
C GLN A 71 -0.54 -14.32 -7.99
N ASP A 72 0.24 -15.29 -8.48
CA ASP A 72 0.82 -15.20 -9.81
C ASP A 72 -0.28 -15.09 -10.87
N ARG A 73 -1.24 -15.99 -10.81
CA ARG A 73 -2.36 -16.01 -11.75
C ARG A 73 -3.09 -14.67 -11.76
N ILE A 74 -3.07 -13.98 -10.61
CA ILE A 74 -3.74 -12.69 -10.49
C ILE A 74 -2.80 -11.53 -10.79
N ARG A 75 -1.49 -11.79 -10.79
CA ARG A 75 -0.49 -10.75 -11.06
C ARG A 75 -0.83 -9.94 -12.32
N SER A 76 -1.30 -10.64 -13.34
CA SER A 76 -1.65 -9.98 -14.61
C SER A 76 -2.81 -9.00 -14.42
N LEU A 77 -3.77 -9.36 -13.58
CA LEU A 77 -4.93 -8.52 -13.31
C LEU A 77 -4.53 -7.16 -12.76
N TRP A 78 -3.29 -7.05 -12.23
CA TRP A 78 -2.81 -5.80 -11.66
C TRP A 78 -2.94 -4.63 -12.62
N ARG A 79 -2.56 -4.83 -13.88
CA ARG A 79 -2.66 -3.79 -14.88
C ARG A 79 -3.97 -3.88 -15.66
N HIS A 80 -4.98 -4.51 -15.06
CA HIS A 80 -6.27 -4.66 -15.69
C HIS A 80 -7.19 -3.50 -15.31
N TYR A 81 -6.92 -2.85 -14.18
CA TYR A 81 -7.76 -1.74 -13.74
C TYR A 81 -7.21 -1.03 -12.49
N TYR A 82 -5.89 -1.02 -12.34
CA TYR A 82 -5.27 -0.36 -11.18
C TYR A 82 -4.89 1.09 -11.48
N CYS A 83 -5.68 1.75 -12.31
CA CYS A 83 -5.40 3.14 -12.67
C CYS A 83 -6.06 4.11 -11.70
N ASN A 84 -5.59 5.37 -11.71
CA ASN A 84 -6.12 6.42 -10.84
C ASN A 84 -5.57 6.36 -9.42
N THR A 85 -4.76 5.34 -9.11
CA THR A 85 -4.18 5.20 -7.77
C THR A 85 -3.08 6.23 -7.57
N GLU A 86 -3.16 7.01 -6.50
CA GLU A 86 -2.15 8.02 -6.21
C GLU A 86 -1.00 7.45 -5.42
N GLY A 87 -1.26 6.42 -4.62
CA GLY A 87 -0.22 5.78 -3.83
C GLY A 87 -0.50 4.31 -3.62
N VAL A 88 0.50 3.46 -3.84
CA VAL A 88 0.31 2.03 -3.67
C VAL A 88 1.01 1.50 -2.41
N ILE A 89 0.23 0.88 -1.54
CA ILE A 89 0.76 0.31 -0.31
C ILE A 89 1.15 -1.15 -0.52
N PHE A 90 2.46 -1.40 -0.52
CA PHE A 90 2.97 -2.75 -0.72
C PHE A 90 3.17 -3.47 0.61
N VAL A 91 2.56 -4.65 0.72
CA VAL A 91 2.67 -5.44 1.93
C VAL A 91 3.69 -6.56 1.77
N VAL A 92 4.71 -6.55 2.63
CA VAL A 92 5.77 -7.56 2.57
C VAL A 92 5.91 -8.27 3.91
N ASP A 93 5.78 -9.60 3.89
CA ASP A 93 5.93 -10.38 5.11
C ASP A 93 7.32 -10.20 5.70
N SER A 94 7.39 -9.87 6.98
CA SER A 94 8.66 -9.65 7.65
C SER A 94 9.21 -10.95 8.24
N ASN A 95 8.32 -11.80 8.73
CA ASN A 95 8.74 -13.07 9.33
C ASN A 95 8.94 -14.16 8.29
N ASP A 96 8.70 -13.87 7.01
CA ASP A 96 8.87 -14.85 5.96
C ASP A 96 10.10 -14.53 5.10
N ARG A 97 11.27 -14.87 5.62
CA ARG A 97 12.53 -14.61 4.93
C ARG A 97 12.66 -15.46 3.68
N SER A 98 12.02 -16.62 3.70
CA SER A 98 12.08 -17.54 2.56
C SER A 98 11.64 -16.86 1.27
N ARG A 99 10.50 -16.17 1.33
CA ARG A 99 9.97 -15.48 0.15
C ARG A 99 10.39 -14.01 0.09
N ILE A 100 11.13 -13.54 1.09
CA ILE A 100 11.57 -12.15 1.16
C ILE A 100 12.10 -11.61 -0.18
N GLY A 101 12.57 -12.49 -1.07
CA GLY A 101 13.08 -12.06 -2.35
C GLY A 101 11.95 -11.91 -3.36
N GLU A 102 10.93 -12.73 -3.20
CA GLU A 102 9.77 -12.68 -4.09
C GLU A 102 9.08 -11.33 -3.99
N ALA A 103 9.04 -10.79 -2.77
CA ALA A 103 8.43 -9.49 -2.53
C ALA A 103 9.31 -8.36 -3.05
N ARG A 104 10.62 -8.53 -2.89
CA ARG A 104 11.58 -7.53 -3.35
C ARG A 104 11.64 -7.49 -4.88
N GLU A 105 11.81 -8.65 -5.49
CA GLU A 105 11.91 -8.74 -6.95
C GLU A 105 10.59 -8.41 -7.64
N VAL A 106 9.46 -8.85 -7.06
CA VAL A 106 8.17 -8.57 -7.65
C VAL A 106 7.90 -7.08 -7.68
N MET A 107 8.37 -6.38 -6.66
CA MET A 107 8.21 -4.94 -6.57
C MET A 107 8.94 -4.26 -7.72
N GLN A 108 10.14 -4.73 -8.01
CA GLN A 108 10.96 -4.19 -9.09
C GLN A 108 10.19 -4.18 -10.41
N ARG A 109 9.45 -5.26 -10.67
CA ARG A 109 8.65 -5.35 -11.89
C ARG A 109 7.52 -4.35 -11.85
N MET A 110 7.00 -4.11 -10.65
CA MET A 110 5.93 -3.16 -10.44
C MET A 110 6.42 -1.73 -10.66
N LEU A 111 7.54 -1.40 -10.03
CA LEU A 111 8.12 -0.07 -10.13
C LEU A 111 8.80 0.17 -11.48
N ASN A 112 9.03 -0.91 -12.24
CA ASN A 112 9.67 -0.78 -13.54
C ASN A 112 8.65 -0.57 -14.66
N GLU A 113 7.36 -0.62 -14.33
CA GLU A 113 6.31 -0.44 -15.33
C GLU A 113 6.00 1.03 -15.58
N ASP A 114 5.94 1.39 -16.85
CA ASP A 114 5.64 2.77 -17.25
C ASP A 114 4.22 3.13 -16.83
N GLU A 115 3.34 2.14 -16.82
CA GLU A 115 1.95 2.34 -16.45
C GLU A 115 1.80 2.68 -14.96
N LEU A 116 2.85 2.41 -14.18
CA LEU A 116 2.79 2.68 -12.75
C LEU A 116 4.00 3.51 -12.28
N CYS A 117 4.64 4.22 -13.20
CA CYS A 117 5.79 5.05 -12.87
C CYS A 117 5.36 6.34 -12.16
N ASN A 118 4.05 6.56 -12.02
CA ASN A 118 3.54 7.75 -11.35
C ASN A 118 2.84 7.40 -10.02
N ALA A 119 2.75 6.10 -9.70
CA ALA A 119 2.10 5.68 -8.47
C ALA A 119 3.12 5.50 -7.35
N ALA A 120 2.69 5.73 -6.13
CA ALA A 120 3.58 5.63 -4.96
C ALA A 120 3.79 4.18 -4.55
N TRP A 121 4.70 3.98 -3.59
CA TRP A 121 5.01 2.64 -3.10
C TRP A 121 5.28 2.64 -1.60
N LEU A 122 4.22 2.60 -0.80
CA LEU A 122 4.35 2.57 0.65
C LEU A 122 4.47 1.13 1.13
N VAL A 123 5.63 0.81 1.71
CA VAL A 123 5.87 -0.55 2.19
C VAL A 123 5.57 -0.69 3.68
N PHE A 124 4.97 -1.82 4.03
CA PHE A 124 4.61 -2.10 5.42
C PHE A 124 4.98 -3.55 5.78
N ALA A 125 6.03 -3.70 6.59
CA ALA A 125 6.46 -5.04 7.01
C ALA A 125 5.39 -5.70 7.88
N ASN A 126 4.70 -6.68 7.31
CA ASN A 126 3.64 -7.39 8.02
C ASN A 126 4.21 -8.48 8.92
N LYS A 127 3.33 -9.07 9.73
CA LYS A 127 3.72 -10.15 10.64
C LYS A 127 4.69 -9.68 11.72
N GLN A 128 4.76 -8.37 11.94
CA GLN A 128 5.68 -7.85 12.95
C GLN A 128 5.29 -8.36 14.35
N ASP A 129 4.02 -8.65 14.53
CA ASP A 129 3.52 -9.13 15.82
C ASP A 129 4.07 -10.52 16.18
N LEU A 130 4.46 -11.29 15.16
CA LEU A 130 4.99 -12.62 15.39
C LEU A 130 6.26 -12.57 16.26
N PRO A 131 6.36 -13.45 17.29
CA PRO A 131 7.53 -13.48 18.17
C PRO A 131 8.84 -13.53 17.39
N GLU A 132 8.79 -14.16 16.22
CA GLU A 132 9.98 -14.28 15.37
C GLU A 132 9.97 -13.23 14.27
N ALA A 133 9.29 -12.12 14.51
CA ALA A 133 9.23 -11.03 13.53
C ALA A 133 10.58 -10.36 13.37
N MET A 134 11.02 -10.22 12.13
CA MET A 134 12.31 -9.60 11.84
C MET A 134 12.29 -8.12 12.19
N SER A 135 13.47 -7.49 12.12
CA SER A 135 13.59 -6.07 12.44
C SER A 135 13.42 -5.24 11.17
N ALA A 136 13.18 -3.94 11.34
CA ALA A 136 13.00 -3.03 10.22
C ALA A 136 14.29 -2.87 9.43
N ALA A 137 15.41 -2.80 10.15
CA ALA A 137 16.71 -2.63 9.51
C ALA A 137 17.02 -3.76 8.54
N GLU A 138 16.55 -4.96 8.84
CA GLU A 138 16.81 -6.12 7.99
C GLU A 138 15.93 -6.09 6.73
N ILE A 139 14.64 -5.86 6.90
CA ILE A 139 13.73 -5.81 5.74
C ILE A 139 14.15 -4.71 4.78
N THR A 140 14.50 -3.56 5.33
CA THR A 140 14.91 -2.41 4.52
C THR A 140 16.20 -2.69 3.77
N GLU A 141 17.22 -3.17 4.49
CA GLU A 141 18.51 -3.44 3.88
C GLU A 141 18.38 -4.43 2.71
N LYS A 142 17.77 -5.58 2.97
CA LYS A 142 17.60 -6.61 1.95
C LYS A 142 16.86 -6.07 0.73
N LEU A 143 15.99 -5.09 0.95
CA LEU A 143 15.23 -4.50 -0.14
C LEU A 143 16.02 -3.40 -0.85
N GLY A 144 17.25 -3.12 -0.39
CA GLY A 144 18.06 -2.09 -1.01
C GLY A 144 17.38 -0.73 -0.95
N LEU A 145 16.75 -0.44 0.18
CA LEU A 145 16.04 0.82 0.37
C LEU A 145 16.97 2.03 0.28
N HIS A 146 18.17 1.91 0.82
CA HIS A 146 19.13 3.00 0.81
C HIS A 146 19.68 3.29 -0.59
N SER A 147 19.62 2.30 -1.48
CA SER A 147 20.11 2.46 -2.84
C SER A 147 19.02 2.86 -3.82
N ILE A 148 17.77 2.94 -3.36
CA ILE A 148 16.67 3.30 -4.24
C ILE A 148 16.17 4.74 -4.01
N ARG A 149 16.44 5.60 -4.98
CA ARG A 149 16.05 7.00 -4.90
C ARG A 149 15.42 7.45 -6.21
N ASN A 150 14.79 6.52 -6.93
CA ASN A 150 14.15 6.83 -8.20
C ASN A 150 12.62 6.85 -8.07
N ARG A 151 12.11 6.38 -6.93
CA ARG A 151 10.67 6.36 -6.69
C ARG A 151 10.37 6.50 -5.20
N PRO A 152 9.34 7.28 -4.83
CA PRO A 152 8.99 7.49 -3.42
C PRO A 152 8.48 6.23 -2.71
N TRP A 153 9.37 5.57 -1.97
CA TRP A 153 8.98 4.37 -1.23
C TRP A 153 9.45 4.45 0.21
N PHE A 154 8.66 3.91 1.12
CA PHE A 154 8.98 3.92 2.54
C PHE A 154 8.63 2.58 3.18
N ILE A 155 9.33 2.22 4.25
CA ILE A 155 9.08 0.96 4.94
C ILE A 155 8.62 1.19 6.36
N GLN A 156 7.55 0.51 6.76
CA GLN A 156 7.01 0.65 8.10
C GLN A 156 6.71 -0.72 8.72
N ALA A 157 7.10 -0.89 9.98
CA ALA A 157 6.85 -2.13 10.69
C ALA A 157 5.48 -2.08 11.35
N THR A 158 4.56 -2.92 10.90
CA THR A 158 3.20 -2.92 11.45
C THR A 158 2.71 -4.33 11.81
N CYS A 159 1.60 -4.35 12.54
CA CYS A 159 0.96 -5.58 12.96
C CYS A 159 -0.51 -5.52 12.60
N ALA A 160 -0.88 -6.24 11.55
CA ALA A 160 -2.25 -6.25 11.09
C ALA A 160 -3.16 -6.98 12.07
N THR A 161 -2.64 -8.04 12.68
CA THR A 161 -3.41 -8.82 13.64
C THR A 161 -4.03 -7.93 14.71
N SER A 162 -3.31 -6.88 15.09
CA SER A 162 -3.79 -5.94 16.11
C SER A 162 -4.24 -4.63 15.45
N GLY A 163 -3.48 -4.19 14.45
CA GLY A 163 -3.80 -2.96 13.75
C GLY A 163 -2.87 -1.81 14.11
N GLU A 164 -1.85 -2.09 14.93
CA GLU A 164 -0.91 -1.04 15.31
C GLU A 164 -0.02 -0.64 14.14
N GLY A 165 0.22 0.67 14.02
CA GLY A 165 1.06 1.18 12.94
C GLY A 165 0.29 1.45 11.65
N LEU A 166 -0.91 0.91 11.53
CA LEU A 166 -1.72 1.09 10.33
C LEU A 166 -2.16 2.54 10.17
N TYR A 167 -2.59 3.16 11.27
CA TYR A 167 -3.05 4.53 11.23
C TYR A 167 -1.93 5.50 10.82
N GLU A 168 -0.75 5.33 11.42
CA GLU A 168 0.37 6.21 11.10
C GLU A 168 0.72 6.16 9.62
N GLY A 169 0.61 4.98 9.01
CA GLY A 169 0.93 4.84 7.61
C GLY A 169 0.03 5.69 6.73
N LEU A 170 -1.25 5.70 7.03
CA LEU A 170 -2.21 6.49 6.27
C LEU A 170 -1.92 7.99 6.40
N GLU A 171 -1.33 8.38 7.53
CA GLU A 171 -1.00 9.77 7.78
C GLU A 171 0.21 10.23 6.97
N TRP A 172 1.20 9.35 6.84
CA TRP A 172 2.41 9.68 6.10
C TRP A 172 2.11 9.91 4.62
N LEU A 173 1.34 9.02 4.03
CA LEU A 173 0.98 9.13 2.62
C LEU A 173 0.22 10.43 2.35
N SER A 174 -0.82 10.68 3.12
CA SER A 174 -1.64 11.88 2.95
C SER A 174 -0.80 13.15 2.99
N ASN A 175 0.29 13.13 3.75
CA ASN A 175 1.16 14.29 3.87
C ASN A 175 2.02 14.49 2.62
N CYS A 176 2.38 13.39 1.98
CA CYS A 176 3.24 13.45 0.79
C CYS A 176 2.57 14.14 -0.39
N LEU A 177 1.24 14.04 -0.49
CA LEU A 177 0.53 14.67 -1.58
C LEU A 177 0.15 16.09 -1.22
N LYS A 178 -0.60 16.24 -0.12
CA LYS A 178 -1.05 17.56 0.34
C LYS A 178 -1.68 18.31 -0.82
N ASN A 179 -2.30 17.54 -1.71
CA ASN A 179 -2.95 18.12 -2.87
C ASN A 179 -1.94 18.84 -3.75
N SER A 180 -1.59 18.22 -4.85
CA SER A 180 -0.63 18.79 -5.80
C SER A 180 -0.73 18.11 -7.15
N THR A 181 -1.16 18.86 -8.16
CA THR A 181 -1.30 18.33 -9.51
C THR A 181 -0.68 19.28 -10.54
#